data_8E4M
#
_entry.id   8E4M
#
_cell.length_a   1.00
_cell.length_b   1.00
_cell.length_c   1.00
_cell.angle_alpha   90.00
_cell.angle_beta   90.00
_cell.angle_gamma   90.00
#
_symmetry.space_group_name_H-M   'P 1'
#
loop_
_entity.id
_entity.type
_entity.pdbx_description
1 polymer 'Transient receptor potential cation channel subfamily M member 8'
2 non-polymer '[(2R)-2-octanoyloxy-3-[oxidanyl-[(1R,2R,3S,4R,5R,6S)-2,3,6-tris(oxidanyl)-4,5-diphosphonooxy-cyclohexyl]oxy-phosphoryl]oxy-propyl] octanoate'
3 non-polymer nonyl(oxo)di(propan-2-yl)-lambda~5~-phosphane
4 non-polymer 'CALCIUM ION'
#
_entity_poly.entity_id   1
_entity_poly.type   'polypeptide(L)'
_entity_poly.pdbx_seq_one_letter_code
;MASFEGARLSMRSRRNGTMGSTRTLYSSVSRSTDVSYSDSDLVNFIQANFKKRECVFFTRDSKAMENICKCGYAQSQHIE
GTQINQNEKWNYKKHTKEFPTDAFGDIQFETLGKKGKYLRLSCDTDSETLYELLTQHWHLKTPNLVISVTGGAKNFALKP
RMRKIFSRLIYIAQSKGAWILTGGTHYGLMKYIGEVVRDNTISRNSEENIVAIGIAAWGMVSNRDTLIRSCDDEGHFSAQ
YIMDDFTRDPLYILDNNHTHLLLVDNGCHGHPTVEAKLRNQLEKYISERTSQDSNYGGKIPIVCFAQGGGRETLKAINTS
VKSKIPCVVVEGSGQIADVIASLVEVEDVLTSSMVKEKLVRFLPRTVSRLPEEEIESWIKWLKEILESSHLLTVIKMEEA
GDEIVSNAISYALYKAFSTNEQDKDNWNGQLKLLLEWNQLDLASDEIFTNDRRWESADLQEVMFTALIKDRPKFVRLFLE
NGLNLQKFLTNEVLTELFSTHFSTLVYRNLQIAKNSYNDALLTFVWKLVANFRRSFWKEDRSSREDLDVELHDASLTTRH
PLQALFIWAILQNKKELSKVIWEQTKGCTLAALGASKLLKTLAKVKNDINAAGESEELANEYETRAVELFTECYSNDEDL
AEQLLVYSCEAWGGSNCLELAVEATDQHFIAQPGVQNFLSKQWYGEISRDTKNWKIILCLFIIPLVGCGLVSFRKKPIDK
HKKLLWYYVAFFTSPFVVFSWNVVFYIAFLLLFAYVLLMDFHSVPHTPELILYALVFVLFCDEVRQWYMNGVNYFTDLWN
VMDTLGLFYFIAGIVFRLHSSNKSSLYSGRVIFCLDYIIFTLRLIHIFTVSRNLGPKIIMLQRMLIDVFFFLFLFAVWMV
AFGVARQGILRQNEQRWRWIFRSVIYEPYLAMFGQVPSDVDSTTYDFSHCTFSGNESKPLCVELDEHNLPRFPEWITIPL
VCIYMLSTNILLVNLLVAMFGYTVGIVQENNDQVWKFQRYFLVQEYCNRLNIPFPFVVFAYFYMVVKKCFKCCCKEKNME
SNACCFRNEDNETLAWEGVMKENYLVKINTKANDNSEEMRHRFRQLDSKLNDLKSLLKEIANNIKSNSLEVLFQGPDYKD
DDDKAHHHHHHHHHH
;
_entity_poly.pdbx_strand_id   A,B,C,D
#
# COMPACT_ATOMS: atom_id res chain seq x y z
N ASP A 41 59.17 39.91 18.68
CA ASP A 41 58.93 38.52 19.07
C ASP A 41 58.88 37.61 17.85
N LEU A 42 57.75 37.64 17.15
CA LEU A 42 57.61 36.79 15.97
C LEU A 42 58.61 37.17 14.89
N VAL A 43 58.82 38.47 14.67
CA VAL A 43 59.78 38.90 13.65
C VAL A 43 61.18 38.46 14.01
N ASN A 44 61.57 38.61 15.28
CA ASN A 44 62.91 38.18 15.69
C ASN A 44 63.07 36.67 15.54
N PHE A 45 62.04 35.90 15.91
CA PHE A 45 62.12 34.46 15.76
C PHE A 45 62.26 34.06 14.30
N ILE A 46 61.49 34.71 13.42
CA ILE A 46 61.57 34.41 11.99
C ILE A 46 62.96 34.75 11.47
N GLN A 47 63.51 35.89 11.86
CA GLN A 47 64.84 36.28 11.41
C GLN A 47 65.88 35.28 11.89
N ALA A 48 65.78 34.83 13.15
CA ALA A 48 66.71 33.84 13.67
C ALA A 48 66.58 32.51 12.93
N ASN A 49 65.36 32.15 12.52
CA ASN A 49 65.16 30.90 11.80
C ASN A 49 65.92 30.90 10.48
N PHE A 50 65.92 32.03 9.77
CA PHE A 50 66.59 32.13 8.49
C PHE A 50 67.70 33.18 8.55
N ASP A 102 65.14 37.41 4.73
CA ASP A 102 63.82 36.91 5.10
C ASP A 102 62.78 37.28 4.06
N ALA A 103 62.37 38.55 4.06
CA ALA A 103 61.39 39.06 3.11
C ALA A 103 60.10 38.25 3.15
N PHE A 104 59.58 38.06 4.37
CA PHE A 104 58.35 37.31 4.59
C PHE A 104 57.17 38.28 4.73
N GLY A 105 55.98 37.79 4.39
CA GLY A 105 54.79 38.60 4.48
C GLY A 105 53.55 37.79 4.79
N ASP A 106 52.66 38.35 5.61
CA ASP A 106 51.41 37.68 5.97
C ASP A 106 50.36 38.03 4.92
N ILE A 107 50.04 37.06 4.06
CA ILE A 107 49.06 37.31 3.00
C ILE A 107 47.71 37.63 3.60
N GLN A 108 46.99 38.56 2.97
CA GLN A 108 45.68 38.96 3.43
C GLN A 108 44.91 39.67 2.32
N GLY A 116 46.15 33.88 5.83
CA GLY A 116 46.66 33.42 7.10
C GLY A 116 48.11 33.80 7.33
N LYS A 117 49.01 32.83 7.11
CA LYS A 117 50.44 33.05 7.29
C LYS A 117 51.17 32.62 6.03
N TYR A 118 52.15 33.43 5.63
CA TYR A 118 52.99 33.13 4.49
C TYR A 118 54.42 33.46 4.86
N LEU A 119 55.32 32.50 4.64
CA LEU A 119 56.72 32.66 4.98
C LEU A 119 57.58 32.32 3.77
N ARG A 120 58.80 32.87 3.76
CA ARG A 120 59.77 32.66 2.69
C ARG A 120 61.00 32.00 3.32
N LEU A 121 61.07 30.68 3.22
CA LEU A 121 62.17 29.90 3.78
C LEU A 121 63.02 29.36 2.64
N SER A 122 64.33 29.56 2.75
CA SER A 122 65.24 29.10 1.70
C SER A 122 65.27 27.57 1.66
N CYS A 123 65.76 27.05 0.53
CA CYS A 123 65.84 25.60 0.38
C CYS A 123 66.74 24.98 1.44
N ASP A 124 67.86 25.62 1.74
CA ASP A 124 68.78 25.14 2.77
C ASP A 124 68.26 25.58 4.15
N THR A 125 67.22 24.89 4.59
CA THR A 125 66.59 25.15 5.87
C THR A 125 66.48 23.87 6.66
N ASP A 126 66.52 23.99 7.98
CA ASP A 126 66.46 22.84 8.88
C ASP A 126 65.01 22.46 9.13
N SER A 127 64.68 21.19 8.85
CA SER A 127 63.32 20.72 9.07
C SER A 127 62.93 20.82 10.54
N GLU A 128 63.87 20.53 11.44
CA GLU A 128 63.58 20.64 12.87
C GLU A 128 63.20 22.05 13.25
N THR A 129 63.87 23.05 12.67
CA THR A 129 63.53 24.44 12.96
C THR A 129 62.12 24.76 12.51
N LEU A 130 61.74 24.31 11.31
CA LEU A 130 60.39 24.56 10.82
C LEU A 130 59.35 23.88 11.72
N TYR A 131 59.62 22.64 12.14
CA TYR A 131 58.68 21.95 13.01
C TYR A 131 58.55 22.67 14.34
N GLU A 132 59.67 23.13 14.91
CA GLU A 132 59.61 23.86 16.16
C GLU A 132 58.82 25.16 16.00
N LEU A 133 59.03 25.87 14.90
CA LEU A 133 58.28 27.10 14.67
C LEU A 133 56.79 26.82 14.55
N LEU A 134 56.43 25.74 13.85
CA LEU A 134 55.02 25.42 13.63
C LEU A 134 54.34 24.88 14.88
N THR A 135 55.08 24.23 15.78
CA THR A 135 54.48 23.59 16.95
C THR A 135 54.52 24.45 18.19
N GLN A 136 55.58 25.25 18.39
CA GLN A 136 55.74 25.98 19.62
C GLN A 136 54.62 27.00 19.82
N HIS A 137 54.26 27.74 18.77
CA HIS A 137 53.33 28.85 18.93
C HIS A 137 52.34 28.97 17.78
N TRP A 138 52.28 28.01 16.87
CA TRP A 138 51.35 28.05 15.74
C TRP A 138 50.31 26.94 15.80
N HIS A 139 50.73 25.69 15.92
CA HIS A 139 49.82 24.55 15.87
C HIS A 139 50.21 23.54 16.94
N LEU A 140 49.36 22.52 17.08
CA LEU A 140 49.55 21.47 18.07
C LEU A 140 50.13 20.22 17.41
N LYS A 141 50.33 19.18 18.22
CA LYS A 141 50.77 17.90 17.69
C LYS A 141 49.72 17.34 16.74
N THR A 142 50.17 16.69 15.68
CA THR A 142 49.29 16.24 14.61
C THR A 142 48.96 14.76 14.79
N PRO A 143 47.71 14.38 15.07
CA PRO A 143 47.38 12.96 15.06
C PRO A 143 47.59 12.31 13.71
N ASN A 144 47.47 13.07 12.62
CA ASN A 144 47.63 12.52 11.29
C ASN A 144 48.07 13.62 10.34
N LEU A 145 48.71 13.20 9.25
CA LEU A 145 49.24 14.13 8.26
C LEU A 145 49.13 13.48 6.89
N VAL A 146 48.63 14.24 5.91
CA VAL A 146 48.44 13.73 4.56
C VAL A 146 48.95 14.76 3.57
N ILE A 147 49.54 14.29 2.48
CA ILE A 147 50.07 15.12 1.42
C ILE A 147 49.47 14.66 0.10
N SER A 148 49.06 15.61 -0.74
CA SER A 148 48.48 15.28 -2.03
C SER A 148 49.37 15.76 -3.17
N ASN A 155 44.15 23.16 -15.34
CA ASN A 155 42.83 22.55 -15.49
C ASN A 155 42.86 21.07 -15.12
N PHE A 156 41.88 20.63 -14.34
CA PHE A 156 41.78 19.25 -13.91
C PHE A 156 40.35 18.77 -14.05
N ALA A 157 40.19 17.46 -14.19
CA ALA A 157 38.87 16.84 -14.34
C ALA A 157 38.18 16.81 -12.98
N LEU A 158 37.12 17.61 -12.83
CA LEU A 158 36.36 17.66 -11.59
C LEU A 158 35.17 16.69 -11.66
N LYS A 159 35.50 15.42 -11.84
CA LYS A 159 34.47 14.39 -11.90
C LYS A 159 33.82 14.21 -10.54
N PRO A 160 32.58 13.71 -10.52
CA PRO A 160 31.90 13.53 -9.22
C PRO A 160 32.66 12.61 -8.26
N ARG A 161 33.30 11.57 -8.78
CA ARG A 161 34.10 10.70 -7.93
C ARG A 161 35.25 11.47 -7.27
N MET A 162 35.96 12.27 -8.08
CA MET A 162 37.02 13.10 -7.53
C MET A 162 36.48 14.24 -6.68
N ARG A 163 35.24 14.67 -6.94
CA ARG A 163 34.63 15.72 -6.13
C ARG A 163 34.19 15.21 -4.76
N LYS A 164 33.90 13.92 -4.63
CA LYS A 164 33.44 13.34 -3.38
C LYS A 164 34.55 12.69 -2.58
N ILE A 165 35.53 12.07 -3.25
CA ILE A 165 36.62 11.42 -2.53
C ILE A 165 37.39 12.44 -1.70
N PHE A 166 37.72 13.59 -2.29
CA PHE A 166 38.48 14.59 -1.57
C PHE A 166 37.64 15.28 -0.51
N SER A 167 36.33 15.41 -0.72
CA SER A 167 35.46 15.91 0.34
C SER A 167 35.49 14.98 1.54
N ARG A 168 35.40 13.67 1.30
CA ARG A 168 35.52 12.71 2.39
C ARG A 168 36.88 12.79 3.05
N LEU A 169 37.93 12.96 2.25
CA LEU A 169 39.28 13.06 2.80
C LEU A 169 39.40 14.27 3.75
N ILE A 170 38.89 15.42 3.31
CA ILE A 170 38.99 16.62 4.14
C ILE A 170 38.13 16.48 5.39
N TYR A 171 36.96 15.85 5.26
CA TYR A 171 36.14 15.61 6.44
C TYR A 171 36.87 14.72 7.44
N ILE A 172 37.52 13.67 6.95
CA ILE A 172 38.28 12.79 7.83
C ILE A 172 39.42 13.56 8.50
N ALA A 173 40.11 14.40 7.73
CA ALA A 173 41.21 15.19 8.31
C ALA A 173 40.69 16.12 9.40
N GLN A 174 39.55 16.76 9.17
CA GLN A 174 38.96 17.61 10.20
C GLN A 174 38.59 16.80 11.43
N SER A 175 38.00 15.61 11.23
CA SER A 175 37.63 14.77 12.35
C SER A 175 38.85 14.39 13.19
N LYS A 176 39.94 14.03 12.52
CA LYS A 176 41.18 13.64 13.20
C LYS A 176 42.11 14.81 13.45
N GLY A 177 41.77 16.01 13.00
CA GLY A 177 42.67 17.14 13.16
C GLY A 177 43.98 16.94 12.43
N ALA A 178 43.92 16.46 11.20
CA ALA A 178 45.13 16.10 10.46
C ALA A 178 45.61 17.27 9.60
N TRP A 179 46.93 17.37 9.47
CA TRP A 179 47.52 18.35 8.56
C TRP A 179 47.33 17.91 7.12
N ILE A 180 47.16 18.89 6.24
CA ILE A 180 47.11 18.66 4.80
C ILE A 180 48.22 19.49 4.15
N LEU A 181 49.03 18.84 3.32
CA LEU A 181 50.12 19.49 2.62
C LEU A 181 49.84 19.43 1.12
N THR A 182 50.01 20.57 0.45
CA THR A 182 49.75 20.67 -0.98
C THR A 182 50.74 21.66 -1.61
N GLY A 183 50.66 21.79 -2.93
CA GLY A 183 51.48 22.77 -3.61
C GLY A 183 51.10 24.19 -3.26
N GLY A 184 49.80 24.47 -3.20
CA GLY A 184 49.33 25.79 -2.82
C GLY A 184 49.26 26.77 -3.97
N THR A 185 48.56 26.40 -5.04
CA THR A 185 48.36 27.27 -6.19
C THR A 185 46.87 27.35 -6.50
N HIS A 186 46.42 28.54 -6.92
CA HIS A 186 45.01 28.74 -7.22
C HIS A 186 44.57 27.97 -8.45
N TYR A 187 45.50 27.50 -9.28
CA TYR A 187 45.18 26.76 -10.48
C TYR A 187 45.38 25.27 -10.23
N GLY A 188 44.29 24.51 -10.31
CA GLY A 188 44.32 23.07 -10.15
C GLY A 188 43.36 22.61 -9.07
N LEU A 189 43.52 21.34 -8.69
CA LEU A 189 42.66 20.74 -7.68
C LEU A 189 42.89 21.38 -6.31
N MET A 190 44.09 21.91 -6.07
CA MET A 190 44.38 22.50 -4.77
C MET A 190 43.48 23.69 -4.48
N LYS A 191 43.07 24.42 -5.52
CA LYS A 191 42.09 25.49 -5.32
C LYS A 191 40.76 24.92 -4.82
N TYR A 192 40.33 23.79 -5.38
CA TYR A 192 39.13 23.13 -4.90
C TYR A 192 39.29 22.70 -3.45
N ILE A 193 40.45 22.16 -3.10
CA ILE A 193 40.70 21.75 -1.71
C ILE A 193 40.62 22.96 -0.78
N GLY A 194 41.23 24.06 -1.17
CA GLY A 194 41.17 25.26 -0.34
C GLY A 194 39.76 25.79 -0.19
N GLU A 195 38.99 25.77 -1.28
CA GLU A 195 37.60 26.22 -1.20
C GLU A 195 36.79 25.34 -0.26
N VAL A 196 37.00 24.03 -0.33
CA VAL A 196 36.28 23.12 0.56
C VAL A 196 36.70 23.36 2.01
N VAL A 197 37.99 23.61 2.24
CA VAL A 197 38.46 23.90 3.59
C VAL A 197 37.78 25.16 4.12
N ARG A 198 37.71 26.20 3.30
CA ARG A 198 37.06 27.44 3.71
C ARG A 198 35.59 27.19 4.03
N ASP A 199 34.91 26.42 3.17
CA ASP A 199 33.49 26.14 3.40
C ASP A 199 33.29 25.39 4.71
N ASN A 200 34.12 24.37 4.97
CA ASN A 200 33.98 23.61 6.20
C ASN A 200 34.27 24.47 7.43
N THR A 201 35.29 25.33 7.33
CA THR A 201 35.57 26.25 8.43
C THR A 201 34.39 27.17 8.68
N ILE A 202 33.74 27.64 7.62
CA ILE A 202 32.54 28.46 7.78
C ILE A 202 31.46 27.67 8.50
N SER A 203 31.28 26.41 8.12
CA SER A 203 30.30 25.54 8.76
C SER A 203 30.64 25.34 10.23
N GLU A 208 39.43 23.06 17.07
CA GLU A 208 38.74 22.28 16.03
C GLU A 208 38.80 23.00 14.69
N ASN A 209 40.01 23.24 14.19
CA ASN A 209 40.22 23.92 12.92
C ASN A 209 41.14 23.08 12.05
N ILE A 210 40.90 23.13 10.74
CA ILE A 210 41.71 22.37 9.79
C ILE A 210 42.98 23.14 9.51
N VAL A 211 44.05 22.42 9.16
CA VAL A 211 45.36 22.99 8.91
C VAL A 211 45.81 22.59 7.52
N ALA A 212 46.07 23.58 6.68
CA ALA A 212 46.49 23.36 5.30
C ALA A 212 47.73 24.19 5.02
N ILE A 213 48.76 23.54 4.48
CA ILE A 213 50.03 24.17 4.16
C ILE A 213 50.30 23.98 2.68
N GLY A 214 50.46 25.09 1.96
CA GLY A 214 50.90 25.07 0.57
C GLY A 214 52.39 25.35 0.52
N ILE A 215 53.08 24.67 -0.37
CA ILE A 215 54.53 24.81 -0.54
C ILE A 215 54.81 25.09 -2.01
N ALA A 216 55.54 26.17 -2.29
CA ALA A 216 55.86 26.52 -3.66
C ALA A 216 57.19 27.26 -3.69
N ALA A 217 57.64 27.58 -4.89
CA ALA A 217 58.88 28.31 -5.06
C ALA A 217 58.60 29.80 -5.12
N TRP A 218 59.39 30.58 -4.37
CA TRP A 218 59.20 32.03 -4.35
C TRP A 218 59.42 32.61 -5.75
N GLY A 219 60.45 32.17 -6.45
CA GLY A 219 60.67 32.64 -7.80
C GLY A 219 59.55 32.27 -8.74
N MET A 220 58.96 31.08 -8.54
CA MET A 220 57.86 30.64 -9.39
C MET A 220 56.63 31.52 -9.25
N VAL A 221 56.53 32.28 -8.16
CA VAL A 221 55.37 33.15 -7.96
C VAL A 221 55.40 34.28 -8.98
N SER A 222 54.22 34.60 -9.54
CA SER A 222 54.14 35.66 -10.54
C SER A 222 54.54 37.01 -9.95
N ASN A 223 54.08 37.30 -8.73
CA ASN A 223 54.35 38.57 -8.08
C ASN A 223 54.94 38.31 -6.70
N ARG A 224 55.90 39.15 -6.31
CA ARG A 224 56.56 39.06 -5.02
C ARG A 224 56.45 40.40 -4.32
N ASP A 225 56.05 40.38 -3.05
CA ASP A 225 55.91 41.58 -2.24
C ASP A 225 56.66 41.39 -0.94
N THR A 226 57.38 42.43 -0.52
CA THR A 226 58.18 42.40 0.70
C THR A 226 57.47 43.15 1.81
N LEU A 227 57.52 42.60 3.01
CA LEU A 227 56.88 43.22 4.17
C LEU A 227 57.77 43.09 5.40
N SER A 238 53.09 43.97 7.28
CA SER A 238 52.18 42.97 6.73
C SER A 238 51.71 43.37 5.34
N ALA A 239 52.33 42.81 4.32
CA ALA A 239 51.98 43.12 2.94
C ALA A 239 50.64 42.46 2.58
N GLN A 240 50.05 42.94 1.49
CA GLN A 240 48.77 42.44 1.00
C GLN A 240 48.94 41.96 -0.44
N TYR A 241 48.40 40.78 -0.73
CA TYR A 241 48.46 40.18 -2.05
C TYR A 241 47.05 40.17 -2.64
N ILE A 242 46.91 40.74 -3.83
CA ILE A 242 45.63 40.84 -4.51
C ILE A 242 45.79 40.28 -5.92
N MET A 243 44.88 39.39 -6.31
CA MET A 243 44.91 38.80 -7.63
C MET A 243 44.62 39.84 -8.71
N TYR A 252 53.17 32.18 -11.46
CA TYR A 252 52.02 31.39 -10.99
C TYR A 252 51.23 32.18 -9.96
N ILE A 253 49.94 31.86 -9.86
CA ILE A 253 49.03 32.50 -8.90
C ILE A 253 48.76 31.51 -7.78
N LEU A 254 48.90 31.98 -6.54
CA LEU A 254 48.74 31.14 -5.36
C LEU A 254 47.39 31.39 -4.71
N ASP A 255 46.77 30.32 -4.22
CA ASP A 255 45.47 30.42 -3.59
C ASP A 255 45.59 31.03 -2.20
N ASN A 256 44.60 31.83 -1.83
CA ASN A 256 44.53 32.41 -0.49
C ASN A 256 43.69 31.59 0.46
N ASN A 257 43.02 30.54 -0.02
CA ASN A 257 42.22 29.70 0.86
C ASN A 257 43.07 28.95 1.86
N HIS A 258 44.24 28.46 1.43
CA HIS A 258 45.10 27.69 2.33
C HIS A 258 45.57 28.56 3.48
N THR A 259 45.53 28.00 4.70
CA THR A 259 45.85 28.79 5.88
C THR A 259 47.31 29.21 5.90
N HIS A 260 48.22 28.31 5.54
CA HIS A 260 49.64 28.59 5.64
C HIS A 260 50.33 28.33 4.31
N LEU A 261 51.35 29.12 4.02
CA LEU A 261 52.08 29.01 2.76
C LEU A 261 53.57 29.22 2.98
N LEU A 262 54.37 28.47 2.25
CA LEU A 262 55.82 28.54 2.31
C LEU A 262 56.38 28.71 0.90
N LEU A 263 57.38 29.59 0.79
CA LEU A 263 58.03 29.91 -0.48
C LEU A 263 59.50 29.56 -0.38
N VAL A 264 60.00 28.86 -1.40
CA VAL A 264 61.38 28.38 -1.44
C VAL A 264 62.20 29.36 -2.27
N ASP A 265 63.34 29.77 -1.73
CA ASP A 265 64.24 30.72 -2.39
C ASP A 265 65.39 29.93 -3.00
N ASN A 266 65.21 29.50 -4.25
CA ASN A 266 66.23 28.75 -4.97
C ASN A 266 66.72 29.45 -6.23
N GLY A 267 65.90 30.28 -6.85
CA GLY A 267 66.30 30.99 -8.05
C GLY A 267 65.26 31.98 -8.51
N THR A 273 61.02 21.91 -10.09
CA THR A 273 60.59 21.90 -8.70
C THR A 273 61.80 21.94 -7.77
N VAL A 274 61.70 22.80 -6.75
CA VAL A 274 62.77 22.95 -5.76
C VAL A 274 62.29 22.75 -4.33
N GLU A 275 61.02 22.40 -4.14
CA GLU A 275 60.47 22.20 -2.80
C GLU A 275 60.20 20.74 -2.48
N ALA A 276 60.39 19.83 -3.44
CA ALA A 276 60.12 18.42 -3.18
C ALA A 276 61.05 17.89 -2.09
N LYS A 277 62.33 18.25 -2.15
CA LYS A 277 63.29 17.77 -1.16
C LYS A 277 62.89 18.24 0.24
N LEU A 278 62.52 19.52 0.36
CA LEU A 278 62.13 20.04 1.67
C LEU A 278 60.89 19.33 2.20
N ARG A 279 59.89 19.11 1.35
CA ARG A 279 58.68 18.43 1.79
C ARG A 279 58.99 17.01 2.22
N ASN A 280 59.81 16.30 1.45
CA ASN A 280 60.17 14.93 1.80
C ASN A 280 60.94 14.88 3.12
N GLN A 281 61.88 15.80 3.31
CA GLN A 281 62.63 15.85 4.56
C GLN A 281 61.70 16.14 5.74
N LEU A 282 60.78 17.08 5.58
CA LEU A 282 59.85 17.39 6.66
C LEU A 282 58.97 16.18 6.98
N GLU A 283 58.48 15.48 5.95
CA GLU A 283 57.65 14.31 6.18
C GLU A 283 58.45 13.23 6.91
N LYS A 284 59.70 13.00 6.50
CA LYS A 284 60.52 12.01 7.18
C LYS A 284 60.77 12.38 8.63
N TYR A 285 61.06 13.66 8.89
CA TYR A 285 61.29 14.11 10.26
C TYR A 285 60.05 13.93 11.11
N ILE A 286 58.88 14.27 10.57
CA ILE A 286 57.64 14.11 11.31
C ILE A 286 57.38 12.64 11.59
N SER A 287 57.64 11.78 10.61
CA SER A 287 57.56 10.35 10.85
C SER A 287 58.54 9.92 11.92
N GLU A 288 59.65 10.67 12.07
CA GLU A 288 60.60 10.40 13.14
C GLU A 288 60.10 10.87 14.50
N ARG A 289 59.09 11.74 14.53
CA ARG A 289 58.59 12.25 15.80
C ARG A 289 57.81 11.16 16.54
N THR A 290 57.79 11.28 17.86
CA THR A 290 57.11 10.32 18.73
C THR A 290 55.97 11.04 19.45
N SER A 291 54.77 10.43 19.41
CA SER A 291 53.58 10.97 20.07
C SER A 291 52.85 9.82 20.76
N GLN A 292 53.11 9.67 22.05
CA GLN A 292 52.49 8.62 22.84
C GLN A 292 50.96 8.71 22.77
N ASP A 293 50.42 9.93 22.74
CA ASP A 293 48.97 10.10 22.73
C ASP A 293 48.35 9.50 21.48
N SER A 294 49.08 9.49 20.37
CA SER A 294 48.55 8.98 19.12
C SER A 294 48.31 7.47 19.22
N ASN A 295 47.17 7.04 18.66
CA ASN A 295 46.85 5.61 18.65
C ASN A 295 47.88 4.83 17.84
N TYR A 296 48.33 5.40 16.72
CA TYR A 296 49.37 4.75 15.93
C TYR A 296 50.59 4.47 16.80
N GLY A 297 51.06 3.23 16.75
CA GLY A 297 52.15 2.82 17.62
C GLY A 297 53.40 3.65 17.45
N GLY A 298 53.70 4.48 18.44
CA GLY A 298 54.92 5.26 18.40
C GLY A 298 54.84 6.49 17.53
N LYS A 299 55.31 6.36 16.29
CA LYS A 299 55.45 7.51 15.40
C LYS A 299 54.09 8.00 14.92
N ILE A 300 54.08 9.27 14.48
CA ILE A 300 52.87 9.86 13.91
C ILE A 300 52.64 9.29 12.51
N PRO A 301 51.42 8.90 12.15
CA PRO A 301 51.19 8.36 10.81
C PRO A 301 51.33 9.43 9.74
N ILE A 302 51.73 8.99 8.54
CA ILE A 302 51.83 9.85 7.37
C ILE A 302 51.32 9.06 6.17
N VAL A 303 50.58 9.73 5.29
CA VAL A 303 49.97 9.12 4.13
C VAL A 303 50.21 10.01 2.92
N CYS A 304 50.59 9.41 1.80
CA CYS A 304 50.74 10.13 0.54
C CYS A 304 49.55 9.84 -0.36
N PHE A 305 49.06 10.87 -1.03
CA PHE A 305 47.87 10.79 -1.86
C PHE A 305 48.21 11.17 -3.29
N ALA A 306 47.78 10.34 -4.23
CA ALA A 306 48.02 10.56 -5.65
C ALA A 306 46.69 10.60 -6.39
N GLN A 307 46.49 11.65 -7.17
CA GLN A 307 45.28 11.81 -7.97
C GLN A 307 45.56 12.08 -9.44
N GLY A 308 46.63 12.81 -9.75
CA GLY A 308 46.96 13.16 -11.12
C GLY A 308 48.27 12.52 -11.57
N GLY A 309 48.63 12.83 -12.80
CA GLY A 309 49.83 12.32 -13.42
C GLY A 309 50.92 13.37 -13.53
N GLY A 310 51.88 13.10 -14.42
CA GLY A 310 53.01 13.98 -14.63
C GLY A 310 54.27 13.45 -13.98
N ARG A 311 55.41 13.92 -14.51
CA ARG A 311 56.70 13.49 -13.96
C ARG A 311 56.84 13.87 -12.49
N GLU A 312 56.26 15.01 -12.10
CA GLU A 312 56.34 15.43 -10.70
C GLU A 312 55.68 14.41 -9.78
N THR A 313 54.52 13.88 -10.19
CA THR A 313 53.83 12.90 -9.36
C THR A 313 54.68 11.66 -9.16
N LEU A 314 55.26 11.14 -10.24
CA LEU A 314 56.10 9.94 -10.12
C LEU A 314 57.33 10.22 -9.28
N LYS A 315 57.95 11.38 -9.46
CA LYS A 315 59.12 11.72 -8.66
C LYS A 315 58.77 11.79 -7.18
N ALA A 316 57.65 12.43 -6.85
CA ALA A 316 57.24 12.52 -5.45
C ALA A 316 56.94 11.14 -4.87
N ILE A 317 56.24 10.30 -5.65
CA ILE A 317 55.91 8.96 -5.17
C ILE A 317 57.19 8.16 -4.92
N ASN A 318 58.14 8.24 -5.85
CA ASN A 318 59.40 7.52 -5.68
C ASN A 318 60.16 8.01 -4.45
N THR A 319 60.20 9.34 -4.26
CA THR A 319 60.90 9.89 -3.10
C THR A 319 60.24 9.42 -1.80
N SER A 320 58.91 9.43 -1.75
CA SER A 320 58.21 9.02 -0.54
C SER A 320 58.43 7.53 -0.27
N VAL A 321 58.29 6.69 -1.30
CA VAL A 321 58.43 5.26 -1.12
C VAL A 321 59.86 4.89 -0.75
N LYS A 322 60.84 5.68 -1.22
CA LYS A 322 62.22 5.47 -0.81
C LYS A 322 62.32 5.46 0.71
N SER A 323 61.51 6.28 1.37
CA SER A 323 61.36 6.21 2.82
C SER A 323 60.38 5.08 3.15
N LYS A 324 60.81 4.17 4.03
CA LYS A 324 59.99 3.00 4.32
C LYS A 324 58.68 3.39 5.00
N ILE A 325 58.73 4.32 5.95
CA ILE A 325 57.55 4.63 6.76
C ILE A 325 56.40 5.17 5.91
N PRO A 326 56.59 6.16 5.06
CA PRO A 326 55.46 6.71 4.30
C PRO A 326 54.79 5.66 3.44
N CYS A 327 53.46 5.79 3.32
CA CYS A 327 52.64 4.91 2.49
C CYS A 327 51.87 5.76 1.50
N VAL A 328 51.56 5.16 0.35
CA VAL A 328 50.97 5.86 -0.78
C VAL A 328 49.58 5.31 -1.05
N VAL A 329 48.69 6.16 -1.55
CA VAL A 329 47.35 5.79 -1.97
C VAL A 329 47.12 6.35 -3.36
N VAL A 330 46.48 5.55 -4.21
CA VAL A 330 46.25 5.92 -5.61
C VAL A 330 44.75 6.06 -5.83
N GLU A 331 44.34 7.20 -6.39
CA GLU A 331 42.94 7.46 -6.66
C GLU A 331 42.41 6.53 -7.75
N GLN A 335 45.42 9.50 -15.16
CA GLN A 335 46.35 8.85 -16.07
C GLN A 335 47.31 7.94 -15.31
N ILE A 336 48.25 8.55 -14.59
CA ILE A 336 49.24 7.76 -13.86
C ILE A 336 48.56 6.88 -12.82
N ALA A 337 47.51 7.39 -12.17
CA ALA A 337 46.78 6.59 -11.21
C ALA A 337 46.26 5.32 -11.86
N ASP A 338 45.66 5.45 -13.05
CA ASP A 338 45.21 4.27 -13.78
C ASP A 338 46.36 3.35 -14.13
N VAL A 339 47.53 3.91 -14.46
CA VAL A 339 48.69 3.09 -14.79
C VAL A 339 49.06 2.21 -13.60
N ILE A 340 49.21 2.83 -12.42
CA ILE A 340 49.62 2.07 -11.24
C ILE A 340 48.54 1.08 -10.85
N ALA A 341 47.26 1.46 -11.00
CA ALA A 341 46.18 0.54 -10.68
C ALA A 341 46.23 -0.69 -11.60
N SER A 342 46.46 -0.47 -12.89
CA SER A 342 46.53 -1.60 -13.82
C SER A 342 47.72 -2.50 -13.52
N LEU A 343 48.87 -1.91 -13.23
CA LEU A 343 50.06 -2.72 -12.98
C LEU A 343 49.89 -3.59 -11.74
N VAL A 344 49.32 -3.05 -10.67
CA VAL A 344 49.11 -3.80 -9.44
C VAL A 344 47.91 -4.73 -9.59
N THR A 351 57.97 -7.58 -17.68
CA THR A 351 58.01 -6.51 -16.69
C THR A 351 57.87 -5.15 -17.36
N SER A 352 58.71 -4.90 -18.37
CA SER A 352 58.71 -3.61 -19.06
C SER A 352 57.53 -3.47 -20.02
N SER A 353 57.06 -4.58 -20.61
CA SER A 353 55.99 -4.49 -21.59
C SER A 353 54.69 -4.00 -20.95
N MET A 354 54.32 -4.56 -19.80
CA MET A 354 53.07 -4.18 -19.16
C MET A 354 53.10 -2.71 -18.73
N VAL A 355 54.20 -2.29 -18.10
CA VAL A 355 54.31 -0.89 -17.68
C VAL A 355 54.26 0.04 -18.88
N LYS A 356 54.97 -0.31 -19.95
CA LYS A 356 54.96 0.55 -21.14
C LYS A 356 53.56 0.65 -21.73
N GLU A 357 52.86 -0.50 -21.84
CA GLU A 357 51.52 -0.49 -22.41
C GLU A 357 50.57 0.35 -21.57
N LYS A 358 50.62 0.18 -20.24
CA LYS A 358 49.73 0.95 -19.39
C LYS A 358 50.03 2.44 -19.47
N LEU A 359 51.32 2.80 -19.47
CA LEU A 359 51.69 4.21 -19.57
C LEU A 359 51.24 4.81 -20.89
N VAL A 360 51.39 4.07 -21.99
CA VAL A 360 50.95 4.58 -23.28
C VAL A 360 49.44 4.76 -23.30
N ARG A 361 48.70 3.77 -22.77
CA ARG A 361 47.25 3.85 -22.80
C ARG A 361 46.73 5.01 -21.96
N PHE A 362 47.31 5.22 -20.77
CA PHE A 362 46.77 6.23 -19.86
C PHE A 362 47.11 7.64 -20.33
N LEU A 363 48.34 7.85 -20.81
CA LEU A 363 48.84 9.17 -21.15
C LEU A 363 49.36 9.15 -22.58
N PRO A 364 48.46 9.27 -23.57
CA PRO A 364 48.92 9.24 -24.96
C PRO A 364 49.89 10.36 -25.32
N ARG A 365 49.71 11.55 -24.75
CA ARG A 365 50.52 12.70 -25.11
C ARG A 365 51.76 12.84 -24.24
N THR A 366 51.64 12.53 -22.95
CA THR A 366 52.80 12.65 -22.05
C THR A 366 53.92 11.71 -22.49
N VAL A 367 53.57 10.48 -22.83
CA VAL A 367 54.59 9.52 -23.29
C VAL A 367 55.18 9.99 -24.61
N SER A 368 54.33 10.50 -25.51
CA SER A 368 54.82 10.96 -26.81
C SER A 368 55.83 12.10 -26.65
N ARG A 369 55.52 13.06 -25.77
CA ARG A 369 56.44 14.18 -25.57
C ARG A 369 57.73 13.73 -24.89
N LEU A 370 57.63 12.80 -23.94
CA LEU A 370 58.79 12.40 -23.16
C LEU A 370 59.81 11.70 -24.06
N PRO A 371 61.10 11.93 -23.86
CA PRO A 371 62.12 11.17 -24.58
C PRO A 371 62.18 9.72 -24.11
N GLU A 372 62.96 8.92 -24.84
CA GLU A 372 63.12 7.52 -24.48
C GLU A 372 63.77 7.37 -23.11
N GLU A 373 64.78 8.19 -22.82
CA GLU A 373 65.43 8.12 -21.52
C GLU A 373 64.46 8.44 -20.39
N GLU A 374 63.61 9.45 -20.60
CA GLU A 374 62.61 9.79 -19.60
C GLU A 374 61.64 8.62 -19.39
N ILE A 375 61.23 7.96 -20.47
CA ILE A 375 60.34 6.82 -20.34
C ILE A 375 61.01 5.70 -19.55
N GLU A 376 62.28 5.44 -19.85
CA GLU A 376 63.00 4.39 -19.12
C GLU A 376 63.11 4.74 -17.64
N SER A 377 63.38 6.00 -17.33
CA SER A 377 63.45 6.42 -15.93
C SER A 377 62.09 6.26 -15.25
N TRP A 378 61.02 6.61 -15.95
CA TRP A 378 59.68 6.42 -15.39
C TRP A 378 59.40 4.96 -15.12
N ILE A 379 59.80 4.08 -16.04
CA ILE A 379 59.59 2.65 -15.84
C ILE A 379 60.38 2.18 -14.63
N LYS A 380 61.62 2.66 -14.48
CA LYS A 380 62.41 2.29 -13.32
C LYS A 380 61.74 2.74 -12.02
N TRP A 381 61.24 3.98 -12.00
CA TRP A 381 60.57 4.47 -10.80
C TRP A 381 59.33 3.64 -10.49
N LEU A 382 58.54 3.30 -11.51
CA LEU A 382 57.34 2.53 -11.27
C LEU A 382 57.67 1.13 -10.78
N LYS A 383 58.72 0.52 -11.32
CA LYS A 383 59.13 -0.80 -10.85
C LYS A 383 59.58 -0.73 -9.40
N GLU A 384 60.36 0.30 -9.04
CA GLU A 384 60.77 0.45 -7.65
C GLU A 384 59.58 0.63 -6.73
N ILE A 385 58.60 1.43 -7.15
CA ILE A 385 57.42 1.65 -6.33
C ILE A 385 56.63 0.36 -6.16
N LEU A 386 56.47 -0.41 -7.24
CA LEU A 386 55.71 -1.65 -7.18
C LEU A 386 56.43 -2.72 -6.37
N GLU A 387 57.77 -2.66 -6.30
CA GLU A 387 58.49 -3.65 -5.51
C GLU A 387 58.07 -3.63 -4.05
N SER A 388 57.64 -2.47 -3.55
CA SER A 388 57.17 -2.31 -2.18
C SER A 388 55.65 -2.20 -2.13
N SER A 389 54.96 -3.02 -2.93
CA SER A 389 53.51 -2.91 -3.05
C SER A 389 52.80 -3.13 -1.72
N HIS A 390 53.45 -3.77 -0.74
CA HIS A 390 52.79 -4.00 0.53
C HIS A 390 52.45 -2.69 1.24
N LEU A 391 53.12 -1.59 0.89
CA LEU A 391 52.79 -0.27 1.43
C LEU A 391 51.77 0.42 0.55
N LEU A 392 52.04 0.49 -0.75
CA LEU A 392 51.16 1.18 -1.68
C LEU A 392 49.80 0.49 -1.74
N THR A 393 48.74 1.30 -1.84
CA THR A 393 47.38 0.81 -1.94
C THR A 393 46.67 1.55 -3.06
N VAL A 394 45.68 0.90 -3.65
CA VAL A 394 44.93 1.43 -4.80
C VAL A 394 43.45 1.37 -4.46
N ILE A 395 42.74 2.44 -4.78
CA ILE A 395 41.29 2.50 -4.58
C ILE A 395 40.59 1.88 -5.78
N LYS A 396 39.51 1.15 -5.52
CA LYS A 396 38.74 0.50 -6.56
C LYS A 396 37.77 1.50 -7.18
N MET A 397 37.84 1.65 -8.49
CA MET A 397 36.96 2.56 -9.20
C MET A 397 35.54 2.02 -9.25
N GLU A 403 32.21 5.74 2.68
CA GLU A 403 33.23 5.39 3.66
C GLU A 403 34.28 4.47 3.04
N ILE A 404 34.88 4.94 1.95
CA ILE A 404 35.90 4.18 1.23
C ILE A 404 37.25 4.83 1.44
N VAL A 405 37.27 6.16 1.51
CA VAL A 405 38.53 6.87 1.74
C VAL A 405 39.10 6.50 3.10
N SER A 406 38.26 6.54 4.14
CA SER A 406 38.72 6.16 5.47
C SER A 406 39.14 4.70 5.48
N ASN A 407 38.37 3.82 4.83
CA ASN A 407 38.72 2.41 4.79
C ASN A 407 40.07 2.20 4.12
N ALA A 408 40.30 2.86 2.98
CA ALA A 408 41.56 2.69 2.27
C ALA A 408 42.73 3.23 3.09
N ILE A 409 42.57 4.40 3.70
CA ILE A 409 43.64 4.97 4.50
C ILE A 409 43.96 4.06 5.69
N SER A 410 42.92 3.56 6.36
CA SER A 410 43.14 2.67 7.49
C SER A 410 43.83 1.39 7.06
N TYR A 411 43.43 0.83 5.91
CA TYR A 411 44.07 -0.39 5.43
C TYR A 411 45.54 -0.14 5.13
N ALA A 412 45.85 0.98 4.47
CA ALA A 412 47.23 1.29 4.15
C ALA A 412 48.06 1.48 5.43
N LEU A 413 47.52 2.20 6.40
CA LEU A 413 48.24 2.41 7.65
C LEU A 413 48.45 1.10 8.39
N TYR A 414 47.44 0.23 8.39
CA TYR A 414 47.57 -1.07 9.04
C TYR A 414 48.65 -1.91 8.37
N LYS A 415 48.68 -1.92 7.04
CA LYS A 415 49.72 -2.67 6.34
C LYS A 415 51.10 -2.10 6.66
N ALA A 416 51.23 -0.78 6.67
CA ALA A 416 52.52 -0.17 6.97
C ALA A 416 52.97 -0.49 8.38
N PHE A 417 52.05 -0.45 9.34
CA PHE A 417 52.40 -0.68 10.73
C PHE A 417 52.70 -2.15 11.01
N SER A 418 52.02 -3.06 10.30
CA SER A 418 52.26 -4.48 10.51
C SER A 418 53.69 -4.86 10.14
N THR A 419 54.19 -4.34 9.02
CA THR A 419 55.54 -4.65 8.56
C THR A 419 56.48 -3.55 9.03
N ASN A 420 56.88 -3.65 10.30
CA ASN A 420 57.79 -2.69 10.89
C ASN A 420 58.90 -3.32 11.71
N GLU A 421 58.93 -4.65 11.83
CA GLU A 421 59.93 -5.41 12.57
C GLU A 421 59.75 -5.31 14.09
N GLN A 422 58.84 -4.46 14.57
CA GLN A 422 58.61 -4.32 16.00
C GLN A 422 57.12 -4.43 16.32
N ASP A 423 56.27 -4.09 15.34
CA ASP A 423 54.83 -4.12 15.53
C ASP A 423 54.21 -5.47 15.20
N LYS A 424 54.98 -6.42 14.67
CA LYS A 424 54.43 -7.73 14.36
C LYS A 424 53.95 -8.44 15.62
N ASP A 425 54.75 -8.38 16.69
CA ASP A 425 54.35 -9.01 17.94
C ASP A 425 53.32 -8.19 18.70
N ASN A 426 53.30 -6.87 18.49
CA ASN A 426 52.42 -5.97 19.23
C ASN A 426 51.06 -5.96 18.53
N TRP A 427 50.25 -6.99 18.82
CA TRP A 427 48.89 -7.02 18.29
C TRP A 427 48.01 -5.98 18.96
N ASN A 428 48.34 -5.59 20.19
CA ASN A 428 47.55 -4.58 20.89
C ASN A 428 47.55 -3.26 20.13
N GLY A 429 48.70 -2.86 19.60
CA GLY A 429 48.75 -1.64 18.82
C GLY A 429 47.89 -1.72 17.57
N GLN A 430 47.92 -2.87 16.89
CA GLN A 430 47.10 -3.05 15.71
C GLN A 430 45.61 -2.94 16.06
N LEU A 431 45.21 -3.57 17.16
CA LEU A 431 43.82 -3.48 17.59
C LEU A 431 43.45 -2.04 17.93
N LYS A 432 44.34 -1.32 18.61
CA LYS A 432 44.07 0.06 18.97
C LYS A 432 43.88 0.91 17.72
N LEU A 433 44.75 0.73 16.73
CA LEU A 433 44.64 1.51 15.50
C LEU A 433 43.35 1.17 14.75
N LEU A 434 43.02 -0.12 14.67
CA LEU A 434 41.79 -0.52 13.98
C LEU A 434 40.57 0.07 14.69
N LEU A 435 40.56 0.05 16.01
CA LEU A 435 39.45 0.65 16.76
C LEU A 435 39.37 2.15 16.50
N GLU A 436 40.53 2.81 16.47
CA GLU A 436 40.54 4.26 16.21
C GLU A 436 39.96 4.56 14.83
N TRP A 437 40.32 3.77 13.82
CA TRP A 437 39.81 3.98 12.47
C TRP A 437 38.55 3.18 12.16
N ASN A 438 38.04 2.43 13.13
CA ASN A 438 36.76 1.73 12.98
C ASN A 438 36.77 0.77 11.79
N GLN A 439 37.64 -0.24 11.87
CA GLN A 439 37.73 -1.29 10.89
C GLN A 439 37.31 -2.59 11.57
N LEU A 440 36.06 -3.00 11.34
CA LEU A 440 35.51 -4.17 12.03
C LEU A 440 35.89 -5.47 11.32
N ASP A 441 35.54 -5.59 10.04
CA ASP A 441 35.79 -6.83 9.32
C ASP A 441 37.28 -7.15 9.27
N LEU A 442 38.11 -6.14 9.02
CA LEU A 442 39.54 -6.37 8.97
C LEU A 442 40.07 -6.89 10.30
N ALA A 443 39.64 -6.28 11.40
CA ALA A 443 40.08 -6.73 12.71
C ALA A 443 39.60 -8.15 12.99
N SER A 444 38.35 -8.45 12.65
CA SER A 444 37.82 -9.79 12.92
C SER A 444 38.58 -10.84 12.14
N ASP A 445 38.88 -10.56 10.86
CA ASP A 445 39.53 -11.55 10.02
C ASP A 445 41.02 -11.68 10.31
N GLU A 446 41.69 -10.59 10.68
CA GLU A 446 43.14 -10.57 10.76
C GLU A 446 43.65 -10.86 12.18
N ILE A 447 43.25 -10.04 13.15
CA ILE A 447 43.86 -10.09 14.47
C ILE A 447 43.12 -11.05 15.39
N PHE A 448 41.79 -11.09 15.33
CA PHE A 448 41.00 -11.97 16.20
C PHE A 448 41.05 -13.38 15.59
N THR A 449 42.00 -14.17 16.09
CA THR A 449 42.19 -15.53 15.61
C THR A 449 42.66 -16.40 16.78
N ASN A 450 42.53 -17.71 16.60
CA ASN A 450 42.91 -18.67 17.64
C ASN A 450 44.43 -18.77 17.82
N ASP A 451 45.23 -17.93 17.18
CA ASP A 451 46.68 -18.00 17.36
C ASP A 451 47.07 -17.73 18.81
N ARG A 452 46.44 -16.73 19.43
CA ARG A 452 46.75 -16.33 20.79
C ARG A 452 45.48 -16.21 21.61
N ARG A 453 45.59 -16.45 22.91
CA ARG A 453 44.46 -16.32 23.81
C ARG A 453 44.11 -14.85 24.01
N TRP A 454 42.85 -14.62 24.40
CA TRP A 454 42.33 -13.26 24.60
C TRP A 454 41.81 -13.16 26.04
N GLU A 455 42.62 -12.57 26.90
CA GLU A 455 42.24 -12.38 28.30
C GLU A 455 41.46 -11.07 28.46
N SER A 456 40.52 -11.07 29.40
CA SER A 456 39.68 -9.90 29.61
C SER A 456 40.49 -8.69 30.06
N ALA A 457 41.47 -8.89 30.93
CA ALA A 457 42.26 -7.78 31.44
C ALA A 457 43.01 -7.08 30.30
N ASP A 458 43.54 -7.86 29.36
CA ASP A 458 44.26 -7.26 28.23
C ASP A 458 43.34 -6.39 27.40
N LEU A 459 42.09 -6.81 27.24
CA LEU A 459 41.13 -6.13 26.38
C LEU A 459 40.28 -5.09 27.10
N GLN A 460 40.48 -4.93 28.41
CA GLN A 460 39.66 -3.99 29.18
C GLN A 460 39.82 -2.56 28.69
N GLU A 461 41.07 -2.13 28.49
CA GLU A 461 41.32 -0.76 28.05
C GLU A 461 40.73 -0.52 26.66
N VAL A 462 40.87 -1.49 25.77
CA VAL A 462 40.32 -1.36 24.43
C VAL A 462 38.80 -1.27 24.50
N MET A 463 38.18 -2.06 25.38
CA MET A 463 36.73 -1.99 25.54
C MET A 463 36.30 -0.61 26.03
N PHE A 464 37.02 -0.07 27.01
CA PHE A 464 36.69 1.26 27.50
C PHE A 464 36.82 2.30 26.39
N THR A 465 37.91 2.23 25.63
CA THR A 465 38.10 3.18 24.54
C THR A 465 36.98 3.08 23.51
N ALA A 466 36.57 1.85 23.19
CA ALA A 466 35.47 1.67 22.24
C ALA A 466 34.18 2.27 22.80
N LEU A 467 33.94 2.09 24.09
CA LEU A 467 32.74 2.68 24.70
C LEU A 467 32.77 4.19 24.59
N ILE A 468 33.92 4.80 24.87
CA ILE A 468 34.00 6.26 24.87
C ILE A 468 33.72 6.82 23.48
N LYS A 469 34.33 6.23 22.45
CA LYS A 469 34.33 6.79 21.12
C LYS A 469 33.18 6.29 20.24
N ASP A 470 32.13 5.75 20.85
CA ASP A 470 30.92 5.34 20.12
C ASP A 470 31.27 4.31 19.03
N ARG A 471 31.71 3.14 19.50
CA ARG A 471 32.08 2.02 18.63
C ARG A 471 31.24 0.82 19.05
N PRO A 472 29.98 0.78 18.64
CA PRO A 472 29.11 -0.32 19.09
C PRO A 472 29.49 -1.68 18.53
N LYS A 473 29.82 -1.76 17.25
CA LYS A 473 30.14 -3.04 16.65
C LYS A 473 31.40 -3.64 17.28
N PHE A 474 32.40 -2.82 17.55
CA PHE A 474 33.57 -3.30 18.27
C PHE A 474 33.21 -3.77 19.67
N VAL A 475 32.27 -3.10 20.32
CA VAL A 475 31.82 -3.54 21.64
C VAL A 475 31.19 -4.93 21.54
N ARG A 476 30.36 -5.14 20.53
CA ARG A 476 29.75 -6.45 20.35
C ARG A 476 30.81 -7.51 20.09
N LEU A 477 31.80 -7.18 19.26
CA LEU A 477 32.87 -8.14 18.96
C LEU A 477 33.65 -8.48 20.23
N PHE A 478 33.95 -7.48 21.06
CA PHE A 478 34.66 -7.74 22.30
C PHE A 478 33.84 -8.61 23.22
N LEU A 479 32.54 -8.34 23.33
CA LEU A 479 31.68 -9.15 24.19
C LEU A 479 31.65 -10.61 23.71
N GLU A 480 31.59 -10.80 22.39
CA GLU A 480 31.58 -12.17 21.87
C GLU A 480 32.85 -12.91 22.21
N ASN A 481 34.00 -12.22 22.14
CA ASN A 481 35.30 -12.88 22.29
C ASN A 481 35.74 -12.86 23.76
N GLY A 482 34.96 -13.56 24.57
CA GLY A 482 35.35 -13.86 25.93
C GLY A 482 35.61 -12.66 26.82
N LEU A 483 34.70 -11.69 26.81
CA LEU A 483 34.79 -10.53 27.68
C LEU A 483 33.66 -10.58 28.70
N ASN A 484 34.02 -10.47 29.98
CA ASN A 484 33.05 -10.46 31.08
C ASN A 484 32.69 -9.01 31.37
N LEU A 485 31.52 -8.59 30.92
CA LEU A 485 31.11 -7.21 31.11
C LEU A 485 30.78 -6.90 32.56
N GLN A 486 30.26 -7.88 33.30
CA GLN A 486 29.92 -7.65 34.70
C GLN A 486 31.15 -7.27 35.51
N LYS A 487 32.26 -7.98 35.30
CA LYS A 487 33.48 -7.67 36.04
C LYS A 487 34.12 -6.38 35.57
N PHE A 488 33.97 -6.05 34.29
CA PHE A 488 34.60 -4.85 33.75
C PHE A 488 34.04 -3.59 34.40
N LEU A 489 32.73 -3.54 34.60
CA LEU A 489 32.07 -2.33 35.09
C LEU A 489 32.34 -2.18 36.59
N THR A 490 33.53 -1.69 36.90
CA THR A 490 33.88 -1.38 38.28
C THR A 490 33.27 -0.03 38.68
N ASN A 491 33.18 0.18 39.99
CA ASN A 491 32.58 1.42 40.49
C ASN A 491 33.40 2.63 40.05
N GLU A 492 34.73 2.55 40.14
CA GLU A 492 35.56 3.67 39.74
C GLU A 492 35.39 3.98 38.26
N VAL A 493 35.38 2.94 37.42
CA VAL A 493 35.20 3.15 35.98
C VAL A 493 33.85 3.82 35.72
N LEU A 494 32.81 3.32 36.38
CA LEU A 494 31.47 3.84 36.13
C LEU A 494 31.35 5.30 36.57
N THR A 495 31.89 5.63 37.74
CA THR A 495 31.81 7.02 38.19
C THR A 495 32.63 7.94 37.29
N GLU A 496 33.82 7.50 36.86
CA GLU A 496 34.61 8.33 35.97
C GLU A 496 33.88 8.55 34.64
N LEU A 497 33.25 7.50 34.11
CA LEU A 497 32.53 7.63 32.86
C LEU A 497 31.33 8.56 33.00
N PHE A 498 30.61 8.46 34.12
CA PHE A 498 29.47 9.34 34.33
C PHE A 498 29.90 10.79 34.57
N SER A 499 31.10 11.00 35.11
CA SER A 499 31.52 12.35 35.47
C SER A 499 32.13 13.07 34.27
N THR A 500 33.07 12.43 33.58
CA THR A 500 33.84 13.12 32.56
C THR A 500 33.18 13.08 31.19
N HIS A 501 32.73 11.90 30.75
CA HIS A 501 32.22 11.73 29.40
C HIS A 501 30.72 11.98 29.29
N PHE A 502 30.06 12.41 30.36
CA PHE A 502 28.64 12.72 30.34
C PHE A 502 28.47 14.18 29.93
N SER A 503 27.87 14.41 28.78
CA SER A 503 27.76 15.76 28.24
C SER A 503 27.01 16.67 29.20
N THR A 504 27.53 17.90 29.35
CA THR A 504 26.89 18.86 30.23
C THR A 504 25.53 19.29 29.70
N LEU A 505 25.36 19.30 28.37
CA LEU A 505 24.06 19.64 27.79
C LEU A 505 22.99 18.65 28.23
N VAL A 506 23.30 17.36 28.19
CA VAL A 506 22.34 16.35 28.61
C VAL A 506 22.06 16.46 30.09
N TYR A 507 23.07 16.81 30.89
CA TYR A 507 22.84 17.01 32.31
C TYR A 507 21.91 18.18 32.56
N ARG A 508 22.08 19.27 31.80
CA ARG A 508 21.17 20.41 31.90
C ARG A 508 19.76 20.01 31.52
N ASN A 509 19.61 19.23 30.45
CA ASN A 509 18.29 18.77 30.04
C ASN A 509 17.66 17.90 31.12
N LEU A 510 18.45 17.03 31.74
CA LEU A 510 17.93 16.19 32.81
C LEU A 510 17.52 17.02 34.02
N GLN A 511 18.30 18.06 34.34
CA GLN A 511 17.91 18.96 35.42
C GLN A 511 16.58 19.64 35.11
N ILE A 512 16.41 20.10 33.86
CA ILE A 512 15.16 20.74 33.48
C ILE A 512 14.00 19.77 33.63
N ALA A 513 14.17 18.54 33.16
CA ALA A 513 13.10 17.55 33.27
C ALA A 513 12.78 17.24 34.72
N LYS A 514 13.81 17.09 35.55
CA LYS A 514 13.59 16.80 36.96
C LYS A 514 12.84 17.93 37.65
N ASN A 515 13.21 19.18 37.36
CA ASN A 515 12.56 20.31 38.02
C ASN A 515 11.14 20.49 37.54
N SER A 516 10.89 20.32 36.24
CA SER A 516 9.57 20.57 35.67
C SER A 516 8.73 19.30 35.61
N TYR A 517 9.22 18.28 34.90
CA TYR A 517 8.46 17.05 34.67
C TYR A 517 9.00 15.96 35.59
N ASN A 518 8.65 16.07 36.87
CA ASN A 518 9.11 15.09 37.84
C ASN A 518 8.27 13.82 37.73
N ASP A 519 8.87 12.71 38.17
CA ASP A 519 8.21 11.41 38.09
C ASP A 519 8.81 10.49 39.14
N ALA A 520 8.07 9.42 39.45
CA ALA A 520 8.54 8.45 40.42
C ALA A 520 9.77 7.70 39.92
N LEU A 521 10.02 7.68 38.61
CA LEU A 521 11.16 7.00 38.03
C LEU A 521 12.33 7.94 37.75
N LEU A 522 12.06 9.09 37.13
CA LEU A 522 13.14 10.00 36.77
C LEU A 522 13.93 10.46 38.00
N THR A 523 13.26 10.56 39.15
CA THR A 523 13.98 10.90 40.38
C THR A 523 15.00 9.83 40.73
N PHE A 524 14.65 8.56 40.51
CA PHE A 524 15.57 7.47 40.83
C PHE A 524 16.82 7.56 39.97
N VAL A 525 16.66 7.76 38.67
CA VAL A 525 17.83 7.84 37.79
C VAL A 525 18.62 9.10 38.10
N TRP A 526 17.95 10.19 38.45
CA TRP A 526 18.68 11.40 38.84
C TRP A 526 19.53 11.16 40.08
N LYS A 527 18.97 10.48 41.08
CA LYS A 527 19.74 10.17 42.27
C LYS A 527 20.92 9.27 41.95
N LEU A 528 20.70 8.27 41.09
CA LEU A 528 21.79 7.37 40.70
C LEU A 528 22.89 8.14 39.99
N VAL A 529 22.52 9.03 39.08
CA VAL A 529 23.50 9.82 38.34
C VAL A 529 24.27 10.72 39.30
N ALA A 530 23.57 11.35 40.24
CA ALA A 530 24.26 12.20 41.20
C ALA A 530 25.23 11.39 42.05
N ASN A 531 24.82 10.19 42.46
CA ASN A 531 25.69 9.35 43.26
C ASN A 531 26.95 8.97 42.49
N PHE A 532 26.80 8.60 41.22
CA PHE A 532 27.96 8.20 40.43
C PHE A 532 28.80 9.41 40.02
N ARG A 533 28.22 10.61 40.01
CA ARG A 533 28.93 11.79 39.55
C ARG A 533 29.72 12.44 40.68
N ARG A 534 29.12 12.53 41.88
CA ARG A 534 29.83 13.11 43.01
C ARG A 534 30.91 12.17 43.53
N SER A 535 30.63 10.87 43.56
CA SER A 535 31.57 9.88 44.06
C SER A 535 31.41 8.56 43.34
N THR A 558 28.17 -0.95 41.64
CA THR A 558 26.83 -0.88 42.23
C THR A 558 26.12 -2.22 42.11
N ARG A 559 24.87 -2.27 42.57
CA ARG A 559 24.11 -3.50 42.52
C ARG A 559 23.85 -3.95 41.09
N HIS A 560 23.53 -3.00 40.20
CA HIS A 560 23.17 -3.29 38.82
C HIS A 560 23.99 -2.42 37.89
N PRO A 561 25.28 -2.73 37.71
CA PRO A 561 26.08 -1.91 36.79
C PRO A 561 25.57 -1.90 35.37
N LEU A 562 25.01 -3.03 34.91
CA LEU A 562 24.49 -3.09 33.55
C LEU A 562 23.35 -2.12 33.36
N GLN A 563 22.46 -2.01 34.35
CA GLN A 563 21.35 -1.06 34.25
C GLN A 563 21.87 0.37 34.19
N ALA A 564 22.88 0.68 34.99
CA ALA A 564 23.45 2.02 34.95
C ALA A 564 24.06 2.33 33.59
N LEU A 565 24.77 1.35 33.01
CA LEU A 565 25.36 1.56 31.70
C LEU A 565 24.28 1.75 30.64
N PHE A 566 23.21 0.96 30.73
CA PHE A 566 22.11 1.11 29.78
C PHE A 566 21.47 2.49 29.90
N ILE A 567 21.30 2.97 31.14
CA ILE A 567 20.75 4.29 31.34
C ILE A 567 21.67 5.35 30.75
N TRP A 568 22.98 5.20 30.96
CA TRP A 568 23.93 6.16 30.40
C TRP A 568 23.83 6.18 28.88
N ALA A 569 23.75 5.01 28.26
CA ALA A 569 23.63 4.96 26.80
C ALA A 569 22.32 5.59 26.34
N ILE A 570 21.24 5.38 27.07
CA ILE A 570 19.94 5.89 26.66
C ILE A 570 19.92 7.41 26.74
N LEU A 571 20.41 7.96 27.86
CA LEU A 571 20.31 9.40 28.07
C LEU A 571 21.02 10.19 26.98
N GLN A 572 22.01 9.59 26.33
CA GLN A 572 22.76 10.24 25.26
C GLN A 572 22.26 9.82 23.88
N ASN A 573 21.11 9.14 23.82
CA ASN A 573 20.50 8.77 22.54
C ASN A 573 21.45 7.96 21.66
N LYS A 574 22.17 7.03 22.28
CA LYS A 574 23.00 6.08 21.55
C LYS A 574 22.16 4.83 21.30
N LYS A 575 21.84 4.57 20.02
CA LYS A 575 20.92 3.50 19.69
C LYS A 575 21.62 2.15 19.70
N GLU A 576 22.63 1.97 18.84
CA GLU A 576 23.26 0.67 18.70
C GLU A 576 23.91 0.22 20.01
N LEU A 577 24.61 1.14 20.68
CA LEU A 577 25.24 0.79 21.95
C LEU A 577 24.19 0.40 22.98
N SER A 578 23.06 1.12 23.01
CA SER A 578 22.00 0.79 23.94
C SER A 578 21.44 -0.60 23.67
N LYS A 579 21.24 -0.94 22.39
CA LYS A 579 20.76 -2.29 22.06
C LYS A 579 21.78 -3.34 22.49
N VAL A 580 23.06 -3.08 22.25
CA VAL A 580 24.09 -4.06 22.61
C VAL A 580 24.09 -4.28 24.11
N ILE A 581 24.01 -3.21 24.89
CA ILE A 581 23.97 -3.36 26.34
C ILE A 581 22.68 -4.05 26.77
N TRP A 582 21.57 -3.77 26.09
CA TRP A 582 20.29 -4.38 26.46
C TRP A 582 20.33 -5.88 26.24
N GLU A 583 20.98 -6.33 25.17
CA GLU A 583 21.06 -7.76 24.92
C GLU A 583 21.68 -8.53 26.08
N GLN A 584 22.50 -7.87 26.89
CA GLN A 584 23.15 -8.51 28.02
C GLN A 584 22.38 -8.38 29.32
N THR A 585 21.32 -7.58 29.36
CA THR A 585 20.59 -7.36 30.60
C THR A 585 19.71 -8.55 30.93
N LYS A 586 19.38 -8.67 32.22
CA LYS A 586 18.49 -9.74 32.67
C LYS A 586 17.03 -9.35 32.46
N GLY A 587 16.59 -8.27 33.09
CA GLY A 587 15.22 -7.80 32.92
C GLY A 587 15.06 -7.08 31.60
N CYS A 588 15.10 -7.85 30.51
CA CYS A 588 15.14 -7.25 29.18
C CYS A 588 13.89 -6.44 28.89
N THR A 589 12.71 -7.05 29.07
CA THR A 589 11.47 -6.34 28.80
C THR A 589 11.24 -5.22 29.81
N LEU A 590 11.56 -5.49 31.08
CA LEU A 590 11.45 -4.44 32.10
C LEU A 590 12.37 -3.28 31.77
N ALA A 591 13.60 -3.58 31.36
CA ALA A 591 14.54 -2.52 30.99
C ALA A 591 14.03 -1.74 29.79
N ALA A 592 13.44 -2.43 28.81
CA ALA A 592 12.90 -1.73 27.66
C ALA A 592 11.76 -0.80 28.05
N LEU A 593 10.85 -1.27 28.91
CA LEU A 593 9.76 -0.43 29.37
C LEU A 593 10.28 0.79 30.11
N GLY A 594 11.25 0.57 31.00
CA GLY A 594 11.81 1.70 31.74
C GLY A 594 12.50 2.69 30.84
N ALA A 595 13.23 2.20 29.84
CA ALA A 595 13.89 3.09 28.89
C ALA A 595 12.86 3.88 28.09
N SER A 596 11.77 3.23 27.69
CA SER A 596 10.72 3.93 26.95
C SER A 596 10.13 5.05 27.79
N LYS A 597 9.83 4.76 29.06
CA LYS A 597 9.26 5.79 29.92
C LYS A 597 10.24 6.93 30.13
N LEU A 598 11.51 6.61 30.38
CA LEU A 598 12.51 7.64 30.61
C LEU A 598 12.69 8.51 29.38
N LEU A 599 12.75 7.90 28.20
CA LEU A 599 12.91 8.66 26.98
C LEU A 599 11.68 9.53 26.70
N LYS A 600 10.49 9.01 26.98
CA LYS A 600 9.28 9.80 26.78
C LYS A 600 9.26 11.02 27.70
N THR A 601 9.60 10.82 28.97
CA THR A 601 9.60 11.96 29.89
C THR A 601 10.73 12.93 29.59
N LEU A 602 11.81 12.44 28.97
CA LEU A 602 12.88 13.35 28.55
C LEU A 602 12.50 14.15 27.32
N ALA A 603 11.76 13.53 26.40
CA ALA A 603 11.36 14.19 25.17
C ALA A 603 10.30 15.26 25.41
N LYS A 604 9.51 15.13 26.47
CA LYS A 604 8.51 16.15 26.76
C LYS A 604 9.14 17.49 27.06
N VAL A 605 10.45 17.52 27.35
CA VAL A 605 11.15 18.79 27.48
C VAL A 605 11.23 19.46 26.12
N LYS A 606 11.49 20.77 26.14
CA LYS A 606 11.48 21.57 24.92
C LYS A 606 12.72 22.46 24.80
N ASN A 607 13.81 22.12 25.49
CA ASN A 607 15.04 22.89 25.33
C ASN A 607 15.58 22.77 23.91
N ASP A 608 15.58 21.56 23.35
CA ASP A 608 16.01 21.33 21.99
C ASP A 608 15.09 20.29 21.35
N ILE A 609 14.66 20.59 20.12
CA ILE A 609 13.66 19.76 19.45
C ILE A 609 14.29 18.47 18.93
N ASN A 610 15.48 18.57 18.34
CA ASN A 610 16.06 17.42 17.66
C ASN A 610 16.31 16.27 18.63
N ALA A 611 16.91 16.56 19.78
CA ALA A 611 17.18 15.51 20.75
C ALA A 611 15.89 14.90 21.27
N ALA A 612 14.87 15.74 21.52
CA ALA A 612 13.60 15.22 22.00
C ALA A 612 12.97 14.29 20.98
N GLY A 613 13.00 14.65 19.70
CA GLY A 613 12.44 13.78 18.68
C GLY A 613 13.20 12.48 18.56
N GLU A 614 14.54 12.56 18.62
CA GLU A 614 15.34 11.34 18.59
C GLU A 614 14.99 10.42 19.75
N SER A 615 14.87 10.99 20.95
CA SER A 615 14.51 10.20 22.12
C SER A 615 13.12 9.60 21.97
N GLU A 616 12.18 10.36 21.40
CA GLU A 616 10.83 9.85 21.23
C GLU A 616 10.80 8.66 20.27
N GLU A 617 11.51 8.77 19.15
CA GLU A 617 11.55 7.64 18.22
C GLU A 617 12.24 6.43 18.84
N LEU A 618 13.32 6.66 19.60
CA LEU A 618 13.98 5.56 20.28
C LEU A 618 13.05 4.90 21.29
N ALA A 619 12.27 5.71 22.00
CA ALA A 619 11.32 5.17 22.97
C ALA A 619 10.28 4.31 22.28
N ASN A 620 9.74 4.78 21.15
CA ASN A 620 8.78 3.97 20.41
C ASN A 620 9.40 2.66 19.95
N GLU A 621 10.66 2.73 19.49
CA GLU A 621 11.36 1.52 19.06
C GLU A 621 11.50 0.52 20.19
N TYR A 622 11.90 1.00 21.38
CA TYR A 622 12.06 0.10 22.51
C TYR A 622 10.72 -0.46 22.98
N GLU A 623 9.67 0.35 22.93
CA GLU A 623 8.34 -0.14 23.26
C GLU A 623 7.92 -1.26 22.32
N THR A 624 8.16 -1.07 21.03
CA THR A 624 7.83 -2.12 20.06
C THR A 624 8.64 -3.38 20.34
N ARG A 625 9.93 -3.22 20.65
CA ARG A 625 10.75 -4.38 20.97
C ARG A 625 10.19 -5.14 22.16
N ALA A 626 9.84 -4.42 23.22
CA ALA A 626 9.30 -5.08 24.40
C ALA A 626 7.99 -5.78 24.09
N VAL A 627 7.11 -5.13 23.33
CA VAL A 627 5.84 -5.73 22.99
C VAL A 627 6.04 -7.03 22.23
N GLU A 628 6.88 -7.01 21.20
CA GLU A 628 7.12 -8.21 20.42
C GLU A 628 7.75 -9.31 21.26
N LEU A 629 8.73 -8.94 22.10
CA LEU A 629 9.40 -9.94 22.90
C LEU A 629 8.44 -10.61 23.87
N PHE A 630 7.59 -9.82 24.52
CA PHE A 630 6.66 -10.42 25.47
C PHE A 630 5.56 -11.19 24.75
N THR A 631 5.17 -10.78 23.55
CA THR A 631 4.21 -11.57 22.78
C THR A 631 4.78 -12.94 22.48
N GLU A 632 6.03 -13.00 22.01
CA GLU A 632 6.68 -14.28 21.78
C GLU A 632 6.81 -15.07 23.08
N CYS A 633 7.16 -14.39 24.17
CA CYS A 633 7.33 -15.05 25.46
C CYS A 633 6.04 -15.70 25.93
N TYR A 634 4.92 -15.00 25.77
CA TYR A 634 3.63 -15.55 26.16
C TYR A 634 3.20 -16.67 25.22
N SER A 635 3.52 -16.54 23.93
CA SER A 635 3.18 -17.60 22.99
C SER A 635 3.90 -18.89 23.33
N ASN A 636 5.18 -18.79 23.69
CA ASN A 636 5.93 -19.99 24.04
C ASN A 636 5.38 -20.65 25.29
N ASP A 637 5.07 -19.86 26.31
CA ASP A 637 4.54 -20.39 27.56
C ASP A 637 3.68 -19.31 28.21
N GLU A 638 2.80 -19.76 29.10
CA GLU A 638 1.80 -18.88 29.72
C GLU A 638 2.14 -18.56 31.17
N ASP A 639 2.31 -19.59 32.02
CA ASP A 639 2.52 -19.34 33.44
C ASP A 639 3.79 -18.56 33.69
N LEU A 640 4.89 -18.94 33.03
CA LEU A 640 6.15 -18.25 33.24
C LEU A 640 6.07 -16.79 32.82
N ALA A 641 5.37 -16.52 31.73
CA ALA A 641 5.21 -15.14 31.28
C ALA A 641 4.49 -14.31 32.32
N GLU A 642 3.42 -14.85 32.91
CA GLU A 642 2.70 -14.13 33.95
C GLU A 642 3.57 -13.91 35.18
N GLN A 643 4.33 -14.93 35.57
CA GLN A 643 5.22 -14.78 36.72
C GLN A 643 6.24 -13.68 36.47
N LEU A 644 6.81 -13.63 35.26
CA LEU A 644 7.76 -12.59 34.93
C LEU A 644 7.11 -11.22 34.93
N LEU A 645 5.91 -11.13 34.37
CA LEU A 645 5.22 -9.84 34.29
C LEU A 645 4.93 -9.29 35.68
N VAL A 646 4.41 -10.14 36.57
CA VAL A 646 4.14 -9.70 37.94
C VAL A 646 5.38 -9.63 38.79
N TYR A 647 6.50 -10.20 38.33
CA TYR A 647 7.71 -10.26 39.13
C TYR A 647 8.32 -8.87 39.30
N SER A 648 8.77 -8.59 40.51
CA SER A 648 9.49 -7.36 40.82
C SER A 648 10.97 -7.67 40.93
N CYS A 649 11.79 -6.87 40.24
CA CYS A 649 13.22 -7.13 40.14
C CYS A 649 13.92 -6.67 41.41
N GLU A 650 15.26 -6.68 41.39
CA GLU A 650 16.06 -6.17 42.49
C GLU A 650 16.22 -4.65 42.37
N ALA A 651 15.06 -3.98 42.28
CA ALA A 651 14.99 -2.52 42.24
C ALA A 651 15.71 -1.95 41.02
N TRP A 652 15.22 -2.35 39.83
CA TRP A 652 15.60 -1.63 38.61
C TRP A 652 15.14 -0.18 38.71
N GLY A 653 13.86 0.01 39.01
CA GLY A 653 13.32 1.33 39.28
C GLY A 653 12.28 1.28 40.37
N GLY A 654 12.28 0.19 41.14
CA GLY A 654 11.29 0.00 42.18
C GLY A 654 9.91 -0.37 41.68
N SER A 655 9.81 -0.95 40.47
CA SER A 655 8.53 -1.28 39.88
C SER A 655 8.69 -2.45 38.94
N ASN A 656 7.55 -3.06 38.58
CA ASN A 656 7.52 -4.18 37.66
C ASN A 656 7.19 -3.69 36.25
N CYS A 657 7.08 -4.63 35.32
CA CYS A 657 6.78 -4.27 33.94
C CYS A 657 5.41 -3.61 33.83
N LEU A 658 4.41 -4.15 34.53
CA LEU A 658 3.06 -3.63 34.41
C LEU A 658 2.97 -2.20 34.93
N GLU A 659 3.61 -1.92 36.07
CA GLU A 659 3.55 -0.58 36.63
C GLU A 659 4.20 0.43 35.70
N LEU A 660 5.36 0.10 35.13
CA LEU A 660 6.00 1.01 34.19
C LEU A 660 5.14 1.20 32.95
N ALA A 661 4.55 0.13 32.44
CA ALA A 661 3.73 0.25 31.23
C ALA A 661 2.54 1.16 31.47
N VAL A 662 1.87 1.01 32.62
CA VAL A 662 0.71 1.85 32.90
C VAL A 662 1.15 3.29 33.16
N GLU A 663 2.27 3.47 33.86
CA GLU A 663 2.76 4.82 34.15
C GLU A 663 3.12 5.54 32.86
N ALA A 664 3.70 4.85 31.90
CA ALA A 664 4.05 5.43 30.61
C ALA A 664 2.87 5.50 29.67
N THR A 665 1.68 5.05 30.09
CA THR A 665 0.51 5.04 29.24
C THR A 665 0.76 4.26 27.95
N ASP A 666 1.48 3.14 28.08
CA ASP A 666 1.79 2.28 26.95
C ASP A 666 0.57 1.42 26.65
N GLN A 667 -0.43 2.05 26.05
CA GLN A 667 -1.68 1.36 25.76
C GLN A 667 -1.45 0.16 24.85
N HIS A 668 -0.49 0.24 23.93
CA HIS A 668 -0.26 -0.85 23.00
C HIS A 668 0.23 -2.10 23.72
N PHE A 669 1.12 -1.95 24.69
CA PHE A 669 1.70 -3.10 25.35
C PHE A 669 0.68 -3.80 26.24
N ILE A 670 -0.06 -3.04 27.03
CA ILE A 670 -0.99 -3.63 27.99
C ILE A 670 -2.28 -4.09 27.34
N ALA A 671 -2.47 -3.81 26.06
CA ALA A 671 -3.65 -4.24 25.33
C ALA A 671 -3.42 -5.57 24.59
N GLN A 672 -2.26 -6.18 24.74
CA GLN A 672 -1.97 -7.41 24.04
C GLN A 672 -2.80 -8.56 24.60
N PRO A 673 -3.05 -9.60 23.80
CA PRO A 673 -3.91 -10.69 24.28
C PRO A 673 -3.41 -11.37 25.54
N GLY A 674 -2.09 -11.53 25.69
CA GLY A 674 -1.57 -12.19 26.87
C GLY A 674 -1.86 -11.41 28.15
N VAL A 675 -1.62 -10.10 28.11
CA VAL A 675 -1.87 -9.28 29.29
C VAL A 675 -3.36 -9.25 29.60
N GLN A 676 -4.20 -9.14 28.58
CA GLN A 676 -5.64 -9.14 28.81
C GLN A 676 -6.10 -10.46 29.40
N ASN A 677 -5.52 -11.57 28.93
CA ASN A 677 -5.87 -12.88 29.51
C ASN A 677 -5.45 -12.95 30.97
N PHE A 678 -4.27 -12.44 31.28
CA PHE A 678 -3.82 -12.42 32.67
C PHE A 678 -4.77 -11.59 33.54
N LEU A 679 -5.17 -10.43 33.04
CA LEU A 679 -6.11 -9.59 33.79
C LEU A 679 -7.44 -10.29 33.98
N SER A 680 -7.93 -10.98 32.94
CA SER A 680 -9.19 -11.69 33.05
C SER A 680 -9.10 -12.82 34.07
N LYS A 681 -7.98 -13.54 34.06
CA LYS A 681 -7.78 -14.60 35.05
C LYS A 681 -7.78 -14.03 36.46
N GLN A 682 -7.12 -12.89 36.65
CA GLN A 682 -7.12 -12.25 37.96
C GLN A 682 -8.53 -11.80 38.35
N TRP A 683 -9.28 -11.29 37.39
CA TRP A 683 -10.62 -10.76 37.67
C TRP A 683 -11.59 -11.87 38.05
N TYR A 684 -11.63 -12.95 37.26
CA TYR A 684 -12.50 -14.06 37.58
C TYR A 684 -12.00 -14.84 38.79
N GLY A 685 -10.68 -14.87 39.00
CA GLY A 685 -10.12 -15.59 40.12
C GLY A 685 -10.21 -17.09 39.96
N GLU A 686 -10.52 -17.78 41.05
CA GLU A 686 -10.59 -19.24 41.00
C GLU A 686 -11.73 -19.73 40.12
N ILE A 687 -12.71 -18.88 39.83
CA ILE A 687 -13.80 -19.29 38.97
C ILE A 687 -13.28 -19.63 37.59
N SER A 688 -13.95 -20.56 36.92
CA SER A 688 -13.55 -20.93 35.57
C SER A 688 -13.73 -19.75 34.62
N ARG A 689 -12.74 -19.55 33.75
CA ARG A 689 -12.77 -18.41 32.84
C ARG A 689 -13.88 -18.55 31.80
N ASP A 690 -14.22 -19.76 31.40
CA ASP A 690 -15.07 -20.00 30.25
C ASP A 690 -16.54 -20.24 30.60
N THR A 691 -16.90 -20.25 31.87
CA THR A 691 -18.29 -20.50 32.24
C THR A 691 -19.17 -19.30 31.87
N LYS A 692 -20.41 -19.60 31.50
CA LYS A 692 -21.33 -18.57 31.07
C LYS A 692 -21.69 -17.64 32.24
N ASN A 693 -21.94 -16.37 31.92
CA ASN A 693 -22.15 -15.36 32.94
C ASN A 693 -23.48 -15.56 33.67
N TRP A 694 -24.55 -15.87 32.94
CA TRP A 694 -25.85 -16.00 33.58
C TRP A 694 -25.83 -17.08 34.65
N LYS A 695 -25.03 -18.13 34.45
CA LYS A 695 -24.86 -19.13 35.49
C LYS A 695 -24.31 -18.51 36.77
N ILE A 696 -23.29 -17.65 36.62
CA ILE A 696 -22.70 -17.00 37.78
C ILE A 696 -23.71 -16.08 38.44
N ILE A 697 -24.52 -15.38 37.65
CA ILE A 697 -25.52 -14.48 38.21
C ILE A 697 -26.55 -15.26 39.03
N LEU A 698 -27.05 -16.37 38.46
CA LEU A 698 -28.01 -17.19 39.18
C LEU A 698 -27.41 -17.76 40.46
N CYS A 699 -26.15 -18.20 40.39
CA CYS A 699 -25.48 -18.68 41.59
C CYS A 699 -25.33 -17.57 42.62
N LEU A 700 -25.09 -16.34 42.18
CA LEU A 700 -24.98 -15.21 43.09
C LEU A 700 -26.30 -14.97 43.81
N PHE A 701 -27.39 -14.86 43.05
CA PHE A 701 -28.68 -14.62 43.69
C PHE A 701 -29.13 -15.81 44.52
N ILE A 702 -28.87 -17.02 44.03
CA ILE A 702 -29.29 -18.25 44.71
C ILE A 702 -28.05 -18.91 45.28
N ILE A 703 -27.87 -18.79 46.59
CA ILE A 703 -26.71 -19.33 47.30
C ILE A 703 -26.66 -20.85 47.18
N PRO A 704 -27.75 -21.57 47.50
CA PRO A 704 -27.63 -23.05 47.54
C PRO A 704 -27.22 -23.67 46.22
N LEU A 705 -27.59 -23.06 45.09
CA LEU A 705 -27.26 -23.63 43.79
C LEU A 705 -25.77 -23.63 43.50
N VAL A 706 -24.99 -22.84 44.24
CA VAL A 706 -23.57 -22.68 43.91
C VAL A 706 -22.82 -24.00 44.07
N GLY A 707 -23.03 -24.69 45.18
CA GLY A 707 -22.21 -25.84 45.52
C GLY A 707 -22.66 -27.15 44.92
N CYS A 708 -23.77 -27.16 44.19
CA CYS A 708 -24.40 -28.39 43.72
C CYS A 708 -24.70 -28.31 42.24
N GLY A 709 -23.73 -27.88 41.43
CA GLY A 709 -23.94 -27.91 39.99
C GLY A 709 -23.08 -27.01 39.12
N LEU A 710 -23.76 -26.25 38.25
CA LEU A 710 -23.19 -25.65 37.04
C LEU A 710 -22.09 -24.62 37.30
N VAL A 711 -21.62 -24.43 38.53
CA VAL A 711 -20.56 -23.44 38.76
C VAL A 711 -19.31 -23.79 37.96
N SER A 712 -18.93 -25.07 37.93
CA SER A 712 -17.81 -25.54 37.11
C SER A 712 -16.54 -24.76 37.40
N PHE A 713 -16.05 -24.88 38.64
CA PHE A 713 -14.81 -24.23 39.05
C PHE A 713 -13.63 -24.67 38.19
N ARG A 714 -12.66 -23.78 37.99
CA ARG A 714 -11.44 -24.16 37.27
C ARG A 714 -10.65 -25.21 38.04
N LYS A 715 -10.43 -24.98 39.33
CA LYS A 715 -9.64 -25.90 40.14
C LYS A 715 -10.51 -27.00 40.73
N LYS A 723 -12.55 -29.34 48.55
CA LYS A 723 -13.81 -29.93 48.97
C LYS A 723 -14.95 -28.93 48.79
N LEU A 724 -16.15 -29.30 49.25
CA LEU A 724 -17.31 -28.45 49.04
C LEU A 724 -17.13 -27.10 49.73
N LEU A 725 -16.63 -27.11 50.97
CA LEU A 725 -16.34 -25.86 51.66
C LEU A 725 -15.29 -25.06 50.90
N TRP A 726 -14.29 -25.74 50.34
CA TRP A 726 -13.32 -25.07 49.50
C TRP A 726 -14.00 -24.42 48.30
N TYR A 727 -14.93 -25.13 47.66
CA TYR A 727 -15.65 -24.55 46.53
C TYR A 727 -16.38 -23.28 46.95
N TYR A 728 -17.09 -23.34 48.08
CA TYR A 728 -17.87 -22.18 48.50
C TYR A 728 -16.97 -21.00 48.85
N VAL A 729 -15.88 -21.24 49.59
CA VAL A 729 -15.01 -20.14 49.98
C VAL A 729 -14.34 -19.54 48.74
N ALA A 730 -13.95 -20.38 47.78
CA ALA A 730 -13.38 -19.86 46.54
C ALA A 730 -14.39 -19.03 45.79
N PHE A 731 -15.66 -19.47 45.76
CA PHE A 731 -16.69 -18.70 45.08
C PHE A 731 -16.87 -17.33 45.72
N PHE A 732 -16.89 -17.27 47.06
CA PHE A 732 -17.15 -16.02 47.74
C PHE A 732 -15.92 -15.12 47.84
N THR A 733 -14.74 -15.62 47.47
CA THR A 733 -13.54 -14.81 47.44
C THR A 733 -13.19 -14.29 46.06
N SER A 734 -14.02 -14.58 45.05
CA SER A 734 -13.70 -14.16 43.70
C SER A 734 -13.92 -12.66 43.54
N PRO A 735 -13.01 -11.95 42.87
CA PRO A 735 -13.22 -10.51 42.68
C PRO A 735 -14.50 -10.18 41.93
N PHE A 736 -14.87 -11.01 40.94
CA PHE A 736 -16.06 -10.71 40.15
C PHE A 736 -17.32 -10.78 41.00
N VAL A 737 -17.45 -11.83 41.82
CA VAL A 737 -18.59 -11.93 42.70
C VAL A 737 -18.61 -10.78 43.69
N VAL A 738 -17.45 -10.39 44.19
CA VAL A 738 -17.37 -9.26 45.11
C VAL A 738 -17.88 -7.99 44.44
N PHE A 739 -17.46 -7.76 43.20
CA PHE A 739 -17.89 -6.56 42.48
C PHE A 739 -19.39 -6.58 42.25
N SER A 740 -19.94 -7.73 41.87
CA SER A 740 -21.38 -7.82 41.63
C SER A 740 -22.16 -7.55 42.93
N TRP A 741 -21.72 -8.17 44.03
CA TRP A 741 -22.39 -7.95 45.30
C TRP A 741 -22.24 -6.51 45.75
N ASN A 742 -21.11 -5.88 45.43
CA ASN A 742 -20.90 -4.49 45.80
C ASN A 742 -21.80 -3.56 45.02
N VAL A 743 -22.01 -3.83 43.74
CA VAL A 743 -22.93 -2.98 42.97
C VAL A 743 -24.36 -3.18 43.47
N VAL A 744 -24.72 -4.41 43.83
CA VAL A 744 -26.03 -4.65 44.41
C VAL A 744 -26.19 -3.86 45.71
N PHE A 745 -25.18 -3.92 46.57
CA PHE A 745 -25.22 -3.21 47.85
C PHE A 745 -25.29 -1.70 47.62
N TYR A 746 -24.58 -1.21 46.62
CA TYR A 746 -24.60 0.22 46.32
C TYR A 746 -25.97 0.66 45.83
N ILE A 747 -26.62 -0.17 45.02
CA ILE A 747 -27.99 0.13 44.58
C ILE A 747 -28.93 0.18 45.78
N ALA A 748 -28.79 -0.80 46.68
CA ALA A 748 -29.62 -0.80 47.88
C ALA A 748 -29.35 0.45 48.72
N PHE A 749 -28.09 0.85 48.82
CA PHE A 749 -27.72 2.05 49.57
C PHE A 749 -28.36 3.29 48.96
N LEU A 750 -28.32 3.41 47.64
CA LEU A 750 -28.94 4.56 46.98
C LEU A 750 -30.45 4.57 47.18
N LEU A 751 -31.09 3.39 47.12
CA LEU A 751 -32.53 3.34 47.34
C LEU A 751 -32.87 3.77 48.77
N LEU A 752 -32.10 3.29 49.75
CA LEU A 752 -32.32 3.71 51.13
C LEU A 752 -32.06 5.20 51.29
N PHE A 753 -31.06 5.72 50.59
CA PHE A 753 -30.76 7.15 50.65
C PHE A 753 -31.94 7.97 50.15
N ALA A 754 -32.53 7.56 49.02
CA ALA A 754 -33.73 8.22 48.53
C ALA A 754 -34.86 8.12 49.55
N TYR A 755 -35.05 6.93 50.12
CA TYR A 755 -36.14 6.71 51.06
C TYR A 755 -36.03 7.63 52.27
N VAL A 756 -34.81 7.78 52.80
CA VAL A 756 -34.63 8.56 54.01
C VAL A 756 -34.48 10.06 53.76
N LEU A 757 -34.01 10.46 52.58
CA LEU A 757 -33.91 11.87 52.24
C LEU A 757 -35.20 12.43 51.67
N LEU A 758 -36.15 11.58 51.31
CA LEU A 758 -37.36 12.00 50.63
C LEU A 758 -38.61 11.85 51.48
N MET A 759 -38.79 10.70 52.13
CA MET A 759 -40.04 10.39 52.82
C MET A 759 -39.93 10.39 54.34
N ASP A 760 -38.73 10.22 54.90
CA ASP A 760 -38.55 10.13 56.35
C ASP A 760 -37.48 11.15 56.78
N PHE A 761 -37.94 12.31 57.24
CA PHE A 761 -37.04 13.33 57.76
C PHE A 761 -37.78 14.12 58.84
N HIS A 762 -37.09 14.39 59.94
CA HIS A 762 -37.68 15.12 61.06
C HIS A 762 -36.58 15.85 61.80
N SER A 763 -36.98 16.80 62.64
CA SER A 763 -36.02 17.54 63.46
C SER A 763 -35.24 16.61 64.39
N VAL A 764 -35.79 15.44 64.70
CA VAL A 764 -35.11 14.47 65.55
C VAL A 764 -34.56 13.36 64.67
N PRO A 765 -33.44 12.74 65.03
CA PRO A 765 -32.90 11.67 64.19
C PRO A 765 -33.82 10.45 64.14
N HIS A 766 -33.75 9.72 63.02
CA HIS A 766 -34.46 8.46 62.86
C HIS A 766 -33.46 7.38 62.49
N THR A 767 -33.84 6.13 62.76
CA THR A 767 -32.92 5.02 62.57
C THR A 767 -32.39 4.91 61.14
N PRO A 768 -33.19 5.09 60.08
CA PRO A 768 -32.62 4.96 58.74
C PRO A 768 -31.50 5.97 58.49
N GLU A 769 -31.64 7.18 59.03
CA GLU A 769 -30.60 8.19 58.84
C GLU A 769 -29.30 7.76 59.51
N LEU A 770 -29.38 7.21 60.73
CA LEU A 770 -28.18 6.73 61.40
C LEU A 770 -27.55 5.58 60.64
N ILE A 771 -28.37 4.67 60.11
CA ILE A 771 -27.84 3.56 59.31
C ILE A 771 -27.10 4.10 58.09
N LEU A 772 -27.70 5.09 57.42
CA LEU A 772 -27.06 5.69 56.25
C LEU A 772 -25.75 6.36 56.64
N TYR A 773 -25.70 6.96 57.83
CA TYR A 773 -24.45 7.55 58.30
C TYR A 773 -23.36 6.48 58.44
N ALA A 774 -23.72 5.31 58.97
CA ALA A 774 -22.74 4.23 59.06
C ALA A 774 -22.29 3.78 57.67
N LEU A 775 -23.24 3.67 56.74
CA LEU A 775 -22.89 3.22 55.39
C LEU A 775 -21.94 4.20 54.72
N VAL A 776 -22.24 5.50 54.81
CA VAL A 776 -21.38 6.51 54.20
C VAL A 776 -20.02 6.54 54.90
N PHE A 777 -20.00 6.28 56.21
CA PHE A 777 -18.72 6.18 56.90
C PHE A 777 -17.90 5.01 56.37
N VAL A 778 -18.55 3.89 56.07
CA VAL A 778 -17.85 2.76 55.47
C VAL A 778 -17.26 3.17 54.12
N LEU A 779 -18.06 3.86 53.31
CA LEU A 779 -17.57 4.33 52.02
C LEU A 779 -16.37 5.24 52.19
N PHE A 780 -16.43 6.14 53.18
CA PHE A 780 -15.33 7.06 53.42
C PHE A 780 -14.08 6.32 53.87
N CYS A 781 -14.25 5.28 54.70
CA CYS A 781 -13.11 4.49 55.14
C CYS A 781 -12.45 3.81 53.95
N ASP A 782 -13.26 3.25 53.05
CA ASP A 782 -12.69 2.64 51.85
C ASP A 782 -11.97 3.68 51.00
N GLU A 783 -12.55 4.89 50.89
CA GLU A 783 -11.92 5.94 50.09
C GLU A 783 -10.57 6.34 50.67
N VAL A 784 -10.49 6.51 51.99
CA VAL A 784 -9.22 6.89 52.60
C VAL A 784 -8.21 5.75 52.47
N ARG A 785 -8.67 4.50 52.56
CA ARG A 785 -7.78 3.38 52.26
C ARG A 785 -7.20 3.51 50.86
N GLN A 786 -8.05 3.88 49.89
CA GLN A 786 -7.57 4.10 48.54
C GLN A 786 -6.52 5.21 48.49
N TRP A 787 -6.79 6.31 49.20
CA TRP A 787 -5.89 7.47 49.16
C TRP A 787 -4.55 7.13 49.81
N TYR A 788 -4.53 6.14 50.69
CA TYR A 788 -3.30 5.83 51.43
C TYR A 788 -2.18 5.41 50.48
N MET A 789 -2.52 4.83 49.34
CA MET A 789 -1.53 4.33 48.38
C MET A 789 -1.44 5.28 47.19
N ASN A 790 -0.23 5.75 46.90
CA ASN A 790 0.01 6.67 45.78
C ASN A 790 -0.99 7.81 45.80
N GLY A 791 -0.91 8.64 46.85
CA GLY A 791 -1.89 9.70 47.01
C GLY A 791 -1.92 10.64 45.83
N VAL A 792 -0.76 11.10 45.38
CA VAL A 792 -0.71 12.02 44.25
C VAL A 792 -1.24 11.35 42.98
N ASN A 793 -0.73 10.15 42.68
CA ASN A 793 -1.20 9.45 41.50
C ASN A 793 -2.66 9.01 41.65
N TYR A 794 -3.08 8.66 42.86
CA TYR A 794 -4.48 8.31 43.08
C TYR A 794 -5.39 9.49 42.79
N PHE A 795 -5.01 10.69 43.25
CA PHE A 795 -5.79 11.88 42.94
C PHE A 795 -5.69 12.26 41.47
N THR A 796 -4.61 11.85 40.79
CA THR A 796 -4.49 12.13 39.36
C THR A 796 -5.59 11.46 38.56
N ASP A 797 -6.18 10.39 39.09
CA ASP A 797 -7.22 9.68 38.37
C ASP A 797 -8.46 10.55 38.21
N LEU A 798 -9.19 10.35 37.11
CA LEU A 798 -10.37 11.16 36.83
C LEU A 798 -11.49 10.83 37.81
N TRP A 799 -11.93 9.56 37.82
CA TRP A 799 -13.01 9.15 38.72
C TRP A 799 -12.64 9.41 40.17
N ASN A 800 -11.35 9.36 40.49
CA ASN A 800 -10.90 9.67 41.85
C ASN A 800 -11.28 11.09 42.22
N VAL A 801 -11.15 12.03 41.29
CA VAL A 801 -11.51 13.42 41.58
C VAL A 801 -12.98 13.50 41.97
N MET A 802 -13.85 12.86 41.19
CA MET A 802 -15.28 12.95 41.46
C MET A 802 -15.63 12.30 42.80
N ASP A 803 -15.14 11.08 43.03
CA ASP A 803 -15.50 10.39 44.27
C ASP A 803 -14.93 11.12 45.49
N THR A 804 -13.70 11.63 45.40
CA THR A 804 -13.14 12.40 46.50
C THR A 804 -13.95 13.66 46.76
N LEU A 805 -14.37 14.35 45.70
CA LEU A 805 -15.15 15.57 45.87
C LEU A 805 -16.47 15.27 46.57
N GLY A 806 -17.11 14.15 46.23
CA GLY A 806 -18.41 13.85 46.82
C GLY A 806 -18.38 13.81 48.33
N LEU A 807 -17.30 13.28 48.90
CA LEU A 807 -17.24 13.09 50.35
C LEU A 807 -17.30 14.41 51.10
N PHE A 808 -16.58 15.43 50.62
CA PHE A 808 -16.57 16.71 51.31
C PHE A 808 -17.96 17.32 51.35
N TYR A 809 -18.66 17.30 50.20
CA TYR A 809 -20.01 17.83 50.16
C TYR A 809 -20.94 17.05 51.10
N PHE A 810 -20.82 15.72 51.09
CA PHE A 810 -21.69 14.92 51.95
C PHE A 810 -21.46 15.27 53.42
N ILE A 811 -20.19 15.36 53.82
CA ILE A 811 -19.90 15.60 55.24
C ILE A 811 -20.35 17.01 55.62
N ALA A 812 -20.17 17.99 54.73
CA ALA A 812 -20.66 19.33 55.01
C ALA A 812 -22.17 19.33 55.21
N GLY A 813 -22.90 18.65 54.32
CA GLY A 813 -24.34 18.57 54.46
C GLY A 813 -24.75 17.89 55.75
N ILE A 814 -24.07 16.80 56.11
CA ILE A 814 -24.39 16.08 57.33
C ILE A 814 -24.16 16.97 58.55
N VAL A 815 -23.07 17.72 58.55
CA VAL A 815 -22.80 18.63 59.66
C VAL A 815 -23.89 19.69 59.75
N PHE A 816 -24.31 20.23 58.61
CA PHE A 816 -25.35 21.25 58.62
C PHE A 816 -26.69 20.69 59.10
N ARG A 817 -27.00 19.44 58.76
CA ARG A 817 -28.30 18.88 59.13
C ARG A 817 -28.48 18.81 60.64
N LEU A 818 -27.41 18.44 61.37
CA LEU A 818 -27.55 18.17 62.79
C LEU A 818 -28.15 19.36 63.54
N HIS A 819 -27.91 20.57 63.07
CA HIS A 819 -28.41 21.77 63.74
C HIS A 819 -29.89 21.91 63.46
N SER A 820 -30.72 21.43 64.40
CA SER A 820 -32.17 21.45 64.23
C SER A 820 -32.79 22.76 64.68
N SER A 821 -32.08 23.55 65.48
CA SER A 821 -32.66 24.79 66.00
C SER A 821 -33.01 25.77 64.89
N ASN A 822 -32.18 25.84 63.86
CA ASN A 822 -32.37 26.79 62.76
C ASN A 822 -33.07 26.07 61.60
N LYS A 823 -34.23 26.59 61.20
CA LYS A 823 -34.98 26.00 60.09
C LYS A 823 -34.22 26.14 58.78
N SER A 824 -33.61 27.30 58.56
CA SER A 824 -32.88 27.53 57.31
C SER A 824 -31.71 26.57 57.17
N SER A 825 -31.04 26.26 58.28
CA SER A 825 -29.97 25.27 58.23
C SER A 825 -30.48 23.91 57.79
N LEU A 826 -31.65 23.51 58.30
CA LEU A 826 -32.26 22.25 57.90
C LEU A 826 -32.56 22.26 56.40
N TYR A 827 -33.13 23.36 55.91
CA TYR A 827 -33.45 23.47 54.49
C TYR A 827 -32.19 23.33 53.64
N SER A 828 -31.14 24.07 54.01
CA SER A 828 -29.89 24.01 53.25
C SER A 828 -29.30 22.61 53.29
N GLY A 829 -29.36 21.95 54.45
CA GLY A 829 -28.84 20.60 54.56
C GLY A 829 -29.58 19.63 53.65
N ARG A 830 -30.90 19.75 53.61
CA ARG A 830 -31.67 18.86 52.72
C ARG A 830 -31.33 19.11 51.26
N VAL A 831 -31.16 20.38 50.87
CA VAL A 831 -30.77 20.67 49.49
C VAL A 831 -29.40 20.06 49.19
N ILE A 832 -28.46 20.20 50.12
CA ILE A 832 -27.13 19.64 49.92
C ILE A 832 -27.21 18.11 49.81
N PHE A 833 -28.11 17.49 50.57
CA PHE A 833 -28.33 16.06 50.45
C PHE A 833 -28.83 15.69 49.06
N CYS A 834 -29.71 16.52 48.50
CA CYS A 834 -30.18 16.28 47.13
C CYS A 834 -29.01 16.34 46.15
N LEU A 835 -28.16 17.34 46.29
CA LEU A 835 -26.96 17.41 45.44
C LEU A 835 -26.09 16.18 45.62
N ASP A 836 -25.98 15.69 46.86
CA ASP A 836 -25.21 14.49 47.14
C ASP A 836 -25.80 13.29 46.40
N TYR A 837 -27.12 13.17 46.40
CA TYR A 837 -27.76 12.09 45.64
C TYR A 837 -27.40 12.20 44.17
N ILE A 838 -27.45 13.42 43.63
CA ILE A 838 -27.12 13.60 42.21
C ILE A 838 -25.72 13.10 41.92
N ILE A 839 -24.74 13.50 42.75
CA ILE A 839 -23.36 13.14 42.47
C ILE A 839 -23.16 11.63 42.62
N PHE A 840 -23.79 11.02 43.62
CA PHE A 840 -23.64 9.58 43.77
C PHE A 840 -24.25 8.82 42.60
N THR A 841 -25.42 9.26 42.11
CA THR A 841 -26.00 8.61 40.95
C THR A 841 -25.12 8.79 39.72
N LEU A 842 -24.48 9.96 39.58
CA LEU A 842 -23.49 10.14 38.53
C LEU A 842 -22.37 9.11 38.66
N ARG A 843 -21.89 8.91 39.90
CA ARG A 843 -20.83 7.94 40.13
C ARG A 843 -21.26 6.54 39.69
N LEU A 844 -22.49 6.16 40.01
CA LEU A 844 -22.94 4.79 39.77
C LEU A 844 -22.68 4.29 38.36
N ILE A 845 -22.42 5.21 37.42
CA ILE A 845 -22.24 4.82 36.03
C ILE A 845 -20.92 4.10 35.79
N HIS A 846 -19.98 4.16 36.75
CA HIS A 846 -18.64 3.61 36.51
C HIS A 846 -18.66 2.11 36.27
N ILE A 847 -19.73 1.41 36.65
CA ILE A 847 -19.72 -0.05 36.61
C ILE A 847 -19.60 -0.56 35.18
N PHE A 848 -20.21 0.15 34.21
CA PHE A 848 -20.26 -0.34 32.84
C PHE A 848 -18.89 -0.58 32.22
N THR A 849 -17.82 -0.13 32.88
CA THR A 849 -16.49 -0.38 32.35
C THR A 849 -16.19 -1.87 32.24
N VAL A 850 -16.75 -2.68 33.15
CA VAL A 850 -16.46 -4.11 33.17
C VAL A 850 -16.92 -4.79 31.89
N SER A 851 -17.95 -4.26 31.24
CA SER A 851 -18.55 -4.91 30.09
C SER A 851 -17.75 -4.61 28.83
N ARG A 852 -17.43 -5.67 28.08
CA ARG A 852 -16.72 -5.50 26.81
C ARG A 852 -17.58 -4.71 25.82
N ASN A 853 -18.87 -5.02 25.77
CA ASN A 853 -19.74 -4.41 24.77
C ASN A 853 -20.11 -2.97 25.11
N LEU A 854 -19.92 -2.55 26.36
CA LEU A 854 -20.42 -1.26 26.83
C LEU A 854 -19.34 -0.30 27.30
N GLY A 855 -18.13 -0.77 27.53
CA GLY A 855 -17.09 0.04 28.13
C GLY A 855 -16.71 1.27 27.31
N PRO A 856 -16.45 1.08 26.01
CA PRO A 856 -15.99 2.22 25.19
C PRO A 856 -16.96 3.39 25.17
N LYS A 857 -18.25 3.12 25.34
CA LYS A 857 -19.24 4.19 25.29
C LYS A 857 -19.01 5.19 26.41
N ILE A 858 -18.59 4.72 27.59
CA ILE A 858 -18.35 5.63 28.70
C ILE A 858 -17.16 6.53 28.41
N ILE A 859 -16.11 5.98 27.80
CA ILE A 859 -14.94 6.79 27.44
C ILE A 859 -15.34 7.83 26.39
N MET A 860 -16.16 7.41 25.42
CA MET A 860 -16.67 8.37 24.45
C MET A 860 -17.46 9.47 25.15
N LEU A 861 -18.25 9.11 26.16
CA LEU A 861 -18.99 10.10 26.92
C LEU A 861 -18.07 11.09 27.62
N GLN A 862 -16.98 10.58 28.20
CA GLN A 862 -16.02 11.45 28.88
C GLN A 862 -15.40 12.45 27.91
N ARG A 863 -14.98 11.97 26.74
CA ARG A 863 -14.40 12.87 25.74
C ARG A 863 -15.42 13.90 25.27
N MET A 864 -16.66 13.43 25.05
CA MET A 864 -17.73 14.35 24.66
C MET A 864 -17.95 15.41 25.72
N LEU A 865 -17.87 15.03 27.01
CA LEU A 865 -17.97 16.02 28.06
C LEU A 865 -16.86 17.04 27.95
N ILE A 866 -15.63 16.57 27.74
CA ILE A 866 -14.50 17.48 27.67
C ILE A 866 -14.69 18.51 26.57
N ASP A 867 -15.20 18.08 25.41
CA ASP A 867 -15.36 19.02 24.29
C ASP A 867 -16.60 19.90 24.46
N VAL A 868 -17.72 19.30 24.85
CA VAL A 868 -18.97 20.04 24.96
C VAL A 868 -18.86 21.08 26.06
N PHE A 869 -17.99 20.89 27.05
CA PHE A 869 -17.80 21.93 28.05
C PHE A 869 -17.38 23.24 27.40
N PHE A 870 -16.34 23.20 26.56
CA PHE A 870 -15.89 24.40 25.87
C PHE A 870 -16.94 24.90 24.88
N PHE A 871 -17.58 23.99 24.15
CA PHE A 871 -18.59 24.42 23.18
C PHE A 871 -19.70 25.20 23.87
N LEU A 872 -20.23 24.66 24.97
CA LEU A 872 -21.28 25.35 25.73
C LEU A 872 -20.74 26.57 26.46
N PHE A 873 -19.45 26.63 26.74
CA PHE A 873 -18.86 27.85 27.26
C PHE A 873 -19.00 28.99 26.26
N LEU A 874 -18.63 28.73 25.00
CA LEU A 874 -18.84 29.74 23.96
C LEU A 874 -20.32 30.05 23.80
N PHE A 875 -21.16 29.01 23.84
CA PHE A 875 -22.61 29.21 23.79
C PHE A 875 -23.05 30.22 24.83
N ALA A 876 -22.64 30.00 26.08
CA ALA A 876 -23.05 30.88 27.17
C ALA A 876 -22.45 32.28 27.00
N VAL A 877 -21.25 32.39 26.46
CA VAL A 877 -20.66 33.70 26.23
C VAL A 877 -21.55 34.53 25.32
N TRP A 878 -21.85 34.01 24.13
CA TRP A 878 -22.64 34.81 23.21
C TRP A 878 -24.10 34.86 23.63
N MET A 879 -24.53 33.91 24.46
CA MET A 879 -25.84 34.01 25.09
C MET A 879 -25.91 35.22 26.00
N VAL A 880 -24.87 35.45 26.81
CA VAL A 880 -24.83 36.62 27.67
C VAL A 880 -24.79 37.88 26.81
N ALA A 881 -24.02 37.85 25.72
CA ALA A 881 -23.99 39.01 24.83
C ALA A 881 -25.38 39.35 24.33
N PHE A 882 -26.09 38.37 23.78
CA PHE A 882 -27.43 38.62 23.26
C PHE A 882 -28.40 38.99 24.37
N GLY A 883 -28.20 38.45 25.57
CA GLY A 883 -29.06 38.81 26.69
C GLY A 883 -28.92 40.27 27.07
N VAL A 884 -27.68 40.76 27.14
CA VAL A 884 -27.48 42.17 27.47
C VAL A 884 -28.00 43.05 26.33
N ALA A 885 -27.84 42.59 25.09
CA ALA A 885 -28.42 43.34 23.97
C ALA A 885 -29.93 43.42 24.08
N ARG A 886 -30.57 42.31 24.44
CA ARG A 886 -32.01 42.31 24.65
C ARG A 886 -32.40 43.24 25.80
N GLN A 887 -31.62 43.25 26.87
CA GLN A 887 -31.88 44.15 27.98
C GLN A 887 -31.84 45.59 27.51
N GLY A 888 -30.84 45.93 26.70
CA GLY A 888 -30.75 47.30 26.18
C GLY A 888 -31.92 47.64 25.27
N ILE A 889 -32.31 46.70 24.41
CA ILE A 889 -33.42 46.96 23.49
C ILE A 889 -34.72 47.16 24.26
N LEU A 890 -34.99 46.29 25.24
CA LEU A 890 -36.24 46.33 25.99
C LEU A 890 -36.44 47.70 26.62
N ARG A 891 -35.55 48.07 27.54
CA ARG A 891 -35.62 49.38 28.18
C ARG A 891 -34.23 50.02 28.16
N GLN A 892 -34.21 51.34 28.07
CA GLN A 892 -32.95 52.06 27.92
C GLN A 892 -32.05 51.87 29.14
N ASN A 893 -32.60 52.06 30.33
CA ASN A 893 -31.80 52.04 31.55
C ASN A 893 -32.57 51.35 32.67
N GLU A 894 -31.80 50.86 33.65
CA GLU A 894 -32.36 50.27 34.86
C GLU A 894 -31.35 50.47 35.98
N GLN A 895 -31.82 50.95 37.13
CA GLN A 895 -30.96 51.35 38.25
C GLN A 895 -31.29 50.57 39.51
N ARG A 896 -31.48 49.26 39.38
CA ARG A 896 -31.72 48.39 40.53
C ARG A 896 -31.04 47.05 40.29
N TRP A 897 -30.30 46.58 41.29
CA TRP A 897 -29.50 45.37 41.18
C TRP A 897 -30.30 44.08 41.33
N ARG A 898 -31.63 44.15 41.30
CA ARG A 898 -32.48 42.97 41.39
C ARG A 898 -33.24 42.72 40.11
N TRP A 899 -33.98 43.72 39.62
CA TRP A 899 -34.75 43.53 38.39
C TRP A 899 -33.85 43.23 37.21
N ILE A 900 -32.68 43.88 37.16
CA ILE A 900 -31.78 43.70 36.02
C ILE A 900 -31.32 42.25 35.93
N PHE A 901 -30.89 41.68 37.05
CA PHE A 901 -30.34 40.32 37.01
C PHE A 901 -31.40 39.31 36.59
N ARG A 902 -32.60 39.44 37.16
CA ARG A 902 -33.68 38.53 36.80
C ARG A 902 -34.06 38.68 35.34
N SER A 903 -34.16 39.92 34.85
CA SER A 903 -34.50 40.15 33.46
C SER A 903 -33.45 39.54 32.53
N VAL A 904 -32.16 39.70 32.87
CA VAL A 904 -31.10 39.13 32.05
C VAL A 904 -31.16 37.61 32.07
N ILE A 905 -31.36 37.01 33.25
CA ILE A 905 -31.36 35.57 33.36
C ILE A 905 -32.59 34.96 32.70
N TYR A 906 -33.65 35.75 32.55
CA TYR A 906 -34.88 35.21 31.95
C TYR A 906 -34.70 34.87 30.48
N GLU A 907 -33.89 35.63 29.75
CA GLU A 907 -33.78 35.44 28.31
C GLU A 907 -33.32 34.03 27.94
N PRO A 908 -32.27 33.47 28.53
CA PRO A 908 -31.88 32.09 28.17
C PRO A 908 -33.00 31.08 28.33
N TYR A 909 -33.57 30.97 29.54
CA TYR A 909 -34.64 29.99 29.75
C TYR A 909 -35.84 30.30 28.87
N LEU A 910 -36.16 31.59 28.69
CA LEU A 910 -37.25 31.96 27.81
C LEU A 910 -37.05 31.40 26.41
N ALA A 911 -35.86 31.60 25.85
CA ALA A 911 -35.57 31.09 24.51
C ALA A 911 -35.61 29.57 24.48
N MET A 912 -35.01 28.92 25.48
CA MET A 912 -34.85 27.47 25.42
C MET A 912 -36.17 26.74 25.60
N PHE A 913 -37.02 27.22 26.50
CA PHE A 913 -38.25 26.49 26.83
C PHE A 913 -39.34 26.66 25.79
N GLY A 914 -39.14 27.53 24.80
CA GLY A 914 -40.01 27.56 23.63
C GLY A 914 -40.99 28.72 23.58
N GLN A 915 -41.59 29.08 24.70
CA GLN A 915 -42.53 30.21 24.75
C GLN A 915 -41.83 31.46 25.25
N VAL A 916 -40.77 31.85 24.57
CA VAL A 916 -39.93 32.97 25.03
C VAL A 916 -40.74 34.27 24.97
N PRO A 917 -40.78 35.07 26.04
CA PRO A 917 -41.33 36.43 25.92
C PRO A 917 -40.74 37.22 24.77
N SER A 918 -39.60 36.77 24.22
CA SER A 918 -38.98 37.47 23.11
C SER A 918 -39.96 37.71 21.97
N ASP A 919 -40.85 36.74 21.72
CA ASP A 919 -41.88 36.93 20.70
C ASP A 919 -42.78 38.11 21.05
N VAL A 920 -43.18 38.22 22.32
CA VAL A 920 -43.99 39.36 22.75
C VAL A 920 -43.14 40.63 22.73
N ASP A 921 -41.87 40.53 23.10
CA ASP A 921 -41.01 41.70 23.13
C ASP A 921 -40.85 42.31 21.74
N SER A 922 -40.74 41.46 20.72
CA SER A 922 -40.59 41.96 19.36
C SER A 922 -41.79 42.80 18.93
N THR A 923 -42.99 42.35 19.26
CA THR A 923 -44.21 43.09 18.94
C THR A 923 -44.55 44.08 20.04
N PRO A 953 -38.06 56.63 15.06
CA PRO A 953 -38.45 56.03 13.77
C PRO A 953 -38.42 54.50 13.81
N GLU A 954 -39.59 53.88 13.90
CA GLU A 954 -39.66 52.42 13.99
C GLU A 954 -39.28 51.76 12.67
N TRP A 955 -39.59 52.41 11.54
CA TRP A 955 -39.32 51.81 10.24
C TRP A 955 -37.84 51.50 10.07
N ILE A 956 -36.97 52.30 10.68
CA ILE A 956 -35.53 52.10 10.58
C ILE A 956 -35.02 51.13 11.63
N THR A 957 -35.51 51.25 12.87
CA THR A 957 -35.00 50.43 13.95
C THR A 957 -35.43 48.97 13.83
N ILE A 958 -36.70 48.73 13.46
CA ILE A 958 -37.23 47.37 13.48
C ILE A 958 -36.46 46.44 12.55
N PRO A 959 -36.25 46.78 11.27
CA PRO A 959 -35.60 45.81 10.37
C PRO A 959 -34.23 45.37 10.84
N LEU A 960 -33.43 46.28 11.40
CA LEU A 960 -32.11 45.89 11.89
C LEU A 960 -32.23 44.92 13.05
N VAL A 961 -33.18 45.16 13.96
CA VAL A 961 -33.37 44.24 15.09
C VAL A 961 -33.79 42.87 14.59
N CYS A 962 -34.70 42.83 13.62
CA CYS A 962 -35.12 41.54 13.06
C CYS A 962 -33.96 40.83 12.39
N ILE A 963 -33.14 41.56 11.64
CA ILE A 963 -32.00 40.95 10.96
C ILE A 963 -31.03 40.36 11.98
N TYR A 964 -30.75 41.10 13.06
CA TYR A 964 -29.82 40.57 14.05
C TYR A 964 -30.43 39.42 14.85
N MET A 965 -31.75 39.39 15.02
CA MET A 965 -32.37 38.21 15.61
C MET A 965 -32.17 36.99 14.71
N LEU A 966 -32.34 37.17 13.40
CA LEU A 966 -32.05 36.08 12.49
C LEU A 966 -30.59 35.67 12.57
N SER A 967 -29.71 36.65 12.75
CA SER A 967 -28.28 36.34 12.93
C SER A 967 -28.06 35.48 14.16
N THR A 968 -28.72 35.82 15.27
CA THR A 968 -28.59 35.01 16.48
C THR A 968 -29.07 33.59 16.23
N ASN A 969 -30.20 33.45 15.54
CA ASN A 969 -30.73 32.11 15.28
C ASN A 969 -29.76 31.29 14.43
N ILE A 970 -29.20 31.90 13.39
CA ILE A 970 -28.29 31.16 12.51
C ILE A 970 -27.01 30.81 13.25
N LEU A 971 -26.54 31.70 14.14
CA LEU A 971 -25.39 31.36 14.98
C LEU A 971 -25.69 30.17 15.87
N LEU A 972 -26.89 30.15 16.47
CA LEU A 972 -27.30 29.01 17.29
C LEU A 972 -27.25 27.73 16.47
N VAL A 973 -27.82 27.76 15.27
CA VAL A 973 -27.82 26.56 14.42
C VAL A 973 -26.38 26.16 14.08
N ASN A 974 -25.52 27.15 13.83
CA ASN A 974 -24.12 26.86 13.51
C ASN A 974 -23.45 26.11 14.65
N LEU A 975 -23.64 26.59 15.88
CA LEU A 975 -23.05 25.89 17.03
C LEU A 975 -23.64 24.49 17.18
N LEU A 976 -24.97 24.38 17.05
CA LEU A 976 -25.61 23.08 17.23
C LEU A 976 -25.10 22.06 16.22
N VAL A 977 -24.73 22.50 15.01
CA VAL A 977 -24.22 21.55 14.04
C VAL A 977 -22.72 21.31 14.24
N ALA A 978 -21.97 22.34 14.66
CA ALA A 978 -20.53 22.17 14.87
C ALA A 978 -20.25 21.22 16.03
N MET A 979 -21.10 21.23 17.05
CA MET A 979 -20.95 20.28 18.14
C MET A 979 -20.95 18.85 17.63
N PHE A 980 -21.96 18.49 16.83
CA PHE A 980 -22.02 17.15 16.26
C PHE A 980 -20.86 16.90 15.30
N GLY A 981 -20.45 17.93 14.57
CA GLY A 981 -19.31 17.78 13.67
C GLY A 981 -18.05 17.37 14.40
N TYR A 982 -17.79 17.98 15.55
CA TYR A 982 -16.60 17.60 16.32
C TYR A 982 -16.82 16.26 17.01
N THR A 983 -18.04 15.98 17.44
CA THR A 983 -18.23 14.73 18.11
C THR A 983 -17.97 13.60 17.16
N VAL A 984 -18.35 13.76 15.90
CA VAL A 984 -18.11 12.71 14.93
C VAL A 984 -16.60 12.46 14.77
N GLY A 985 -15.80 13.51 14.74
CA GLY A 985 -14.38 13.35 14.61
C GLY A 985 -13.81 12.66 15.81
N ILE A 986 -14.32 12.98 17.00
CA ILE A 986 -13.77 12.37 18.20
C ILE A 986 -14.15 10.90 18.30
N VAL A 987 -15.41 10.58 18.05
CA VAL A 987 -15.86 9.19 18.18
C VAL A 987 -15.31 8.31 17.07
N GLN A 988 -14.80 8.90 15.98
CA GLN A 988 -14.30 8.10 14.87
C GLN A 988 -13.15 7.20 15.31
N GLU A 989 -12.23 7.72 16.12
CA GLU A 989 -11.07 6.94 16.53
C GLU A 989 -11.48 5.75 17.38
N ASN A 990 -10.68 4.69 17.30
CA ASN A 990 -10.97 3.45 18.01
C ASN A 990 -10.89 3.64 19.51
N ASN A 991 -11.69 2.87 20.23
CA ASN A 991 -11.65 2.84 21.69
C ASN A 991 -11.44 1.43 22.25
N ASP A 992 -11.34 0.41 21.40
CA ASP A 992 -11.09 -0.94 21.87
C ASP A 992 -9.71 -1.10 22.48
N GLN A 993 -8.81 -0.13 22.30
CA GLN A 993 -7.50 -0.13 22.91
C GLN A 993 -7.47 0.67 24.21
N VAL A 994 -8.12 1.83 24.23
CA VAL A 994 -8.14 2.65 25.43
C VAL A 994 -8.91 1.95 26.54
N TRP A 995 -10.02 1.29 26.20
CA TRP A 995 -10.79 0.58 27.21
C TRP A 995 -9.98 -0.55 27.84
N LYS A 996 -9.20 -1.27 27.02
CA LYS A 996 -8.34 -2.31 27.56
C LYS A 996 -7.34 -1.75 28.55
N PHE A 997 -6.76 -0.59 28.22
CA PHE A 997 -5.83 0.06 29.14
C PHE A 997 -6.54 0.45 30.44
N GLN A 998 -7.74 1.02 30.33
CA GLN A 998 -8.47 1.46 31.52
C GLN A 998 -8.89 0.28 32.39
N ARG A 999 -9.11 -0.88 31.77
CA ARG A 999 -9.53 -2.06 32.53
C ARG A 999 -8.52 -2.47 33.58
N TYR A 1000 -7.25 -2.12 33.36
CA TYR A 1000 -6.22 -2.50 34.32
C TYR A 1000 -6.46 -1.86 35.68
N PHE A 1001 -6.84 -0.59 35.69
CA PHE A 1001 -7.10 0.09 36.96
C PHE A 1001 -8.27 -0.57 37.69
N LEU A 1002 -9.33 -0.89 36.96
CA LEU A 1002 -10.48 -1.55 37.58
C LEU A 1002 -10.08 -2.89 38.17
N VAL A 1003 -9.29 -3.67 37.42
CA VAL A 1003 -8.89 -4.99 37.93
C VAL A 1003 -8.02 -4.83 39.17
N GLN A 1004 -7.06 -3.90 39.13
CA GLN A 1004 -6.15 -3.72 40.25
C GLN A 1004 -6.89 -3.27 41.50
N GLU A 1005 -7.85 -2.35 41.33
CA GLU A 1005 -8.57 -1.82 42.49
C GLU A 1005 -9.12 -2.94 43.36
N TYR A 1006 -9.64 -4.00 42.74
CA TYR A 1006 -10.17 -5.13 43.49
C TYR A 1006 -9.11 -6.17 43.83
N CYS A 1007 -8.12 -6.36 42.96
CA CYS A 1007 -7.10 -7.38 43.21
C CYS A 1007 -6.27 -7.02 44.43
N ASN A 1008 -5.83 -5.76 44.52
CA ASN A 1008 -4.99 -5.35 45.64
C ASN A 1008 -5.80 -5.20 46.92
N ARG A 1009 -7.07 -4.82 46.80
CA ARG A 1009 -7.91 -4.64 47.98
C ARG A 1009 -8.28 -5.98 48.60
N LEU A 1010 -8.72 -5.93 49.85
CA LEU A 1010 -9.25 -7.12 50.51
C LEU A 1010 -10.52 -7.56 49.82
N ASN A 1011 -10.64 -8.86 49.57
CA ASN A 1011 -11.77 -9.41 48.81
C ASN A 1011 -12.93 -9.68 49.76
N ILE A 1012 -13.59 -8.60 50.16
CA ILE A 1012 -14.77 -8.68 51.03
C ILE A 1012 -15.76 -7.61 50.59
N PRO A 1013 -17.05 -7.91 50.51
CA PRO A 1013 -18.02 -6.88 50.16
C PRO A 1013 -18.15 -5.81 51.25
N PHE A 1014 -18.63 -4.65 50.83
CA PHE A 1014 -18.79 -3.54 51.77
C PHE A 1014 -19.70 -3.85 52.95
N PRO A 1015 -20.84 -4.52 52.80
CA PRO A 1015 -21.71 -4.74 53.98
C PRO A 1015 -20.99 -5.45 55.12
N PHE A 1016 -19.90 -6.16 54.83
CA PHE A 1016 -19.09 -6.80 55.87
C PHE A 1016 -17.64 -6.32 55.86
N VAL A 1017 -17.32 -5.27 55.10
CA VAL A 1017 -15.93 -4.82 55.03
C VAL A 1017 -15.49 -4.17 56.33
N VAL A 1018 -16.38 -3.42 56.98
CA VAL A 1018 -15.98 -2.64 58.16
C VAL A 1018 -15.38 -3.57 59.21
N PHE A 1019 -16.06 -4.68 59.49
CA PHE A 1019 -15.50 -5.65 60.43
C PHE A 1019 -14.09 -6.05 60.01
N ALA A 1020 -13.93 -6.44 58.74
CA ALA A 1020 -12.60 -6.77 58.25
C ALA A 1020 -11.66 -5.58 58.40
N TYR A 1021 -12.15 -4.38 58.09
CA TYR A 1021 -11.31 -3.20 58.25
C TYR A 1021 -10.78 -3.11 59.68
N PHE A 1022 -11.62 -3.45 60.66
CA PHE A 1022 -11.16 -3.42 62.05
C PHE A 1022 -9.95 -4.32 62.23
N TYR A 1023 -10.02 -5.54 61.70
CA TYR A 1023 -8.88 -6.44 61.84
C TYR A 1023 -7.67 -5.93 61.08
N MET A 1024 -7.90 -5.12 60.04
CA MET A 1024 -6.78 -4.49 59.35
C MET A 1024 -6.07 -3.50 60.26
N VAL A 1025 -6.83 -2.77 61.08
CA VAL A 1025 -6.23 -1.76 61.95
C VAL A 1025 -5.25 -2.40 62.92
N VAL A 1026 -5.65 -3.52 63.53
CA VAL A 1026 -4.79 -4.21 64.49
C VAL A 1026 -3.92 -5.22 63.75
N ASN A 1048 17.10 -15.06 43.88
CA ASN A 1048 16.94 -16.49 44.11
C ASN A 1048 15.93 -17.09 43.15
N GLU A 1049 14.65 -16.97 43.48
CA GLU A 1049 13.60 -17.50 42.61
C GLU A 1049 13.54 -16.77 41.28
N ASP A 1050 14.08 -15.56 41.20
CA ASP A 1050 14.05 -14.80 39.96
C ASP A 1050 14.84 -15.51 38.85
N ASN A 1051 15.99 -16.07 39.21
CA ASN A 1051 16.89 -16.65 38.20
C ASN A 1051 16.16 -17.66 37.32
N GLU A 1052 15.24 -18.42 37.92
CA GLU A 1052 14.54 -19.46 37.16
C GLU A 1052 13.77 -18.86 35.99
N THR A 1053 13.05 -17.76 36.24
CA THR A 1053 12.31 -17.09 35.18
C THR A 1053 13.22 -16.29 34.26
N LEU A 1054 14.28 -15.68 34.82
CA LEU A 1054 15.15 -14.84 34.01
C LEU A 1054 15.95 -15.64 32.99
N ALA A 1055 16.34 -16.87 33.34
CA ALA A 1055 17.04 -17.70 32.36
C ALA A 1055 16.15 -18.01 31.17
N TRP A 1056 14.88 -18.35 31.44
CA TRP A 1056 13.94 -18.61 30.35
C TRP A 1056 13.69 -17.34 29.55
N GLU A 1057 13.63 -16.19 30.24
CA GLU A 1057 13.50 -14.91 29.54
C GLU A 1057 14.67 -14.69 28.60
N GLY A 1058 15.89 -14.99 29.05
CA GLY A 1058 17.04 -14.85 28.19
C GLY A 1058 17.01 -15.78 27.00
N VAL A 1059 16.55 -17.02 27.21
CA VAL A 1059 16.45 -17.97 26.10
C VAL A 1059 15.45 -17.46 25.07
N MET A 1060 14.29 -16.98 25.53
CA MET A 1060 13.31 -16.43 24.59
C MET A 1060 13.84 -15.19 23.90
N LYS A 1061 14.64 -14.38 24.61
CA LYS A 1061 15.26 -13.22 23.98
C LYS A 1061 16.20 -13.65 22.86
N GLU A 1062 16.98 -14.71 23.10
CA GLU A 1062 17.87 -15.21 22.05
C GLU A 1062 17.07 -15.69 20.85
N ASN A 1063 15.97 -16.41 21.10
CA ASN A 1063 15.12 -16.85 20.01
C ASN A 1063 14.56 -15.67 19.23
N TYR A 1064 14.13 -14.62 19.94
CA TYR A 1064 13.60 -13.44 19.28
C TYR A 1064 14.67 -12.74 18.46
N LEU A 1065 15.90 -12.67 18.97
CA LEU A 1065 16.99 -12.07 18.22
C LEU A 1065 17.28 -12.87 16.96
N VAL A 1066 17.25 -14.20 17.06
CA VAL A 1066 17.43 -15.02 15.86
C VAL A 1066 16.33 -14.72 14.86
N LYS A 1067 15.08 -14.64 15.33
CA LYS A 1067 13.96 -14.37 14.42
C LYS A 1067 14.12 -13.02 13.73
N ILE A 1068 14.48 -11.99 14.50
CA ILE A 1068 14.59 -10.66 13.91
C ILE A 1068 15.77 -10.59 12.95
N ASN A 1069 16.87 -11.29 13.26
CA ASN A 1069 18.02 -11.28 12.37
C ASN A 1069 17.76 -12.05 11.09
N THR A 1070 16.95 -13.11 11.13
CA THR A 1070 16.73 -13.92 9.94
C THR A 1070 16.11 -13.12 8.80
N LYS A 1071 15.48 -11.98 9.11
CA LYS A 1071 14.85 -11.18 8.06
C LYS A 1071 15.87 -10.73 7.02
N ALA A 1072 17.13 -10.55 7.42
CA ALA A 1072 18.15 -10.15 6.47
C ALA A 1072 18.37 -11.21 5.40
N ASN A 1073 18.10 -12.49 5.73
CA ASN A 1073 18.30 -13.56 4.76
C ASN A 1073 17.39 -13.40 3.56
N ASP A 1074 16.26 -12.71 3.71
CA ASP A 1074 15.33 -12.53 2.60
C ASP A 1074 15.93 -11.70 1.48
N ASN A 1075 16.97 -10.92 1.76
CA ASN A 1075 17.60 -10.10 0.73
C ASN A 1075 18.39 -10.97 -0.25
N SER A 1076 18.64 -10.42 -1.43
CA SER A 1076 19.39 -11.10 -2.47
C SER A 1076 20.88 -11.12 -2.20
N GLU A 1077 21.32 -10.68 -1.01
CA GLU A 1077 22.75 -10.67 -0.70
C GLU A 1077 23.32 -12.08 -0.72
N GLU A 1078 22.56 -13.06 -0.21
CA GLU A 1078 23.03 -14.44 -0.21
C GLU A 1078 23.21 -14.96 -1.64
N MET A 1079 22.26 -14.65 -2.53
CA MET A 1079 22.41 -15.05 -3.92
C MET A 1079 23.61 -14.37 -4.56
N ARG A 1080 23.86 -13.10 -4.23
CA ARG A 1080 25.03 -12.43 -4.75
C ARG A 1080 26.32 -13.06 -4.24
N HIS A 1081 26.33 -13.49 -2.96
CA HIS A 1081 27.50 -14.17 -2.42
C HIS A 1081 27.74 -15.51 -3.11
N ARG A 1082 26.67 -16.26 -3.37
CA ARG A 1082 26.80 -17.51 -4.11
C ARG A 1082 27.35 -17.26 -5.51
N PHE A 1083 26.83 -16.23 -6.19
CA PHE A 1083 27.37 -15.86 -7.50
C PHE A 1083 28.83 -15.48 -7.41
N ARG A 1084 29.22 -14.77 -6.35
CA ARG A 1084 30.62 -14.39 -6.19
C ARG A 1084 31.50 -15.60 -5.96
N GLN A 1085 31.00 -16.60 -5.22
CA GLN A 1085 31.74 -17.85 -5.07
C GLN A 1085 31.90 -18.56 -6.40
N LEU A 1086 30.84 -18.60 -7.21
CA LEU A 1086 30.94 -19.19 -8.55
C LEU A 1086 31.95 -18.43 -9.40
N ASP A 1087 31.95 -17.10 -9.31
CA ASP A 1087 32.91 -16.30 -10.07
C ASP A 1087 34.34 -16.54 -9.59
N SER A 1088 34.52 -16.73 -8.28
CA SER A 1088 35.86 -17.06 -7.77
C SER A 1088 36.31 -18.41 -8.29
N LYS A 1089 35.41 -19.38 -8.36
CA LYS A 1089 35.76 -20.67 -8.95
C LYS A 1089 36.14 -20.52 -10.41
N LEU A 1090 35.39 -19.69 -11.14
CA LEU A 1090 35.74 -19.43 -12.54
C LEU A 1090 37.10 -18.77 -12.67
N ASN A 1091 37.41 -17.82 -11.77
CA ASN A 1091 38.72 -17.17 -11.79
C ASN A 1091 39.83 -18.17 -11.48
N ASP A 1092 39.59 -19.08 -10.54
CA ASP A 1092 40.57 -20.12 -10.26
C ASP A 1092 40.79 -21.01 -11.47
N LEU A 1093 39.71 -21.36 -12.17
CA LEU A 1093 39.86 -22.14 -13.41
C LEU A 1093 40.66 -21.38 -14.45
N LYS A 1094 40.40 -20.07 -14.58
CA LYS A 1094 41.16 -19.25 -15.51
C LYS A 1094 42.64 -19.22 -15.13
N SER A 1095 42.94 -19.10 -13.84
CA SER A 1095 44.33 -19.12 -13.39
C SER A 1095 44.99 -20.46 -13.70
N LEU A 1096 44.26 -21.55 -13.50
CA LEU A 1096 44.80 -22.86 -13.83
C LEU A 1096 45.08 -22.97 -15.33
N LEU A 1097 44.18 -22.46 -16.15
CA LEU A 1097 44.40 -22.47 -17.60
C LEU A 1097 45.62 -21.62 -17.97
N LYS A 1098 45.79 -20.47 -17.32
CA LYS A 1098 46.96 -19.64 -17.59
C LYS A 1098 48.24 -20.35 -17.19
N GLU A 1099 48.23 -21.04 -16.05
CA GLU A 1099 49.40 -21.80 -15.64
C GLU A 1099 49.71 -22.91 -16.62
N ILE A 1100 48.67 -23.59 -17.12
CA ILE A 1100 48.88 -24.65 -18.11
C ILE A 1100 49.47 -24.06 -19.39
N ALA A 1101 48.96 -22.92 -19.82
CA ALA A 1101 49.50 -22.28 -21.03
C ALA A 1101 50.96 -21.89 -20.82
N ASN A 1102 51.29 -21.33 -19.67
CA ASN A 1102 52.68 -20.97 -19.39
C ASN A 1102 53.58 -22.19 -19.40
N ASN A 1103 53.13 -23.30 -18.81
CA ASN A 1103 53.91 -24.53 -18.82
C ASN A 1103 54.11 -25.03 -20.24
N ILE A 1104 53.07 -24.98 -21.06
CA ILE A 1104 53.18 -25.42 -22.45
C ILE A 1104 54.14 -24.51 -23.22
N LYS A 1105 54.02 -23.20 -23.01
CA LYS A 1105 54.89 -22.24 -23.71
C LYS A 1105 56.35 -22.47 -23.35
N ASP B 41 8.09 30.37 -66.74
CA ASP B 41 9.07 30.47 -65.65
C ASP B 41 9.60 29.09 -65.28
N LEU B 42 8.80 28.32 -64.55
CA LEU B 42 9.24 26.99 -64.14
C LEU B 42 9.45 26.09 -65.34
N VAL B 43 8.55 26.14 -66.32
CA VAL B 43 8.69 25.30 -67.50
C VAL B 43 9.96 25.66 -68.26
N ASN B 44 10.22 26.96 -68.43
CA ASN B 44 11.43 27.38 -69.15
C ASN B 44 12.68 26.94 -68.39
N PHE B 45 12.68 27.07 -67.06
CA PHE B 45 13.83 26.65 -66.28
C PHE B 45 14.06 25.15 -66.41
N ILE B 46 12.99 24.36 -66.36
CA ILE B 46 13.11 22.91 -66.50
C ILE B 46 13.66 22.57 -67.88
N GLN B 47 13.15 23.22 -68.92
CA GLN B 47 13.63 22.95 -70.27
C GLN B 47 15.12 23.30 -70.39
N ALA B 48 15.53 24.43 -69.82
CA ALA B 48 16.94 24.81 -69.86
C ALA B 48 17.80 23.81 -69.09
N ASN B 49 17.27 23.26 -67.99
CA ASN B 49 18.04 22.29 -67.21
C ASN B 49 18.37 21.06 -68.04
N PHE B 50 17.42 20.58 -68.83
CA PHE B 50 17.62 19.39 -69.66
C PHE B 50 17.50 19.74 -71.14
N ASP B 102 12.21 16.66 -72.37
CA ASP B 102 11.81 16.84 -70.98
C ASP B 102 10.76 15.81 -70.59
N ALA B 103 9.52 16.04 -71.02
CA ALA B 103 8.41 15.14 -70.74
C ALA B 103 8.24 14.93 -69.24
N PHE B 104 8.20 16.05 -68.50
CA PHE B 104 8.03 16.02 -67.06
C PHE B 104 6.56 16.27 -66.70
N GLY B 105 6.16 15.76 -65.54
CA GLY B 105 4.79 15.91 -65.08
C GLY B 105 4.69 15.97 -63.57
N ASP B 106 3.79 16.82 -63.07
CA ASP B 106 3.57 16.95 -61.63
C ASP B 106 2.53 15.92 -61.21
N ILE B 107 2.98 14.86 -60.53
CA ILE B 107 2.06 13.80 -60.12
C ILE B 107 1.04 14.36 -59.14
N GLN B 108 -0.20 13.88 -59.26
CA GLN B 108 -1.28 14.32 -58.39
C GLN B 108 -2.42 13.31 -58.41
N GLY B 116 3.21 15.68 -55.28
CA GLY B 116 4.03 16.87 -55.16
C GLY B 116 4.67 17.27 -56.48
N LYS B 117 5.94 16.94 -56.64
CA LYS B 117 6.69 17.26 -57.85
C LYS B 117 7.34 15.99 -58.39
N TYR B 118 7.27 15.83 -59.70
CA TYR B 118 7.91 14.71 -60.38
C TYR B 118 8.59 15.24 -61.63
N LEU B 119 9.87 14.91 -61.79
CA LEU B 119 10.66 15.36 -62.92
C LEU B 119 11.32 14.18 -63.60
N ARG B 120 11.65 14.37 -64.88
CA ARG B 120 12.30 13.35 -65.70
C ARG B 120 13.65 13.92 -66.15
N LEU B 121 14.70 13.57 -65.43
CA LEU B 121 16.05 14.04 -65.72
C LEU B 121 16.88 12.88 -66.26
N SER B 122 17.56 13.12 -67.38
CA SER B 122 18.36 12.07 -67.99
C SER B 122 19.55 11.73 -67.10
N CYS B 123 20.14 10.55 -67.38
CA CYS B 123 21.30 10.11 -66.59
C CYS B 123 22.46 11.10 -66.72
N ASP B 124 22.69 11.60 -67.93
CA ASP B 124 23.75 12.58 -68.18
C ASP B 124 23.24 13.97 -67.79
N THR B 125 23.17 14.20 -66.49
CA THR B 125 22.71 15.45 -65.92
C THR B 125 23.73 15.97 -64.92
N ASP B 126 23.81 17.29 -64.80
CA ASP B 126 24.76 17.93 -63.90
C ASP B 126 24.18 18.00 -62.49
N SER B 127 24.93 17.45 -61.52
CA SER B 127 24.45 17.47 -60.14
C SER B 127 24.30 18.91 -59.63
N GLU B 128 25.22 19.79 -60.03
CA GLU B 128 25.12 21.19 -59.61
C GLU B 128 23.82 21.82 -60.10
N THR B 129 23.41 21.50 -61.34
CA THR B 129 22.15 22.03 -61.85
C THR B 129 20.97 21.55 -61.03
N LEU B 130 20.95 20.26 -60.67
CA LEU B 130 19.87 19.74 -59.86
C LEU B 130 19.84 20.41 -58.48
N TYR B 131 21.01 20.58 -57.87
CA TYR B 131 21.07 21.24 -56.57
C TYR B 131 20.57 22.68 -56.66
N GLU B 132 20.97 23.40 -57.70
CA GLU B 132 20.51 24.76 -57.88
C GLU B 132 18.99 24.81 -58.07
N LEU B 133 18.45 23.89 -58.86
CA LEU B 133 17.01 23.85 -59.06
C LEU B 133 16.29 23.57 -57.75
N LEU B 134 16.82 22.65 -56.95
CA LEU B 134 16.15 22.28 -55.70
C LEU B 134 16.29 23.34 -54.61
N THR B 135 17.36 24.14 -54.64
CA THR B 135 17.61 25.11 -53.58
C THR B 135 17.10 26.51 -53.91
N GLN B 136 17.17 26.93 -55.18
CA GLN B 136 16.84 28.30 -55.52
C GLN B 136 15.37 28.62 -55.23
N HIS B 137 14.47 27.70 -55.58
CA HIS B 137 13.04 28.01 -55.50
C HIS B 137 12.20 26.84 -55.00
N TRP B 138 12.81 25.75 -54.54
CA TRP B 138 12.07 24.60 -54.04
C TRP B 138 12.28 24.35 -52.56
N HIS B 139 13.54 24.26 -52.11
CA HIS B 139 13.83 23.92 -50.72
C HIS B 139 14.98 24.79 -50.22
N LEU B 140 15.26 24.67 -48.93
CA LEU B 140 16.30 25.44 -48.26
C LEU B 140 17.56 24.59 -48.09
N LYS B 141 18.57 25.19 -47.47
CA LYS B 141 19.78 24.45 -47.13
C LYS B 141 19.45 23.34 -46.15
N THR B 142 20.12 22.20 -46.30
CA THR B 142 19.80 21.01 -45.53
C THR B 142 20.76 20.86 -44.36
N PRO B 143 20.30 20.98 -43.11
CA PRO B 143 21.19 20.66 -41.99
C PRO B 143 21.68 19.23 -42.01
N ASN B 144 20.90 18.31 -42.57
CA ASN B 144 21.28 16.90 -42.58
C ASN B 144 20.59 16.22 -43.76
N LEU B 145 21.19 15.13 -44.21
CA LEU B 145 20.70 14.38 -45.36
C LEU B 145 20.97 12.90 -45.12
N VAL B 146 19.97 12.06 -45.37
CA VAL B 146 20.09 10.62 -45.16
C VAL B 146 19.50 9.89 -46.35
N ILE B 147 20.12 8.78 -46.72
CA ILE B 147 19.68 7.94 -47.82
C ILE B 147 19.52 6.52 -47.31
N SER B 148 18.44 5.86 -47.71
CA SER B 148 18.18 4.49 -47.29
C SER B 148 18.24 3.53 -48.49
N ASN B 155 7.91 -7.27 -51.04
CA ASN B 155 7.54 -7.63 -49.68
C ASN B 155 8.75 -7.56 -48.75
N PHE B 156 8.56 -6.96 -47.58
CA PHE B 156 9.61 -6.81 -46.59
C PHE B 156 9.08 -7.15 -45.21
N ALA B 157 9.98 -7.56 -44.31
CA ALA B 157 9.61 -7.92 -42.95
C ALA B 157 9.36 -6.65 -42.15
N LEU B 158 8.10 -6.42 -41.79
CA LEU B 158 7.72 -5.26 -41.00
C LEU B 158 7.72 -5.60 -39.51
N LYS B 159 8.89 -6.00 -39.02
CA LYS B 159 9.05 -6.34 -37.62
C LYS B 159 8.93 -5.08 -36.76
N PRO B 160 8.55 -5.24 -35.49
CA PRO B 160 8.41 -4.06 -34.62
C PRO B 160 9.69 -3.26 -34.49
N ARG B 161 10.84 -3.92 -34.45
CA ARG B 161 12.11 -3.21 -34.40
C ARG B 161 12.30 -2.34 -35.63
N MET B 162 12.04 -2.91 -36.82
CA MET B 162 12.12 -2.14 -38.05
C MET B 162 10.99 -1.12 -38.15
N ARG B 163 9.85 -1.37 -37.50
CA ARG B 163 8.76 -0.42 -37.50
C ARG B 163 9.02 0.79 -36.61
N LYS B 164 9.86 0.63 -35.58
CA LYS B 164 10.16 1.71 -34.66
C LYS B 164 11.45 2.45 -34.99
N ILE B 165 12.46 1.74 -35.50
CA ILE B 165 13.72 2.40 -35.83
C ILE B 165 13.51 3.46 -36.89
N PHE B 166 12.76 3.13 -37.95
CA PHE B 166 12.54 4.09 -39.02
C PHE B 166 11.60 5.21 -38.59
N SER B 167 10.66 4.93 -37.68
CA SER B 167 9.84 6.00 -37.12
C SER B 167 10.72 7.00 -36.36
N ARG B 168 11.64 6.50 -35.55
CA ARG B 168 12.58 7.38 -34.87
C ARG B 168 13.44 8.14 -35.86
N LEU B 169 13.88 7.46 -36.93
CA LEU B 169 14.70 8.12 -37.94
C LEU B 169 13.95 9.29 -38.58
N ILE B 170 12.69 9.06 -38.96
CA ILE B 170 11.92 10.11 -39.61
C ILE B 170 11.63 11.24 -38.63
N TYR B 171 11.37 10.91 -37.37
CA TYR B 171 11.18 11.96 -36.37
C TYR B 171 12.43 12.81 -36.23
N ILE B 172 13.60 12.17 -36.20
CA ILE B 172 14.85 12.91 -36.10
C ILE B 172 15.03 13.80 -37.33
N ALA B 173 14.73 13.26 -38.51
CA ALA B 173 14.87 14.06 -39.73
C ALA B 173 13.95 15.28 -39.70
N GLN B 174 12.72 15.10 -39.23
CA GLN B 174 11.81 16.23 -39.11
C GLN B 174 12.34 17.24 -38.11
N SER B 175 12.87 16.77 -36.98
CA SER B 175 13.41 17.68 -35.98
C SER B 175 14.56 18.50 -36.55
N LYS B 176 15.45 17.86 -37.30
CA LYS B 176 16.59 18.53 -37.90
C LYS B 176 16.30 19.08 -39.29
N GLY B 177 15.11 18.85 -39.83
CA GLY B 177 14.82 19.29 -41.18
C GLY B 177 15.70 18.65 -42.21
N ALA B 178 15.90 17.33 -42.10
CA ALA B 178 16.84 16.63 -42.95
C ALA B 178 16.15 16.05 -44.18
N TRP B 179 16.88 16.03 -45.30
CA TRP B 179 16.39 15.39 -46.50
C TRP B 179 16.45 13.87 -46.36
N ILE B 180 15.49 13.19 -46.97
CA ILE B 180 15.48 11.74 -47.04
C ILE B 180 15.46 11.35 -48.52
N LEU B 181 16.37 10.46 -48.91
CA LEU B 181 16.47 9.98 -50.28
C LEU B 181 16.18 8.49 -50.29
N THR B 182 15.33 8.07 -51.22
CA THR B 182 14.93 6.67 -51.34
C THR B 182 14.71 6.33 -52.82
N GLY B 183 14.41 5.05 -53.07
CA GLY B 183 14.09 4.64 -54.43
C GLY B 183 12.79 5.23 -54.92
N GLY B 184 11.77 5.26 -54.07
CA GLY B 184 10.49 5.86 -54.43
C GLY B 184 9.57 4.92 -55.17
N THR B 185 9.30 3.75 -54.58
CA THR B 185 8.37 2.79 -55.16
C THR B 185 7.34 2.39 -54.10
N HIS B 186 6.10 2.19 -54.55
CA HIS B 186 5.03 1.83 -53.62
C HIS B 186 5.21 0.44 -53.03
N TYR B 187 6.06 -0.39 -53.62
CA TYR B 187 6.31 -1.73 -53.15
C TYR B 187 7.61 -1.77 -52.36
N GLY B 188 7.51 -2.08 -51.07
CA GLY B 188 8.66 -2.20 -50.20
C GLY B 188 8.54 -1.30 -48.98
N LEU B 189 9.66 -1.18 -48.27
CA LEU B 189 9.70 -0.37 -47.06
C LEU B 189 9.51 1.12 -47.38
N MET B 190 9.87 1.54 -48.59
CA MET B 190 9.74 2.95 -48.94
C MET B 190 8.28 3.40 -48.91
N LYS B 191 7.35 2.50 -49.21
CA LYS B 191 5.94 2.83 -49.06
C LYS B 191 5.61 3.12 -47.59
N TYR B 192 6.15 2.32 -46.67
CA TYR B 192 5.96 2.57 -45.25
C TYR B 192 6.55 3.92 -44.86
N ILE B 193 7.73 4.24 -45.38
CA ILE B 193 8.36 5.53 -45.08
C ILE B 193 7.48 6.67 -45.57
N GLY B 194 6.96 6.55 -46.79
CA GLY B 194 6.09 7.59 -47.32
C GLY B 194 4.81 7.74 -46.51
N GLU B 195 4.23 6.62 -46.09
CA GLU B 195 3.02 6.69 -45.26
C GLU B 195 3.31 7.38 -43.94
N VAL B 196 4.45 7.06 -43.31
CA VAL B 196 4.80 7.70 -42.06
C VAL B 196 5.04 9.20 -42.27
N VAL B 197 5.67 9.56 -43.38
CA VAL B 197 5.89 10.97 -43.68
C VAL B 197 4.55 11.69 -43.82
N ARG B 198 3.61 11.09 -44.54
CA ARG B 198 2.30 11.70 -44.70
C ARG B 198 1.60 11.84 -43.35
N ASP B 199 1.68 10.82 -42.51
CA ASP B 199 1.04 10.88 -41.20
C ASP B 199 1.64 11.99 -40.34
N ASN B 200 2.97 12.10 -40.34
CA ASN B 200 3.62 13.15 -39.55
C ASN B 200 3.27 14.54 -40.08
N THR B 201 3.21 14.69 -41.40
CA THR B 201 2.81 15.97 -41.98
C THR B 201 1.39 16.31 -41.57
N ILE B 202 0.50 15.32 -41.54
CA ILE B 202 -0.86 15.55 -41.07
C ILE B 202 -0.85 16.01 -39.63
N SER B 203 -0.02 15.39 -38.79
CA SER B 203 0.11 15.78 -37.39
C SER B 203 0.64 17.20 -37.28
N GLU B 208 8.65 24.05 -41.53
CA GLU B 208 8.71 22.84 -40.71
C GLU B 208 8.04 21.68 -41.43
N ASN B 209 8.55 21.32 -42.60
CA ASN B 209 8.01 20.23 -43.40
C ASN B 209 9.14 19.28 -43.77
N ILE B 210 8.81 17.99 -43.84
CA ILE B 210 9.79 16.97 -44.18
C ILE B 210 9.96 16.93 -45.69
N VAL B 211 11.15 16.52 -46.13
CA VAL B 211 11.50 16.49 -47.55
C VAL B 211 11.93 15.08 -47.91
N ALA B 212 11.23 14.46 -48.86
CA ALA B 212 11.51 13.11 -49.30
C ALA B 212 11.61 13.09 -50.82
N ILE B 213 12.70 12.51 -51.32
CA ILE B 213 12.96 12.41 -52.76
C ILE B 213 13.11 10.94 -53.11
N GLY B 214 12.28 10.47 -54.03
CA GLY B 214 12.41 9.14 -54.61
C GLY B 214 13.11 9.26 -55.95
N ILE B 215 13.98 8.30 -56.24
CA ILE B 215 14.74 8.26 -57.48
C ILE B 215 14.54 6.90 -58.12
N ALA B 216 14.13 6.89 -59.39
CA ALA B 216 13.91 5.64 -60.10
C ALA B 216 14.16 5.86 -61.58
N ALA B 217 14.07 4.77 -62.34
CA ALA B 217 14.25 4.85 -63.78
C ALA B 217 12.91 5.06 -64.47
N TRP B 218 12.89 6.01 -65.42
CA TRP B 218 11.65 6.30 -66.14
C TRP B 218 11.17 5.07 -66.90
N GLY B 219 12.09 4.36 -67.57
CA GLY B 219 11.72 3.15 -68.27
C GLY B 219 11.20 2.08 -67.33
N MET B 220 11.77 1.99 -66.13
CA MET B 220 11.34 1.00 -65.15
C MET B 220 9.90 1.23 -64.70
N VAL B 221 9.36 2.44 -64.89
CA VAL B 221 8.00 2.72 -64.47
C VAL B 221 7.02 1.94 -65.36
N SER B 222 5.99 1.38 -64.74
CA SER B 222 5.00 0.61 -65.48
C SER B 222 4.27 1.48 -66.49
N ASN B 223 3.90 2.70 -66.10
CA ASN B 223 3.15 3.60 -66.96
C ASN B 223 3.87 4.95 -67.01
N ARG B 224 3.86 5.55 -68.20
CA ARG B 224 4.49 6.85 -68.44
C ARG B 224 3.47 7.79 -69.03
N ASP B 225 3.38 9.00 -68.48
CA ASP B 225 2.44 10.01 -68.93
C ASP B 225 3.21 11.31 -69.19
N THR B 226 2.90 11.97 -70.30
CA THR B 226 3.56 13.21 -70.68
C THR B 226 2.65 14.40 -70.38
N LEU B 227 3.25 15.46 -69.88
CA LEU B 227 2.49 16.68 -69.55
C LEU B 227 3.29 17.92 -69.94
N SER B 238 -0.10 19.59 -66.49
CA SER B 238 0.05 18.80 -65.28
C SER B 238 -0.72 17.48 -65.40
N ALA B 239 0.00 16.41 -65.73
CA ALA B 239 -0.62 15.11 -65.88
C ALA B 239 -0.98 14.53 -64.52
N GLN B 240 -1.85 13.52 -64.54
CA GLN B 240 -2.31 12.84 -63.33
C GLN B 240 -2.00 11.36 -63.42
N TYR B 241 -1.45 10.80 -62.35
CA TYR B 241 -1.09 9.39 -62.27
C TYR B 241 -2.03 8.72 -61.27
N ILE B 242 -2.70 7.66 -61.72
CA ILE B 242 -3.64 6.92 -60.90
C ILE B 242 -3.27 5.44 -60.94
N MET B 243 -3.20 4.82 -59.76
CA MET B 243 -2.86 3.41 -59.67
C MET B 243 -3.97 2.54 -60.26
N TYR B 252 6.99 -1.05 -62.80
CA TYR B 252 6.93 -0.83 -61.35
C TYR B 252 5.94 0.28 -61.01
N ILE B 253 5.40 0.23 -59.80
CA ILE B 253 4.44 1.22 -59.31
C ILE B 253 5.15 2.11 -58.31
N LEU B 254 5.02 3.41 -58.48
CA LEU B 254 5.70 4.38 -57.64
C LEU B 254 4.74 4.98 -56.63
N ASP B 255 5.24 5.20 -55.41
CA ASP B 255 4.42 5.74 -54.35
C ASP B 255 4.18 7.23 -54.56
N ASN B 256 2.98 7.68 -54.20
CA ASN B 256 2.63 9.10 -54.26
C ASN B 256 2.86 9.81 -52.94
N ASN B 257 3.20 9.08 -51.87
CA ASN B 257 3.44 9.72 -50.58
C ASN B 257 4.67 10.61 -50.62
N HIS B 258 5.73 10.18 -51.31
CA HIS B 258 6.95 10.96 -51.36
C HIS B 258 6.70 12.30 -52.04
N THR B 259 7.24 13.37 -51.45
CA THR B 259 6.96 14.71 -51.96
C THR B 259 7.56 14.91 -53.35
N HIS B 260 8.78 14.45 -53.58
CA HIS B 260 9.47 14.70 -54.83
C HIS B 260 9.95 13.39 -55.45
N LEU B 261 9.95 13.35 -56.78
CA LEU B 261 10.34 12.15 -57.51
C LEU B 261 11.12 12.52 -58.75
N LEU B 262 12.13 11.69 -59.05
CA LEU B 262 12.98 11.87 -60.22
C LEU B 262 13.05 10.57 -61.01
N LEU B 263 12.98 10.71 -62.33
CA LEU B 263 12.99 9.59 -63.25
C LEU B 263 14.19 9.71 -64.18
N VAL B 264 14.93 8.62 -64.32
CA VAL B 264 16.16 8.58 -65.12
C VAL B 264 15.82 8.02 -66.49
N ASP B 265 16.27 8.70 -67.53
CA ASP B 265 16.02 8.31 -68.92
C ASP B 265 17.29 7.64 -69.45
N ASN B 266 17.37 6.32 -69.27
CA ASN B 266 18.51 5.54 -69.73
C ASN B 266 18.14 4.49 -70.77
N GLY B 267 16.91 3.99 -70.75
CA GLY B 267 16.47 2.98 -71.69
C GLY B 267 15.00 2.65 -71.57
N THR B 273 19.98 -1.19 -62.49
CA THR B 273 19.88 0.14 -61.90
C THR B 273 20.69 1.15 -62.69
N VAL B 274 20.09 2.31 -62.95
CA VAL B 274 20.75 3.38 -63.70
C VAL B 274 20.77 4.70 -62.95
N GLU B 275 20.27 4.73 -61.72
CA GLU B 275 20.23 5.96 -60.93
C GLU B 275 21.22 5.96 -59.78
N ALA B 276 21.94 4.85 -59.55
CA ALA B 276 22.89 4.81 -58.45
C ALA B 276 24.01 5.83 -58.66
N LYS B 277 24.51 5.94 -59.89
CA LYS B 277 25.59 6.89 -60.17
C LYS B 277 25.14 8.32 -59.89
N LEU B 278 23.93 8.66 -60.34
CA LEU B 278 23.41 10.01 -60.12
C LEU B 278 23.26 10.31 -58.64
N ARG B 279 22.71 9.36 -57.88
CA ARG B 279 22.53 9.57 -56.45
C ARG B 279 23.88 9.73 -55.75
N ASN B 280 24.86 8.90 -56.10
CA ASN B 280 26.18 9.00 -55.50
C ASN B 280 26.83 10.33 -55.84
N GLN B 281 26.72 10.78 -57.08
CA GLN B 281 27.30 12.05 -57.47
C GLN B 281 26.64 13.20 -56.72
N LEU B 282 25.31 13.16 -56.60
CA LEU B 282 24.61 14.20 -55.87
C LEU B 282 25.03 14.22 -54.40
N GLU B 283 25.15 13.05 -53.78
CA GLU B 283 25.57 12.98 -52.39
C GLU B 283 26.98 13.53 -52.23
N LYS B 284 27.90 13.18 -53.13
CA LYS B 284 29.25 13.70 -53.06
C LYS B 284 29.27 15.21 -53.22
N TYR B 285 28.49 15.73 -54.17
CA TYR B 285 28.45 17.18 -54.37
C TYR B 285 27.90 17.89 -53.14
N ILE B 286 26.85 17.35 -52.54
CA ILE B 286 26.29 17.95 -51.34
C ILE B 286 27.29 17.92 -50.21
N SER B 287 28.01 16.81 -50.06
CA SER B 287 29.09 16.75 -49.10
C SER B 287 30.16 17.79 -49.41
N GLU B 288 30.29 18.15 -50.70
CA GLU B 288 31.21 19.22 -51.09
C GLU B 288 30.68 20.60 -50.74
N ARG B 289 29.38 20.73 -50.47
CA ARG B 289 28.82 22.04 -50.16
C ARG B 289 29.26 22.49 -48.77
N THR B 290 29.30 23.80 -48.58
CA THR B 290 29.71 24.42 -47.32
C THR B 290 28.53 25.18 -46.74
N SER B 291 28.25 24.94 -45.45
CA SER B 291 27.16 25.60 -44.73
C SER B 291 27.67 26.00 -43.35
N GLN B 292 28.08 27.26 -43.23
CA GLN B 292 28.60 27.78 -41.97
C GLN B 292 27.58 27.61 -40.85
N ASP B 293 26.29 27.79 -41.17
CA ASP B 293 25.25 27.71 -40.14
C ASP B 293 25.19 26.32 -39.52
N SER B 294 25.53 25.29 -40.29
CA SER B 294 25.46 23.92 -39.79
C SER B 294 26.48 23.70 -38.67
N ASN B 295 26.04 22.99 -37.62
CA ASN B 295 26.95 22.68 -36.52
C ASN B 295 28.10 21.80 -36.99
N TYR B 296 27.83 20.86 -37.89
CA TYR B 296 28.89 20.03 -38.44
C TYR B 296 29.96 20.91 -39.07
N GLY B 297 31.21 20.65 -38.70
CA GLY B 297 32.30 21.50 -39.14
C GLY B 297 32.42 21.58 -40.65
N GLY B 298 32.07 22.74 -41.21
CA GLY B 298 32.23 22.94 -42.64
C GLY B 298 31.13 22.32 -43.46
N LYS B 299 31.38 21.12 -43.98
CA LYS B 299 30.49 20.49 -44.93
C LYS B 299 29.20 20.02 -44.26
N ILE B 300 28.17 19.84 -45.09
CA ILE B 300 26.89 19.31 -44.61
C ILE B 300 27.03 17.82 -44.34
N PRO B 301 26.53 17.30 -43.22
CA PRO B 301 26.65 15.87 -42.95
C PRO B 301 25.79 15.04 -43.90
N ILE B 302 26.26 13.82 -44.16
CA ILE B 302 25.52 12.84 -44.95
C ILE B 302 25.69 11.48 -44.30
N VAL B 303 24.60 10.70 -44.28
CA VAL B 303 24.57 9.39 -43.64
C VAL B 303 23.89 8.41 -44.59
N CYS B 304 24.47 7.22 -44.72
CA CYS B 304 23.87 6.15 -45.50
C CYS B 304 23.25 5.13 -44.56
N PHE B 305 22.07 4.64 -44.92
CA PHE B 305 21.29 3.73 -44.09
C PHE B 305 21.06 2.43 -44.83
N ALA B 306 21.32 1.31 -44.16
CA ALA B 306 21.15 -0.02 -44.75
C ALA B 306 20.20 -0.83 -43.86
N GLN B 307 19.18 -1.40 -44.48
CA GLN B 307 18.22 -2.23 -43.78
C GLN B 307 18.02 -3.60 -44.42
N GLY B 308 18.08 -3.68 -45.74
CA GLY B 308 17.88 -4.93 -46.45
C GLY B 308 19.13 -5.40 -47.18
N GLY B 309 18.97 -6.52 -47.86
CA GLY B 309 20.06 -7.13 -48.60
C GLY B 309 19.91 -6.96 -50.10
N GLY B 310 20.61 -7.81 -50.84
CA GLY B 310 20.62 -7.76 -52.29
C GLY B 310 21.89 -7.14 -52.84
N ARG B 311 22.17 -7.48 -54.10
CA ARG B 311 23.37 -6.95 -54.74
C ARG B 311 23.33 -5.42 -54.82
N GLU B 312 22.13 -4.86 -54.98
CA GLU B 312 22.01 -3.40 -55.05
C GLU B 312 22.49 -2.75 -53.76
N THR B 313 22.13 -3.33 -52.61
CA THR B 313 22.55 -2.76 -51.34
C THR B 313 24.06 -2.75 -51.21
N LEU B 314 24.71 -3.88 -51.54
CA LEU B 314 26.17 -3.93 -51.45
C LEU B 314 26.82 -2.97 -52.44
N LYS B 315 26.28 -2.87 -53.65
CA LYS B 315 26.84 -1.94 -54.63
C LYS B 315 26.73 -0.51 -54.13
N ALA B 316 25.58 -0.13 -53.58
CA ALA B 316 25.40 1.22 -53.07
C ALA B 316 26.34 1.50 -51.90
N ILE B 317 26.48 0.52 -50.99
CA ILE B 317 27.36 0.70 -49.84
C ILE B 317 28.81 0.87 -50.30
N ASN B 318 29.24 0.04 -51.26
CA ASN B 318 30.60 0.16 -51.78
C ASN B 318 30.82 1.51 -52.45
N THR B 319 29.85 1.97 -53.23
CA THR B 319 29.99 3.26 -53.90
C THR B 319 30.08 4.39 -52.88
N SER B 320 29.25 4.35 -51.84
CA SER B 320 29.26 5.40 -50.84
C SER B 320 30.58 5.39 -50.06
N VAL B 321 31.03 4.20 -49.63
CA VAL B 321 32.25 4.12 -48.85
C VAL B 321 33.46 4.49 -49.68
N LYS B 322 33.41 4.26 -50.99
CA LYS B 322 34.48 4.72 -51.87
C LYS B 322 34.72 6.21 -51.67
N SER B 323 33.65 6.96 -51.42
CA SER B 323 33.78 8.35 -51.00
C SER B 323 34.08 8.38 -49.50
N LYS B 324 35.14 9.09 -49.13
CA LYS B 324 35.57 9.09 -47.73
C LYS B 324 34.52 9.74 -46.83
N ILE B 325 33.94 10.85 -47.26
CA ILE B 325 33.05 11.62 -46.38
C ILE B 325 31.83 10.81 -45.96
N PRO B 326 31.08 10.18 -46.86
CA PRO B 326 29.87 9.48 -46.44
C PRO B 326 30.17 8.39 -45.44
N CYS B 327 29.23 8.20 -44.51
CA CYS B 327 29.31 7.16 -43.49
C CYS B 327 28.05 6.29 -43.58
N VAL B 328 28.20 5.03 -43.17
CA VAL B 328 27.17 4.02 -43.34
C VAL B 328 26.70 3.55 -41.96
N VAL B 329 25.43 3.17 -41.89
CA VAL B 329 24.84 2.59 -40.70
C VAL B 329 24.10 1.33 -41.10
N VAL B 330 24.22 0.28 -40.28
CA VAL B 330 23.64 -1.02 -40.57
C VAL B 330 22.57 -1.31 -39.52
N GLU B 331 21.38 -1.66 -39.99
CA GLU B 331 20.27 -1.98 -39.10
C GLU B 331 20.54 -3.26 -38.33
N GLN B 335 19.29 -9.71 -43.78
CA GLN B 335 20.27 -10.66 -44.28
C GLN B 335 21.66 -10.03 -44.34
N ILE B 336 21.85 -9.14 -45.31
CA ILE B 336 23.16 -8.50 -45.48
C ILE B 336 23.54 -7.72 -44.23
N ALA B 337 22.56 -7.05 -43.60
CA ALA B 337 22.83 -6.32 -42.38
C ALA B 337 23.42 -7.25 -41.31
N ASP B 338 22.81 -8.43 -41.16
CA ASP B 338 23.35 -9.42 -40.22
C ASP B 338 24.75 -9.85 -40.63
N VAL B 339 25.01 -9.98 -41.94
CA VAL B 339 26.33 -10.38 -42.40
C VAL B 339 27.38 -9.36 -41.94
N ILE B 340 27.12 -8.09 -42.23
CA ILE B 340 28.09 -7.05 -41.88
C ILE B 340 28.23 -6.94 -40.37
N ALA B 341 27.12 -7.10 -39.63
CA ALA B 341 27.20 -7.05 -38.17
C ALA B 341 28.07 -8.18 -37.65
N SER B 342 27.90 -9.39 -38.18
CA SER B 342 28.71 -10.53 -37.73
C SER B 342 30.19 -10.31 -38.06
N LEU B 343 30.48 -9.83 -39.26
CA LEU B 343 31.88 -9.67 -39.65
C LEU B 343 32.58 -8.64 -38.77
N VAL B 344 31.93 -7.53 -38.47
CA VAL B 344 32.52 -6.49 -37.63
C VAL B 344 32.47 -6.91 -36.16
N THR B 351 40.06 -14.65 -43.72
CA THR B 351 39.36 -13.47 -44.22
C THR B 351 38.14 -13.88 -45.05
N SER B 352 38.36 -14.75 -46.03
CA SER B 352 37.29 -15.18 -46.92
C SER B 352 36.34 -16.17 -46.27
N SER B 353 36.84 -16.99 -45.34
CA SER B 353 36.00 -18.01 -44.73
C SER B 353 34.88 -17.38 -43.90
N MET B 354 35.21 -16.38 -43.08
CA MET B 354 34.20 -15.78 -42.22
C MET B 354 33.14 -15.07 -43.04
N VAL B 355 33.56 -14.29 -44.04
CA VAL B 355 32.60 -13.60 -44.89
C VAL B 355 31.71 -14.58 -45.63
N LYS B 356 32.30 -15.65 -46.16
CA LYS B 356 31.50 -16.64 -46.89
C LYS B 356 30.49 -17.31 -45.96
N GLU B 357 30.92 -17.69 -44.75
CA GLU B 357 30.02 -18.35 -43.81
C GLU B 357 28.87 -17.42 -43.42
N LYS B 358 29.18 -16.15 -43.12
CA LYS B 358 28.13 -15.23 -42.74
C LYS B 358 27.15 -15.00 -43.89
N LEU B 359 27.67 -14.84 -45.11
CA LEU B 359 26.81 -14.62 -46.26
C LEU B 359 25.91 -15.82 -46.51
N VAL B 360 26.46 -17.03 -46.38
CA VAL B 360 25.64 -18.23 -46.58
C VAL B 360 24.57 -18.32 -45.50
N ARG B 361 24.92 -18.05 -44.25
CA ARG B 361 23.96 -18.16 -43.17
C ARG B 361 22.83 -17.15 -43.31
N PHE B 362 23.16 -15.91 -43.67
CA PHE B 362 22.14 -14.86 -43.70
C PHE B 362 21.21 -15.01 -44.90
N LEU B 363 21.76 -15.35 -46.07
CA LEU B 363 21.01 -15.38 -47.32
C LEU B 363 21.19 -16.75 -47.96
N PRO B 364 20.43 -17.76 -47.51
CA PRO B 364 20.59 -19.09 -48.10
C PRO B 364 20.28 -19.16 -49.58
N ARG B 365 19.31 -18.37 -50.06
CA ARG B 365 18.89 -18.44 -51.45
C ARG B 365 19.65 -17.47 -52.35
N THR B 366 19.96 -16.28 -51.84
CA THR B 366 20.69 -15.30 -52.65
C THR B 366 22.07 -15.83 -53.04
N VAL B 367 22.77 -16.43 -52.08
CA VAL B 367 24.09 -17.00 -52.38
C VAL B 367 23.95 -18.16 -53.36
N SER B 368 22.92 -18.99 -53.17
CA SER B 368 22.73 -20.14 -54.06
C SER B 368 22.49 -19.69 -55.50
N ARG B 369 21.66 -18.66 -55.68
CA ARG B 369 21.39 -18.17 -57.03
C ARG B 369 22.61 -17.50 -57.64
N LEU B 370 23.38 -16.77 -56.84
CA LEU B 370 24.49 -16.01 -57.36
C LEU B 370 25.57 -16.95 -57.89
N PRO B 371 26.22 -16.61 -59.00
CA PRO B 371 27.36 -17.40 -59.47
C PRO B 371 28.57 -17.22 -58.56
N GLU B 372 29.60 -18.04 -58.81
CA GLU B 372 30.82 -17.95 -58.03
C GLU B 372 31.50 -16.60 -58.20
N GLU B 373 31.53 -16.07 -59.42
CA GLU B 373 32.14 -14.77 -59.66
C GLU B 373 31.40 -13.67 -58.90
N GLU B 374 30.07 -13.75 -58.88
CA GLU B 374 29.30 -12.77 -58.12
C GLU B 374 29.61 -12.86 -56.63
N ILE B 375 29.75 -14.08 -56.11
CA ILE B 375 30.10 -14.24 -54.71
C ILE B 375 31.46 -13.65 -54.41
N GLU B 376 32.43 -13.90 -55.30
CA GLU B 376 33.77 -13.34 -55.09
C GLU B 376 33.73 -11.82 -55.13
N SER B 377 32.96 -11.24 -56.04
CA SER B 377 32.83 -9.79 -56.10
C SER B 377 32.18 -9.25 -54.83
N TRP B 378 31.16 -9.94 -54.33
CA TRP B 378 30.54 -9.52 -53.07
C TRP B 378 31.53 -9.57 -51.93
N ILE B 379 32.35 -10.62 -51.87
CA ILE B 379 33.35 -10.72 -50.81
C ILE B 379 34.34 -9.57 -50.93
N LYS B 380 34.76 -9.24 -52.15
CA LYS B 380 35.67 -8.12 -52.34
C LYS B 380 35.05 -6.82 -51.85
N TRP B 381 33.78 -6.59 -52.21
CA TRP B 381 33.11 -5.36 -51.77
C TRP B 381 33.02 -5.31 -50.25
N LEU B 382 32.67 -6.43 -49.62
CA LEU B 382 32.55 -6.43 -48.17
C LEU B 382 33.89 -6.21 -47.50
N LYS B 383 34.96 -6.79 -48.04
CA LYS B 383 36.29 -6.55 -47.49
C LYS B 383 36.68 -5.09 -47.61
N GLU B 384 36.41 -4.49 -48.78
CA GLU B 384 36.70 -3.06 -48.95
C GLU B 384 35.92 -2.22 -47.96
N ILE B 385 34.64 -2.54 -47.76
CA ILE B 385 33.83 -1.78 -46.82
C ILE B 385 34.35 -1.92 -45.40
N LEU B 386 34.72 -3.14 -45.01
CA LEU B 386 35.23 -3.38 -43.66
C LEU B 386 36.59 -2.74 -43.43
N GLU B 387 37.39 -2.57 -44.49
CA GLU B 387 38.69 -1.95 -44.32
C GLU B 387 38.57 -0.54 -43.74
N SER B 388 37.46 0.14 -44.02
CA SER B 388 37.20 1.48 -43.50
C SER B 388 36.17 1.44 -42.38
N SER B 389 36.29 0.45 -41.49
CA SER B 389 35.29 0.25 -40.45
C SER B 389 35.16 1.46 -39.52
N HIS B 390 36.17 2.33 -39.47
CA HIS B 390 36.08 3.49 -38.59
C HIS B 390 34.93 4.42 -38.99
N LEU B 391 34.46 4.34 -40.23
CA LEU B 391 33.29 5.10 -40.67
C LEU B 391 32.02 4.30 -40.46
N LEU B 392 31.99 3.06 -40.94
CA LEU B 392 30.81 2.24 -40.83
C LEU B 392 30.49 1.94 -39.37
N THR B 393 29.19 1.93 -39.05
CA THR B 393 28.70 1.64 -37.72
C THR B 393 27.56 0.64 -37.81
N VAL B 394 27.39 -0.14 -36.75
CA VAL B 394 26.39 -1.20 -36.70
C VAL B 394 25.55 -1.00 -35.45
N ILE B 395 24.23 -1.15 -35.59
CA ILE B 395 23.31 -1.05 -34.47
C ILE B 395 23.22 -2.39 -33.76
N LYS B 396 23.14 -2.35 -32.44
CA LYS B 396 23.04 -3.56 -31.63
C LYS B 396 21.60 -4.03 -31.58
N MET B 397 21.38 -5.28 -31.96
CA MET B 397 20.04 -5.86 -31.95
C MET B 397 19.57 -6.12 -30.53
N GLU B 403 15.94 6.06 -28.05
CA GLU B 403 16.96 7.02 -28.46
C GLU B 403 18.26 6.30 -28.83
N ILE B 404 18.15 5.37 -29.77
CA ILE B 404 19.30 4.58 -30.24
C ILE B 404 19.65 5.01 -31.65
N VAL B 405 18.64 5.35 -32.45
CA VAL B 405 18.90 5.80 -33.82
C VAL B 405 19.70 7.10 -33.80
N SER B 406 19.26 8.07 -32.98
CA SER B 406 20.00 9.32 -32.87
C SER B 406 21.38 9.08 -32.32
N ASN B 407 21.51 8.21 -31.31
CA ASN B 407 22.81 7.91 -30.74
C ASN B 407 23.74 7.32 -31.78
N ALA B 408 23.25 6.35 -32.56
CA ALA B 408 24.09 5.71 -33.57
C ALA B 408 24.49 6.70 -34.65
N ILE B 409 23.55 7.52 -35.12
CA ILE B 409 23.88 8.49 -36.16
C ILE B 409 24.90 9.49 -35.65
N SER B 410 24.72 9.98 -34.42
CA SER B 410 25.67 10.92 -33.85
C SER B 410 27.04 10.29 -33.70
N TYR B 411 27.10 9.04 -33.25
CA TYR B 411 28.39 8.37 -33.10
C TYR B 411 29.08 8.22 -34.45
N ALA B 412 28.33 7.82 -35.48
CA ALA B 412 28.92 7.68 -36.81
C ALA B 412 29.43 9.02 -37.33
N LEU B 413 28.65 10.08 -37.17
CA LEU B 413 29.08 11.39 -37.64
C LEU B 413 30.30 11.86 -36.88
N TYR B 414 30.34 11.63 -35.57
CA TYR B 414 31.50 12.02 -34.78
C TYR B 414 32.75 11.27 -35.23
N LYS B 415 32.63 9.97 -35.48
CA LYS B 415 33.78 9.21 -35.97
C LYS B 415 34.23 9.73 -37.32
N ALA B 416 33.29 10.01 -38.22
CA ALA B 416 33.66 10.52 -39.54
C ALA B 416 34.35 11.86 -39.45
N PHE B 417 33.85 12.75 -38.58
CA PHE B 417 34.40 14.09 -38.47
C PHE B 417 35.75 14.09 -37.77
N SER B 418 35.96 13.16 -36.81
CA SER B 418 37.23 13.11 -36.11
C SER B 418 38.37 12.78 -37.06
N THR B 419 38.16 11.82 -37.96
CA THR B 419 39.19 11.40 -38.91
C THR B 419 38.97 12.15 -40.22
N ASN B 420 39.44 13.39 -40.24
CA ASN B 420 39.33 14.23 -41.43
C ASN B 420 40.61 14.98 -41.76
N GLU B 421 41.66 14.85 -40.96
CA GLU B 421 42.96 15.49 -41.15
C GLU B 421 42.94 16.98 -40.80
N GLN B 422 41.77 17.55 -40.52
CA GLN B 422 41.67 18.96 -40.17
C GLN B 422 40.86 19.14 -38.89
N ASP B 423 39.96 18.19 -38.60
CA ASP B 423 39.11 18.27 -37.43
C ASP B 423 39.73 17.64 -36.20
N LYS B 424 40.88 16.99 -36.32
CA LYS B 424 41.52 16.38 -35.16
C LYS B 424 41.91 17.44 -34.13
N ASP B 425 42.48 18.55 -34.60
CA ASP B 425 42.87 19.63 -33.69
C ASP B 425 41.66 20.45 -33.24
N ASN B 426 40.61 20.51 -34.06
CA ASN B 426 39.45 21.35 -33.78
C ASN B 426 38.52 20.57 -32.85
N TRP B 427 38.84 20.59 -31.56
CA TRP B 427 37.96 19.98 -30.57
C TRP B 427 36.68 20.77 -30.39
N ASN B 428 36.72 22.07 -30.67
CA ASN B 428 35.53 22.90 -30.53
C ASN B 428 34.42 22.42 -31.46
N GLY B 429 34.76 22.07 -32.69
CA GLY B 429 33.76 21.55 -33.61
C GLY B 429 33.15 20.25 -33.11
N GLN B 430 33.98 19.36 -32.57
CA GLN B 430 33.48 18.10 -32.02
C GLN B 430 32.51 18.37 -30.87
N LEU B 431 32.87 19.29 -29.98
CA LEU B 431 31.98 19.63 -28.88
C LEU B 431 30.67 20.22 -29.39
N LYS B 432 30.75 21.09 -30.40
CA LYS B 432 29.55 21.69 -30.96
C LYS B 432 28.64 20.63 -31.54
N LEU B 433 29.20 19.69 -32.29
CA LEU B 433 28.40 18.63 -32.89
C LEU B 433 27.77 17.74 -31.82
N LEU B 434 28.55 17.38 -30.80
CA LEU B 434 28.02 16.54 -29.72
C LEU B 434 26.88 17.26 -29.00
N LEU B 435 27.04 18.55 -28.75
CA LEU B 435 25.96 19.32 -28.11
C LEU B 435 24.73 19.37 -29.00
N GLU B 436 24.93 19.54 -30.30
CA GLU B 436 23.79 19.57 -31.23
C GLU B 436 23.04 18.25 -31.20
N TRP B 437 23.77 17.13 -31.18
CA TRP B 437 23.14 15.81 -31.16
C TRP B 437 22.94 15.26 -29.75
N ASN B 438 23.31 16.02 -28.73
CA ASN B 438 23.03 15.65 -27.34
C ASN B 438 23.65 14.30 -26.99
N GLN B 439 24.98 14.24 -27.04
CA GLN B 439 25.74 13.07 -26.65
C GLN B 439 26.56 13.45 -25.42
N LEU B 440 26.08 13.06 -24.24
CA LEU B 440 26.71 13.46 -22.99
C LEU B 440 27.88 12.54 -22.63
N ASP B 441 27.61 11.24 -22.52
CA ASP B 441 28.64 10.31 -22.09
C ASP B 441 29.81 10.30 -23.06
N LEU B 442 29.52 10.32 -24.36
CA LEU B 442 30.59 10.32 -25.35
C LEU B 442 31.46 11.56 -25.21
N ALA B 443 30.84 12.73 -25.04
CA ALA B 443 31.61 13.95 -24.88
C ALA B 443 32.45 13.91 -23.61
N SER B 444 31.87 13.43 -22.51
CA SER B 444 32.60 13.39 -21.25
C SER B 444 33.80 12.47 -21.35
N ASP B 445 33.63 11.30 -21.97
CA ASP B 445 34.71 10.32 -22.03
C ASP B 445 35.77 10.69 -23.06
N GLU B 446 35.38 11.30 -24.18
CA GLU B 446 36.28 11.50 -25.30
C GLU B 446 36.98 12.86 -25.26
N ILE B 447 36.20 13.95 -25.28
CA ILE B 447 36.77 15.27 -25.49
C ILE B 447 37.15 15.93 -24.16
N PHE B 448 36.34 15.77 -23.12
CA PHE B 448 36.63 16.38 -21.82
C PHE B 448 37.69 15.52 -21.13
N THR B 449 38.95 15.92 -21.29
CA THR B 449 40.07 15.19 -20.71
C THR B 449 41.16 16.19 -20.34
N ASN B 450 42.08 15.75 -19.49
CA ASN B 450 43.17 16.60 -19.02
C ASN B 450 44.21 16.87 -20.11
N ASP B 451 43.99 16.47 -21.35
CA ASP B 451 44.97 16.74 -22.40
C ASP B 451 45.17 18.23 -22.62
N ARG B 452 44.07 18.99 -22.61
CA ARG B 452 44.11 20.43 -22.85
C ARG B 452 43.30 21.15 -21.79
N ARG B 453 43.71 22.38 -21.50
CA ARG B 453 43.00 23.21 -20.54
C ARG B 453 41.67 23.67 -21.11
N TRP B 454 40.74 24.01 -20.21
CA TRP B 454 39.40 24.44 -20.58
C TRP B 454 39.15 25.83 -19.98
N GLU B 455 39.30 26.85 -20.81
CA GLU B 455 39.06 28.22 -20.38
C GLU B 455 37.59 28.58 -20.53
N SER B 456 37.11 29.44 -19.64
CA SER B 456 35.70 29.81 -19.65
C SER B 456 35.32 30.55 -20.92
N ALA B 457 36.18 31.44 -21.41
CA ALA B 457 35.87 32.19 -22.60
C ALA B 457 35.67 31.28 -23.81
N ASP B 458 36.50 30.25 -23.93
CA ASP B 458 36.36 29.32 -25.05
C ASP B 458 35.02 28.61 -25.00
N LEU B 459 34.54 28.28 -23.80
CA LEU B 459 33.33 27.50 -23.62
C LEU B 459 32.07 28.36 -23.46
N GLN B 460 32.22 29.68 -23.47
CA GLN B 460 31.06 30.56 -23.26
C GLN B 460 30.00 30.38 -24.34
N GLU B 461 30.43 30.36 -25.61
CA GLU B 461 29.47 30.22 -26.70
C GLU B 461 28.77 28.86 -26.64
N VAL B 462 29.51 27.81 -26.32
CA VAL B 462 28.92 26.49 -26.21
C VAL B 462 27.90 26.47 -25.07
N MET B 463 28.22 27.12 -23.95
CA MET B 463 27.29 27.19 -22.84
C MET B 463 26.01 27.91 -23.25
N PHE B 464 26.14 29.03 -23.95
CA PHE B 464 24.97 29.75 -24.41
C PHE B 464 24.12 28.88 -25.34
N THR B 465 24.76 28.20 -26.28
CA THR B 465 24.03 27.33 -27.19
C THR B 465 23.30 26.23 -26.44
N ALA B 466 23.95 25.64 -25.45
CA ALA B 466 23.31 24.60 -24.65
C ALA B 466 22.10 25.17 -23.90
N LEU B 467 22.23 26.38 -23.37
CA LEU B 467 21.10 27.00 -22.69
C LEU B 467 19.93 27.21 -23.64
N ILE B 468 20.20 27.68 -24.86
CA ILE B 468 19.12 27.98 -25.80
C ILE B 468 18.36 26.70 -26.16
N LYS B 469 19.09 25.62 -26.46
CA LYS B 469 18.50 24.43 -27.04
C LYS B 469 18.08 23.40 -26.00
N ASP B 470 17.90 23.81 -24.75
CA ASP B 470 17.39 22.93 -23.69
C ASP B 470 18.28 21.69 -23.54
N ARG B 471 19.51 21.94 -23.09
CA ARG B 471 20.52 20.90 -22.86
C ARG B 471 20.97 21.01 -21.41
N PRO B 472 20.17 20.51 -20.48
CA PRO B 472 20.52 20.67 -19.06
C PRO B 472 21.75 19.89 -18.64
N LYS B 473 21.88 18.64 -19.07
CA LYS B 473 23.00 17.82 -18.66
C LYS B 473 24.32 18.41 -19.16
N PHE B 474 24.34 18.91 -20.40
CA PHE B 474 25.52 19.59 -20.89
C PHE B 474 25.81 20.85 -20.08
N VAL B 475 24.78 21.55 -19.62
CA VAL B 475 24.99 22.72 -18.78
C VAL B 475 25.66 22.31 -17.47
N ARG B 476 25.19 21.22 -16.87
CA ARG B 476 25.80 20.73 -15.64
C ARG B 476 27.26 20.35 -15.88
N LEU B 477 27.53 19.66 -17.00
CA LEU B 477 28.90 19.27 -17.31
C LEU B 477 29.79 20.50 -17.48
N PHE B 478 29.30 21.52 -18.17
CA PHE B 478 30.08 22.74 -18.35
C PHE B 478 30.35 23.41 -17.02
N LEU B 479 29.34 23.47 -16.15
CA LEU B 479 29.53 24.09 -14.84
C LEU B 479 30.58 23.33 -14.02
N GLU B 480 30.55 22.00 -14.09
CA GLU B 480 31.54 21.22 -13.36
C GLU B 480 32.95 21.50 -13.84
N ASN B 481 33.12 21.65 -15.16
CA ASN B 481 34.46 21.76 -15.75
C ASN B 481 34.88 23.23 -15.84
N GLY B 482 35.02 23.83 -14.67
CA GLY B 482 35.65 25.13 -14.55
C GLY B 482 34.99 26.25 -15.32
N LEU B 483 33.67 26.37 -15.19
CA LEU B 483 32.92 27.46 -15.81
C LEU B 483 32.37 28.36 -14.72
N ASN B 484 32.65 29.66 -14.83
CA ASN B 484 32.16 30.66 -13.88
C ASN B 484 30.86 31.22 -14.43
N LEU B 485 29.74 30.78 -13.84
CA LEU B 485 28.44 31.20 -14.33
C LEU B 485 28.16 32.66 -14.00
N GLN B 486 28.67 33.15 -12.87
CA GLN B 486 28.44 34.54 -12.50
C GLN B 486 29.00 35.49 -13.54
N LYS B 487 30.22 35.23 -14.01
CA LYS B 487 30.82 36.10 -15.01
C LYS B 487 30.17 35.94 -16.37
N PHE B 488 29.68 34.74 -16.68
CA PHE B 488 29.08 34.50 -18.00
C PHE B 488 27.83 35.35 -18.20
N LEU B 489 27.00 35.46 -17.18
CA LEU B 489 25.70 36.13 -17.30
C LEU B 489 25.93 37.64 -17.33
N THR B 490 26.32 38.13 -18.50
CA THR B 490 26.45 39.56 -18.71
C THR B 490 25.07 40.18 -18.98
N ASN B 491 24.99 41.49 -18.80
CA ASN B 491 23.72 42.18 -18.99
C ASN B 491 23.25 42.05 -20.43
N GLU B 492 24.15 42.22 -21.40
CA GLU B 492 23.76 42.11 -22.80
C GLU B 492 23.25 40.72 -23.12
N VAL B 493 23.95 39.68 -22.64
CA VAL B 493 23.51 38.30 -22.88
C VAL B 493 22.13 38.09 -22.28
N LEU B 494 21.94 38.55 -21.04
CA LEU B 494 20.67 38.32 -20.36
C LEU B 494 19.52 39.03 -21.07
N THR B 495 19.73 40.28 -21.48
CA THR B 495 18.65 40.99 -22.17
C THR B 495 18.35 40.36 -23.52
N GLU B 496 19.39 39.94 -24.26
CA GLU B 496 19.14 39.28 -25.53
C GLU B 496 18.36 37.98 -25.33
N LEU B 497 18.73 37.20 -24.31
CA LEU B 497 18.04 35.95 -24.05
C LEU B 497 16.59 36.19 -23.65
N PHE B 498 16.34 37.21 -22.83
CA PHE B 498 14.97 37.51 -22.44
C PHE B 498 14.15 38.06 -23.60
N SER B 499 14.79 38.72 -24.56
CA SER B 499 14.05 39.36 -25.63
C SER B 499 13.73 38.38 -26.77
N THR B 500 14.74 37.64 -27.24
CA THR B 500 14.57 36.84 -28.43
C THR B 500 14.04 35.44 -28.13
N HIS B 501 14.62 34.75 -27.16
CA HIS B 501 14.29 33.36 -26.89
C HIS B 501 13.14 33.19 -25.89
N PHE B 502 12.52 34.28 -25.46
CA PHE B 502 11.39 34.21 -24.53
C PHE B 502 10.11 34.09 -25.36
N SER B 503 9.43 32.96 -25.23
CA SER B 503 8.26 32.70 -26.05
C SER B 503 7.20 33.76 -25.85
N THR B 504 6.59 34.19 -26.96
CA THR B 504 5.54 35.20 -26.88
C THR B 504 4.30 34.67 -26.18
N LEU B 505 4.04 33.36 -26.29
CA LEU B 505 2.90 32.77 -25.59
C LEU B 505 3.05 32.92 -24.08
N VAL B 506 4.24 32.65 -23.56
CA VAL B 506 4.46 32.79 -22.12
C VAL B 506 4.37 34.24 -21.70
N TYR B 507 4.82 35.16 -22.55
CA TYR B 507 4.68 36.58 -22.25
C TYR B 507 3.22 36.99 -22.19
N ARG B 508 2.40 36.47 -23.11
CA ARG B 508 0.96 36.74 -23.07
C ARG B 508 0.35 36.18 -21.79
N ASN B 509 0.74 34.97 -21.40
CA ASN B 509 0.23 34.39 -20.17
C ASN B 509 0.62 35.22 -18.96
N LEU B 510 1.86 35.72 -18.94
CA LEU B 510 2.30 36.56 -17.84
C LEU B 510 1.54 37.87 -17.81
N GLN B 511 1.25 38.44 -18.99
CA GLN B 511 0.43 39.65 -19.03
C GLN B 511 -0.95 39.39 -18.46
N ILE B 512 -1.55 38.25 -18.83
CA ILE B 512 -2.87 37.91 -18.30
C ILE B 512 -2.83 37.78 -16.79
N ALA B 513 -1.82 37.09 -16.27
CA ALA B 513 -1.71 36.93 -14.81
C ALA B 513 -1.51 38.27 -14.12
N LYS B 514 -0.66 39.12 -14.69
CA LYS B 514 -0.41 40.43 -14.09
C LYS B 514 -1.68 41.27 -14.07
N ASN B 515 -2.45 41.26 -15.16
CA ASN B 515 -3.65 42.08 -15.21
C ASN B 515 -4.73 41.54 -14.30
N SER B 516 -4.90 40.22 -14.24
CA SER B 516 -5.99 39.63 -13.46
C SER B 516 -5.53 39.26 -12.05
N TYR B 517 -4.51 38.40 -11.95
CA TYR B 517 -4.06 37.87 -10.66
C TYR B 517 -2.78 38.60 -10.26
N ASN B 518 -2.94 39.84 -9.83
CA ASN B 518 -1.79 40.63 -9.42
C ASN B 518 -1.34 40.21 -8.02
N ASP B 519 -0.06 40.46 -7.74
CA ASP B 519 0.52 40.08 -6.46
C ASP B 519 1.73 40.96 -6.18
N ALA B 520 2.13 41.00 -4.91
CA ALA B 520 3.29 41.79 -4.52
C ALA B 520 4.57 41.25 -5.12
N LEU B 521 4.60 39.98 -5.53
CA LEU B 521 5.77 39.36 -6.12
C LEU B 521 5.74 39.36 -7.64
N LEU B 522 4.61 38.96 -8.23
CA LEU B 522 4.54 38.86 -9.69
C LEU B 522 4.82 40.21 -10.35
N THR B 523 4.45 41.31 -9.69
CA THR B 523 4.77 42.63 -10.24
C THR B 523 6.28 42.84 -10.32
N PHE B 524 7.01 42.34 -9.32
CA PHE B 524 8.47 42.50 -9.33
C PHE B 524 9.08 41.77 -10.51
N VAL B 525 8.69 40.52 -10.74
CA VAL B 525 9.25 39.77 -11.85
C VAL B 525 8.81 40.37 -13.17
N TRP B 526 7.59 40.90 -13.24
CA TRP B 526 7.15 41.55 -14.47
C TRP B 526 8.00 42.78 -14.77
N LYS B 527 8.29 43.59 -13.74
CA LYS B 527 9.14 44.75 -13.94
C LYS B 527 10.54 44.34 -14.37
N LEU B 528 11.07 43.28 -13.76
CA LEU B 528 12.41 42.80 -14.13
C LEU B 528 12.42 42.33 -15.58
N VAL B 529 11.40 41.59 -15.99
CA VAL B 529 11.32 41.10 -17.36
C VAL B 529 11.21 42.27 -18.33
N ALA B 530 10.39 43.26 -18.00
CA ALA B 530 10.26 44.42 -18.87
C ALA B 530 11.59 45.17 -18.99
N ASN B 531 12.31 45.30 -17.87
CA ASN B 531 13.60 45.97 -17.91
C ASN B 531 14.59 45.23 -18.80
N PHE B 532 14.64 43.91 -18.68
CA PHE B 532 15.59 43.14 -19.49
C PHE B 532 15.13 43.03 -20.94
N ARG B 533 13.84 43.22 -21.21
CA ARG B 533 13.32 43.06 -22.56
C ARG B 533 13.44 44.34 -23.36
N ARG B 534 13.12 45.49 -22.74
CA ARG B 534 13.24 46.76 -23.43
C ARG B 534 14.70 47.17 -23.62
N SER B 535 15.53 46.92 -22.61
CA SER B 535 16.94 47.29 -22.66
C SER B 535 17.78 46.30 -21.86
N THR B 558 22.93 42.53 -13.92
CA THR B 558 22.11 43.02 -12.82
C THR B 558 22.69 42.59 -11.48
N ARG B 559 22.00 42.94 -10.40
CA ARG B 559 22.47 42.59 -9.07
C ARG B 559 22.50 41.09 -8.86
N HIS B 560 21.47 40.38 -9.33
CA HIS B 560 21.31 38.95 -9.13
C HIS B 560 21.05 38.27 -10.46
N PRO B 561 22.07 38.13 -11.31
CA PRO B 561 21.83 37.45 -12.59
C PRO B 561 21.35 36.02 -12.44
N LEU B 562 21.83 35.31 -11.42
CA LEU B 562 21.39 33.93 -11.22
C LEU B 562 19.91 33.86 -10.95
N GLN B 563 19.38 34.79 -10.14
CA GLN B 563 17.95 34.80 -9.87
C GLN B 563 17.15 35.05 -11.15
N ALA B 564 17.63 35.97 -11.98
CA ALA B 564 16.95 36.24 -13.23
C ALA B 564 16.94 35.01 -14.13
N LEU B 565 18.07 34.31 -14.21
CA LEU B 565 18.13 33.10 -15.03
C LEU B 565 17.20 32.03 -14.49
N PHE B 566 17.15 31.88 -13.17
CA PHE B 566 16.24 30.91 -12.56
C PHE B 566 14.79 31.25 -12.88
N ILE B 567 14.45 32.54 -12.80
CA ILE B 567 13.10 32.97 -13.14
C ILE B 567 12.79 32.66 -14.61
N TRP B 568 13.75 32.93 -15.50
CA TRP B 568 13.54 32.64 -16.91
C TRP B 568 13.28 31.15 -17.11
N ALA B 569 14.07 30.31 -16.46
CA ALA B 569 13.88 28.86 -16.60
C ALA B 569 12.52 28.44 -16.05
N ILE B 570 12.10 29.04 -14.93
CA ILE B 570 10.84 28.65 -14.31
C ILE B 570 9.66 29.03 -15.19
N LEU B 571 9.66 30.26 -15.71
CA LEU B 571 8.51 30.75 -16.45
C LEU B 571 8.22 29.89 -17.68
N GLN B 572 9.24 29.21 -18.21
CA GLN B 572 9.08 28.34 -19.37
C GLN B 572 8.94 26.88 -18.98
N ASN B 573 8.74 26.60 -17.69
CA ASN B 573 8.50 25.23 -17.22
C ASN B 573 9.63 24.28 -17.62
N LYS B 574 10.86 24.75 -17.51
CA LYS B 574 12.04 23.91 -17.72
C LYS B 574 12.45 23.35 -16.35
N LYS B 575 12.31 22.04 -16.18
CA LYS B 575 12.53 21.43 -14.88
C LYS B 575 14.01 21.22 -14.60
N GLU B 576 14.68 20.42 -15.44
CA GLU B 576 16.07 20.07 -15.17
C GLU B 576 16.97 21.30 -15.18
N LEU B 577 16.76 22.19 -16.14
CA LEU B 577 17.56 23.41 -16.20
C LEU B 577 17.33 24.26 -14.97
N SER B 578 16.07 24.35 -14.52
CA SER B 578 15.77 25.13 -13.32
C SER B 578 16.47 24.55 -12.11
N LYS B 579 16.47 23.21 -11.96
CA LYS B 579 17.17 22.59 -10.85
C LYS B 579 18.67 22.87 -10.92
N VAL B 580 19.24 22.78 -12.13
CA VAL B 580 20.67 23.02 -12.28
C VAL B 580 21.02 24.44 -11.88
N ILE B 581 20.22 25.40 -12.31
CA ILE B 581 20.48 26.79 -11.93
C ILE B 581 20.25 26.99 -10.45
N TRP B 582 19.27 26.29 -9.87
CA TRP B 582 18.98 26.45 -8.44
C TRP B 582 20.15 25.94 -7.61
N GLU B 583 20.78 24.85 -8.03
CA GLU B 583 21.91 24.32 -7.27
C GLU B 583 23.02 25.35 -7.09
N GLN B 584 23.11 26.33 -7.98
CA GLN B 584 24.14 27.36 -7.90
C GLN B 584 23.70 28.60 -7.14
N THR B 585 22.43 28.73 -6.80
CA THR B 585 21.93 29.92 -6.14
C THR B 585 22.35 29.95 -4.68
N LYS B 586 22.38 31.16 -4.12
CA LYS B 586 22.70 31.33 -2.70
C LYS B 586 21.47 31.10 -1.83
N GLY B 587 20.43 31.89 -2.03
CA GLY B 587 19.19 31.72 -1.28
C GLY B 587 18.39 30.57 -1.82
N CYS B 588 18.88 29.35 -1.59
CA CYS B 588 18.29 28.17 -2.22
C CYS B 588 16.86 27.96 -1.78
N THR B 589 16.62 27.93 -0.46
CA THR B 589 15.27 27.72 0.03
C THR B 589 14.36 28.91 -0.29
N LEU B 590 14.91 30.13 -0.14
CA LEU B 590 14.14 31.32 -0.51
C LEU B 590 13.78 31.29 -1.99
N ALA B 591 14.74 30.92 -2.84
CA ALA B 591 14.47 30.83 -4.27
C ALA B 591 13.41 29.79 -4.55
N ALA B 592 13.47 28.64 -3.86
CA ALA B 592 12.46 27.61 -4.07
C ALA B 592 11.08 28.10 -3.66
N LEU B 593 10.97 28.78 -2.53
CA LEU B 593 9.68 29.32 -2.10
C LEU B 593 9.15 30.33 -3.11
N GLY B 594 10.02 31.23 -3.57
CA GLY B 594 9.59 32.21 -4.55
C GLY B 594 9.14 31.57 -5.84
N ALA B 595 9.86 30.55 -6.30
CA ALA B 595 9.48 29.84 -7.51
C ALA B 595 8.14 29.14 -7.33
N SER B 596 7.92 28.54 -6.16
CA SER B 596 6.65 27.90 -5.90
C SER B 596 5.50 28.89 -5.97
N LYS B 597 5.68 30.04 -5.32
CA LYS B 597 4.62 31.06 -5.35
C LYS B 597 4.37 31.56 -6.77
N LEU B 598 5.44 31.83 -7.51
CA LEU B 598 5.29 32.33 -8.87
C LEU B 598 4.59 31.31 -9.76
N LEU B 599 4.98 30.04 -9.65
CA LEU B 599 4.35 28.99 -10.44
C LEU B 599 2.88 28.82 -10.06
N LYS B 600 2.57 28.91 -8.77
CA LYS B 600 1.18 28.78 -8.34
C LYS B 600 0.33 29.92 -8.89
N THR B 601 0.83 31.15 -8.81
CA THR B 601 0.06 32.28 -9.34
C THR B 601 -0.02 32.25 -10.86
N LEU B 602 0.96 31.62 -11.51
CA LEU B 602 0.88 31.47 -12.96
C LEU B 602 -0.11 30.40 -13.36
N ALA B 603 -0.20 29.32 -12.57
CA ALA B 603 -1.10 28.23 -12.89
C ALA B 603 -2.56 28.59 -12.67
N LYS B 604 -2.84 29.55 -11.78
CA LYS B 604 -4.21 29.97 -11.57
C LYS B 604 -4.83 30.57 -12.82
N VAL B 605 -4.00 30.95 -13.79
CA VAL B 605 -4.53 31.38 -15.08
C VAL B 605 -5.15 30.18 -15.79
N LYS B 606 -6.00 30.48 -16.78
CA LYS B 606 -6.76 29.45 -17.47
C LYS B 606 -6.69 29.59 -18.99
N ASN B 607 -5.67 30.28 -19.51
CA ASN B 607 -5.51 30.37 -20.96
C ASN B 607 -5.24 28.99 -21.56
N ASP B 608 -4.37 28.21 -20.93
CA ASP B 608 -4.08 26.85 -21.37
C ASP B 608 -3.91 25.96 -20.15
N ILE B 609 -4.55 24.79 -20.21
CA ILE B 609 -4.60 23.90 -19.05
C ILE B 609 -3.27 23.18 -18.86
N ASN B 610 -2.67 22.71 -19.95
CA ASN B 610 -1.50 21.85 -19.83
C ASN B 610 -0.34 22.59 -19.16
N ALA B 611 -0.07 23.82 -19.60
CA ALA B 611 1.02 24.58 -19.00
C ALA B 611 0.75 24.88 -17.54
N ALA B 612 -0.51 25.21 -17.21
CA ALA B 612 -0.86 25.48 -15.82
C ALA B 612 -0.63 24.26 -14.95
N GLY B 613 -1.04 23.08 -15.42
CA GLY B 613 -0.83 21.87 -14.65
C GLY B 613 0.64 21.55 -14.48
N GLU B 614 1.42 21.72 -15.54
CA GLU B 614 2.86 21.51 -15.44
C GLU B 614 3.48 22.44 -14.41
N SER B 615 3.10 23.71 -14.45
CA SER B 615 3.61 24.68 -13.49
C SER B 615 3.19 24.32 -12.07
N GLU B 616 1.96 23.84 -11.90
CA GLU B 616 1.49 23.47 -10.57
C GLU B 616 2.29 22.30 -10.00
N GLU B 617 2.53 21.27 -10.81
CA GLU B 617 3.32 20.15 -10.33
C GLU B 617 4.75 20.56 -10.03
N LEU B 618 5.33 21.42 -10.88
CA LEU B 618 6.68 21.92 -10.61
C LEU B 618 6.72 22.71 -9.31
N ALA B 619 5.68 23.51 -9.06
CA ALA B 619 5.61 24.29 -7.82
C ALA B 619 5.55 23.37 -6.61
N ASN B 620 4.73 22.31 -6.69
CA ASN B 620 4.67 21.37 -5.58
C ASN B 620 6.03 20.70 -5.36
N GLU B 621 6.71 20.35 -6.46
CA GLU B 621 8.03 19.74 -6.35
C GLU B 621 9.01 20.66 -5.65
N TYR B 622 9.03 21.94 -6.04
CA TYR B 622 9.95 22.89 -5.43
C TYR B 622 9.60 23.14 -3.97
N GLU B 623 8.31 23.18 -3.65
CA GLU B 623 7.90 23.31 -2.26
C GLU B 623 8.40 22.14 -1.43
N THR B 624 8.25 20.92 -1.95
CA THR B 624 8.76 19.75 -1.24
C THR B 624 10.27 19.83 -1.06
N ARG B 625 10.98 20.25 -2.11
CA ARG B 625 12.43 20.39 -1.99
C ARG B 625 12.80 21.37 -0.88
N ALA B 626 12.14 22.53 -0.85
CA ALA B 626 12.44 23.51 0.17
C ALA B 626 12.14 22.98 1.56
N VAL B 627 11.00 22.30 1.71
CA VAL B 627 10.63 21.76 3.02
C VAL B 627 11.68 20.77 3.50
N GLU B 628 12.07 19.83 2.64
CA GLU B 628 13.06 18.84 3.05
C GLU B 628 14.40 19.49 3.36
N LEU B 629 14.82 20.45 2.53
CA LEU B 629 16.11 21.09 2.75
C LEU B 629 16.13 21.83 4.07
N PHE B 630 15.06 22.57 4.38
CA PHE B 630 15.05 23.31 5.63
C PHE B 630 14.88 22.38 6.83
N THR B 631 14.19 21.26 6.66
CA THR B 631 14.11 20.28 7.75
C THR B 631 15.49 19.75 8.08
N GLU B 632 16.27 19.38 7.06
CA GLU B 632 17.64 18.94 7.28
C GLU B 632 18.48 20.06 7.89
N CYS B 633 18.29 21.29 7.40
CA CYS B 633 19.05 22.43 7.89
C CYS B 633 18.80 22.67 9.37
N TYR B 634 17.54 22.58 9.79
CA TYR B 634 17.21 22.76 11.20
C TYR B 634 17.70 21.59 12.04
N SER B 635 17.65 20.37 11.49
CA SER B 635 18.15 19.22 12.22
C SER B 635 19.65 19.36 12.50
N ASN B 636 20.41 19.81 11.50
CA ASN B 636 21.84 19.97 11.70
C ASN B 636 22.15 21.03 12.75
N ASP B 637 21.45 22.15 12.70
CA ASP B 637 21.67 23.23 13.65
C ASP B 637 20.37 24.02 13.80
N GLU B 638 20.27 24.74 14.90
CA GLU B 638 19.04 25.45 15.27
C GLU B 638 19.16 26.96 15.07
N ASP B 639 20.16 27.59 15.71
CA ASP B 639 20.26 29.05 15.65
C ASP B 639 20.47 29.54 14.23
N LEU B 640 21.38 28.89 13.49
CA LEU B 640 21.66 29.34 12.13
C LEU B 640 20.42 29.20 11.24
N ALA B 641 19.66 28.13 11.42
CA ALA B 641 18.44 27.96 10.63
C ALA B 641 17.47 29.09 10.89
N GLU B 642 17.29 29.48 12.15
CA GLU B 642 16.39 30.58 12.46
C GLU B 642 16.90 31.89 11.88
N GLN B 643 18.21 32.13 11.97
CA GLN B 643 18.77 33.35 11.38
C GLN B 643 18.53 33.39 9.88
N LEU B 644 18.72 32.26 9.20
CA LEU B 644 18.47 32.21 7.77
C LEU B 644 17.00 32.44 7.45
N LEU B 645 16.11 31.81 8.24
CA LEU B 645 14.68 31.94 7.98
C LEU B 645 14.23 33.38 8.12
N VAL B 646 14.67 34.06 9.20
CA VAL B 646 14.30 35.47 9.39
C VAL B 646 15.12 36.40 8.53
N TYR B 647 16.20 35.92 7.92
CA TYR B 647 17.09 36.78 7.16
C TYR B 647 16.42 37.25 5.88
N SER B 648 16.62 38.53 5.57
CA SER B 648 16.15 39.12 4.33
C SER B 648 17.32 39.27 3.38
N CYS B 649 17.14 38.82 2.14
CA CYS B 649 18.23 38.77 1.17
C CYS B 649 18.44 40.15 0.57
N GLU B 650 19.28 40.23 -0.47
CA GLU B 650 19.51 41.46 -1.21
C GLU B 650 18.42 41.66 -2.26
N ALA B 651 17.18 41.62 -1.78
CA ALA B 651 16.00 41.87 -2.61
C ALA B 651 15.87 40.83 -3.73
N TRP B 652 15.75 39.56 -3.32
CA TRP B 652 15.29 38.54 -4.27
C TRP B 652 13.89 38.88 -4.77
N GLY B 653 12.98 39.12 -3.84
CA GLY B 653 11.65 39.61 -4.16
C GLY B 653 11.16 40.59 -3.13
N GLY B 654 12.09 41.13 -2.33
CA GLY B 654 11.73 42.04 -1.26
C GLY B 654 11.10 41.38 -0.05
N SER B 655 11.36 40.08 0.16
CA SER B 655 10.75 39.35 1.25
C SER B 655 11.65 38.20 1.66
N ASN B 656 11.37 37.65 2.85
CA ASN B 656 12.11 36.53 3.38
C ASN B 656 11.37 35.22 3.09
N CYS B 657 11.92 34.12 3.58
CA CYS B 657 11.31 32.82 3.35
C CYS B 657 9.93 32.74 4.00
N LEU B 658 9.80 33.25 5.22
CA LEU B 658 8.55 33.14 5.95
C LEU B 658 7.44 33.93 5.25
N GLU B 659 7.75 35.14 4.79
CA GLU B 659 6.73 35.95 4.12
C GLU B 659 6.25 35.28 2.84
N LEU B 660 7.17 34.74 2.04
CA LEU B 660 6.76 34.05 0.83
C LEU B 660 5.94 32.82 1.15
N ALA B 661 6.35 32.06 2.17
CA ALA B 661 5.62 30.86 2.52
C ALA B 661 4.19 31.19 2.94
N VAL B 662 4.01 32.23 3.76
CA VAL B 662 2.67 32.59 4.20
C VAL B 662 1.86 33.15 3.05
N GLU B 663 2.50 33.96 2.18
CA GLU B 663 1.78 34.53 1.05
C GLU B 663 1.30 33.43 0.10
N ALA B 664 2.11 32.41 -0.11
CA ALA B 664 1.73 31.29 -0.96
C ALA B 664 0.83 30.30 -0.25
N THR B 665 0.49 30.53 1.02
CA THR B 665 -0.34 29.62 1.79
C THR B 665 0.28 28.22 1.83
N ASP B 666 1.61 28.18 1.97
CA ASP B 666 2.35 26.92 2.04
C ASP B 666 2.22 26.38 3.46
N GLN B 667 1.04 25.83 3.74
CA GLN B 667 0.77 25.34 5.09
C GLN B 667 1.74 24.23 5.47
N HIS B 668 2.17 23.42 4.51
CA HIS B 668 3.05 22.30 4.82
C HIS B 668 4.40 22.79 5.32
N PHE B 669 4.95 23.83 4.70
CA PHE B 669 6.28 24.29 5.07
C PHE B 669 6.28 24.95 6.44
N ILE B 670 5.32 25.82 6.70
CA ILE B 670 5.30 26.58 7.95
C ILE B 670 4.78 25.76 9.12
N ALA B 671 4.30 24.54 8.86
CA ALA B 671 3.82 23.66 9.92
C ALA B 671 4.91 22.69 10.40
N GLN B 672 6.13 22.80 9.89
CA GLN B 672 7.18 21.89 10.29
C GLN B 672 7.62 22.16 11.72
N PRO B 673 8.17 21.15 12.40
CA PRO B 673 8.53 21.35 13.81
C PRO B 673 9.51 22.48 14.05
N GLY B 674 10.47 22.69 13.15
CA GLY B 674 11.43 23.75 13.35
C GLY B 674 10.80 25.13 13.34
N VAL B 675 9.93 25.37 12.36
CA VAL B 675 9.27 26.67 12.27
C VAL B 675 8.35 26.87 13.46
N GLN B 676 7.63 25.84 13.87
CA GLN B 676 6.76 25.96 15.03
C GLN B 676 7.56 26.24 16.30
N ASN B 677 8.73 25.60 16.44
CA ASN B 677 9.58 25.88 17.59
C ASN B 677 10.07 27.32 17.57
N PHE B 678 10.44 27.82 16.39
CA PHE B 678 10.86 29.22 16.28
C PHE B 678 9.73 30.15 16.67
N LEU B 679 8.52 29.87 16.20
CA LEU B 679 7.36 30.70 16.56
C LEU B 679 7.10 30.65 18.05
N SER B 680 7.21 29.47 18.66
CA SER B 680 6.98 29.35 20.09
C SER B 680 8.03 30.13 20.88
N LYS B 681 9.30 30.06 20.44
CA LYS B 681 10.35 30.83 21.10
C LYS B 681 10.06 32.32 21.01
N GLN B 682 9.61 32.78 19.84
CA GLN B 682 9.26 34.18 19.69
C GLN B 682 8.08 34.55 20.59
N TRP B 683 7.10 33.66 20.69
CA TRP B 683 5.89 33.94 21.47
C TRP B 683 6.19 34.02 22.96
N TYR B 684 6.91 33.04 23.49
CA TYR B 684 7.26 33.07 24.90
C TYR B 684 8.31 34.14 25.19
N GLY B 685 9.18 34.42 24.23
CA GLY B 685 10.21 35.42 24.42
C GLY B 685 11.30 34.96 25.36
N GLU B 686 11.77 35.86 26.21
CA GLU B 686 12.84 35.52 27.14
C GLU B 686 12.42 34.49 28.17
N ILE B 687 11.11 34.30 28.36
CA ILE B 687 10.65 33.30 29.31
C ILE B 687 11.08 31.92 28.86
N SER B 688 11.32 31.03 29.82
CA SER B 688 11.70 29.67 29.49
C SER B 688 10.57 28.96 28.76
N ARG B 689 10.93 28.22 27.71
CA ARG B 689 9.94 27.55 26.89
C ARG B 689 9.23 26.43 27.64
N ASP B 690 9.92 25.78 28.57
CA ASP B 690 9.44 24.54 29.17
C ASP B 690 8.75 24.73 30.52
N THR B 691 8.67 25.95 31.03
CA THR B 691 8.04 26.16 32.33
C THR B 691 6.52 25.97 32.22
N LYS B 692 5.95 25.47 33.31
CA LYS B 692 4.52 25.19 33.32
C LYS B 692 3.70 26.48 33.26
N ASN B 693 2.53 26.40 32.62
CA ASN B 693 1.74 27.59 32.36
C ASN B 693 1.14 28.17 33.65
N TRP B 694 0.63 27.31 34.54
CA TRP B 694 -0.01 27.82 35.75
C TRP B 694 0.96 28.66 36.57
N LYS B 695 2.25 28.31 36.54
CA LYS B 695 3.25 29.14 37.21
C LYS B 695 3.25 30.55 36.62
N ILE B 696 3.20 30.65 35.29
CA ILE B 696 3.20 31.96 34.65
C ILE B 696 1.93 32.72 35.00
N ILE B 697 0.80 32.01 35.07
CA ILE B 697 -0.46 32.68 35.40
C ILE B 697 -0.41 33.24 36.82
N LEU B 698 0.07 32.43 37.77
CA LEU B 698 0.19 32.91 39.14
C LEU B 698 1.15 34.09 39.24
N CYS B 699 2.27 34.02 38.52
CA CYS B 699 3.18 35.15 38.50
C CYS B 699 2.54 36.39 37.90
N LEU B 700 1.68 36.21 36.89
CA LEU B 700 0.98 37.34 36.29
C LEU B 700 0.06 38.00 37.30
N PHE B 701 -0.79 37.21 37.94
CA PHE B 701 -1.72 37.78 38.92
C PHE B 701 -0.98 38.32 40.14
N ILE B 702 0.07 37.62 40.57
CA ILE B 702 0.82 38.02 41.76
C ILE B 702 2.18 38.53 41.30
N ILE B 703 2.34 39.84 41.32
CA ILE B 703 3.56 40.51 40.87
C ILE B 703 4.75 40.11 41.72
N PRO B 704 4.67 40.20 43.06
CA PRO B 704 5.89 39.95 43.86
C PRO B 704 6.48 38.57 43.69
N LEU B 705 5.65 37.55 43.40
CA LEU B 705 6.15 36.19 43.26
C LEU B 705 7.05 36.01 42.05
N VAL B 706 7.01 36.95 41.09
CA VAL B 706 7.73 36.76 39.84
C VAL B 706 9.23 36.71 40.07
N GLY B 707 9.76 37.65 40.85
CA GLY B 707 11.20 37.81 40.96
C GLY B 707 11.87 36.93 41.99
N CYS B 708 11.10 36.14 42.74
CA CYS B 708 11.62 35.39 43.88
C CYS B 708 11.20 33.93 43.81
N GLY B 709 11.37 33.30 42.64
CA GLY B 709 11.11 31.87 42.57
C GLY B 709 10.85 31.26 41.20
N LEU B 710 9.75 30.51 41.12
CA LEU B 710 9.50 29.49 40.10
C LEU B 710 9.42 30.02 38.67
N VAL B 711 9.70 31.29 38.41
CA VAL B 711 9.63 31.79 37.04
C VAL B 711 10.58 31.03 36.13
N SER B 712 11.81 30.78 36.60
CA SER B 712 12.78 29.95 35.87
C SER B 712 13.00 30.48 34.45
N PHE B 713 13.53 31.71 34.37
CA PHE B 713 13.85 32.33 33.08
C PHE B 713 14.83 31.48 32.28
N ARG B 714 14.73 31.54 30.94
CA ARG B 714 15.70 30.84 30.10
C ARG B 714 17.10 31.45 30.25
N LYS B 715 17.19 32.77 30.17
CA LYS B 715 18.49 33.43 30.26
C LYS B 715 18.87 33.73 31.70
N LYS B 723 20.28 40.76 36.09
CA LYS B 723 19.98 40.97 37.50
C LYS B 723 18.48 40.91 37.76
N LEU B 724 18.07 41.20 38.99
CA LEU B 724 16.67 41.08 39.35
C LEU B 724 15.82 42.04 38.52
N LEU B 725 16.28 43.29 38.36
CA LEU B 725 15.56 44.22 37.50
C LEU B 725 15.52 43.72 36.07
N TRP B 726 16.60 43.11 35.60
CA TRP B 726 16.60 42.48 34.29
C TRP B 726 15.54 41.39 34.21
N TYR B 727 15.43 40.56 35.25
CA TYR B 727 14.41 39.52 35.26
C TYR B 727 13.02 40.12 35.14
N TYR B 728 12.75 41.17 35.93
CA TYR B 728 11.41 41.76 35.92
C TYR B 728 11.09 42.39 34.56
N VAL B 729 12.04 43.15 34.00
CA VAL B 729 11.78 43.81 32.72
C VAL B 729 11.59 42.76 31.62
N ALA B 730 12.38 41.69 31.65
CA ALA B 730 12.20 40.63 30.68
C ALA B 730 10.84 39.97 30.83
N PHE B 731 10.39 39.77 32.07
CA PHE B 731 9.07 39.18 32.29
C PHE B 731 7.97 40.07 31.72
N PHE B 732 8.06 41.38 31.94
CA PHE B 732 7.01 42.28 31.51
C PHE B 732 7.09 42.64 30.03
N THR B 733 8.17 42.27 29.34
CA THR B 733 8.29 42.49 27.92
C THR B 733 7.95 41.26 27.09
N SER B 734 7.55 40.16 27.73
CA SER B 734 7.28 38.94 26.98
C SER B 734 5.96 39.07 26.22
N PRO B 735 5.90 38.62 24.97
CA PRO B 735 4.63 38.71 24.23
C PRO B 735 3.50 37.94 24.90
N PHE B 736 3.79 36.79 25.51
CA PHE B 736 2.74 35.99 26.11
C PHE B 736 2.10 36.72 27.29
N VAL B 737 2.92 37.30 28.16
CA VAL B 737 2.39 38.06 29.28
C VAL B 737 1.59 39.25 28.78
N VAL B 738 2.07 39.90 27.72
CA VAL B 738 1.34 41.03 27.14
C VAL B 738 -0.02 40.59 26.66
N PHE B 739 -0.08 39.46 25.97
CA PHE B 739 -1.36 38.96 25.45
C PHE B 739 -2.31 38.62 26.59
N SER B 740 -1.80 37.98 27.65
CA SER B 740 -2.66 37.63 28.78
C SER B 740 -3.20 38.90 29.46
N TRP B 741 -2.33 39.88 29.68
CA TRP B 741 -2.78 41.12 30.31
C TRP B 741 -3.75 41.85 29.40
N ASN B 742 -3.56 41.75 28.08
CA ASN B 742 -4.47 42.40 27.14
C ASN B 742 -5.84 41.76 27.15
N VAL B 743 -5.91 40.42 27.25
CA VAL B 743 -7.21 39.78 27.32
C VAL B 743 -7.90 40.13 28.64
N VAL B 744 -7.13 40.22 29.72
CA VAL B 744 -7.70 40.65 30.99
C VAL B 744 -8.27 42.06 30.86
N PHE B 745 -7.49 42.96 30.27
CA PHE B 745 -7.93 44.34 30.11
C PHE B 745 -9.16 44.42 29.21
N TYR B 746 -9.21 43.59 28.18
CA TYR B 746 -10.36 43.58 27.29
C TYR B 746 -11.61 43.08 28.00
N ILE B 747 -11.46 42.08 28.87
CA ILE B 747 -12.60 41.62 29.66
C ILE B 747 -13.09 42.73 30.58
N ALA B 748 -12.15 43.43 31.23
CA ALA B 748 -12.53 44.54 32.08
C ALA B 748 -13.24 45.63 31.27
N PHE B 749 -12.74 45.90 30.07
CA PHE B 749 -13.36 46.89 29.20
C PHE B 749 -14.79 46.50 28.83
N LEU B 750 -15.01 45.22 28.50
CA LEU B 750 -16.35 44.77 28.18
C LEU B 750 -17.28 44.87 29.38
N LEU B 751 -16.77 44.52 30.57
CA LEU B 751 -17.60 44.62 31.77
C LEU B 751 -17.99 46.08 32.02
N LEU B 752 -17.04 47.00 31.89
CA LEU B 752 -17.34 48.42 32.05
C LEU B 752 -18.32 48.89 30.98
N PHE B 753 -18.17 48.38 29.76
CA PHE B 753 -19.09 48.75 28.69
C PHE B 753 -20.51 48.33 29.02
N ALA B 754 -20.69 47.11 29.53
CA ALA B 754 -22.00 46.67 29.97
C ALA B 754 -22.51 47.57 31.09
N TYR B 755 -21.65 47.87 32.06
CA TYR B 755 -22.06 48.67 33.21
C TYR B 755 -22.56 50.05 32.78
N VAL B 756 -21.86 50.68 31.83
CA VAL B 756 -22.22 52.04 31.44
C VAL B 756 -23.31 52.10 30.38
N LEU B 757 -23.46 51.06 29.57
CA LEU B 757 -24.52 51.01 28.57
C LEU B 757 -25.83 50.47 29.14
N LEU B 758 -25.80 49.88 30.33
CA LEU B 758 -26.96 49.22 30.90
C LEU B 758 -27.53 49.93 32.12
N MET B 759 -26.67 50.32 33.06
CA MET B 759 -27.14 50.85 34.34
C MET B 759 -26.90 52.34 34.53
N ASP B 760 -25.95 52.94 33.80
CA ASP B 760 -25.61 54.36 33.97
C ASP B 760 -25.69 55.05 32.60
N PHE B 761 -26.82 55.69 32.34
CA PHE B 761 -27.00 56.47 31.12
C PHE B 761 -27.95 57.62 31.41
N HIS B 762 -27.60 58.81 30.91
CA HIS B 762 -28.41 60.00 31.13
C HIS B 762 -28.21 60.95 29.96
N SER B 763 -29.10 61.93 29.86
CA SER B 763 -28.98 62.95 28.81
C SER B 763 -27.68 63.73 28.93
N VAL B 764 -27.08 63.76 30.11
CA VAL B 764 -25.81 64.45 30.32
C VAL B 764 -24.70 63.40 30.41
N PRO B 765 -23.49 63.71 29.97
CA PRO B 765 -22.41 62.72 30.04
C PRO B 765 -22.05 62.37 31.48
N HIS B 766 -21.57 61.13 31.67
CA HIS B 766 -21.05 60.67 32.95
C HIS B 766 -19.63 60.17 32.76
N THR B 767 -18.87 60.16 33.85
CA THR B 767 -17.46 59.82 33.77
C THR B 767 -17.21 58.44 33.17
N PRO B 768 -17.95 57.38 33.50
CA PRO B 768 -17.66 56.08 32.89
C PRO B 768 -17.76 56.12 31.37
N GLU B 769 -18.72 56.88 30.84
CA GLU B 769 -18.87 56.97 29.40
C GLU B 769 -17.66 57.63 28.76
N LEU B 770 -17.15 58.71 29.37
CA LEU B 770 -15.95 59.35 28.85
C LEU B 770 -14.76 58.42 28.91
N ILE B 771 -14.62 57.67 30.01
CA ILE B 771 -13.52 56.71 30.11
C ILE B 771 -13.61 55.67 29.00
N LEU B 772 -14.83 55.17 28.74
CA LEU B 772 -15.02 54.19 27.68
C LEU B 772 -14.68 54.80 26.33
N TYR B 773 -14.99 56.08 26.14
CA TYR B 773 -14.60 56.75 24.90
C TYR B 773 -13.10 56.75 24.72
N ALA B 774 -12.34 57.02 25.79
CA ALA B 774 -10.88 56.96 25.70
C ALA B 774 -10.41 55.54 25.37
N LEU B 775 -11.02 54.54 26.01
CA LEU B 775 -10.60 53.16 25.77
C LEU B 775 -10.86 52.76 24.32
N VAL B 776 -12.03 53.09 23.79
CA VAL B 776 -12.34 52.75 22.40
C VAL B 776 -11.44 53.54 21.46
N PHE B 777 -11.08 54.78 21.82
CA PHE B 777 -10.13 55.53 21.01
C PHE B 777 -8.77 54.83 20.98
N VAL B 778 -8.34 54.27 22.10
CA VAL B 778 -7.10 53.50 22.13
C VAL B 778 -7.20 52.31 21.19
N LEU B 779 -8.33 51.60 21.25
CA LEU B 779 -8.52 50.45 20.37
C LEU B 779 -8.46 50.90 18.90
N PHE B 780 -9.09 52.03 18.59
CA PHE B 780 -9.09 52.53 17.21
C PHE B 780 -7.68 52.92 16.77
N CYS B 781 -6.89 53.51 17.68
CA CYS B 781 -5.52 53.86 17.34
C CYS B 781 -4.71 52.62 17.03
N ASP B 782 -4.88 51.56 17.83
CA ASP B 782 -4.19 50.31 17.54
C ASP B 782 -4.64 49.74 16.20
N GLU B 783 -5.95 49.83 15.91
CA GLU B 783 -6.45 49.29 14.66
C GLU B 783 -5.86 50.04 13.46
N VAL B 784 -5.80 51.37 13.53
CA VAL B 784 -5.23 52.13 12.42
C VAL B 784 -3.73 51.85 12.29
N ARG B 785 -3.05 51.66 13.42
CA ARG B 785 -1.66 51.21 13.34
C ARG B 785 -1.56 49.90 12.57
N GLN B 786 -2.48 48.97 12.84
CA GLN B 786 -2.49 47.72 12.09
C GLN B 786 -2.70 47.98 10.60
N TRP B 787 -3.65 48.86 10.27
CA TRP B 787 -3.98 49.11 8.86
C TRP B 787 -2.82 49.78 8.14
N TYR B 788 -1.94 50.45 8.88
CA TYR B 788 -0.85 51.19 8.24
C TYR B 788 0.07 50.27 7.45
N MET B 789 0.18 49.01 7.86
CA MET B 789 1.07 48.05 7.22
C MET B 789 0.26 47.08 6.37
N ASN B 790 0.62 46.98 5.09
CA ASN B 790 -0.06 46.08 4.15
C ASN B 790 -1.57 46.25 4.25
N GLY B 791 -2.04 47.45 3.88
CA GLY B 791 -3.45 47.74 4.02
C GLY B 791 -4.34 46.78 3.27
N VAL B 792 -4.02 46.50 2.01
CA VAL B 792 -4.82 45.59 1.21
C VAL B 792 -4.77 44.18 1.81
N ASN B 793 -3.56 43.68 2.08
CA ASN B 793 -3.44 42.35 2.67
C ASN B 793 -4.00 42.31 4.08
N TYR B 794 -3.86 43.40 4.84
CA TYR B 794 -4.44 43.44 6.18
C TYR B 794 -5.95 43.32 6.12
N PHE B 795 -6.59 44.04 5.19
CA PHE B 795 -8.03 43.92 5.02
C PHE B 795 -8.42 42.56 4.45
N THR B 796 -7.51 41.89 3.74
CA THR B 796 -7.81 40.56 3.22
C THR B 796 -8.07 39.57 4.34
N ASP B 797 -7.55 39.83 5.54
CA ASP B 797 -7.72 38.91 6.66
C ASP B 797 -9.19 38.84 7.06
N LEU B 798 -9.61 37.67 7.55
CA LEU B 798 -11.01 37.48 7.93
C LEU B 798 -11.34 38.29 9.18
N TRP B 799 -10.63 38.02 10.29
CA TRP B 799 -10.89 38.74 11.53
C TRP B 799 -10.70 40.24 11.35
N ASN B 800 -9.82 40.63 10.44
CA ASN B 800 -9.63 42.05 10.13
C ASN B 800 -10.92 42.67 9.64
N VAL B 801 -11.68 41.95 8.81
CA VAL B 801 -12.94 42.49 8.31
C VAL B 801 -13.88 42.78 9.47
N MET B 802 -14.01 41.83 10.40
CA MET B 802 -14.94 42.01 11.51
C MET B 802 -14.51 43.16 12.40
N ASP B 803 -13.23 43.18 12.80
CA ASP B 803 -12.78 44.24 13.71
C ASP B 803 -12.86 45.61 13.05
N THR B 804 -12.50 45.71 11.77
CA THR B 804 -12.62 46.98 11.07
C THR B 804 -14.07 47.43 10.98
N LEU B 805 -14.98 46.49 10.71
CA LEU B 805 -16.39 46.85 10.61
C LEU B 805 -16.91 47.37 11.94
N GLY B 806 -16.48 46.78 13.05
CA GLY B 806 -16.99 47.20 14.35
C GLY B 806 -16.77 48.68 14.62
N LEU B 807 -15.62 49.21 14.20
CA LEU B 807 -15.28 50.59 14.53
C LEU B 807 -16.26 51.58 13.92
N PHE B 808 -16.65 51.36 12.65
CA PHE B 808 -17.56 52.29 12.00
C PHE B 808 -18.90 52.35 12.72
N TYR B 809 -19.45 51.18 13.08
CA TYR B 809 -20.70 51.15 13.80
C TYR B 809 -20.57 51.84 15.16
N PHE B 810 -19.46 51.57 15.87
CA PHE B 810 -19.30 52.20 17.17
C PHE B 810 -19.26 53.72 17.05
N ILE B 811 -18.49 54.22 16.08
CA ILE B 811 -18.34 55.67 15.96
C ILE B 811 -19.67 56.30 15.53
N ALA B 812 -20.42 55.63 14.64
CA ALA B 812 -21.73 56.14 14.27
C ALA B 812 -22.65 56.22 15.48
N GLY B 813 -22.67 55.16 16.29
CA GLY B 813 -23.50 55.19 17.49
C GLY B 813 -23.08 56.28 18.45
N ILE B 814 -21.77 56.46 18.64
CA ILE B 814 -21.28 57.50 19.54
C ILE B 814 -21.69 58.88 19.05
N VAL B 815 -21.59 59.11 17.74
CA VAL B 815 -22.00 60.39 17.18
C VAL B 815 -23.49 60.61 17.41
N PHE B 816 -24.30 59.57 17.21
CA PHE B 816 -25.74 59.71 17.40
C PHE B 816 -26.08 59.97 18.87
N ARG B 817 -25.35 59.37 19.80
CA ARG B 817 -25.68 59.53 21.22
C ARG B 817 -25.57 60.98 21.67
N LEU B 818 -24.54 61.69 21.20
CA LEU B 818 -24.26 63.02 21.72
C LEU B 818 -25.47 63.95 21.60
N HIS B 819 -26.31 63.74 20.60
CA HIS B 819 -27.47 64.60 20.39
C HIS B 819 -28.54 64.25 21.42
N SER B 820 -28.57 65.01 22.52
CA SER B 820 -29.51 64.74 23.60
C SER B 820 -30.87 65.40 23.37
N SER B 821 -30.95 66.39 22.49
CA SER B 821 -32.21 67.10 22.30
C SER B 821 -33.31 66.19 21.77
N ASN B 822 -32.97 65.25 20.89
CA ASN B 822 -33.94 64.35 20.28
C ASN B 822 -33.95 63.03 21.05
N LYS B 823 -35.12 62.66 21.56
CA LYS B 823 -35.25 61.41 22.31
C LYS B 823 -35.03 60.20 21.40
N SER B 824 -35.58 60.26 20.18
CA SER B 824 -35.44 59.13 19.26
C SER B 824 -33.98 58.89 18.90
N SER B 825 -33.20 59.96 18.77
CA SER B 825 -31.77 59.79 18.51
C SER B 825 -31.09 59.06 19.65
N LEU B 826 -31.45 59.40 20.89
CA LEU B 826 -30.90 58.71 22.05
C LEU B 826 -31.26 57.23 22.03
N TYR B 827 -32.52 56.92 21.72
CA TYR B 827 -32.96 55.53 21.64
C TYR B 827 -32.16 54.76 20.59
N SER B 828 -32.04 55.34 19.40
CA SER B 828 -31.30 54.68 18.33
C SER B 828 -29.84 54.49 18.71
N GLY B 829 -29.24 55.49 19.36
CA GLY B 829 -27.86 55.36 19.79
C GLY B 829 -27.67 54.23 20.79
N ARG B 830 -28.60 54.11 21.74
CA ARG B 830 -28.48 53.02 22.72
C ARG B 830 -28.63 51.66 22.03
N VAL B 831 -29.55 51.55 21.07
CA VAL B 831 -29.68 50.29 20.35
C VAL B 831 -28.40 49.96 19.59
N ILE B 832 -27.81 50.97 18.94
CA ILE B 832 -26.56 50.76 18.21
C ILE B 832 -25.44 50.34 19.17
N PHE B 833 -25.44 50.90 20.38
CA PHE B 833 -24.48 50.48 21.39
C PHE B 833 -24.67 49.02 21.76
N CYS B 834 -25.92 48.57 21.84
CA CYS B 834 -26.18 47.15 22.10
C CYS B 834 -25.60 46.28 20.99
N LEU B 835 -25.83 46.68 19.74
CA LEU B 835 -25.24 45.95 18.62
C LEU B 835 -23.72 45.94 18.72
N ASP B 836 -23.13 47.07 19.15
CA ASP B 836 -21.69 47.15 19.32
C ASP B 836 -21.21 46.15 20.37
N TYR B 837 -21.94 46.03 21.48
CA TYR B 837 -21.60 45.03 22.48
C TYR B 837 -21.62 43.64 21.87
N ILE B 838 -22.65 43.35 21.08
CA ILE B 838 -22.74 42.02 20.46
C ILE B 838 -21.52 41.74 19.61
N ILE B 839 -21.13 42.70 18.77
CA ILE B 839 -20.01 42.46 17.86
C ILE B 839 -18.70 42.32 18.63
N PHE B 840 -18.51 43.13 19.67
CA PHE B 840 -17.29 43.00 20.46
C PHE B 840 -17.21 41.66 21.18
N THR B 841 -18.34 41.19 21.73
CA THR B 841 -18.33 39.88 22.37
C THR B 841 -18.05 38.78 21.35
N LEU B 842 -18.57 38.92 20.13
CA LEU B 842 -18.21 38.00 19.06
C LEU B 842 -16.71 38.01 18.83
N ARG B 843 -16.11 39.21 18.80
CA ARG B 843 -14.67 39.32 18.60
C ARG B 843 -13.91 38.59 19.69
N LEU B 844 -14.35 38.73 20.94
CA LEU B 844 -13.60 38.20 22.07
C LEU B 844 -13.20 36.73 21.92
N ILE B 845 -13.86 36.02 21.00
CA ILE B 845 -13.59 34.59 20.84
C ILE B 845 -12.24 34.31 20.20
N HIS B 846 -11.60 35.32 19.61
CA HIS B 846 -10.37 35.07 18.86
C HIS B 846 -9.23 34.54 19.73
N ILE B 847 -9.32 34.71 21.05
CA ILE B 847 -8.19 34.38 21.91
C ILE B 847 -7.89 32.88 21.87
N PHE B 848 -8.91 32.03 21.75
CA PHE B 848 -8.72 30.59 21.85
C PHE B 848 -7.75 30.04 20.81
N THR B 849 -7.35 30.85 19.82
CA THR B 849 -6.39 30.37 18.84
C THR B 849 -5.07 30.00 19.48
N VAL B 850 -4.69 30.69 20.57
CA VAL B 850 -3.40 30.44 21.20
C VAL B 850 -3.30 29.02 21.75
N SER B 851 -4.43 28.42 22.11
CA SER B 851 -4.42 27.12 22.77
C SER B 851 -4.29 26.01 21.74
N ARG B 852 -3.36 25.09 21.99
CA ARG B 852 -3.19 23.93 21.11
C ARG B 852 -4.45 23.06 21.12
N ASN B 853 -5.02 22.85 22.31
CA ASN B 853 -6.15 21.94 22.44
C ASN B 853 -7.45 22.53 21.92
N LEU B 854 -7.52 23.85 21.75
CA LEU B 854 -8.78 24.52 21.45
C LEU B 854 -8.80 25.25 20.11
N GLY B 855 -7.65 25.48 19.49
CA GLY B 855 -7.56 26.29 18.29
C GLY B 855 -8.36 25.76 17.12
N PRO B 856 -8.21 24.47 16.80
CA PRO B 856 -8.89 23.93 15.61
C PRO B 856 -10.40 24.06 15.67
N LYS B 857 -10.98 24.08 16.86
CA LYS B 857 -12.43 24.19 16.97
C LYS B 857 -12.93 25.50 16.39
N ILE B 858 -12.18 26.58 16.56
CA ILE B 858 -12.60 27.87 16.02
C ILE B 858 -12.60 27.84 14.50
N ILE B 859 -11.58 27.22 13.90
CA ILE B 859 -11.53 27.11 12.44
C ILE B 859 -12.69 26.25 11.94
N MET B 860 -12.98 25.17 12.65
CA MET B 860 -14.15 24.37 12.31
C MET B 860 -15.42 25.22 12.38
N LEU B 861 -15.52 26.08 13.39
CA LEU B 861 -16.67 26.96 13.52
C LEU B 861 -16.77 27.91 12.33
N GLN B 862 -15.64 28.45 11.88
CA GLN B 862 -15.64 29.36 10.74
C GLN B 862 -16.13 28.65 9.47
N ARG B 863 -15.63 27.44 9.23
CA ARG B 863 -16.07 26.69 8.06
C ARG B 863 -17.55 26.36 8.16
N MET B 864 -18.00 25.96 9.36
CA MET B 864 -19.42 25.69 9.57
C MET B 864 -20.25 26.92 9.29
N LEU B 865 -19.77 28.10 9.69
CA LEU B 865 -20.48 29.32 9.36
C LEU B 865 -20.59 29.50 7.86
N ILE B 866 -19.49 29.28 7.15
CA ILE B 866 -19.49 29.48 5.71
C ILE B 866 -20.53 28.59 5.04
N ASP B 867 -20.65 27.34 5.49
CA ASP B 867 -21.60 26.42 4.85
C ASP B 867 -23.03 26.68 5.31
N VAL B 868 -23.22 26.85 6.61
CA VAL B 868 -24.56 27.02 7.16
C VAL B 868 -25.18 28.30 6.65
N PHE B 869 -24.37 29.30 6.26
CA PHE B 869 -24.95 30.50 5.67
C PHE B 869 -25.77 30.15 4.43
N PHE B 870 -25.19 29.40 3.49
CA PHE B 870 -25.92 28.99 2.30
C PHE B 870 -27.07 28.05 2.64
N PHE B 871 -26.84 27.11 3.55
CA PHE B 871 -27.91 26.17 3.91
C PHE B 871 -29.13 26.93 4.43
N LEU B 872 -28.92 27.85 5.36
CA LEU B 872 -30.02 28.65 5.90
C LEU B 872 -30.55 29.65 4.88
N PHE B 873 -29.76 30.02 3.89
CA PHE B 873 -30.29 30.82 2.79
C PHE B 873 -31.36 30.06 2.04
N LEU B 874 -31.06 28.81 1.68
CA LEU B 874 -32.09 27.96 1.05
C LEU B 874 -33.28 27.77 1.98
N PHE B 875 -32.99 27.54 3.27
CA PHE B 875 -34.06 27.42 4.26
C PHE B 875 -35.00 28.61 4.19
N ALA B 876 -34.43 29.82 4.23
CA ALA B 876 -35.25 31.03 4.20
C ALA B 876 -35.97 31.18 2.88
N VAL B 877 -35.37 30.76 1.78
CA VAL B 877 -36.04 30.84 0.48
C VAL B 877 -37.34 30.06 0.52
N TRP B 878 -37.25 28.76 0.86
CA TRP B 878 -38.47 27.96 0.81
C TRP B 878 -39.38 28.29 2.00
N MET B 879 -38.83 28.87 3.06
CA MET B 879 -39.64 29.41 4.13
C MET B 879 -40.52 30.54 3.61
N VAL B 880 -39.96 31.44 2.82
CA VAL B 880 -40.74 32.53 2.23
C VAL B 880 -41.79 31.94 1.28
N ALA B 881 -41.41 30.92 0.51
CA ALA B 881 -42.38 30.28 -0.37
C ALA B 881 -43.57 29.76 0.42
N PHE B 882 -43.31 28.98 1.46
CA PHE B 882 -44.40 28.43 2.26
C PHE B 882 -45.17 29.52 3.00
N GLY B 883 -44.49 30.60 3.37
CA GLY B 883 -45.18 31.70 4.03
C GLY B 883 -46.18 32.38 3.11
N VAL B 884 -45.78 32.63 1.86
CA VAL B 884 -46.71 33.24 0.92
C VAL B 884 -47.85 32.27 0.58
N ALA B 885 -47.53 30.97 0.52
CA ALA B 885 -48.59 29.99 0.32
C ALA B 885 -49.59 30.00 1.47
N ARG B 886 -49.08 30.09 2.70
CA ARG B 886 -49.96 30.19 3.86
C ARG B 886 -50.79 31.47 3.80
N GLN B 887 -50.19 32.57 3.39
CA GLN B 887 -50.93 33.82 3.25
C GLN B 887 -52.08 33.64 2.26
N GLY B 888 -51.80 33.00 1.13
CA GLY B 888 -52.86 32.76 0.16
C GLY B 888 -53.96 31.86 0.69
N ILE B 889 -53.58 30.80 1.40
CA ILE B 889 -54.57 29.88 1.94
C ILE B 889 -55.44 30.58 2.98
N LEU B 890 -54.83 31.34 3.88
CA LEU B 890 -55.56 32.00 4.97
C LEU B 890 -56.67 32.87 4.42
N ARG B 891 -56.31 33.90 3.66
CA ARG B 891 -57.28 34.79 3.04
C ARG B 891 -56.92 34.98 1.58
N GLN B 892 -57.94 35.17 0.74
CA GLN B 892 -57.73 35.25 -0.70
C GLN B 892 -56.88 36.46 -1.06
N ASN B 893 -57.24 37.63 -0.54
CA ASN B 893 -56.59 38.87 -0.93
C ASN B 893 -56.41 39.79 0.28
N GLU B 894 -55.45 40.70 0.15
CA GLU B 894 -55.20 41.73 1.16
C GLU B 894 -54.60 42.93 0.45
N GLN B 895 -55.13 44.12 0.73
CA GLN B 895 -54.78 45.34 0.03
C GLN B 895 -54.25 46.40 0.98
N ARG B 896 -53.36 46.00 1.90
CA ARG B 896 -52.72 46.94 2.81
C ARG B 896 -51.29 46.49 3.04
N TRP B 897 -50.35 47.43 2.93
CA TRP B 897 -48.93 47.14 3.00
C TRP B 897 -48.41 46.97 4.43
N ARG B 898 -49.29 46.87 5.42
CA ARG B 898 -48.90 46.66 6.81
C ARG B 898 -49.32 45.30 7.32
N TRP B 899 -50.61 44.96 7.22
CA TRP B 899 -51.08 43.67 7.71
C TRP B 899 -50.42 42.52 6.97
N ILE B 900 -50.20 42.68 5.67
CA ILE B 900 -49.63 41.60 4.87
C ILE B 900 -48.23 41.26 5.37
N PHE B 901 -47.39 42.26 5.58
CA PHE B 901 -46.00 42.00 5.96
C PHE B 901 -45.93 41.32 7.32
N ARG B 902 -46.72 41.81 8.28
CA ARG B 902 -46.72 41.20 9.61
C ARG B 902 -47.25 39.77 9.55
N SER B 903 -48.31 39.55 8.79
CA SER B 903 -48.86 38.20 8.66
C SER B 903 -47.83 37.24 8.06
N VAL B 904 -47.12 37.70 7.01
CA VAL B 904 -46.11 36.87 6.38
C VAL B 904 -44.97 36.57 7.35
N ILE B 905 -44.50 37.60 8.07
CA ILE B 905 -43.36 37.41 8.97
C ILE B 905 -43.74 36.57 10.17
N TYR B 906 -45.03 36.49 10.50
CA TYR B 906 -45.44 35.72 11.66
C TYR B 906 -45.23 34.22 11.47
N GLU B 907 -45.40 33.72 10.25
CA GLU B 907 -45.34 32.28 10.03
C GLU B 907 -44.01 31.68 10.45
N PRO B 908 -42.85 32.23 10.07
CA PRO B 908 -41.58 31.63 10.53
C PRO B 908 -41.48 31.50 12.04
N TYR B 909 -41.61 32.61 12.77
CA TYR B 909 -41.51 32.55 14.22
C TYR B 909 -42.59 31.67 14.81
N LEU B 910 -43.80 31.73 14.26
CA LEU B 910 -44.87 30.86 14.73
C LEU B 910 -44.46 29.40 14.66
N ALA B 911 -43.93 28.97 13.52
CA ALA B 911 -43.51 27.58 13.35
C ALA B 911 -42.36 27.25 14.29
N MET B 912 -41.37 28.14 14.40
CA MET B 912 -40.15 27.81 15.13
C MET B 912 -40.40 27.74 16.64
N PHE B 913 -41.20 28.66 17.18
CA PHE B 913 -41.37 28.75 18.63
C PHE B 913 -42.30 27.69 19.18
N GLY B 914 -42.95 26.90 18.34
CA GLY B 914 -43.65 25.71 18.79
C GLY B 914 -45.16 25.81 18.84
N GLN B 915 -45.69 26.94 19.29
CA GLN B 915 -47.14 27.15 19.34
C GLN B 915 -47.62 27.93 18.13
N VAL B 916 -47.34 27.43 16.95
CA VAL B 916 -47.63 28.16 15.71
C VAL B 916 -49.15 28.29 15.55
N PRO B 917 -49.67 29.49 15.28
CA PRO B 917 -51.08 29.61 14.88
C PRO B 917 -51.46 28.68 13.73
N SER B 918 -50.46 28.14 13.03
CA SER B 918 -50.73 27.24 11.92
C SER B 918 -51.65 26.10 12.34
N ASP B 919 -51.49 25.60 13.57
CA ASP B 919 -52.39 24.57 14.07
C ASP B 919 -53.82 25.07 14.12
N VAL B 920 -54.01 26.30 14.60
CA VAL B 920 -55.36 26.90 14.61
C VAL B 920 -55.82 27.19 13.19
N ASP B 921 -54.91 27.63 12.32
CA ASP B 921 -55.27 27.94 10.95
C ASP B 921 -55.80 26.71 10.22
N SER B 922 -55.18 25.56 10.47
CA SER B 922 -55.62 24.33 9.81
C SER B 922 -57.07 24.00 10.15
N THR B 923 -57.44 24.15 11.42
CA THR B 923 -58.80 23.89 11.86
C THR B 923 -59.66 25.14 11.73
N PRO B 953 -65.88 23.20 -1.76
CA PRO B 953 -65.80 21.81 -1.32
C PRO B 953 -64.60 21.55 -0.43
N GLU B 954 -64.83 21.44 0.87
CA GLU B 954 -63.74 21.22 1.82
C GLU B 954 -63.14 19.83 1.68
N TRP B 955 -63.96 18.84 1.34
CA TRP B 955 -63.47 17.46 1.26
C TRP B 955 -62.33 17.34 0.26
N ILE B 956 -62.34 18.16 -0.78
CA ILE B 956 -61.30 18.12 -1.81
C ILE B 956 -60.11 19.00 -1.43
N THR B 957 -60.37 20.19 -0.90
CA THR B 957 -59.29 21.14 -0.62
C THR B 957 -58.45 20.68 0.58
N ILE B 958 -59.09 20.20 1.64
CA ILE B 958 -58.37 19.90 2.88
C ILE B 958 -57.28 18.86 2.68
N PRO B 959 -57.55 17.69 2.08
CA PRO B 959 -56.50 16.67 2.00
C PRO B 959 -55.25 17.14 1.28
N LEU B 960 -55.39 17.92 0.21
CA LEU B 960 -54.21 18.42 -0.49
C LEU B 960 -53.40 19.35 0.39
N VAL B 961 -54.08 20.22 1.15
CA VAL B 961 -53.37 21.13 2.05
C VAL B 961 -52.62 20.33 3.11
N CYS B 962 -53.26 19.31 3.67
CA CYS B 962 -52.60 18.49 4.67
C CYS B 962 -51.39 17.77 4.09
N ILE B 963 -51.53 17.25 2.87
CA ILE B 963 -50.42 16.54 2.22
C ILE B 963 -49.25 17.49 2.00
N TYR B 964 -49.53 18.71 1.54
CA TYR B 964 -48.43 19.64 1.31
C TYR B 964 -47.83 20.15 2.61
N MET B 965 -48.61 20.21 3.69
CA MET B 965 -48.02 20.51 4.99
C MET B 965 -47.04 19.42 5.41
N LEU B 966 -47.44 18.15 5.21
CA LEU B 966 -46.51 17.06 5.48
C LEU B 966 -45.28 17.17 4.59
N SER B 967 -45.47 17.60 3.34
CA SER B 967 -44.32 17.82 2.45
C SER B 967 -43.38 18.86 3.02
N THR B 968 -43.93 19.97 3.53
CA THR B 968 -43.09 21.00 4.13
C THR B 968 -42.32 20.44 5.32
N ASN B 969 -42.98 19.66 6.17
CA ASN B 969 -42.31 19.10 7.33
C ASN B 969 -41.17 18.18 6.91
N ILE B 970 -41.41 17.32 5.92
CA ILE B 970 -40.36 16.38 5.50
C ILE B 970 -39.21 17.13 4.85
N LEU B 971 -39.51 18.21 4.11
CA LEU B 971 -38.44 19.03 3.56
C LEU B 971 -37.60 19.66 4.67
N LEU B 972 -38.27 20.15 5.73
CA LEU B 972 -37.55 20.70 6.87
C LEU B 972 -36.61 19.66 7.47
N VAL B 973 -37.12 18.44 7.68
CA VAL B 973 -36.30 17.37 8.24
C VAL B 973 -35.13 17.06 7.30
N ASN B 974 -35.38 17.08 6.00
CA ASN B 974 -34.32 16.81 5.02
C ASN B 974 -33.20 17.82 5.15
N LEU B 975 -33.55 19.11 5.24
CA LEU B 975 -32.52 20.13 5.40
C LEU B 975 -31.79 19.95 6.73
N LEU B 976 -32.54 19.71 7.80
CA LEU B 976 -31.93 19.58 9.12
C LEU B 976 -30.92 18.44 9.15
N VAL B 977 -31.16 17.38 8.39
CA VAL B 977 -30.22 16.27 8.39
C VAL B 977 -29.08 16.52 7.40
N ALA B 978 -29.35 17.18 6.28
CA ALA B 978 -28.30 17.46 5.31
C ALA B 978 -27.27 18.42 5.87
N MET B 979 -27.69 19.37 6.70
CA MET B 979 -26.74 20.26 7.34
C MET B 979 -25.69 19.47 8.11
N PHE B 980 -26.13 18.55 8.97
CA PHE B 980 -25.19 17.72 9.72
C PHE B 980 -24.38 16.82 8.80
N GLY B 981 -25.00 16.33 7.73
CA GLY B 981 -24.28 15.51 6.78
C GLY B 981 -23.10 16.23 6.17
N TYR B 982 -23.28 17.49 5.80
CA TYR B 982 -22.16 18.25 5.25
C TYR B 982 -21.18 18.65 6.35
N THR B 983 -21.68 18.93 7.54
CA THR B 983 -20.75 19.32 8.56
C THR B 983 -19.82 18.18 8.86
N VAL B 984 -20.33 16.96 8.84
CA VAL B 984 -19.48 15.82 9.11
C VAL B 984 -18.35 15.72 8.07
N GLY B 985 -18.67 15.97 6.80
CA GLY B 985 -17.67 15.89 5.77
C GLY B 985 -16.64 16.99 5.95
N ILE B 986 -17.08 18.17 6.38
CA ILE B 986 -16.14 19.26 6.52
C ILE B 986 -15.22 19.04 7.72
N VAL B 987 -15.79 18.64 8.85
CA VAL B 987 -14.98 18.46 10.06
C VAL B 987 -14.08 17.24 9.96
N GLN B 988 -14.34 16.33 9.01
CA GLN B 988 -13.53 15.12 8.91
C GLN B 988 -12.07 15.45 8.64
N GLU B 989 -11.81 16.42 7.76
CA GLU B 989 -10.44 16.74 7.39
C GLU B 989 -9.67 17.31 8.58
N ASN B 990 -8.36 17.08 8.58
CA ASN B 990 -7.51 17.50 9.68
C ASN B 990 -7.44 19.02 9.77
N ASN B 991 -7.26 19.52 10.99
CA ASN B 991 -7.05 20.93 11.23
C ASN B 991 -5.77 21.22 12.02
N ASP B 992 -5.01 20.19 12.39
CA ASP B 992 -3.75 20.41 13.10
C ASP B 992 -2.70 21.07 12.23
N GLN B 993 -2.92 21.15 10.92
CA GLN B 993 -2.03 21.84 10.01
C GLN B 993 -2.49 23.27 9.73
N VAL B 994 -3.79 23.47 9.54
CA VAL B 994 -4.30 24.81 9.29
C VAL B 994 -4.11 25.70 10.50
N TRP B 995 -4.34 25.15 11.70
CA TRP B 995 -4.15 25.95 12.91
C TRP B 995 -2.70 26.40 13.06
N LYS B 996 -1.75 25.51 12.74
CA LYS B 996 -0.35 25.90 12.81
C LYS B 996 -0.05 27.04 11.86
N PHE B 997 -0.62 26.99 10.65
CA PHE B 997 -0.44 28.09 9.71
C PHE B 997 -1.04 29.38 10.25
N GLN B 998 -2.25 29.31 10.83
CA GLN B 998 -2.91 30.50 11.34
C GLN B 998 -2.16 31.09 12.53
N ARG B 999 -1.47 30.24 13.29
CA ARG B 999 -0.74 30.71 14.47
C ARG B 999 0.33 31.73 14.11
N TYR B 1000 0.83 31.68 12.88
CA TYR B 1000 1.88 32.62 12.47
C TYR B 1000 1.38 34.05 12.52
N PHE B 1001 0.16 34.29 12.04
CA PHE B 1001 -0.38 35.64 12.07
C PHE B 1001 -0.52 36.14 13.50
N LEU B 1002 -1.02 35.29 14.39
CA LEU B 1002 -1.16 35.69 15.80
C LEU B 1002 0.20 36.02 16.39
N VAL B 1003 1.21 35.20 16.12
CA VAL B 1003 2.53 35.46 16.69
C VAL B 1003 3.09 36.77 16.14
N GLN B 1004 2.96 36.98 14.83
CA GLN B 1004 3.52 38.17 14.21
C GLN B 1004 2.85 39.43 14.73
N GLU B 1005 1.52 39.38 14.92
CA GLU B 1005 0.79 40.57 15.35
C GLU B 1005 1.40 41.16 16.61
N TYR B 1006 1.84 40.31 17.54
CA TYR B 1006 2.46 40.78 18.77
C TYR B 1006 3.96 40.98 18.62
N CYS B 1007 4.63 40.16 17.82
CA CYS B 1007 6.08 40.28 17.68
C CYS B 1007 6.46 41.60 17.03
N ASN B 1008 5.78 41.97 15.95
CA ASN B 1008 6.10 43.21 15.26
C ASN B 1008 5.62 44.43 16.02
N ARG B 1009 4.53 44.31 16.76
CA ARG B 1009 3.99 45.42 17.51
C ARG B 1009 4.87 45.74 18.72
N LEU B 1010 4.70 46.94 19.25
CA LEU B 1010 5.35 47.31 20.49
C LEU B 1010 4.82 46.46 21.63
N ASN B 1011 5.73 45.95 22.47
CA ASN B 1011 5.37 45.02 23.54
C ASN B 1011 4.96 45.82 24.77
N ILE B 1012 3.76 46.37 24.70
CA ILE B 1012 3.18 47.12 25.83
C ILE B 1012 1.68 46.83 25.88
N PRO B 1013 1.10 46.61 27.05
CA PRO B 1013 -0.34 46.40 27.12
C PRO B 1013 -1.12 47.66 26.77
N PHE B 1014 -2.37 47.44 26.37
CA PHE B 1014 -3.22 48.57 26.00
C PHE B 1014 -3.42 49.60 27.10
N PRO B 1015 -3.63 49.23 28.38
CA PRO B 1015 -3.87 50.29 29.39
C PRO B 1015 -2.74 51.32 29.45
N PHE B 1016 -1.54 50.97 28.98
CA PHE B 1016 -0.44 51.91 28.92
C PHE B 1016 0.10 52.10 27.50
N VAL B 1017 -0.60 51.60 26.49
CA VAL B 1017 -0.10 51.70 25.12
C VAL B 1017 -0.17 53.14 24.63
N VAL B 1018 -1.24 53.86 24.98
CA VAL B 1018 -1.46 55.20 24.41
C VAL B 1018 -0.25 56.09 24.69
N PHE B 1019 0.22 56.09 25.94
CA PHE B 1019 1.42 56.86 26.25
C PHE B 1019 2.57 56.46 25.32
N ALA B 1020 2.82 55.17 25.20
CA ALA B 1020 3.86 54.71 24.27
C ALA B 1020 3.54 55.16 22.86
N TYR B 1021 2.27 55.06 22.46
CA TYR B 1021 1.90 55.51 21.12
C TYR B 1021 2.31 56.96 20.92
N PHE B 1022 2.16 57.80 21.95
CA PHE B 1022 2.58 59.19 21.82
C PHE B 1022 4.06 59.28 21.45
N TYR B 1023 4.90 58.51 22.14
CA TYR B 1023 6.32 58.55 21.83
C TYR B 1023 6.59 57.99 20.44
N MET B 1024 5.71 57.12 19.95
CA MET B 1024 5.85 56.65 18.57
C MET B 1024 5.62 57.79 17.59
N VAL B 1025 4.68 58.69 17.89
CA VAL B 1025 4.36 59.77 16.96
C VAL B 1025 5.57 60.67 16.76
N VAL B 1026 6.26 61.01 17.85
CA VAL B 1026 7.44 61.87 17.78
C VAL B 1026 8.68 61.02 17.57
N ASN B 1048 27.19 41.14 3.58
CA ASN B 1048 28.23 41.07 4.61
C ASN B 1048 27.95 39.93 5.58
N GLU B 1049 27.10 40.19 6.57
CA GLU B 1049 26.76 39.16 7.55
C GLU B 1049 26.01 38.00 6.92
N ASP B 1050 25.40 38.20 5.75
CA ASP B 1050 24.65 37.13 5.10
C ASP B 1050 25.58 35.97 4.72
N ASN B 1051 26.77 36.29 4.22
CA ASN B 1051 27.66 35.25 3.69
C ASN B 1051 27.89 34.14 4.71
N GLU B 1052 27.98 34.51 5.99
CA GLU B 1052 28.26 33.51 7.02
C GLU B 1052 27.18 32.43 7.06
N THR B 1053 25.91 32.85 6.99
CA THR B 1053 24.81 31.89 6.98
C THR B 1053 24.66 31.21 5.62
N LEU B 1054 24.91 31.95 4.53
CA LEU B 1054 24.71 31.39 3.21
C LEU B 1054 25.72 30.29 2.89
N ALA B 1055 26.95 30.42 3.38
CA ALA B 1055 27.92 29.35 3.17
C ALA B 1055 27.47 28.06 3.83
N TRP B 1056 26.98 28.16 5.07
CA TRP B 1056 26.47 26.98 5.76
C TRP B 1056 25.23 26.43 5.05
N GLU B 1057 24.39 27.33 4.53
CA GLU B 1057 23.24 26.89 3.74
C GLU B 1057 23.69 26.10 2.53
N GLY B 1058 24.74 26.56 1.84
CA GLY B 1058 25.25 25.83 0.70
C GLY B 1058 25.82 24.48 1.08
N VAL B 1059 26.52 24.41 2.22
CA VAL B 1059 27.06 23.14 2.67
C VAL B 1059 25.93 22.16 2.95
N MET B 1060 24.89 22.61 3.65
CA MET B 1060 23.75 21.74 3.91
C MET B 1060 23.04 21.35 2.64
N LYS B 1061 23.00 22.26 1.65
CA LYS B 1061 22.42 21.92 0.36
C LYS B 1061 23.21 20.80 -0.32
N GLU B 1062 24.54 20.88 -0.25
CA GLU B 1062 25.37 19.82 -0.82
C GLU B 1062 25.11 18.49 -0.12
N ASN B 1063 25.00 18.52 1.21
CA ASN B 1063 24.70 17.31 1.94
C ASN B 1063 23.34 16.73 1.53
N TYR B 1064 22.35 17.61 1.36
CA TYR B 1064 21.02 17.16 0.94
C TYR B 1064 21.06 16.57 -0.46
N LEU B 1065 21.83 17.17 -1.36
CA LEU B 1065 21.96 16.64 -2.71
C LEU B 1065 22.62 15.27 -2.68
N VAL B 1066 23.64 15.09 -1.84
CA VAL B 1066 24.26 13.78 -1.69
C VAL B 1066 23.22 12.77 -1.20
N LYS B 1067 22.44 13.16 -0.18
CA LYS B 1067 21.43 12.25 0.35
C LYS B 1067 20.40 11.86 -0.70
N ILE B 1068 19.92 12.83 -1.47
CA ILE B 1068 18.89 12.53 -2.46
C ILE B 1068 19.47 11.69 -3.59
N ASN B 1069 20.73 11.93 -3.97
CA ASN B 1069 21.34 11.14 -5.04
C ASN B 1069 21.63 9.72 -4.60
N THR B 1070 21.95 9.50 -3.32
CA THR B 1070 22.31 8.15 -2.87
C THR B 1070 21.17 7.16 -3.07
N LYS B 1071 19.94 7.64 -3.21
CA LYS B 1071 18.81 6.73 -3.39
C LYS B 1071 18.98 5.87 -4.64
N ALA B 1072 19.67 6.38 -5.66
CA ALA B 1072 19.89 5.61 -6.87
C ALA B 1072 20.74 4.37 -6.59
N ASN B 1073 21.59 4.42 -5.55
CA ASN B 1073 22.44 3.27 -5.24
C ASN B 1073 21.61 2.06 -4.83
N ASP B 1074 20.39 2.27 -4.34
CA ASP B 1074 19.55 1.15 -3.93
C ASP B 1074 19.16 0.26 -5.10
N ASN B 1075 19.23 0.77 -6.32
CA ASN B 1075 18.87 -0.03 -7.49
C ASN B 1075 19.93 -1.10 -7.75
N SER B 1076 19.52 -2.13 -8.49
CA SER B 1076 20.41 -3.23 -8.85
C SER B 1076 21.38 -2.86 -9.96
N GLU B 1077 21.44 -1.59 -10.35
CA GLU B 1077 22.36 -1.18 -11.41
C GLU B 1077 23.81 -1.43 -11.01
N GLU B 1078 24.15 -1.18 -9.74
CA GLU B 1078 25.51 -1.43 -9.28
C GLU B 1078 25.87 -2.91 -9.36
N MET B 1079 24.94 -3.78 -8.97
CA MET B 1079 25.18 -5.22 -9.09
C MET B 1079 25.34 -5.62 -10.55
N ARG B 1080 24.54 -5.03 -11.44
CA ARG B 1080 24.70 -5.32 -12.86
C ARG B 1080 26.05 -4.85 -13.38
N HIS B 1081 26.53 -3.69 -12.90
CA HIS B 1081 27.85 -3.22 -13.31
C HIS B 1081 28.95 -4.13 -12.81
N ARG B 1082 28.83 -4.62 -11.58
CA ARG B 1082 29.81 -5.58 -11.06
C ARG B 1082 29.80 -6.86 -11.88
N PHE B 1083 28.60 -7.35 -12.23
CA PHE B 1083 28.51 -8.52 -13.09
C PHE B 1083 29.14 -8.25 -14.45
N ARG B 1084 28.94 -7.05 -14.99
CA ARG B 1084 29.54 -6.72 -16.28
C ARG B 1084 31.06 -6.67 -16.20
N GLN B 1085 31.60 -6.19 -15.07
CA GLN B 1085 33.04 -6.23 -14.87
C GLN B 1085 33.55 -7.66 -14.81
N LEU B 1086 32.82 -8.54 -14.10
CA LEU B 1086 33.20 -9.95 -14.06
C LEU B 1086 33.14 -10.56 -15.46
N ASP B 1087 32.13 -10.21 -16.24
CA ASP B 1087 32.02 -10.73 -17.60
C ASP B 1087 33.15 -10.20 -18.48
N SER B 1088 33.56 -8.95 -18.28
CA SER B 1088 34.69 -8.42 -19.03
C SER B 1088 35.97 -9.16 -18.67
N LYS B 1089 36.16 -9.48 -17.39
CA LYS B 1089 37.30 -10.29 -16.99
C LYS B 1089 37.26 -11.66 -17.64
N LEU B 1090 36.07 -12.27 -17.69
CA LEU B 1090 35.93 -13.56 -18.36
C LEU B 1090 36.25 -13.46 -19.84
N ASN B 1091 35.81 -12.37 -20.49
CA ASN B 1091 36.12 -12.17 -21.90
C ASN B 1091 37.62 -11.98 -22.12
N ASP B 1092 38.29 -11.26 -21.20
CA ASP B 1092 39.73 -11.12 -21.30
C ASP B 1092 40.42 -12.47 -21.15
N LEU B 1093 39.94 -13.30 -20.23
CA LEU B 1093 40.49 -14.65 -20.10
C LEU B 1093 40.29 -15.46 -21.37
N LYS B 1094 39.11 -15.35 -21.98
CA LYS B 1094 38.84 -16.05 -23.23
C LYS B 1094 39.78 -15.56 -24.33
N SER B 1095 40.02 -14.25 -24.40
CA SER B 1095 40.95 -13.72 -25.39
C SER B 1095 42.36 -14.23 -25.16
N LEU B 1096 42.78 -14.31 -23.90
CA LEU B 1096 44.09 -14.86 -23.59
C LEU B 1096 44.19 -16.31 -24.00
N LEU B 1097 43.14 -17.09 -23.76
CA LEU B 1097 43.12 -18.48 -24.18
C LEU B 1097 43.18 -18.60 -25.70
N LYS B 1098 42.47 -17.72 -26.42
CA LYS B 1098 42.53 -17.74 -27.88
C LYS B 1098 43.92 -17.41 -28.38
N GLU B 1099 44.57 -16.42 -27.74
CA GLU B 1099 45.94 -16.08 -28.12
C GLU B 1099 46.88 -17.25 -27.88
N ILE B 1100 46.71 -17.93 -26.75
CA ILE B 1100 47.54 -19.10 -26.45
C ILE B 1100 47.32 -20.19 -27.49
N ALA B 1101 46.06 -20.43 -27.86
CA ALA B 1101 45.78 -21.44 -28.87
C ALA B 1101 46.39 -21.07 -30.21
N ASN B 1102 46.31 -19.80 -30.60
CA ASN B 1102 46.92 -19.36 -31.85
C ASN B 1102 48.43 -19.55 -31.81
N ASN B 1103 49.07 -19.21 -30.69
CA ASN B 1103 50.51 -19.41 -30.56
C ASN B 1103 50.86 -20.89 -30.67
N ILE B 1104 50.08 -21.75 -30.04
CA ILE B 1104 50.34 -23.19 -30.10
C ILE B 1104 50.15 -23.69 -31.53
N LYS B 1105 49.09 -23.24 -32.20
CA LYS B 1105 48.81 -23.67 -33.56
C LYS B 1105 49.93 -23.26 -34.51
CA ASP C 41 -25.22 -57.51 -37.11
C ASP C 41 -23.78 -57.39 -36.63
N LEU C 42 -23.60 -56.87 -35.42
CA LEU C 42 -22.25 -56.70 -34.88
C LEU C 42 -21.55 -58.04 -34.72
N VAL C 43 -22.27 -59.06 -34.23
CA VAL C 43 -21.67 -60.37 -34.04
C VAL C 43 -21.23 -60.95 -35.38
N ASN C 44 -22.09 -60.84 -36.39
CA ASN C 44 -21.74 -61.37 -37.72
C ASN C 44 -20.54 -60.63 -38.29
N PHE C 45 -20.50 -59.30 -38.14
CA PHE C 45 -19.36 -58.54 -38.64
C PHE C 45 -18.07 -58.95 -37.94
N ILE C 46 -18.13 -59.14 -36.62
CA ILE C 46 -16.95 -59.54 -35.86
C ILE C 46 -16.49 -60.92 -36.33
N GLN C 47 -17.43 -61.85 -36.52
CA GLN C 47 -17.07 -63.19 -36.97
C GLN C 47 -16.42 -63.14 -38.35
N ALA C 48 -16.98 -62.32 -39.25
CA ALA C 48 -16.40 -62.18 -40.58
C ALA C 48 -15.00 -61.56 -40.52
N ASN C 49 -14.79 -60.64 -39.58
CA ASN C 49 -13.47 -60.02 -39.45
C ASN C 49 -12.40 -61.05 -39.11
N PHE C 50 -12.72 -61.99 -38.23
CA PHE C 50 -11.76 -63.01 -37.82
C PHE C 50 -12.27 -64.40 -38.20
N ASP C 102 -13.33 -66.59 -32.45
CA ASP C 102 -13.55 -65.22 -31.99
C ASP C 102 -13.37 -65.12 -30.49
N ALA C 103 -14.37 -65.58 -29.74
CA ALA C 103 -14.33 -65.57 -28.28
C ALA C 103 -14.11 -64.15 -27.75
N PHE C 104 -14.92 -63.21 -28.26
CA PHE C 104 -14.84 -61.82 -27.86
C PHE C 104 -15.91 -61.52 -26.80
N GLY C 105 -15.64 -60.52 -25.98
CA GLY C 105 -16.56 -60.14 -24.92
C GLY C 105 -16.50 -58.66 -24.61
N ASP C 106 -17.66 -58.06 -24.33
CA ASP C 106 -17.74 -56.65 -23.98
C ASP C 106 -17.55 -56.51 -22.47
N ILE C 107 -16.37 -56.03 -22.07
CA ILE C 107 -16.08 -55.89 -20.64
C ILE C 107 -17.04 -54.90 -20.01
N GLN C 108 -17.45 -55.20 -18.78
CA GLN C 108 -18.37 -54.34 -18.04
C GLN C 108 -18.30 -54.64 -16.55
N GLY C 116 -16.28 -50.71 -21.80
CA GLY C 116 -16.67 -50.31 -23.14
C GLY C 116 -16.74 -51.47 -24.11
N LYS C 117 -15.70 -51.59 -24.93
CA LYS C 117 -15.61 -52.66 -25.92
C LYS C 117 -14.28 -53.40 -25.76
N TYR C 118 -14.35 -54.72 -25.84
CA TYR C 118 -13.16 -55.56 -25.79
C TYR C 118 -13.29 -56.63 -26.87
N LEU C 119 -12.25 -56.76 -27.68
CA LEU C 119 -12.24 -57.72 -28.77
C LEU C 119 -10.98 -58.57 -28.70
N ARG C 120 -11.07 -59.75 -29.29
CA ARG C 120 -9.96 -60.72 -29.34
C ARG C 120 -9.61 -60.95 -30.81
N LEU C 121 -8.60 -60.23 -31.29
CA LEU C 121 -8.16 -60.33 -32.67
C LEU C 121 -6.80 -61.03 -32.72
N SER C 122 -6.69 -62.03 -33.59
CA SER C 122 -5.45 -62.78 -33.69
C SER C 122 -4.34 -61.89 -34.26
N CYS C 123 -3.10 -62.35 -34.05
CA CYS C 123 -1.95 -61.59 -34.55
C CYS C 123 -2.00 -61.44 -36.07
N ASP C 124 -2.38 -62.50 -36.77
CA ASP C 124 -2.50 -62.48 -38.23
C ASP C 124 -3.86 -61.86 -38.60
N THR C 125 -3.92 -60.54 -38.45
CA THR C 125 -5.12 -59.77 -38.75
C THR C 125 -4.78 -58.62 -39.67
N ASP C 126 -5.73 -58.23 -40.50
CA ASP C 126 -5.53 -57.16 -41.47
C ASP C 126 -5.79 -55.81 -40.81
N SER C 127 -4.80 -54.92 -40.89
CA SER C 127 -4.96 -53.60 -40.28
C SER C 127 -6.10 -52.82 -40.94
N GLU C 128 -6.26 -52.98 -42.26
CA GLU C 128 -7.36 -52.30 -42.94
C GLU C 128 -8.71 -52.74 -42.40
N THR C 129 -8.86 -54.04 -42.11
CA THR C 129 -10.11 -54.53 -41.54
C THR C 129 -10.38 -53.90 -40.18
N LEU C 130 -9.36 -53.81 -39.33
CA LEU C 130 -9.54 -53.20 -38.03
C LEU C 130 -9.92 -51.72 -38.16
N TYR C 131 -9.26 -51.01 -39.07
CA TYR C 131 -9.59 -49.60 -39.28
C TYR C 131 -11.02 -49.44 -39.77
N GLU C 132 -11.44 -50.29 -40.71
CA GLU C 132 -12.80 -50.22 -41.20
C GLU C 132 -13.81 -50.51 -40.08
N LEU C 133 -13.52 -51.51 -39.24
CA LEU C 133 -14.41 -51.81 -38.14
C LEU C 133 -14.50 -50.64 -37.17
N LEU C 134 -13.37 -49.99 -36.89
CA LEU C 134 -13.36 -48.89 -35.92
C LEU C 134 -13.97 -47.61 -36.47
N THR C 135 -13.93 -47.41 -37.79
CA THR C 135 -14.40 -46.16 -38.38
C THR C 135 -15.84 -46.24 -38.88
N GLN C 136 -16.26 -47.39 -39.42
CA GLN C 136 -17.57 -47.48 -40.05
C GLN C 136 -18.69 -47.24 -39.05
N HIS C 137 -18.59 -47.83 -37.86
CA HIS C 137 -19.71 -47.78 -36.91
C HIS C 137 -19.27 -47.59 -35.47
N TRP C 138 -18.00 -47.32 -35.20
CA TRP C 138 -17.51 -47.11 -33.85
C TRP C 138 -17.02 -45.68 -33.60
N HIS C 139 -16.12 -45.18 -34.43
CA HIS C 139 -15.52 -43.87 -34.22
C HIS C 139 -15.42 -43.13 -35.55
N LEU C 140 -15.01 -41.87 -35.45
CA LEU C 140 -14.89 -40.99 -36.61
C LEU C 140 -13.42 -40.90 -37.05
N LYS C 141 -13.19 -40.10 -38.09
CA LYS C 141 -11.83 -39.83 -38.53
C LYS C 141 -11.06 -39.12 -37.42
N THR C 142 -9.78 -39.44 -37.29
CA THR C 142 -8.97 -38.95 -36.18
C THR C 142 -8.13 -37.76 -36.63
N PRO C 143 -8.36 -36.55 -36.12
CA PRO C 143 -7.44 -35.46 -36.43
C PRO C 143 -6.03 -35.72 -35.95
N ASN C 144 -5.86 -36.51 -34.88
CA ASN C 144 -4.55 -36.78 -34.33
C ASN C 144 -4.57 -38.11 -33.60
N LEU C 145 -3.40 -38.72 -33.49
CA LEU C 145 -3.26 -40.03 -32.86
C LEU C 145 -1.91 -40.07 -32.15
N VAL C 146 -1.92 -40.55 -30.90
CA VAL C 146 -0.71 -40.61 -30.09
C VAL C 146 -0.64 -41.97 -29.41
N ILE C 147 0.56 -42.51 -29.28
CA ILE C 147 0.81 -43.78 -28.64
C ILE C 147 1.87 -43.57 -27.56
N SER C 148 1.66 -44.18 -26.40
CA SER C 148 2.61 -44.05 -25.30
C SER C 148 3.25 -45.41 -24.97
N ASN C 155 4.89 -50.78 -10.89
CA ASN C 155 5.08 -49.54 -10.15
C ASN C 155 5.89 -48.53 -10.96
N PHE C 156 5.43 -47.28 -10.97
CA PHE C 156 6.08 -46.21 -11.70
C PHE C 156 6.17 -44.97 -10.83
N ALA C 157 7.15 -44.11 -11.13
CA ALA C 157 7.35 -42.88 -10.38
C ALA C 157 6.29 -41.86 -10.80
N LEU C 158 5.37 -41.55 -9.90
CA LEU C 158 4.32 -40.57 -10.16
C LEU C 158 4.75 -39.18 -9.69
N LYS C 159 5.85 -38.71 -10.28
CA LYS C 159 6.36 -37.39 -9.94
C LYS C 159 5.42 -36.31 -10.45
N PRO C 160 5.44 -35.13 -9.83
CA PRO C 160 4.54 -34.05 -10.28
C PRO C 160 4.73 -33.67 -11.74
N ARG C 161 5.97 -33.69 -12.23
CA ARG C 161 6.21 -33.40 -13.64
C ARG C 161 5.52 -34.42 -14.53
N MET C 162 5.66 -35.72 -14.19
CA MET C 162 4.98 -36.76 -14.94
C MET C 162 3.48 -36.74 -14.69
N ARG C 163 3.04 -36.23 -13.54
CA ARG C 163 1.62 -36.12 -13.26
C ARG C 163 0.95 -35.00 -14.03
N LYS C 164 1.70 -33.96 -14.41
CA LYS C 164 1.16 -32.82 -15.12
C LYS C 164 1.36 -32.91 -16.63
N ILE C 165 2.48 -33.47 -17.08
CA ILE C 165 2.72 -33.58 -18.52
C ILE C 165 1.64 -34.42 -19.19
N PHE C 166 1.31 -35.57 -18.59
CA PHE C 166 0.31 -36.44 -19.19
C PHE C 166 -1.09 -35.87 -19.05
N SER C 167 -1.36 -35.11 -17.99
CA SER C 167 -2.63 -34.40 -17.90
C SER C 167 -2.77 -33.40 -19.05
N ARG C 168 -1.71 -32.63 -19.32
CA ARG C 168 -1.74 -31.73 -20.46
C ARG C 168 -1.90 -32.49 -21.77
N LEU C 169 -1.22 -33.64 -21.89
CA LEU C 169 -1.33 -34.44 -23.10
C LEU C 169 -2.77 -34.88 -23.33
N ILE C 170 -3.42 -35.39 -22.29
CA ILE C 170 -4.79 -35.88 -22.43
C ILE C 170 -5.74 -34.71 -22.71
N TYR C 171 -5.50 -33.57 -22.08
CA TYR C 171 -6.32 -32.40 -22.39
C TYR C 171 -6.19 -32.00 -23.85
N ILE C 172 -4.96 -32.01 -24.37
CA ILE C 172 -4.74 -31.68 -25.77
C ILE C 172 -5.45 -32.69 -26.67
N ALA C 173 -5.36 -33.98 -26.33
CA ALA C 173 -6.02 -35.01 -27.13
C ALA C 173 -7.53 -34.80 -27.14
N GLN C 174 -8.11 -34.46 -25.99
CA GLN C 174 -9.55 -34.18 -25.94
C GLN C 174 -9.88 -32.97 -26.78
N SER C 175 -9.06 -31.91 -26.71
CA SER C 175 -9.32 -30.72 -27.50
C SER C 175 -9.30 -31.03 -28.99
N LYS C 176 -8.33 -31.84 -29.43
CA LYS C 176 -8.20 -32.20 -30.83
C LYS C 176 -8.97 -33.48 -31.18
N GLY C 177 -9.59 -34.14 -30.21
CA GLY C 177 -10.27 -35.38 -30.50
C GLY C 177 -9.33 -36.46 -30.97
N ALA C 178 -8.17 -36.60 -30.32
CA ALA C 178 -7.13 -37.50 -30.79
C ALA C 178 -7.25 -38.87 -30.12
N TRP C 179 -6.92 -39.91 -30.87
CA TRP C 179 -6.85 -41.25 -30.32
C TRP C 179 -5.63 -41.41 -29.42
N ILE C 180 -5.77 -42.20 -28.38
CA ILE C 180 -4.66 -42.57 -27.51
C ILE C 180 -4.53 -44.08 -27.52
N LEU C 181 -3.33 -44.58 -27.77
CA LEU C 181 -3.04 -46.01 -27.80
C LEU C 181 -2.07 -46.34 -26.68
N THR C 182 -2.38 -47.39 -25.93
CA THR C 182 -1.56 -47.81 -24.80
C THR C 182 -1.59 -49.34 -24.68
N GLY C 183 -0.82 -49.86 -23.73
CA GLY C 183 -0.85 -51.29 -23.47
C GLY C 183 -2.18 -51.75 -22.91
N GLY C 184 -2.74 -50.98 -21.97
CA GLY C 184 -4.04 -51.30 -21.41
C GLY C 184 -3.97 -52.28 -20.25
N THR C 185 -3.17 -51.96 -19.24
CA THR C 185 -3.07 -52.78 -18.04
C THR C 185 -3.28 -51.90 -16.81
N HIS C 186 -3.96 -52.46 -15.80
CA HIS C 186 -4.24 -51.70 -14.59
C HIS C 186 -2.99 -51.39 -13.79
N TYR C 187 -1.88 -52.07 -14.06
CA TYR C 187 -0.63 -51.86 -13.35
C TYR C 187 0.29 -50.99 -14.20
N GLY C 188 0.61 -49.80 -13.71
CA GLY C 188 1.53 -48.89 -14.37
C GLY C 188 0.89 -47.53 -14.61
N LEU C 189 1.57 -46.73 -15.43
CA LEU C 189 1.10 -45.39 -15.73
C LEU C 189 -0.20 -45.42 -16.53
N MET C 190 -0.43 -46.49 -17.28
CA MET C 190 -1.65 -46.57 -18.09
C MET C 190 -2.90 -46.56 -17.22
N LYS C 191 -2.82 -47.09 -16.01
CA LYS C 191 -3.94 -46.98 -15.09
C LYS C 191 -4.21 -45.51 -14.73
N TYR C 192 -3.15 -44.73 -14.51
CA TYR C 192 -3.30 -43.31 -14.27
C TYR C 192 -3.93 -42.62 -15.47
N ILE C 193 -3.50 -42.98 -16.67
CA ILE C 193 -4.08 -42.38 -17.88
C ILE C 193 -5.56 -42.70 -17.97
N GLY C 194 -5.93 -43.95 -17.71
CA GLY C 194 -7.34 -44.32 -17.76
C GLY C 194 -8.16 -43.59 -16.71
N GLU C 195 -7.61 -43.44 -15.51
CA GLU C 195 -8.32 -42.71 -14.46
C GLU C 195 -8.53 -41.26 -14.86
N VAL C 196 -7.51 -40.64 -15.45
CA VAL C 196 -7.64 -39.25 -15.88
C VAL C 196 -8.67 -39.14 -17.00
N VAL C 197 -8.68 -40.11 -17.91
CA VAL C 197 -9.67 -40.11 -18.99
C VAL C 197 -11.08 -40.20 -18.40
N ARG C 198 -11.28 -41.09 -17.44
CA ARG C 198 -12.59 -41.22 -16.81
C ARG C 198 -12.99 -39.92 -16.11
N ASP C 199 -12.05 -39.30 -15.40
CA ASP C 199 -12.35 -38.05 -14.71
C ASP C 199 -12.74 -36.95 -15.69
N ASN C 200 -12.00 -36.83 -16.80
CA ASN C 200 -12.31 -35.80 -17.79
C ASN C 200 -13.67 -36.08 -18.45
N THR C 201 -13.96 -37.35 -18.74
CA THR C 201 -15.27 -37.68 -19.29
C THR C 201 -16.38 -37.32 -18.32
N ILE C 202 -16.16 -37.55 -17.02
CA ILE C 202 -17.13 -37.13 -16.02
C ILE C 202 -17.33 -35.63 -16.04
N SER C 203 -16.23 -34.88 -16.17
CA SER C 203 -16.30 -33.43 -16.25
C SER C 203 -17.05 -33.00 -17.50
N GLU C 208 -17.83 -35.22 -28.62
CA GLU C 208 -16.77 -34.66 -27.79
C GLU C 208 -16.37 -35.64 -26.70
N ASN C 209 -15.90 -36.82 -27.09
CA ASN C 209 -15.48 -37.86 -26.16
C ASN C 209 -14.08 -38.33 -26.53
N ILE C 210 -13.30 -38.67 -25.51
CA ILE C 210 -11.94 -39.13 -25.72
C ILE C 210 -11.97 -40.61 -26.10
N VAL C 211 -10.97 -41.05 -26.86
CA VAL C 211 -10.88 -42.41 -27.36
C VAL C 211 -9.55 -43.00 -26.91
N ALA C 212 -9.62 -44.11 -26.17
CA ALA C 212 -8.45 -44.79 -25.65
C ALA C 212 -8.54 -46.27 -25.98
N ILE C 213 -7.47 -46.80 -26.57
CA ILE C 213 -7.38 -48.20 -26.97
C ILE C 213 -6.20 -48.83 -26.27
N GLY C 214 -6.45 -49.87 -25.50
CA GLY C 214 -5.41 -50.69 -24.91
C GLY C 214 -5.21 -51.93 -25.77
N ILE C 215 -3.96 -52.34 -25.91
CA ILE C 215 -3.59 -53.51 -26.70
C ILE C 215 -2.74 -54.42 -25.85
N ALA C 216 -3.12 -55.69 -25.75
CA ALA C 216 -2.37 -56.65 -24.95
C ALA C 216 -2.56 -58.03 -25.54
N ALA C 217 -1.85 -59.00 -24.95
CA ALA C 217 -1.95 -60.38 -25.40
C ALA C 217 -3.03 -61.11 -24.60
N TRP C 218 -3.88 -61.85 -25.32
CA TRP C 218 -4.96 -62.59 -24.67
C TRP C 218 -4.39 -63.61 -23.69
N GLY C 219 -3.35 -64.33 -24.10
CA GLY C 219 -2.72 -65.28 -23.20
C GLY C 219 -2.11 -64.62 -21.98
N MET C 220 -1.55 -63.42 -22.16
CA MET C 220 -0.95 -62.69 -21.06
C MET C 220 -1.97 -62.31 -19.99
N VAL C 221 -3.26 -62.29 -20.34
CA VAL C 221 -4.28 -61.92 -19.37
C VAL C 221 -4.39 -63.01 -18.30
N SER C 222 -4.53 -62.59 -17.04
CA SER C 222 -4.63 -63.54 -15.95
C SER C 222 -5.88 -64.42 -16.08
N ASN C 223 -7.00 -63.81 -16.45
CA ASN C 223 -8.27 -64.52 -16.58
C ASN C 223 -8.86 -64.26 -17.95
N ARG C 224 -9.47 -65.30 -18.52
CA ARG C 224 -10.11 -65.23 -19.84
C ARG C 224 -11.54 -65.70 -19.71
N ASP C 225 -12.47 -64.93 -20.27
CA ASP C 225 -13.89 -65.24 -20.23
C ASP C 225 -14.44 -65.17 -21.65
N THR C 226 -15.27 -66.15 -22.00
CA THR C 226 -15.86 -66.23 -23.33
C THR C 226 -17.31 -65.77 -23.29
N LEU C 227 -17.71 -65.02 -24.31
CA LEU C 227 -19.08 -64.52 -24.39
C LEU C 227 -19.59 -64.60 -25.83
N SER C 238 -22.62 -61.13 -23.58
CA SER C 238 -21.77 -60.10 -23.00
C SER C 238 -21.25 -60.53 -21.63
N ALA C 239 -20.01 -61.01 -21.61
CA ALA C 239 -19.40 -61.47 -20.37
C ALA C 239 -19.03 -60.27 -19.49
N GLN C 240 -18.78 -60.55 -18.22
CA GLN C 240 -18.42 -59.54 -17.23
C GLN C 240 -17.09 -59.90 -16.60
N TYR C 241 -16.19 -58.92 -16.50
CA TYR C 241 -14.87 -59.10 -15.91
C TYR C 241 -14.82 -58.32 -14.60
N ILE C 242 -14.47 -59.01 -13.53
CA ILE C 242 -14.40 -58.43 -12.20
C ILE C 242 -13.02 -58.73 -11.61
N MET C 243 -12.37 -57.70 -11.08
CA MET C 243 -11.05 -57.87 -10.47
C MET C 243 -11.14 -58.69 -9.20
N TYR C 252 -1.81 -61.10 -16.02
CA TYR C 252 -1.85 -59.65 -15.84
C TYR C 252 -3.29 -59.17 -15.68
N ILE C 253 -3.46 -58.04 -15.01
CA ILE C 253 -4.76 -57.43 -14.78
C ILE C 253 -4.90 -56.22 -15.68
N LEU C 254 -6.01 -56.14 -16.40
CA LEU C 254 -6.24 -55.08 -17.37
C LEU C 254 -7.19 -54.04 -16.80
N ASP C 255 -6.92 -52.77 -17.10
CA ASP C 255 -7.73 -51.68 -16.60
C ASP C 255 -9.05 -51.61 -17.35
N ASN C 256 -10.11 -51.26 -16.62
CA ASN C 256 -11.43 -51.06 -17.21
C ASN C 256 -11.70 -49.61 -17.58
N ASN C 257 -10.80 -48.69 -17.22
CA ASN C 257 -10.99 -47.28 -17.56
C ASN C 257 -10.92 -47.05 -19.06
N HIS C 258 -10.01 -47.74 -19.75
CA HIS C 258 -9.85 -47.55 -21.18
C HIS C 258 -11.12 -47.96 -21.91
N THR C 259 -11.55 -47.14 -22.86
CA THR C 259 -12.82 -47.40 -23.54
C THR C 259 -12.76 -48.67 -24.38
N HIS C 260 -11.66 -48.90 -25.10
CA HIS C 260 -11.57 -50.03 -26.00
C HIS C 260 -10.32 -50.85 -25.70
N LEU C 261 -10.44 -52.16 -25.91
CA LEU C 261 -9.34 -53.08 -25.62
C LEU C 261 -9.28 -54.17 -26.68
N LEU C 262 -8.05 -54.56 -27.02
CA LEU C 262 -7.78 -55.60 -28.00
C LEU C 262 -6.83 -56.62 -27.41
N LEU C 263 -7.13 -57.89 -27.67
CA LEU C 263 -6.35 -59.02 -27.17
C LEU C 263 -5.80 -59.81 -28.35
N VAL C 264 -4.51 -60.12 -28.29
CA VAL C 264 -3.80 -60.81 -29.37
C VAL C 264 -3.73 -62.29 -29.01
N ASP C 265 -4.10 -63.14 -29.95
CA ASP C 265 -4.10 -64.60 -29.78
C ASP C 265 -2.85 -65.15 -30.46
N ASN C 266 -1.76 -65.24 -29.69
CA ASN C 266 -0.49 -65.76 -30.19
C ASN C 266 -0.03 -67.01 -29.45
N GLY C 267 -0.41 -67.17 -28.19
CA GLY C 267 0.00 -68.33 -27.41
C GLY C 267 -0.65 -68.37 -26.05
N THR C 273 6.43 -59.90 -25.99
CA THR C 273 5.41 -59.07 -26.60
C THR C 273 5.05 -59.59 -27.99
N VAL C 274 3.74 -59.66 -28.26
CA VAL C 274 3.25 -60.13 -29.55
C VAL C 274 2.32 -59.13 -30.23
N GLU C 275 2.11 -57.96 -29.64
CA GLU C 275 1.23 -56.95 -30.21
C GLU C 275 1.98 -55.76 -30.78
N ALA C 276 3.30 -55.70 -30.63
CA ALA C 276 4.06 -54.56 -31.15
C ALA C 276 3.94 -54.48 -32.67
N LYS C 277 4.03 -55.63 -33.35
CA LYS C 277 3.94 -55.64 -34.81
C LYS C 277 2.58 -55.12 -35.26
N LEU C 278 1.51 -55.57 -34.61
CA LEU C 278 0.17 -55.13 -34.98
C LEU C 278 0.01 -53.63 -34.78
N ARG C 279 0.48 -53.12 -33.64
CA ARG C 279 0.37 -51.69 -33.38
C ARG C 279 1.17 -50.88 -34.40
N ASN C 280 2.38 -51.32 -34.72
CA ASN C 280 3.19 -50.61 -35.70
C ASN C 280 2.53 -50.63 -37.07
N GLN C 281 1.98 -51.77 -37.47
CA GLN C 281 1.31 -51.86 -38.76
C GLN C 281 0.09 -50.94 -38.80
N LEU C 282 -0.69 -50.93 -37.72
CA LEU C 282 -1.85 -50.05 -37.67
C LEU C 282 -1.44 -48.59 -37.75
N GLU C 283 -0.39 -48.20 -37.03
CA GLU C 283 0.08 -46.83 -37.07
C GLU C 283 0.55 -46.46 -38.47
N LYS C 284 1.29 -47.35 -39.13
CA LYS C 284 1.74 -47.08 -40.49
C LYS C 284 0.57 -46.94 -41.44
N TYR C 285 -0.43 -47.81 -41.32
CA TYR C 285 -1.60 -47.73 -42.19
C TYR C 285 -2.35 -46.43 -41.97
N ILE C 286 -2.52 -46.02 -40.72
CA ILE C 286 -3.20 -44.76 -40.43
C ILE C 286 -2.43 -43.60 -40.99
N SER C 287 -1.10 -43.62 -40.85
CA SER C 287 -0.28 -42.61 -41.49
C SER C 287 -0.44 -42.64 -43.01
N GLU C 288 -0.79 -43.82 -43.55
CA GLU C 288 -1.08 -43.93 -44.98
C GLU C 288 -2.45 -43.35 -45.34
N ARG C 289 -3.33 -43.16 -44.36
CA ARG C 289 -4.66 -42.62 -44.65
C ARG C 289 -4.58 -41.14 -45.02
N THR C 290 -5.55 -40.70 -45.80
CA THR C 290 -5.63 -39.32 -46.27
C THR C 290 -6.89 -38.68 -45.70
N SER C 291 -6.73 -37.49 -45.11
CA SER C 291 -7.84 -36.73 -44.53
C SER C 291 -7.68 -35.27 -44.92
N GLN C 292 -8.38 -34.87 -45.98
CA GLN C 292 -8.32 -33.50 -46.47
C GLN C 292 -8.71 -32.51 -45.37
N ASP C 293 -9.68 -32.88 -44.54
CA ASP C 293 -10.15 -31.96 -43.50
C ASP C 293 -9.05 -31.64 -42.50
N SER C 294 -8.12 -32.56 -42.28
CA SER C 294 -7.05 -32.35 -41.32
C SER C 294 -6.13 -31.23 -41.78
N ASN C 295 -5.73 -30.38 -40.83
CA ASN C 295 -4.80 -29.30 -41.15
C ASN C 295 -3.45 -29.85 -41.60
N TYR C 296 -3.00 -30.93 -40.98
CA TYR C 296 -1.76 -31.56 -41.40
C TYR C 296 -1.84 -31.92 -42.88
N GLY C 297 -0.82 -31.53 -43.63
CA GLY C 297 -0.84 -31.72 -45.07
C GLY C 297 -1.00 -33.16 -45.48
N GLY C 298 -2.17 -33.51 -46.01
CA GLY C 298 -2.38 -34.85 -46.50
C GLY C 298 -2.69 -35.86 -45.42
N LYS C 299 -1.66 -36.58 -44.99
CA LYS C 299 -1.84 -37.70 -44.08
C LYS C 299 -2.20 -37.23 -42.68
N ILE C 300 -2.80 -38.15 -41.91
CA ILE C 300 -3.13 -37.88 -40.52
C ILE C 300 -1.86 -37.90 -39.68
N PRO C 301 -1.65 -36.94 -38.78
CA PRO C 301 -0.42 -36.96 -37.97
C PRO C 301 -0.43 -38.10 -36.97
N ILE C 302 0.77 -38.57 -36.63
CA ILE C 302 0.98 -39.59 -35.62
C ILE C 302 2.21 -39.21 -34.81
N VAL C 303 2.14 -39.42 -33.49
CA VAL C 303 3.20 -39.07 -32.57
C VAL C 303 3.43 -40.23 -31.62
N CYS C 304 4.70 -40.55 -31.38
CA CYS C 304 5.07 -41.56 -30.40
C CYS C 304 5.58 -40.89 -29.14
N PHE C 305 5.18 -41.43 -27.99
CA PHE C 305 5.50 -40.85 -26.69
C PHE C 305 6.27 -41.85 -25.86
N ALA C 306 7.38 -41.40 -25.27
CA ALA C 306 8.23 -42.24 -24.44
C ALA C 306 8.36 -41.61 -23.06
N GLN C 307 8.10 -42.40 -22.03
CA GLN C 307 8.23 -41.94 -20.65
C GLN C 307 9.08 -42.85 -19.79
N GLY C 308 9.04 -44.16 -20.03
CA GLY C 308 9.80 -45.12 -19.24
C GLY C 308 10.86 -45.83 -20.06
N GLY C 309 11.55 -46.73 -19.39
CA GLY C 309 12.62 -47.50 -19.99
C GLY C 309 12.23 -48.94 -20.25
N GLY C 310 13.25 -49.78 -20.42
CA GLY C 310 13.05 -51.19 -20.71
C GLY C 310 13.30 -51.52 -22.17
N ARG C 311 13.60 -52.80 -22.41
CA ARG C 311 13.86 -53.23 -23.78
C ARG C 311 12.65 -53.01 -24.68
N GLU C 312 11.45 -53.14 -24.11
CA GLU C 312 10.24 -52.93 -24.91
C GLU C 312 10.17 -51.51 -25.45
N THR C 313 10.53 -50.52 -24.61
CA THR C 313 10.49 -49.13 -25.05
C THR C 313 11.44 -48.90 -26.21
N LEU C 314 12.68 -49.40 -26.10
CA LEU C 314 13.64 -49.22 -27.19
C LEU C 314 13.20 -49.94 -28.45
N LYS C 315 12.65 -51.15 -28.30
CA LYS C 315 12.16 -51.88 -29.48
C LYS C 315 11.05 -51.11 -30.17
N ALA C 316 10.10 -50.59 -29.40
CA ALA C 316 8.99 -49.83 -29.98
C ALA C 316 9.50 -48.57 -30.67
N ILE C 317 10.45 -47.86 -30.03
CA ILE C 317 10.98 -46.64 -30.62
C ILE C 317 11.70 -46.95 -31.93
N ASN C 318 12.50 -48.02 -31.93
CA ASN C 318 13.20 -48.40 -33.15
C ASN C 318 12.22 -48.78 -34.26
N THR C 319 11.17 -49.53 -33.92
CA THR C 319 10.19 -49.92 -34.92
C THR C 319 9.48 -48.69 -35.50
N SER C 320 9.11 -47.74 -34.63
CA SER C 320 8.42 -46.55 -35.10
C SER C 320 9.34 -45.70 -35.98
N VAL C 321 10.58 -45.48 -35.54
CA VAL C 321 11.50 -44.64 -36.30
C VAL C 321 11.87 -45.29 -37.62
N LYS C 322 11.87 -46.63 -37.67
CA LYS C 322 12.09 -47.32 -38.94
C LYS C 322 11.10 -46.81 -39.99
N SER C 323 9.89 -46.50 -39.56
CA SER C 323 8.93 -45.80 -40.42
C SER C 323 9.26 -44.31 -40.41
N LYS C 324 9.42 -43.73 -41.60
CA LYS C 324 9.84 -42.34 -41.68
C LYS C 324 8.79 -41.39 -41.09
N ILE C 325 7.52 -41.64 -41.39
CA ILE C 325 6.47 -40.69 -41.01
C ILE C 325 6.38 -40.53 -39.49
N PRO C 326 6.30 -41.59 -38.69
CA PRO C 326 6.13 -41.40 -37.25
C PRO C 326 7.28 -40.61 -36.64
N CYS C 327 6.94 -39.81 -35.63
CA CYS C 327 7.90 -39.02 -34.88
C CYS C 327 7.78 -39.36 -33.40
N VAL C 328 8.90 -39.21 -32.69
CA VAL C 328 9.01 -39.64 -31.30
C VAL C 328 9.23 -38.43 -30.41
N VAL C 329 8.75 -38.51 -29.18
CA VAL C 329 8.96 -37.51 -28.15
C VAL C 329 9.43 -38.20 -26.90
N VAL C 330 10.41 -37.60 -26.21
CA VAL C 330 11.03 -38.18 -25.03
C VAL C 330 10.70 -37.29 -23.83
N GLU C 331 10.17 -37.90 -22.78
CA GLU C 331 9.82 -37.17 -21.57
C GLU C 331 11.07 -36.66 -20.87
N GLN C 335 14.67 -43.35 -16.99
CA GLN C 335 15.97 -43.96 -17.26
C GLN C 335 16.34 -43.79 -18.73
N ILE C 336 15.66 -44.55 -19.60
CA ILE C 336 15.97 -44.49 -21.03
C ILE C 336 15.73 -43.09 -21.57
N ALA C 337 14.68 -42.42 -21.10
CA ALA C 337 14.42 -41.06 -21.53
C ALA C 337 15.62 -40.16 -21.24
N ASP C 338 16.18 -40.28 -20.03
CA ASP C 338 17.38 -39.52 -19.69
C ASP C 338 18.54 -39.91 -20.59
N VAL C 339 18.66 -41.19 -20.94
CA VAL C 339 19.74 -41.63 -21.82
C VAL C 339 19.66 -40.91 -23.16
N ILE C 340 18.48 -40.95 -23.78
CA ILE C 340 18.32 -40.34 -25.10
C ILE C 340 18.49 -38.83 -25.01
N ALA C 341 18.00 -38.22 -23.91
CA ALA C 341 18.18 -36.78 -23.74
C ALA C 341 19.65 -36.42 -23.65
N SER C 342 20.42 -37.20 -22.88
CA SER C 342 21.86 -36.92 -22.75
C SER C 342 22.58 -37.10 -24.08
N LEU C 343 22.26 -38.16 -24.82
CA LEU C 343 22.95 -38.40 -26.08
C LEU C 343 22.70 -37.29 -27.08
N VAL C 344 21.46 -36.82 -27.19
CA VAL C 344 21.12 -35.75 -28.12
C VAL C 344 21.58 -34.41 -27.58
N THR C 351 31.46 -42.79 -30.17
CA THR C 351 30.05 -43.09 -30.42
C THR C 351 29.51 -44.08 -29.38
N SER C 352 30.22 -45.19 -29.20
CA SER C 352 29.78 -46.23 -28.27
C SER C 352 30.03 -45.84 -26.82
N SER C 353 31.08 -45.07 -26.55
CA SER C 353 31.41 -44.73 -25.17
C SER C 353 30.32 -43.88 -24.53
N MET C 354 29.85 -42.85 -25.24
CA MET C 354 28.85 -41.96 -24.66
C MET C 354 27.54 -42.70 -24.41
N VAL C 355 27.09 -43.50 -25.38
CA VAL C 355 25.85 -44.26 -25.21
C VAL C 355 25.99 -45.24 -24.05
N LYS C 356 27.12 -45.93 -23.96
CA LYS C 356 27.31 -46.89 -22.87
C LYS C 356 27.30 -46.18 -21.52
N GLU C 357 28.00 -45.05 -21.41
CA GLU C 357 28.04 -44.33 -20.14
C GLU C 357 26.66 -43.85 -19.74
N LYS C 358 25.91 -43.27 -20.69
CA LYS C 358 24.57 -42.80 -20.36
C LYS C 358 23.66 -43.94 -19.94
N LEU C 359 23.73 -45.07 -20.66
CA LEU C 359 22.88 -46.21 -20.33
C LEU C 359 23.23 -46.76 -18.95
N VAL C 360 24.52 -46.83 -18.62
CA VAL C 360 24.92 -47.32 -17.30
C VAL C 360 24.44 -46.36 -16.22
N ARG C 361 24.59 -45.05 -16.44
CA ARG C 361 24.20 -44.09 -15.42
C ARG C 361 22.69 -44.11 -15.18
N PHE C 362 21.90 -44.20 -16.25
CA PHE C 362 20.44 -44.09 -16.09
C PHE C 362 19.85 -45.36 -15.49
N LEU C 363 20.33 -46.52 -15.93
CA LEU C 363 19.74 -47.81 -15.54
C LEU C 363 20.84 -48.69 -14.97
N PRO C 364 21.20 -48.51 -13.69
CA PRO C 364 22.27 -49.34 -13.12
C PRO C 364 21.95 -50.83 -13.11
N ARG C 365 20.69 -51.21 -12.91
CA ARG C 365 20.32 -52.61 -12.79
C ARG C 365 19.95 -53.24 -14.13
N THR C 366 19.28 -52.48 -15.00
CA THR C 366 18.88 -53.03 -16.29
C THR C 366 20.11 -53.41 -17.12
N VAL C 367 21.13 -52.55 -17.13
CA VAL C 367 22.35 -52.86 -17.87
C VAL C 367 23.05 -54.06 -17.24
N SER C 368 23.08 -54.11 -15.90
CA SER C 368 23.75 -55.21 -15.22
C SER C 368 23.09 -56.55 -15.57
N ARG C 369 21.75 -56.58 -15.57
CA ARG C 369 21.06 -57.83 -15.89
C ARG C 369 21.24 -58.20 -17.36
N LEU C 370 21.24 -57.22 -18.25
CA LEU C 370 21.28 -57.50 -19.67
C LEU C 370 22.63 -58.13 -20.04
N PRO C 371 22.65 -59.11 -20.95
CA PRO C 371 23.92 -59.64 -21.44
C PRO C 371 24.64 -58.62 -22.33
N GLU C 372 25.88 -58.96 -22.68
CA GLU C 372 26.66 -58.09 -23.55
C GLU C 372 26.02 -57.94 -24.92
N GLU C 373 25.49 -59.03 -25.48
CA GLU C 373 24.84 -58.96 -26.77
C GLU C 373 23.62 -58.05 -26.73
N GLU C 374 22.84 -58.14 -25.64
CA GLU C 374 21.69 -57.26 -25.50
C GLU C 374 22.13 -55.81 -25.42
N ILE C 375 23.21 -55.52 -24.70
CA ILE C 375 23.71 -54.16 -24.62
C ILE C 375 24.13 -53.66 -25.99
N GLU C 376 24.83 -54.50 -26.75
CA GLU C 376 25.26 -54.09 -28.09
C GLU C 376 24.05 -53.83 -28.99
N SER C 377 23.02 -54.67 -28.90
CA SER C 377 21.81 -54.45 -29.68
C SER C 377 21.13 -53.14 -29.27
N TRP C 378 21.09 -52.86 -27.97
CA TRP C 378 20.52 -51.59 -27.51
C TRP C 378 21.30 -50.41 -28.05
N ILE C 379 22.63 -50.50 -28.05
CA ILE C 379 23.45 -49.42 -28.58
C ILE C 379 23.17 -49.23 -30.06
N LYS C 380 23.03 -50.34 -30.81
CA LYS C 380 22.71 -50.24 -32.22
C LYS C 380 21.37 -49.54 -32.43
N TRP C 381 20.36 -49.94 -31.65
CA TRP C 381 19.04 -49.31 -31.79
C TRP C 381 19.11 -47.83 -31.48
N LEU C 382 19.84 -47.45 -30.42
CA LEU C 382 19.92 -46.05 -30.06
C LEU C 382 20.66 -45.25 -31.13
N LYS C 383 21.72 -45.82 -31.70
CA LYS C 383 22.42 -45.14 -32.78
C LYS C 383 21.52 -44.94 -33.99
N GLU C 384 20.75 -45.98 -34.35
CA GLU C 384 19.82 -45.85 -35.46
C GLU C 384 18.79 -44.77 -35.19
N ILE C 385 18.26 -44.73 -33.97
CA ILE C 385 17.27 -43.72 -33.62
C ILE C 385 17.86 -42.32 -33.69
N LEU C 386 19.08 -42.15 -33.17
CA LEU C 386 19.73 -40.84 -33.18
C LEU C 386 20.11 -40.40 -34.58
N GLU C 387 20.36 -41.34 -35.50
CA GLU C 387 20.71 -40.96 -36.86
C GLU C 387 19.61 -40.13 -37.51
N SER C 388 18.36 -40.34 -37.10
CA SER C 388 17.21 -39.59 -37.61
C SER C 388 16.73 -38.57 -36.58
N SER C 389 17.67 -37.89 -35.92
CA SER C 389 17.32 -36.98 -34.84
C SER C 389 16.40 -35.85 -35.30
N HIS C 390 16.37 -35.55 -36.61
CA HIS C 390 15.51 -34.47 -37.07
C HIS C 390 14.03 -34.76 -36.81
N LEU C 391 13.66 -36.02 -36.62
CA LEU C 391 12.29 -36.39 -36.24
C LEU C 391 12.14 -36.42 -34.74
N LEU C 392 13.03 -37.14 -34.05
CA LEU C 392 12.94 -37.28 -32.62
C LEU C 392 13.13 -35.93 -31.93
N THR C 393 12.37 -35.72 -30.86
CA THR C 393 12.44 -34.51 -30.06
C THR C 393 12.49 -34.87 -28.59
N VAL C 394 13.10 -34.00 -27.79
CA VAL C 394 13.30 -34.23 -26.37
C VAL C 394 12.77 -33.03 -25.61
N ILE C 395 12.05 -33.30 -24.52
CA ILE C 395 11.52 -32.24 -23.67
C ILE C 395 12.58 -31.83 -22.67
N LYS C 396 12.65 -30.53 -22.39
CA LYS C 396 13.61 -29.99 -21.44
C LYS C 396 13.08 -30.14 -20.02
N MET C 397 13.87 -30.77 -19.17
CA MET C 397 13.48 -30.97 -17.78
C MET C 397 13.54 -29.67 -17.00
N GLU C 403 2.14 -25.09 -21.06
CA GLU C 403 1.99 -25.22 -22.50
C GLU C 403 3.31 -25.64 -23.15
N ILE C 404 3.86 -26.76 -22.67
CA ILE C 404 5.13 -27.28 -23.18
C ILE C 404 4.86 -28.55 -23.97
N VAL C 405 3.88 -29.34 -23.53
CA VAL C 405 3.54 -30.57 -24.24
C VAL C 405 3.03 -30.23 -25.64
N SER C 406 2.10 -29.28 -25.73
CA SER C 406 1.61 -28.87 -27.04
C SER C 406 2.72 -28.28 -27.88
N ASN C 407 3.58 -27.46 -27.27
CA ASN C 407 4.69 -26.87 -28.01
C ASN C 407 5.61 -27.94 -28.56
N ALA C 408 5.97 -28.92 -27.74
CA ALA C 408 6.87 -29.97 -28.18
C ALA C 408 6.24 -30.81 -29.28
N ILE C 409 4.97 -31.17 -29.13
CA ILE C 409 4.30 -31.97 -30.15
C ILE C 409 4.23 -31.20 -31.46
N SER C 410 3.87 -29.91 -31.39
CA SER C 410 3.80 -29.10 -32.60
C SER C 410 5.16 -28.98 -33.26
N TYR C 411 6.22 -28.79 -32.47
CA TYR C 411 7.55 -28.69 -33.04
C TYR C 411 7.94 -29.98 -33.74
N ALA C 412 7.67 -31.13 -33.10
CA ALA C 412 8.00 -32.41 -33.70
C ALA C 412 7.23 -32.62 -35.00
N LEU C 413 5.93 -32.31 -35.00
CA LEU C 413 5.13 -32.47 -36.21
C LEU C 413 5.62 -31.55 -37.31
N TYR C 414 5.97 -30.31 -36.96
CA TYR C 414 6.48 -29.38 -37.96
C TYR C 414 7.79 -29.88 -38.57
N LYS C 415 8.69 -30.39 -37.73
CA LYS C 415 9.94 -30.94 -38.25
C LYS C 415 9.67 -32.13 -39.16
N ALA C 416 8.77 -33.02 -38.76
CA ALA C 416 8.46 -34.18 -39.59
C ALA C 416 7.86 -33.77 -40.92
N PHE C 417 6.95 -32.78 -40.91
CA PHE C 417 6.28 -32.37 -42.12
C PHE C 417 7.20 -31.59 -43.05
N SER C 418 8.15 -30.83 -42.48
CA SER C 418 9.06 -30.06 -43.31
C SER C 418 9.92 -30.97 -44.17
N THR C 419 10.43 -32.06 -43.59
CA THR C 419 11.29 -33.00 -44.31
C THR C 419 10.43 -34.14 -44.83
N ASN C 420 9.76 -33.89 -45.95
CA ASN C 420 8.92 -34.89 -46.57
C ASN C 420 9.09 -34.97 -48.08
N GLU C 421 9.94 -34.14 -48.68
CA GLU C 421 10.24 -34.11 -50.11
C GLU C 421 9.11 -33.47 -50.93
N GLN C 422 7.96 -33.16 -50.31
CA GLN C 422 6.85 -32.55 -51.02
C GLN C 422 6.35 -31.32 -50.27
N ASP C 423 6.55 -31.29 -48.95
CA ASP C 423 6.10 -30.20 -48.12
C ASP C 423 7.11 -29.07 -48.00
N LYS C 424 8.32 -29.24 -48.53
CA LYS C 424 9.31 -28.17 -48.45
C LYS C 424 8.84 -26.93 -49.21
N ASP C 425 8.29 -27.13 -50.41
CA ASP C 425 7.80 -26.00 -51.19
C ASP C 425 6.46 -25.49 -50.67
N ASN C 426 5.67 -26.35 -50.04
CA ASN C 426 4.33 -25.98 -49.58
C ASN C 426 4.45 -25.30 -48.23
N TRP C 427 4.78 -24.01 -48.26
CA TRP C 427 4.82 -23.23 -47.03
C TRP C 427 3.43 -22.99 -46.47
N ASN C 428 2.41 -23.00 -47.34
CA ASN C 428 1.04 -22.78 -46.89
C ASN C 428 0.62 -23.87 -45.90
N GLY C 429 0.97 -25.12 -46.17
CA GLY C 429 0.65 -26.19 -45.24
C GLY C 429 1.33 -26.01 -43.90
N GLN C 430 2.59 -25.59 -43.92
CA GLN C 430 3.31 -25.34 -42.67
C GLN C 430 2.63 -24.23 -41.87
N LEU C 431 2.24 -23.16 -42.55
CA LEU C 431 1.55 -22.07 -41.86
C LEU C 431 0.21 -22.55 -41.29
N LYS C 432 -0.52 -23.36 -42.05
CA LYS C 432 -1.80 -23.87 -41.58
C LYS C 432 -1.61 -24.72 -40.34
N LEU C 433 -0.61 -25.59 -40.34
CA LEU C 433 -0.36 -26.45 -39.19
C LEU C 433 0.06 -25.62 -37.97
N LEU C 434 0.93 -24.64 -38.18
CA LEU C 434 1.36 -23.80 -37.07
C LEU C 434 0.19 -23.02 -36.49
N LEU C 435 -0.69 -22.51 -37.34
CA LEU C 435 -1.88 -21.81 -36.85
C LEU C 435 -2.79 -22.76 -36.08
N GLU C 436 -2.94 -23.98 -36.58
CA GLU C 436 -3.78 -24.96 -35.87
C GLU C 436 -3.22 -25.25 -34.49
N TRP C 437 -1.90 -25.41 -34.37
CA TRP C 437 -1.27 -25.69 -33.09
C TRP C 437 -0.81 -24.44 -32.35
N ASN C 438 -1.06 -23.26 -32.91
CA ASN C 438 -0.79 -21.99 -32.23
C ASN C 438 0.68 -21.87 -31.83
N GLN C 439 1.55 -21.84 -32.84
CA GLN C 439 2.98 -21.64 -32.66
C GLN C 439 3.33 -20.30 -33.31
N LEU C 440 3.46 -19.26 -32.49
CA LEU C 440 3.68 -17.91 -33.00
C LEU C 440 5.16 -17.66 -33.29
N ASP C 441 6.02 -17.82 -32.27
CA ASP C 441 7.43 -17.51 -32.44
C ASP C 441 8.06 -18.39 -33.52
N LEU C 442 7.72 -19.67 -33.54
CA LEU C 442 8.27 -20.56 -34.55
C LEU C 442 7.87 -20.12 -35.95
N ALA C 443 6.60 -19.77 -36.14
CA ALA C 443 6.16 -19.31 -37.44
C ALA C 443 6.85 -18.02 -37.84
N SER C 444 6.98 -17.08 -36.91
CA SER C 444 7.61 -15.80 -37.22
C SER C 444 9.06 -16.00 -37.62
N ASP C 445 9.79 -16.85 -36.90
CA ASP C 445 11.21 -17.03 -37.16
C ASP C 445 11.47 -17.89 -38.39
N GLU C 446 10.63 -18.88 -38.66
CA GLU C 446 10.91 -19.88 -39.68
C GLU C 446 10.30 -19.52 -41.04
N ILE C 447 8.97 -19.38 -41.09
CA ILE C 447 8.29 -19.28 -42.36
C ILE C 447 8.16 -17.83 -42.82
N PHE C 448 7.89 -16.90 -41.91
CA PHE C 448 7.75 -15.49 -42.27
C PHE C 448 9.15 -14.90 -42.45
N THR C 449 9.61 -14.90 -43.70
CA THR C 449 10.93 -14.39 -44.03
C THR C 449 10.88 -13.75 -45.41
N ASN C 450 11.89 -12.94 -45.71
CA ASN C 450 11.96 -12.24 -46.99
C ASN C 450 12.28 -13.17 -48.16
N ASP C 451 12.32 -14.49 -47.97
CA ASP C 451 12.61 -15.39 -49.08
C ASP C 451 11.55 -15.29 -50.17
N ARG C 452 10.27 -15.21 -49.77
CA ARG C 452 9.16 -15.16 -50.72
C ARG C 452 8.22 -14.04 -50.33
N ARG C 453 7.55 -13.48 -51.33
CA ARG C 453 6.58 -12.42 -51.11
C ARG C 453 5.32 -12.99 -50.45
N TRP C 454 4.59 -12.11 -49.77
CA TRP C 454 3.37 -12.48 -49.05
C TRP C 454 2.21 -11.64 -49.59
N GLU C 455 1.42 -12.23 -50.47
CA GLU C 455 0.26 -11.56 -51.03
C GLU C 455 -0.96 -11.74 -50.13
N SER C 456 -1.82 -10.73 -50.11
CA SER C 456 -2.99 -10.77 -49.24
C SER C 456 -3.93 -11.90 -49.61
N ALA C 457 -4.14 -12.14 -50.90
CA ALA C 457 -5.06 -13.18 -51.33
C ALA C 457 -4.61 -14.55 -50.84
N ASP C 458 -3.30 -14.81 -50.89
CA ASP C 458 -2.79 -16.10 -50.42
C ASP C 458 -3.07 -16.29 -48.94
N LEU C 459 -2.99 -15.22 -48.16
CA LEU C 459 -3.12 -15.28 -46.71
C LEU C 459 -4.55 -15.04 -46.22
N GLN C 460 -5.49 -14.78 -47.13
CA GLN C 460 -6.86 -14.48 -46.73
C GLN C 460 -7.50 -15.65 -45.98
N GLU C 461 -7.36 -16.86 -46.53
CA GLU C 461 -7.97 -18.03 -45.89
C GLU C 461 -7.35 -18.28 -44.52
N VAL C 462 -6.04 -18.13 -44.41
CA VAL C 462 -5.38 -18.32 -43.13
C VAL C 462 -5.87 -17.29 -42.12
N MET C 463 -6.05 -16.04 -42.57
CA MET C 463 -6.56 -15.01 -41.68
C MET C 463 -7.96 -15.35 -41.19
N PHE C 464 -8.82 -15.81 -42.09
CA PHE C 464 -10.16 -16.20 -41.69
C PHE C 464 -10.12 -17.34 -40.67
N THR C 465 -9.29 -18.35 -40.94
CA THR C 465 -9.19 -19.47 -40.01
C THR C 465 -8.70 -19.00 -38.64
N ALA C 466 -7.73 -18.10 -38.62
CA ALA C 466 -7.24 -17.57 -37.35
C ALA C 466 -8.35 -16.82 -36.61
N LEU C 467 -9.15 -16.05 -37.35
CA LEU C 467 -10.26 -15.34 -36.72
C LEU C 467 -11.25 -16.31 -36.11
N ILE C 468 -11.58 -17.39 -36.82
CA ILE C 468 -12.59 -18.32 -36.33
C ILE C 468 -12.12 -18.99 -35.03
N LYS C 469 -10.87 -19.44 -35.00
CA LYS C 469 -10.37 -20.28 -33.93
C LYS C 469 -9.72 -19.50 -32.79
N ASP C 470 -10.01 -18.21 -32.68
CA ASP C 470 -9.53 -17.39 -31.57
C ASP C 470 -8.00 -17.42 -31.48
N ARG C 471 -7.38 -16.85 -32.52
CA ARG C 471 -5.92 -16.77 -32.63
C ARG C 471 -5.56 -15.29 -32.79
N PRO C 472 -5.56 -14.52 -31.70
CA PRO C 472 -5.31 -13.08 -31.82
C PRO C 472 -3.90 -12.74 -32.23
N LYS C 473 -2.90 -13.40 -31.65
CA LYS C 473 -1.52 -13.08 -31.96
C LYS C 473 -1.21 -13.36 -33.43
N PHE C 474 -1.72 -14.47 -33.96
CA PHE C 474 -1.56 -14.72 -35.39
C PHE C 474 -2.26 -13.67 -36.22
N VAL C 475 -3.40 -13.16 -35.76
CA VAL C 475 -4.08 -12.09 -36.48
C VAL C 475 -3.20 -10.84 -36.52
N ARG C 476 -2.58 -10.51 -35.39
CA ARG C 476 -1.69 -9.36 -35.36
C ARG C 476 -0.51 -9.56 -36.30
N LEU C 477 0.07 -10.77 -36.29
CA LEU C 477 1.19 -11.05 -37.18
C LEU C 477 0.78 -10.91 -38.64
N PHE C 478 -0.40 -11.42 -39.01
CA PHE C 478 -0.87 -11.30 -40.37
C PHE C 478 -1.08 -9.85 -40.75
N LEU C 479 -1.65 -9.05 -39.85
CA LEU C 479 -1.87 -7.64 -40.14
C LEU C 479 -0.55 -6.93 -40.35
N GLU C 480 0.46 -7.25 -39.54
CA GLU C 480 1.77 -6.62 -39.71
C GLU C 480 2.37 -6.94 -41.06
N ASN C 481 2.22 -8.18 -41.52
CA ASN C 481 2.91 -8.64 -42.73
C ASN C 481 2.02 -8.41 -43.96
N GLY C 482 1.77 -7.13 -44.22
CA GLY C 482 1.17 -6.72 -45.47
C GLY C 482 -0.19 -7.29 -45.77
N LEU C 483 -1.09 -7.23 -44.79
CA LEU C 483 -2.47 -7.68 -44.97
C LEU C 483 -3.39 -6.47 -44.89
N ASN C 484 -4.24 -6.30 -45.92
CA ASN C 484 -5.21 -5.22 -45.97
C ASN C 484 -6.52 -5.73 -45.38
N LEU C 485 -6.81 -5.33 -44.14
CA LEU C 485 -8.00 -5.81 -43.47
C LEU C 485 -9.27 -5.22 -44.07
N GLN C 486 -9.20 -3.98 -44.56
CA GLN C 486 -10.38 -3.36 -45.16
C GLN C 486 -10.88 -4.15 -46.35
N LYS C 487 -9.97 -4.58 -47.22
CA LYS C 487 -10.38 -5.34 -48.40
C LYS C 487 -10.81 -6.75 -48.03
N PHE C 488 -10.22 -7.32 -46.99
CA PHE C 488 -10.56 -8.70 -46.61
C PHE C 488 -12.02 -8.82 -46.18
N LEU C 489 -12.51 -7.86 -45.42
CA LEU C 489 -13.85 -7.94 -44.84
C LEU C 489 -14.88 -7.65 -45.93
N THR C 490 -15.14 -8.67 -46.74
CA THR C 490 -16.20 -8.58 -47.73
C THR C 490 -17.56 -8.82 -47.08
N ASN C 491 -18.61 -8.39 -47.78
CA ASN C 491 -19.95 -8.53 -47.24
C ASN C 491 -20.31 -10.00 -47.05
N GLU C 492 -19.98 -10.84 -48.03
CA GLU C 492 -20.30 -12.27 -47.91
C GLU C 492 -19.58 -12.89 -46.73
N VAL C 493 -18.29 -12.58 -46.57
CA VAL C 493 -17.52 -13.11 -45.44
C VAL C 493 -18.15 -12.67 -44.13
N LEU C 494 -18.49 -11.39 -44.04
CA LEU C 494 -19.03 -10.85 -42.79
C LEU C 494 -20.37 -11.49 -42.44
N THR C 495 -21.26 -11.63 -43.43
CA THR C 495 -22.55 -12.24 -43.15
C THR C 495 -22.39 -13.71 -42.77
N GLU C 496 -21.51 -14.43 -43.46
CA GLU C 496 -21.29 -15.83 -43.10
C GLU C 496 -20.75 -15.95 -41.67
N LEU C 497 -19.80 -15.07 -41.30
CA LEU C 497 -19.24 -15.11 -39.97
C LEU C 497 -20.29 -14.78 -38.91
N PHE C 498 -21.15 -13.80 -39.19
CA PHE C 498 -22.18 -13.45 -38.23
C PHE C 498 -23.25 -14.53 -38.13
N SER C 499 -23.46 -15.30 -39.19
CA SER C 499 -24.54 -16.27 -39.20
C SER C 499 -24.10 -17.60 -38.56
N THR C 500 -22.96 -18.13 -38.99
CA THR C 500 -22.58 -19.47 -38.59
C THR C 500 -21.80 -19.49 -37.28
N HIS C 501 -20.79 -18.63 -37.14
CA HIS C 501 -19.89 -18.67 -36.00
C HIS C 501 -20.37 -17.81 -34.83
N PHE C 502 -21.54 -17.21 -34.92
CA PHE C 502 -22.09 -16.40 -33.84
C PHE C 502 -22.89 -17.33 -32.91
N SER C 503 -22.43 -17.48 -31.68
CA SER C 503 -23.05 -18.41 -30.76
C SER C 503 -24.51 -18.08 -30.54
N THR C 504 -25.34 -19.12 -30.52
CA THR C 504 -26.77 -18.92 -30.29
C THR C 504 -27.05 -18.43 -28.88
N LEU C 505 -26.22 -18.82 -27.91
CA LEU C 505 -26.39 -18.33 -26.55
C LEU C 505 -26.25 -16.81 -26.48
N VAL C 506 -25.24 -16.27 -27.15
CA VAL C 506 -25.05 -14.82 -27.16
C VAL C 506 -26.19 -14.13 -27.88
N TYR C 507 -26.71 -14.75 -28.94
CA TYR C 507 -27.86 -14.18 -29.63
C TYR C 507 -29.08 -14.14 -28.73
N ARG C 508 -29.29 -15.21 -27.94
CA ARG C 508 -30.39 -15.22 -26.97
C ARG C 508 -30.20 -14.11 -25.93
N ASN C 509 -28.97 -13.95 -25.44
CA ASN C 509 -28.71 -12.90 -24.47
C ASN C 509 -28.97 -11.53 -25.06
N LEU C 510 -28.58 -11.32 -26.32
CA LEU C 510 -28.84 -10.05 -26.98
C LEU C 510 -30.32 -9.81 -27.17
N GLN C 511 -31.08 -10.87 -27.49
CA GLN C 511 -32.53 -10.73 -27.60
C GLN C 511 -33.12 -10.32 -26.26
N ILE C 512 -32.65 -10.95 -25.17
CA ILE C 512 -33.16 -10.60 -23.85
C ILE C 512 -32.86 -9.14 -23.53
N ALA C 513 -31.65 -8.69 -23.81
CA ALA C 513 -31.28 -7.30 -23.54
C ALA C 513 -32.12 -6.34 -24.38
N LYS C 514 -32.31 -6.67 -25.65
CA LYS C 514 -33.10 -5.81 -26.52
C LYS C 514 -34.55 -5.70 -26.04
N ASN C 515 -35.14 -6.83 -25.63
CA ASN C 515 -36.53 -6.81 -25.20
C ASN C 515 -36.69 -6.10 -23.87
N SER C 516 -35.76 -6.31 -22.94
CA SER C 516 -35.89 -5.75 -21.59
C SER C 516 -35.16 -4.41 -21.47
N TYR C 517 -33.85 -4.41 -21.73
CA TYR C 517 -33.02 -3.22 -21.53
C TYR C 517 -32.74 -2.59 -22.90
N ASN C 518 -33.76 -1.93 -23.44
CA ASN C 518 -33.60 -1.30 -24.74
C ASN C 518 -32.84 0.02 -24.59
N ASP C 519 -32.20 0.44 -25.68
CA ASP C 519 -31.40 1.65 -25.68
C ASP C 519 -31.31 2.18 -27.10
N ALA C 520 -30.95 3.47 -27.21
CA ALA C 520 -30.79 4.08 -28.52
C ALA C 520 -29.63 3.48 -29.30
N LEU C 521 -28.68 2.83 -28.63
CA LEU C 521 -27.54 2.22 -29.28
C LEU C 521 -27.72 0.73 -29.52
N LEU C 522 -28.18 -0.01 -28.51
CA LEU C 522 -28.31 -1.46 -28.66
C LEU C 522 -29.26 -1.82 -29.80
N THR C 523 -30.26 -0.98 -30.06
CA THR C 523 -31.14 -1.24 -31.20
C THR C 523 -30.38 -1.17 -32.51
N PHE C 524 -29.42 -0.24 -32.61
CA PHE C 524 -28.64 -0.11 -33.83
C PHE C 524 -27.82 -1.37 -34.09
N VAL C 525 -27.12 -1.85 -33.07
CA VAL C 525 -26.32 -3.06 -33.25
C VAL C 525 -27.21 -4.26 -33.50
N TRP C 526 -28.38 -4.31 -32.88
CA TRP C 526 -29.30 -5.42 -33.15
C TRP C 526 -29.75 -5.40 -34.61
N LYS C 527 -30.08 -4.22 -35.14
CA LYS C 527 -30.47 -4.12 -36.53
C LYS C 527 -29.33 -4.53 -37.45
N LEU C 528 -28.11 -4.10 -37.12
CA LEU C 528 -26.94 -4.46 -37.94
C LEU C 528 -26.74 -5.97 -37.93
N VAL C 529 -26.85 -6.59 -36.76
CA VAL C 529 -26.67 -8.04 -36.65
C VAL C 529 -27.75 -8.76 -37.44
N ALA C 530 -28.99 -8.30 -37.33
CA ALA C 530 -30.06 -8.93 -38.09
C ALA C 530 -29.82 -8.81 -39.60
N ASN C 531 -29.35 -7.64 -40.04
CA ASN C 531 -29.08 -7.44 -41.45
C ASN C 531 -27.99 -8.39 -41.94
N PHE C 532 -26.92 -8.53 -41.16
CA PHE C 532 -25.82 -9.41 -41.57
C PHE C 532 -26.19 -10.88 -41.42
N ARG C 533 -27.17 -11.20 -40.57
CA ARG C 533 -27.52 -12.59 -40.30
C ARG C 533 -28.53 -13.11 -41.32
N ARG C 534 -29.54 -12.30 -41.65
CA ARG C 534 -30.53 -12.72 -42.63
C ARG C 534 -29.95 -12.71 -44.04
N SER C 535 -29.13 -11.72 -44.36
CA SER C 535 -28.54 -11.59 -45.69
C SER C 535 -27.17 -10.95 -45.61
N THR C 558 -20.15 -3.56 -45.93
CA THR C 558 -20.92 -2.45 -45.39
C THR C 558 -20.08 -1.18 -45.35
N ARG C 559 -20.66 -0.11 -44.82
CA ARG C 559 -19.95 1.16 -44.75
C ARG C 559 -18.75 1.07 -43.82
N HIS C 560 -18.90 0.39 -42.68
CA HIS C 560 -17.86 0.30 -41.66
C HIS C 560 -17.65 -1.15 -41.28
N PRO C 561 -16.99 -1.94 -42.14
CA PRO C 561 -16.76 -3.35 -41.78
C PRO C 561 -15.94 -3.52 -40.52
N LEU C 562 -14.98 -2.62 -40.28
CA LEU C 562 -14.16 -2.73 -39.08
C LEU C 562 -15.00 -2.59 -37.82
N GLN C 563 -15.96 -1.65 -37.83
CA GLN C 563 -16.83 -1.49 -36.67
C GLN C 563 -17.66 -2.74 -36.44
N ALA C 564 -18.17 -3.34 -37.52
CA ALA C 564 -18.94 -4.56 -37.37
C ALA C 564 -18.10 -5.68 -36.78
N LEU C 565 -16.85 -5.82 -37.25
CA LEU C 565 -15.98 -6.85 -36.72
C LEU C 565 -15.67 -6.60 -35.25
N PHE C 566 -15.44 -5.34 -34.89
CA PHE C 566 -15.19 -5.02 -33.49
C PHE C 566 -16.39 -5.35 -32.62
N ILE C 567 -17.59 -5.05 -33.12
CA ILE C 567 -18.80 -5.40 -32.39
C ILE C 567 -18.92 -6.91 -32.22
N TRP C 568 -18.63 -7.66 -33.29
CA TRP C 568 -18.69 -9.11 -33.20
C TRP C 568 -17.72 -9.62 -32.14
N ALA C 569 -16.51 -9.09 -32.13
CA ALA C 569 -15.52 -9.53 -31.14
C ALA C 569 -15.98 -9.17 -29.72
N ILE C 570 -16.58 -7.99 -29.56
CA ILE C 570 -17.00 -7.55 -28.24
C ILE C 570 -18.13 -8.42 -27.70
N LEU C 571 -19.14 -8.68 -28.54
CA LEU C 571 -20.31 -9.39 -28.07
C LEU C 571 -19.97 -10.78 -27.54
N GLN C 572 -18.86 -11.36 -28.02
CA GLN C 572 -18.42 -12.68 -27.58
C GLN C 572 -17.33 -12.60 -26.52
N ASN C 573 -17.10 -11.41 -25.97
CA ASN C 573 -16.13 -11.23 -24.87
C ASN C 573 -14.74 -11.73 -25.25
N LYS C 574 -14.33 -11.45 -26.48
CA LYS C 574 -12.96 -11.73 -26.92
C LYS C 574 -12.12 -10.48 -26.67
N LYS C 575 -11.17 -10.58 -25.73
CA LYS C 575 -10.42 -9.41 -25.30
C LYS C 575 -9.31 -9.08 -26.29
N GLU C 576 -8.36 -10.01 -26.48
CA GLU C 576 -7.19 -9.72 -27.29
C GLU C 576 -7.59 -9.41 -28.74
N LEU C 577 -8.52 -10.21 -29.29
CA LEU C 577 -8.96 -9.96 -30.65
C LEU C 577 -9.63 -8.60 -30.76
N SER C 578 -10.43 -8.23 -29.76
CA SER C 578 -11.09 -6.93 -29.78
C SER C 578 -10.07 -5.81 -29.75
N LYS C 579 -9.02 -5.93 -28.93
CA LYS C 579 -7.98 -4.92 -28.90
C LYS C 579 -7.27 -4.83 -30.25
N VAL C 580 -6.98 -5.98 -30.85
CA VAL C 580 -6.28 -5.98 -32.14
C VAL C 580 -7.12 -5.28 -33.19
N ILE C 581 -8.41 -5.57 -33.23
CA ILE C 581 -9.29 -4.91 -34.19
C ILE C 581 -9.41 -3.43 -33.87
N TRP C 582 -9.42 -3.07 -32.59
CA TRP C 582 -9.56 -1.67 -32.20
C TRP C 582 -8.35 -0.87 -32.65
N GLU C 583 -7.16 -1.45 -32.56
CA GLU C 583 -5.96 -0.74 -32.99
C GLU C 583 -6.05 -0.28 -34.44
N GLN C 584 -6.84 -0.95 -35.26
CA GLN C 584 -6.99 -0.59 -36.67
C GLN C 584 -8.14 0.36 -36.94
N THR C 585 -9.00 0.63 -35.96
CA THR C 585 -10.15 1.48 -36.17
C THR C 585 -9.76 2.94 -36.26
N LYS C 586 -10.61 3.73 -36.91
CA LYS C 586 -10.38 5.17 -37.01
C LYS C 586 -10.88 5.89 -35.75
N GLY C 587 -12.16 5.78 -35.46
CA GLY C 587 -12.72 6.39 -34.26
C GLY C 587 -12.39 5.58 -33.04
N CYS C 588 -11.11 5.60 -32.65
CA CYS C 588 -10.63 4.71 -31.59
C CYS C 588 -11.32 4.99 -30.27
N THR C 589 -11.30 6.26 -29.83
CA THR C 589 -11.92 6.60 -28.56
C THR C 589 -13.44 6.46 -28.63
N LEU C 590 -14.03 6.87 -29.76
CA LEU C 590 -15.46 6.71 -29.95
C LEU C 590 -15.84 5.23 -29.92
N ALA C 591 -15.05 4.39 -30.58
CA ALA C 591 -15.31 2.95 -30.58
C ALA C 591 -15.19 2.40 -29.18
N ALA C 592 -14.20 2.85 -28.41
CA ALA C 592 -14.05 2.37 -27.04
C ALA C 592 -15.24 2.77 -26.19
N LEU C 593 -15.71 4.01 -26.31
CA LEU C 593 -16.88 4.43 -25.56
C LEU C 593 -18.11 3.61 -25.93
N GLY C 594 -18.31 3.40 -27.23
CA GLY C 594 -19.45 2.61 -27.66
C GLY C 594 -19.38 1.18 -27.16
N ALA C 595 -18.18 0.59 -27.19
CA ALA C 595 -18.02 -0.77 -26.68
C ALA C 595 -18.29 -0.82 -25.19
N SER C 596 -17.83 0.19 -24.45
CA SER C 596 -18.09 0.23 -23.02
C SER C 596 -19.59 0.28 -22.74
N LYS C 597 -20.30 1.15 -23.45
CA LYS C 597 -21.74 1.24 -23.24
C LYS C 597 -22.44 -0.06 -23.61
N LEU C 598 -22.07 -0.66 -24.73
CA LEU C 598 -22.70 -1.90 -25.16
C LEU C 598 -22.45 -3.02 -24.16
N LEU C 599 -21.21 -3.13 -23.68
CA LEU C 599 -20.88 -4.16 -22.69
C LEU C 599 -21.62 -3.93 -21.39
N LYS C 600 -21.74 -2.67 -20.96
CA LYS C 600 -22.46 -2.38 -19.73
C LYS C 600 -23.94 -2.75 -19.85
N THR C 601 -24.56 -2.39 -20.97
CA THR C 601 -25.97 -2.73 -21.13
C THR C 601 -26.17 -4.23 -21.33
N LEU C 602 -25.15 -4.93 -21.83
CA LEU C 602 -25.24 -6.38 -21.94
C LEU C 602 -25.07 -7.05 -20.59
N ALA C 603 -24.21 -6.51 -19.73
CA ALA C 603 -23.96 -7.10 -18.43
C ALA C 603 -25.13 -6.91 -17.48
N LYS C 604 -25.94 -5.88 -17.68
CA LYS C 604 -27.10 -5.68 -16.82
C LYS C 604 -28.09 -6.82 -16.93
N VAL C 605 -27.97 -7.64 -17.98
CA VAL C 605 -28.78 -8.86 -18.05
C VAL C 605 -28.33 -9.83 -16.97
N LYS C 606 -29.19 -10.81 -16.67
CA LYS C 606 -28.94 -11.74 -15.58
C LYS C 606 -29.18 -13.19 -15.99
N ASN C 607 -29.14 -13.49 -17.29
CA ASN C 607 -29.27 -14.88 -17.73
C ASN C 607 -28.10 -15.72 -17.21
N ASP C 608 -26.88 -15.20 -17.31
CA ASP C 608 -25.70 -15.87 -16.80
C ASP C 608 -24.77 -14.84 -16.17
N ILE C 609 -24.27 -15.18 -14.98
CA ILE C 609 -23.48 -14.23 -14.20
C ILE C 609 -22.07 -14.08 -14.77
N ASN C 610 -21.45 -15.20 -15.14
CA ASN C 610 -20.05 -15.17 -15.52
C ASN C 610 -19.83 -14.29 -16.75
N ALA C 611 -20.65 -14.46 -17.78
CA ALA C 611 -20.49 -13.64 -18.98
C ALA C 611 -20.73 -12.17 -18.68
N ALA C 612 -21.74 -11.88 -17.85
CA ALA C 612 -22.01 -10.49 -17.49
C ALA C 612 -20.83 -9.86 -16.77
N GLY C 613 -20.22 -10.58 -15.83
CA GLY C 613 -19.07 -10.05 -15.13
C GLY C 613 -17.89 -9.84 -16.05
N GLU C 614 -17.65 -10.79 -16.95
CA GLU C 614 -16.58 -10.64 -17.93
C GLU C 614 -16.80 -9.40 -18.79
N SER C 615 -18.02 -9.21 -19.26
CA SER C 615 -18.34 -8.05 -20.07
C SER C 615 -18.16 -6.76 -19.27
N GLU C 616 -18.54 -6.77 -18.00
CA GLU C 616 -18.40 -5.58 -17.18
C GLU C 616 -16.94 -5.20 -16.99
N GLU C 617 -16.09 -6.19 -16.70
CA GLU C 617 -14.67 -5.88 -16.55
C GLU C 617 -14.06 -5.40 -17.86
N LEU C 618 -14.46 -6.02 -18.98
CA LEU C 618 -13.97 -5.56 -20.28
C LEU C 618 -14.42 -4.13 -20.56
N ALA C 619 -15.66 -3.80 -20.18
CA ALA C 619 -16.16 -2.44 -20.38
C ALA C 619 -15.35 -1.44 -19.57
N ASN C 620 -15.06 -1.78 -18.30
CA ASN C 620 -14.24 -0.90 -17.49
C ASN C 620 -12.86 -0.72 -18.11
N GLU C 621 -12.28 -1.81 -18.62
CA GLU C 621 -10.97 -1.73 -19.26
C GLU C 621 -11.00 -0.80 -20.46
N TYR C 622 -12.02 -0.92 -21.31
CA TYR C 622 -12.11 -0.07 -22.49
C TYR C 622 -12.36 1.38 -22.10
N GLU C 623 -13.16 1.61 -21.07
CA GLU C 623 -13.36 2.97 -20.58
C GLU C 623 -12.05 3.58 -20.11
N THR C 624 -11.26 2.82 -19.36
CA THR C 624 -9.96 3.32 -18.92
C THR C 624 -9.06 3.62 -20.12
N ARG C 625 -9.05 2.73 -21.11
CA ARG C 625 -8.25 2.97 -22.30
C ARG C 625 -8.65 4.28 -22.98
N ALA C 626 -9.95 4.49 -23.16
CA ALA C 626 -10.41 5.71 -23.80
C ALA C 626 -10.04 6.94 -23.00
N VAL C 627 -10.20 6.87 -21.67
CA VAL C 627 -9.87 8.01 -20.83
C VAL C 627 -8.40 8.36 -20.97
N GLU C 628 -7.52 7.37 -20.86
CA GLU C 628 -6.10 7.63 -20.96
C GLU C 628 -5.72 8.17 -22.34
N LEU C 629 -6.30 7.58 -23.39
CA LEU C 629 -5.97 8.01 -24.74
C LEU C 629 -6.38 9.45 -24.97
N PHE C 630 -7.58 9.82 -24.52
CA PHE C 630 -8.02 11.19 -24.73
C PHE C 630 -7.27 12.17 -23.83
N THR C 631 -6.86 11.73 -22.65
CA THR C 631 -6.03 12.60 -21.81
C THR C 631 -4.72 12.91 -22.51
N GLU C 632 -4.07 11.89 -23.07
CA GLU C 632 -2.84 12.13 -23.83
C GLU C 632 -3.12 12.99 -25.05
N CYS C 633 -4.24 12.75 -25.73
CA CYS C 633 -4.59 13.51 -26.92
C CYS C 633 -4.77 14.99 -26.61
N TYR C 634 -5.44 15.29 -25.49
CA TYR C 634 -5.63 16.69 -25.09
C TYR C 634 -4.33 17.31 -24.62
N SER C 635 -3.48 16.52 -23.95
CA SER C 635 -2.19 17.04 -23.52
C SER C 635 -1.34 17.45 -24.71
N ASN C 636 -1.32 16.62 -25.76
CA ASN C 636 -0.53 16.95 -26.93
C ASN C 636 -1.03 18.21 -27.62
N ASP C 637 -2.35 18.32 -27.77
CA ASP C 637 -2.94 19.48 -28.42
C ASP C 637 -4.35 19.69 -27.86
N GLU C 638 -4.85 20.91 -28.01
CA GLU C 638 -6.12 21.32 -27.41
C GLU C 638 -7.23 21.43 -28.45
N ASP C 639 -7.03 22.25 -29.49
CA ASP C 639 -8.10 22.49 -30.46
C ASP C 639 -8.51 21.21 -31.17
N LEU C 640 -7.52 20.43 -31.62
CA LEU C 640 -7.84 19.20 -32.35
C LEU C 640 -8.60 18.22 -31.47
N ALA C 641 -8.24 18.13 -30.19
CA ALA C 641 -8.95 17.24 -29.28
C ALA C 641 -10.40 17.65 -29.16
N GLU C 642 -10.68 18.94 -29.03
CA GLU C 642 -12.06 19.40 -28.94
C GLU C 642 -12.81 19.12 -30.23
N GLN C 643 -12.18 19.35 -31.38
CA GLN C 643 -12.83 19.06 -32.65
C GLN C 643 -13.18 17.59 -32.75
N LEU C 644 -12.27 16.71 -32.34
CA LEU C 644 -12.54 15.28 -32.37
C LEU C 644 -13.67 14.92 -31.42
N LEU C 645 -13.65 15.49 -30.22
CA LEU C 645 -14.67 15.17 -29.23
C LEU C 645 -16.05 15.56 -29.71
N VAL C 646 -16.19 16.78 -30.27
CA VAL C 646 -17.48 17.21 -30.80
C VAL C 646 -17.79 16.62 -32.15
N TYR C 647 -16.80 16.01 -32.81
CA TYR C 647 -17.00 15.49 -34.16
C TYR C 647 -17.93 14.29 -34.15
N SER C 648 -18.83 14.25 -35.14
CA SER C 648 -19.71 13.12 -35.34
C SER C 648 -19.21 12.31 -36.52
N CYS C 649 -19.11 10.99 -36.32
CA CYS C 649 -18.50 10.11 -37.32
C CYS C 649 -19.50 9.81 -38.42
N GLU C 650 -19.15 8.87 -39.30
CA GLU C 650 -20.05 8.41 -40.36
C GLU C 650 -20.99 7.34 -39.81
N ALA C 651 -21.69 7.71 -38.73
CA ALA C 651 -22.71 6.87 -38.11
C ALA C 651 -22.11 5.56 -37.59
N TRP C 652 -21.16 5.70 -36.66
CA TRP C 652 -20.76 4.54 -35.85
C TRP C 652 -21.96 4.02 -35.06
N GLY C 653 -22.61 4.91 -34.33
CA GLY C 653 -23.85 4.60 -33.65
C GLY C 653 -24.79 5.78 -33.67
N GLY C 654 -24.55 6.72 -34.58
CA GLY C 654 -25.35 7.92 -34.65
C GLY C 654 -25.10 8.92 -33.55
N SER C 655 -23.91 8.89 -32.93
CA SER C 655 -23.61 9.77 -31.83
C SER C 655 -22.11 10.01 -31.76
N ASN C 656 -21.73 11.04 -31.00
CA ASN C 656 -20.34 11.40 -30.80
C ASN C 656 -19.82 10.80 -29.50
N CYS C 657 -18.57 11.10 -29.17
CA CYS C 657 -17.97 10.57 -27.95
C CYS C 657 -18.70 11.10 -26.72
N LEU C 658 -19.03 12.38 -26.71
CA LEU C 658 -19.65 12.98 -25.54
C LEU C 658 -21.02 12.38 -25.27
N GLU C 659 -21.82 12.19 -26.32
CA GLU C 659 -23.16 11.62 -26.14
C GLU C 659 -23.08 10.20 -25.60
N LEU C 660 -22.19 9.38 -26.12
CA LEU C 660 -22.04 8.03 -25.61
C LEU C 660 -21.56 8.04 -24.17
N ALA C 661 -20.61 8.91 -23.85
CA ALA C 661 -20.09 8.97 -22.49
C ALA C 661 -21.19 9.35 -21.51
N VAL C 662 -22.01 10.34 -21.85
CA VAL C 662 -23.08 10.75 -20.94
C VAL C 662 -24.15 9.67 -20.86
N GLU C 663 -24.47 9.03 -21.99
CA GLU C 663 -25.49 7.98 -21.98
C GLU C 663 -25.05 6.80 -21.12
N ALA C 664 -23.77 6.46 -21.16
CA ALA C 664 -23.24 5.38 -20.35
C ALA C 664 -22.95 5.81 -18.92
N THR C 665 -23.21 7.07 -18.57
CA THR C 665 -22.93 7.59 -17.25
C THR C 665 -21.46 7.40 -16.88
N ASP C 666 -20.58 7.62 -17.86
CA ASP C 666 -19.14 7.49 -17.66
C ASP C 666 -18.64 8.76 -16.98
N GLN C 667 -18.93 8.85 -15.69
CA GLN C 667 -18.56 10.04 -14.93
C GLN C 667 -17.05 10.27 -14.96
N HIS C 668 -16.27 9.19 -14.98
CA HIS C 668 -14.81 9.34 -14.94
C HIS C 668 -14.29 10.02 -16.19
N PHE C 669 -14.83 9.66 -17.36
CA PHE C 669 -14.32 10.21 -18.61
C PHE C 669 -14.67 11.68 -18.75
N ILE C 670 -15.92 12.04 -18.49
CA ILE C 670 -16.38 13.41 -18.70
C ILE C 670 -15.94 14.35 -17.59
N ALA C 671 -15.32 13.83 -16.54
CA ALA C 671 -14.82 14.65 -15.45
C ALA C 671 -13.34 15.01 -15.62
N GLN C 672 -12.72 14.62 -16.73
CA GLN C 672 -11.32 14.90 -16.93
C GLN C 672 -11.09 16.39 -17.17
N PRO C 673 -9.89 16.89 -16.88
CA PRO C 673 -9.66 18.34 -17.03
C PRO C 673 -9.90 18.86 -18.42
N GLY C 674 -9.56 18.09 -19.46
CA GLY C 674 -9.76 18.57 -20.81
C GLY C 674 -11.22 18.78 -21.15
N VAL C 675 -12.06 17.81 -20.79
CA VAL C 675 -13.49 17.93 -21.07
C VAL C 675 -14.09 19.07 -20.27
N GLN C 676 -13.69 19.21 -19.01
CA GLN C 676 -14.20 20.31 -18.20
C GLN C 676 -13.78 21.66 -18.77
N ASN C 677 -12.54 21.76 -19.27
CA ASN C 677 -12.09 23.00 -19.90
C ASN C 677 -12.91 23.30 -21.14
N PHE C 678 -13.19 22.27 -21.94
CA PHE C 678 -14.02 22.47 -23.13
C PHE C 678 -15.41 22.96 -22.74
N LEU C 679 -16.00 22.35 -21.72
CA LEU C 679 -17.32 22.79 -21.25
C LEU C 679 -17.28 24.22 -20.75
N SER C 680 -16.23 24.58 -20.02
CA SER C 680 -16.12 25.94 -19.51
C SER C 680 -15.98 26.94 -20.66
N LYS C 681 -15.19 26.59 -21.68
CA LYS C 681 -15.05 27.46 -22.84
C LYS C 681 -16.40 27.65 -23.53
N GLN C 682 -17.16 26.57 -23.66
CA GLN C 682 -18.49 26.67 -24.26
C GLN C 682 -19.41 27.54 -23.41
N TRP C 683 -19.31 27.40 -22.09
CA TRP C 683 -20.20 28.12 -21.18
C TRP C 683 -19.91 29.62 -21.19
N TYR C 684 -18.64 29.99 -21.07
CA TYR C 684 -18.29 31.41 -21.11
C TYR C 684 -18.43 31.98 -22.52
N GLY C 685 -18.22 31.15 -23.54
CA GLY C 685 -18.32 31.61 -24.91
C GLY C 685 -17.19 32.52 -25.30
N GLU C 686 -17.50 33.56 -26.06
CA GLU C 686 -16.46 34.48 -26.53
C GLU C 686 -15.81 35.25 -25.40
N ILE C 687 -16.46 35.31 -24.23
CA ILE C 687 -15.87 36.00 -23.10
C ILE C 687 -14.57 35.32 -22.69
N SER C 688 -13.64 36.10 -22.16
CA SER C 688 -12.38 35.53 -21.70
C SER C 688 -12.62 34.60 -20.52
N ARG C 689 -11.94 33.45 -20.55
CA ARG C 689 -12.13 32.45 -19.52
C ARG C 689 -11.62 32.91 -18.16
N ASP C 690 -10.59 33.74 -18.14
CA ASP C 690 -9.86 34.04 -16.91
C ASP C 690 -10.28 35.35 -16.24
N THR C 691 -11.22 36.09 -16.83
CA THR C 691 -11.63 37.35 -16.23
C THR C 691 -12.45 37.11 -14.96
N LYS C 692 -12.30 38.02 -14.01
CA LYS C 692 -12.97 37.88 -12.73
C LYS C 692 -14.48 38.02 -12.89
N ASN C 693 -15.22 37.30 -12.04
CA ASN C 693 -16.67 37.22 -12.18
C ASN C 693 -17.34 38.55 -11.83
N TRP C 694 -16.90 39.22 -10.76
CA TRP C 694 -17.56 40.45 -10.36
C TRP C 694 -17.51 41.49 -11.47
N LYS C 695 -16.44 41.48 -12.27
CA LYS C 695 -16.39 42.37 -13.43
C LYS C 695 -17.54 42.08 -14.38
N ILE C 696 -17.80 40.79 -14.64
CA ILE C 696 -18.88 40.42 -15.54
C ILE C 696 -20.22 40.83 -14.95
N ILE C 697 -20.37 40.68 -13.63
CA ILE C 697 -21.64 41.04 -12.99
C ILE C 697 -21.88 42.55 -13.12
N LEU C 698 -20.85 43.34 -12.83
CA LEU C 698 -20.99 44.79 -12.96
C LEU C 698 -21.30 45.19 -14.40
N CYS C 699 -20.63 44.55 -15.37
CA CYS C 699 -20.93 44.82 -16.76
C CYS C 699 -22.36 44.44 -17.11
N LEU C 700 -22.87 43.36 -16.52
CA LEU C 700 -24.24 42.94 -16.76
C LEU C 700 -25.22 43.99 -16.25
N PHE C 701 -25.06 44.40 -15.00
CA PHE C 701 -25.98 45.40 -14.45
C PHE C 701 -25.80 46.75 -15.13
N ILE C 702 -24.56 47.12 -15.45
CA ILE C 702 -24.26 48.41 -16.06
C ILE C 702 -23.86 48.15 -17.51
N ILE C 703 -24.78 48.45 -18.42
CA ILE C 703 -24.58 48.22 -19.86
C ILE C 703 -23.43 49.06 -20.39
N PRO C 704 -23.41 50.38 -20.14
CA PRO C 704 -22.37 51.21 -20.80
C PRO C 704 -20.94 50.80 -20.46
N LEU C 705 -20.71 50.26 -19.25
CA LEU C 705 -19.36 49.89 -18.85
C LEU C 705 -18.79 48.73 -19.66
N VAL C 706 -19.65 47.98 -20.36
CA VAL C 706 -19.19 46.77 -21.03
C VAL C 706 -18.19 47.09 -22.13
N GLY C 707 -18.50 48.08 -22.97
CA GLY C 707 -17.71 48.32 -24.16
C GLY C 707 -16.50 49.21 -23.97
N CYS C 708 -16.29 49.72 -22.76
CA CYS C 708 -15.26 50.73 -22.51
C CYS C 708 -14.40 50.34 -21.32
N GLY C 709 -13.93 49.09 -21.28
CA GLY C 709 -13.00 48.71 -20.24
C GLY C 709 -12.84 47.24 -19.91
N LEU C 710 -12.96 46.93 -18.61
CA LEU C 710 -12.43 45.72 -17.99
C LEU C 710 -13.06 44.42 -18.49
N VAL C 711 -13.89 44.44 -19.53
CA VAL C 711 -14.48 43.19 -20.02
C VAL C 711 -13.39 42.21 -20.46
N SER C 712 -12.38 42.71 -21.18
CA SER C 712 -11.22 41.90 -21.57
C SER C 712 -11.65 40.64 -22.32
N PHE C 713 -12.27 40.84 -23.49
CA PHE C 713 -12.69 39.73 -24.33
C PHE C 713 -11.52 38.84 -24.73
N ARG C 714 -11.77 37.55 -24.92
CA ARG C 714 -10.73 36.65 -25.41
C ARG C 714 -10.31 37.01 -26.83
N LYS C 715 -11.28 37.21 -27.72
CA LYS C 715 -10.98 37.51 -29.11
C LYS C 715 -10.81 39.01 -29.33
N LYS C 723 -14.88 44.79 -33.88
CA LYS C 723 -15.07 46.19 -33.52
C LYS C 723 -15.93 46.32 -32.27
N LEU C 724 -16.27 47.56 -31.90
CA LEU C 724 -17.02 47.78 -30.67
C LEU C 724 -18.38 47.11 -30.74
N LEU C 725 -19.08 47.22 -31.87
CA LEU C 725 -20.34 46.52 -32.03
C LEU C 725 -20.14 45.02 -31.95
N TRP C 726 -19.04 44.52 -32.51
CA TRP C 726 -18.71 43.11 -32.37
C TRP C 726 -18.53 42.74 -30.90
N TYR C 727 -17.84 43.59 -30.13
CA TYR C 727 -17.67 43.32 -28.71
C TYR C 727 -19.02 43.22 -28.01
N TYR C 728 -19.91 44.17 -28.28
CA TYR C 728 -21.20 44.19 -27.60
C TYR C 728 -22.04 42.97 -27.98
N VAL C 729 -22.10 42.63 -29.28
CA VAL C 729 -22.91 41.49 -29.70
C VAL C 729 -22.34 40.20 -29.11
N ALA C 730 -21.01 40.08 -29.08
CA ALA C 730 -20.42 38.90 -28.47
C ALA C 730 -20.75 38.81 -26.99
N PHE C 731 -20.73 39.96 -26.30
CA PHE C 731 -21.07 39.97 -24.88
C PHE C 731 -22.50 39.50 -24.66
N PHE C 732 -23.44 40.00 -25.48
CA PHE C 732 -24.84 39.67 -25.27
C PHE C 732 -25.23 38.30 -25.82
N THR C 733 -24.35 37.63 -26.57
CA THR C 733 -24.60 36.29 -27.04
C THR C 733 -23.95 35.21 -26.19
N SER C 734 -23.28 35.59 -25.10
CA SER C 734 -22.59 34.60 -24.28
C SER C 734 -23.60 33.79 -23.47
N PRO C 735 -23.43 32.47 -23.38
CA PRO C 735 -24.37 31.68 -22.58
C PRO C 735 -24.41 32.10 -21.11
N PHE C 736 -23.27 32.49 -20.54
CA PHE C 736 -23.23 32.84 -19.13
C PHE C 736 -24.07 34.09 -18.86
N VAL C 737 -23.91 35.12 -19.69
CA VAL C 737 -24.70 36.33 -19.53
C VAL C 737 -26.18 36.02 -19.72
N VAL C 738 -26.50 35.14 -20.68
CA VAL C 738 -27.89 34.75 -20.89
C VAL C 738 -28.46 34.09 -19.65
N PHE C 739 -27.69 33.19 -19.05
CA PHE C 739 -28.16 32.49 -17.85
C PHE C 739 -28.36 33.47 -16.70
N SER C 740 -27.44 34.42 -16.53
CA SER C 740 -27.57 35.39 -15.44
C SER C 740 -28.81 36.27 -15.66
N TRP C 741 -29.01 36.74 -16.89
CA TRP C 741 -30.18 37.57 -17.18
C TRP C 741 -31.45 36.75 -17.02
N ASN C 742 -31.40 35.46 -17.34
CA ASN C 742 -32.58 34.61 -17.20
C ASN C 742 -32.93 34.39 -15.74
N VAL C 743 -31.93 34.22 -14.88
CA VAL C 743 -32.24 34.07 -13.45
C VAL C 743 -32.79 35.37 -12.89
N VAL C 744 -32.26 36.51 -13.35
CA VAL C 744 -32.80 37.80 -12.93
C VAL C 744 -34.27 37.91 -13.37
N PHE C 745 -34.55 37.57 -14.63
CA PHE C 745 -35.91 37.65 -15.14
C PHE C 745 -36.84 36.70 -14.39
N TYR C 746 -36.34 35.52 -14.03
CA TYR C 746 -37.15 34.56 -13.29
C TYR C 746 -37.46 35.07 -11.89
N ILE C 747 -36.49 35.74 -11.25
CA ILE C 747 -36.76 36.34 -9.94
C ILE C 747 -37.83 37.42 -10.07
N ALA C 748 -37.71 38.26 -11.10
CA ALA C 748 -38.72 39.29 -11.33
C ALA C 748 -40.09 38.66 -11.57
N PHE C 749 -40.12 37.57 -12.34
CA PHE C 749 -41.37 36.87 -12.61
C PHE C 749 -42.00 36.34 -11.32
N LEU C 750 -41.18 35.74 -10.44
CA LEU C 750 -41.71 35.24 -9.18
C LEU C 750 -42.23 36.37 -8.31
N LEU C 751 -41.51 37.51 -8.28
CA LEU C 751 -41.98 38.64 -7.48
C LEU C 751 -43.32 39.15 -8.01
N LEU C 752 -43.45 39.26 -9.33
CA LEU C 752 -44.72 39.68 -9.92
C LEU C 752 -45.81 38.66 -9.64
N PHE C 753 -45.46 37.38 -9.65
CA PHE C 753 -46.43 36.33 -9.36
C PHE C 753 -46.96 36.47 -7.94
N ALA C 754 -46.07 36.72 -6.98
CA ALA C 754 -46.50 36.96 -5.61
C ALA C 754 -47.39 38.21 -5.55
N TYR C 755 -46.98 39.28 -6.23
CA TYR C 755 -47.72 40.52 -6.19
C TYR C 755 -49.15 40.35 -6.71
N VAL C 756 -49.31 39.59 -7.80
CA VAL C 756 -50.62 39.45 -8.41
C VAL C 756 -51.47 38.35 -7.79
N LEU C 757 -50.85 37.34 -7.19
CA LEU C 757 -51.58 36.28 -6.51
C LEU C 757 -51.92 36.63 -5.07
N LEU C 758 -51.31 37.69 -4.53
CA LEU C 758 -51.46 38.03 -3.12
C LEU C 758 -52.23 39.32 -2.89
N MET C 759 -51.90 40.38 -3.62
CA MET C 759 -52.45 41.70 -3.35
C MET C 759 -53.44 42.20 -4.39
N ASP C 760 -53.39 41.67 -5.62
CA ASP C 760 -54.26 42.14 -6.71
C ASP C 760 -54.99 40.94 -7.31
N PHE C 761 -56.22 40.73 -6.87
CA PHE C 761 -57.07 39.67 -7.41
C PHE C 761 -58.53 40.12 -7.32
N HIS C 762 -59.28 39.89 -8.39
CA HIS C 762 -60.68 40.28 -8.44
C HIS C 762 -61.42 39.35 -9.37
N SER C 763 -62.75 39.37 -9.29
CA SER C 763 -63.57 38.56 -10.18
C SER C 763 -63.35 38.92 -11.64
N VAL C 764 -62.87 40.13 -11.92
CA VAL C 764 -62.59 40.55 -13.29
C VAL C 764 -61.09 40.51 -13.50
N PRO C 765 -60.61 40.23 -14.71
CA PRO C 765 -59.16 40.19 -14.94
C PRO C 765 -58.51 41.55 -14.75
N HIS C 766 -57.23 41.52 -14.35
CA HIS C 766 -56.41 42.72 -14.24
C HIS C 766 -55.15 42.54 -15.08
N THR C 767 -54.55 43.66 -15.47
CA THR C 767 -53.42 43.61 -16.38
C THR C 767 -52.26 42.77 -15.85
N PRO C 768 -51.87 42.83 -14.58
CA PRO C 768 -50.75 41.99 -14.14
C PRO C 768 -51.01 40.51 -14.35
N GLU C 769 -52.26 40.07 -14.15
CA GLU C 769 -52.58 38.67 -14.34
C GLU C 769 -52.40 38.26 -15.80
N LEU C 770 -52.85 39.11 -16.74
CA LEU C 770 -52.66 38.82 -18.15
C LEU C 770 -51.19 38.77 -18.51
N ILE C 771 -50.40 39.70 -17.97
CA ILE C 771 -48.96 39.70 -18.22
C ILE C 771 -48.34 38.39 -17.73
N LEU C 772 -48.74 37.96 -16.53
CA LEU C 772 -48.23 36.71 -15.98
C LEU C 772 -48.63 35.54 -16.85
N TYR C 773 -49.83 35.58 -17.42
CA TYR C 773 -50.25 34.53 -18.34
C TYR C 773 -49.33 34.46 -19.55
N ALA C 774 -48.95 35.62 -20.10
CA ALA C 774 -48.00 35.61 -21.22
C ALA C 774 -46.65 35.05 -20.79
N LEU C 775 -46.18 35.45 -19.60
CA LEU C 775 -44.88 34.95 -19.14
C LEU C 775 -44.89 33.44 -18.96
N VAL C 776 -45.94 32.90 -18.34
CA VAL C 776 -46.02 31.46 -18.14
C VAL C 776 -46.18 30.76 -19.49
N PHE C 777 -46.87 31.39 -20.44
CA PHE C 777 -46.95 30.81 -21.78
C PHE C 777 -45.56 30.74 -22.43
N VAL C 778 -44.73 31.75 -22.22
CA VAL C 778 -43.37 31.72 -22.72
C VAL C 778 -42.61 30.56 -22.09
N LEU C 779 -42.75 30.39 -20.78
CA LEU C 779 -42.09 29.28 -20.10
C LEU C 779 -42.56 27.94 -20.67
N PHE C 780 -43.86 27.82 -20.92
CA PHE C 780 -44.40 26.58 -21.47
C PHE C 780 -43.87 26.32 -22.88
N CYS C 781 -43.74 27.38 -23.68
CA CYS C 781 -43.19 27.22 -25.02
C CYS C 781 -41.76 26.72 -24.97
N ASP C 782 -40.96 27.29 -24.05
CA ASP C 782 -39.59 26.81 -23.89
C ASP C 782 -39.58 25.35 -23.43
N GLU C 783 -40.50 24.99 -22.51
CA GLU C 783 -40.54 23.61 -22.03
C GLU C 783 -40.88 22.64 -23.15
N VAL C 784 -41.86 22.98 -23.98
CA VAL C 784 -42.22 22.08 -25.09
C VAL C 784 -41.08 22.01 -26.10
N ARG C 785 -40.38 23.12 -26.32
CA ARG C 785 -39.17 23.06 -27.15
C ARG C 785 -38.18 22.05 -26.58
N GLN C 786 -38.01 22.06 -25.25
CA GLN C 786 -37.14 21.08 -24.62
C GLN C 786 -37.63 19.66 -24.88
N TRP C 787 -38.94 19.45 -24.73
CA TRP C 787 -39.50 18.10 -24.88
C TRP C 787 -39.37 17.60 -26.32
N TYR C 788 -39.26 18.53 -27.27
CA TYR C 788 -39.23 18.13 -28.68
C TYR C 788 -38.03 17.23 -28.98
N MET C 789 -36.93 17.39 -28.23
CA MET C 789 -35.71 16.64 -28.47
C MET C 789 -35.56 15.56 -27.40
N ASN C 790 -35.40 14.31 -27.85
CA ASN C 790 -35.23 13.17 -26.94
C ASN C 790 -36.29 13.19 -25.85
N GLY C 791 -37.55 13.03 -26.27
CA GLY C 791 -38.65 13.14 -25.33
C GLY C 791 -38.54 12.14 -24.19
N VAL C 792 -38.26 10.88 -24.50
CA VAL C 792 -38.14 9.86 -23.47
C VAL C 792 -36.96 10.17 -22.55
N ASN C 793 -35.79 10.43 -23.14
CA ASN C 793 -34.62 10.74 -22.33
C ASN C 793 -34.78 12.08 -21.62
N TYR C 794 -35.45 13.04 -22.25
CA TYR C 794 -35.69 14.32 -21.59
C TYR C 794 -36.55 14.13 -20.35
N PHE C 795 -37.61 13.32 -20.45
CA PHE C 795 -38.43 13.02 -19.29
C PHE C 795 -37.69 12.17 -18.26
N THR C 796 -36.68 11.41 -18.70
CA THR C 796 -35.90 10.62 -17.76
C THR C 796 -35.17 11.49 -16.75
N ASP C 797 -34.91 12.76 -17.11
CA ASP C 797 -34.19 13.65 -16.22
C ASP C 797 -35.00 13.93 -14.96
N LEU C 798 -34.30 14.15 -13.84
CA LEU C 798 -34.98 14.39 -12.57
C LEU C 798 -35.67 15.75 -12.57
N TRP C 799 -34.91 16.82 -12.77
CA TRP C 799 -35.49 18.16 -12.78
C TRP C 799 -36.55 18.29 -13.86
N ASN C 800 -36.41 17.53 -14.95
CA ASN C 800 -37.41 17.54 -16.00
C ASN C 800 -38.75 17.09 -15.46
N VAL C 801 -38.77 16.08 -14.59
CA VAL C 801 -40.02 15.61 -14.01
C VAL C 801 -40.70 16.73 -13.25
N MET C 802 -39.95 17.44 -12.41
CA MET C 802 -40.54 18.50 -11.60
C MET C 802 -41.07 19.63 -12.47
N ASP C 803 -40.24 20.11 -13.40
CA ASP C 803 -40.68 21.25 -14.22
C ASP C 803 -41.86 20.87 -15.11
N THR C 804 -41.85 19.66 -15.68
CA THR C 804 -42.99 19.22 -16.47
C THR C 804 -44.25 19.12 -15.63
N LEU C 805 -44.13 18.60 -14.41
CA LEU C 805 -45.29 18.48 -13.54
C LEU C 805 -45.88 19.85 -13.21
N GLY C 806 -45.02 20.84 -13.00
CA GLY C 806 -45.52 22.16 -12.62
C GLY C 806 -46.50 22.73 -13.63
N LEU C 807 -46.24 22.51 -14.92
CA LEU C 807 -47.06 23.13 -15.96
C LEU C 807 -48.51 22.65 -15.90
N PHE C 808 -48.71 21.35 -15.69
CA PHE C 808 -50.08 20.83 -15.66
C PHE C 808 -50.88 21.45 -14.52
N TYR C 809 -50.27 21.53 -13.33
CA TYR C 809 -50.95 22.14 -12.21
C TYR C 809 -51.25 23.61 -12.48
N PHE C 810 -50.28 24.33 -13.05
CA PHE C 810 -50.52 25.74 -13.32
C PHE C 810 -51.68 25.92 -14.30
N ILE C 811 -51.70 25.14 -15.37
CA ILE C 811 -52.74 25.31 -16.38
C ILE C 811 -54.10 24.92 -15.80
N ALA C 812 -54.15 23.87 -14.97
CA ALA C 812 -55.40 23.51 -14.32
C ALA C 812 -55.91 24.65 -13.44
N GLY C 813 -55.01 25.23 -12.64
CA GLY C 813 -55.41 26.35 -11.80
C GLY C 813 -55.89 27.53 -12.61
N ILE C 814 -55.20 27.84 -13.70
CA ILE C 814 -55.59 28.97 -14.55
C ILE C 814 -56.97 28.73 -15.15
N VAL C 815 -57.23 27.50 -15.60
CA VAL C 815 -58.54 27.18 -16.15
C VAL C 815 -59.61 27.34 -15.08
N PHE C 816 -59.33 26.88 -13.86
CA PHE C 816 -60.31 27.00 -12.79
C PHE C 816 -60.57 28.46 -12.42
N ARG C 817 -59.55 29.30 -12.46
CA ARG C 817 -59.72 30.70 -12.05
C ARG C 817 -60.72 31.43 -12.92
N LEU C 818 -60.68 31.18 -14.24
CA LEU C 818 -61.47 31.98 -15.17
C LEU C 818 -62.96 31.96 -14.80
N HIS C 819 -63.44 30.88 -14.20
CA HIS C 819 -64.85 30.76 -13.85
C HIS C 819 -65.13 31.62 -12.63
N SER C 820 -65.62 32.84 -12.86
CA SER C 820 -65.88 33.78 -11.78
C SER C 820 -67.26 33.59 -11.15
N SER C 821 -68.17 32.92 -11.84
CA SER C 821 -69.53 32.78 -11.33
C SER C 821 -69.57 32.01 -10.02
N ASN C 822 -68.72 30.99 -9.88
CA ASN C 822 -68.70 30.15 -8.69
C ASN C 822 -67.60 30.63 -7.75
N LYS C 823 -67.99 30.98 -6.52
CA LYS C 823 -67.02 31.45 -5.53
C LYS C 823 -66.05 30.34 -5.14
N SER C 824 -66.57 29.12 -4.97
CA SER C 824 -65.71 28.00 -4.56
C SER C 824 -64.66 27.71 -5.61
N SER C 825 -65.01 27.85 -6.89
CA SER C 825 -64.02 27.66 -7.95
C SER C 825 -62.90 28.69 -7.84
N LEU C 826 -63.25 29.94 -7.53
CA LEU C 826 -62.25 30.97 -7.34
C LEU C 826 -61.32 30.63 -6.17
N TYR C 827 -61.91 30.18 -5.07
CA TYR C 827 -61.12 29.80 -3.90
C TYR C 827 -60.14 28.68 -4.24
N SER C 828 -60.65 27.63 -4.90
CA SER C 828 -59.80 26.51 -5.27
C SER C 828 -58.69 26.95 -6.22
N GLY C 829 -59.02 27.83 -7.18
CA GLY C 829 -58.01 28.32 -8.10
C GLY C 829 -56.90 29.09 -7.39
N ARG C 830 -57.28 29.92 -6.42
CA ARG C 830 -56.26 30.67 -5.68
C ARG C 830 -55.38 29.72 -4.87
N VAL C 831 -55.97 28.70 -4.26
CA VAL C 831 -55.16 27.73 -3.53
C VAL C 831 -54.19 27.02 -4.47
N ILE C 832 -54.68 26.63 -5.65
CA ILE C 832 -53.81 25.95 -6.62
C ILE C 832 -52.69 26.89 -7.07
N PHE C 833 -52.99 28.19 -7.19
CA PHE C 833 -51.95 29.16 -7.51
C PHE C 833 -50.89 29.21 -6.41
N CYS C 834 -51.32 29.12 -5.15
CA CYS C 834 -50.35 29.07 -4.05
C CYS C 834 -49.44 27.86 -4.18
N LEU C 835 -50.04 26.70 -4.46
CA LEU C 835 -49.22 25.50 -4.68
C LEU C 835 -48.26 25.70 -5.85
N ASP C 836 -48.72 26.39 -6.90
CA ASP C 836 -47.86 26.68 -8.04
C ASP C 836 -46.68 27.53 -7.63
N TYR C 837 -46.91 28.54 -6.79
CA TYR C 837 -45.82 29.35 -6.28
C TYR C 837 -44.82 28.48 -5.53
N ILE C 838 -45.33 27.57 -4.70
CA ILE C 838 -44.42 26.70 -3.93
C ILE C 838 -43.54 25.90 -4.87
N ILE C 839 -44.13 25.29 -5.90
CA ILE C 839 -43.35 24.43 -6.79
C ILE C 839 -42.34 25.26 -7.58
N PHE C 840 -42.73 26.45 -8.03
CA PHE C 840 -41.79 27.28 -8.77
C PHE C 840 -40.62 27.72 -7.89
N THR C 841 -40.90 28.09 -6.64
CA THR C 841 -39.80 28.45 -5.74
C THR C 841 -38.89 27.26 -5.48
N LEU C 842 -39.46 26.06 -5.37
CA LEU C 842 -38.64 24.86 -5.29
C LEU C 842 -37.73 24.74 -6.51
N ARG C 843 -38.30 24.99 -7.70
CA ARG C 843 -37.51 24.92 -8.93
C ARG C 843 -36.34 25.90 -8.88
N LEU C 844 -36.59 27.11 -8.40
CA LEU C 844 -35.58 28.17 -8.46
C LEU C 844 -34.22 27.75 -7.92
N ILE C 845 -34.18 26.67 -7.14
CA ILE C 845 -32.93 26.25 -6.52
C ILE C 845 -31.94 25.67 -7.51
N HIS C 846 -32.38 25.34 -8.73
CA HIS C 846 -31.51 24.64 -9.67
C HIS C 846 -30.30 25.46 -10.08
N ILE C 847 -30.33 26.79 -9.87
CA ILE C 847 -29.27 27.64 -10.40
C ILE C 847 -27.93 27.33 -9.75
N PHE C 848 -27.92 26.97 -8.46
CA PHE C 848 -26.68 26.79 -7.72
C PHE C 848 -25.77 25.73 -8.33
N THR C 849 -26.26 24.96 -9.31
CA THR C 849 -25.39 23.97 -9.94
C THR C 849 -24.21 24.62 -10.63
N VAL C 850 -24.38 25.85 -11.14
CA VAL C 850 -23.32 26.51 -11.89
C VAL C 850 -22.10 26.77 -11.02
N SER C 851 -22.29 26.92 -9.71
CA SER C 851 -21.21 27.31 -8.82
C SER C 851 -20.39 26.09 -8.43
N ARG C 852 -19.06 26.22 -8.55
CA ARG C 852 -18.16 25.15 -8.15
C ARG C 852 -18.27 24.90 -6.65
N ASN C 853 -18.33 25.97 -5.86
CA ASN C 853 -18.31 25.84 -4.41
C ASN C 853 -19.64 25.36 -3.85
N LEU C 854 -20.72 25.45 -4.62
CA LEU C 854 -22.07 25.20 -4.10
C LEU C 854 -22.79 24.03 -4.76
N GLY C 855 -22.31 23.55 -5.90
CA GLY C 855 -23.02 22.55 -6.67
C GLY C 855 -23.24 21.24 -5.93
N PRO C 856 -22.19 20.68 -5.34
CA PRO C 856 -22.32 19.36 -4.70
C PRO C 856 -23.36 19.34 -3.59
N LYS C 857 -23.61 20.46 -2.94
CA LYS C 857 -24.57 20.50 -1.85
C LYS C 857 -25.97 20.14 -2.35
N ILE C 858 -26.32 20.58 -3.56
CA ILE C 858 -27.64 20.28 -4.10
C ILE C 858 -27.79 18.78 -4.36
N ILE C 859 -26.74 18.15 -4.88
CA ILE C 859 -26.78 16.70 -5.12
C ILE C 859 -26.90 15.97 -3.79
N MET C 860 -26.17 16.43 -2.78
CA MET C 860 -26.32 15.84 -1.45
C MET C 860 -27.75 15.99 -0.96
N LEU C 861 -28.37 17.15 -1.22
CA LEU C 861 -29.76 17.36 -0.84
C LEU C 861 -30.68 16.38 -1.54
N GLN C 862 -30.45 16.13 -2.83
CA GLN C 862 -31.28 15.19 -3.58
C GLN C 862 -31.17 13.78 -2.99
N ARG C 863 -29.95 13.34 -2.70
CA ARG C 863 -29.77 12.01 -2.11
C ARG C 863 -30.43 11.95 -0.74
N MET C 864 -30.27 13.01 0.05
CA MET C 864 -30.92 13.06 1.36
C MET C 864 -32.43 12.97 1.22
N LEU C 865 -33.00 13.62 0.20
CA LEU C 865 -34.43 13.49 -0.03
C LEU C 865 -34.79 12.06 -0.32
N ILE C 866 -34.02 11.39 -1.18
CA ILE C 866 -34.33 10.02 -1.55
C ILE C 866 -34.36 9.12 -0.33
N ASP C 867 -33.42 9.30 0.60
CA ASP C 867 -33.37 8.43 1.78
C ASP C 867 -34.41 8.83 2.82
N VAL C 868 -34.52 10.13 3.10
CA VAL C 868 -35.42 10.59 4.14
C VAL C 868 -36.87 10.31 3.75
N PHE C 869 -37.17 10.18 2.46
CA PHE C 869 -38.53 9.80 2.08
C PHE C 869 -38.91 8.46 2.71
N PHE C 870 -38.06 7.45 2.54
CA PHE C 870 -38.34 6.14 3.14
C PHE C 870 -38.29 6.20 4.66
N PHE C 871 -37.32 6.93 5.21
CA PHE C 871 -37.22 7.01 6.67
C PHE C 871 -38.51 7.59 7.26
N LEU C 872 -38.99 8.70 6.71
CA LEU C 872 -40.24 9.30 7.18
C LEU C 872 -41.45 8.46 6.81
N PHE C 873 -41.36 7.62 5.79
CA PHE C 873 -42.43 6.67 5.52
C PHE C 873 -42.59 5.70 6.69
N LEU C 874 -41.48 5.13 7.14
CA LEU C 874 -41.53 4.28 8.34
C LEU C 874 -42.02 5.06 9.54
N PHE C 875 -41.52 6.29 9.69
CA PHE C 875 -41.98 7.16 10.78
C PHE C 875 -43.50 7.27 10.77
N ALA C 876 -44.08 7.58 9.61
CA ALA C 876 -45.53 7.74 9.51
C ALA C 876 -46.25 6.42 9.75
N VAL C 877 -45.66 5.31 9.34
CA VAL C 877 -46.29 4.00 9.58
C VAL C 877 -46.49 3.79 11.07
N TRP C 878 -45.39 3.88 11.84
CA TRP C 878 -45.54 3.59 13.27
C TRP C 878 -46.23 4.75 13.99
N MET C 879 -46.21 5.94 13.39
CA MET C 879 -47.02 7.03 13.90
C MET C 879 -48.50 6.69 13.81
N VAL C 880 -48.94 6.14 12.69
CA VAL C 880 -50.33 5.71 12.54
C VAL C 880 -50.64 4.60 13.54
N ALA C 881 -49.70 3.67 13.72
CA ALA C 881 -49.91 2.61 14.70
C ALA C 881 -50.16 3.20 16.08
N PHE C 882 -49.27 4.08 16.54
CA PHE C 882 -49.43 4.68 17.86
C PHE C 882 -50.67 5.55 17.93
N GLY C 883 -51.05 6.18 16.82
CA GLY C 883 -52.26 6.99 16.81
C GLY C 883 -53.51 6.16 17.02
N VAL C 884 -53.59 5.02 16.33
CA VAL C 884 -54.75 4.15 16.52
C VAL C 884 -54.74 3.55 17.93
N ALA C 885 -53.55 3.25 18.45
CA ALA C 885 -53.47 2.78 19.83
C ALA C 885 -53.97 3.85 20.81
N ARG C 886 -53.59 5.10 20.58
CA ARG C 886 -54.09 6.19 21.41
C ARG C 886 -55.60 6.33 21.28
N GLN C 887 -56.13 6.19 20.07
CA GLN C 887 -57.57 6.24 19.88
C GLN C 887 -58.26 5.16 20.69
N GLY C 888 -57.72 3.94 20.67
CA GLY C 888 -58.30 2.87 21.46
C GLY C 888 -58.23 3.13 22.95
N ILE C 889 -57.09 3.65 23.42
CA ILE C 889 -56.94 3.93 24.84
C ILE C 889 -57.90 5.02 25.29
N LEU C 890 -58.02 6.09 24.51
CA LEU C 890 -58.86 7.23 24.88
C LEU C 890 -60.29 6.79 25.12
N ARG C 891 -60.94 6.28 24.08
CA ARG C 891 -62.31 5.78 24.19
C ARG C 891 -62.39 4.40 23.53
N GLN C 892 -63.26 3.56 24.07
CA GLN C 892 -63.35 2.19 23.60
C GLN C 892 -63.81 2.13 22.15
N ASN C 893 -64.87 2.85 21.81
CA ASN C 893 -65.47 2.75 20.49
C ASN C 893 -65.93 4.13 20.02
N GLU C 894 -66.05 4.26 18.70
CA GLU C 894 -66.59 5.46 18.07
C GLU C 894 -67.22 5.05 16.74
N GLN C 895 -68.44 5.52 16.50
CA GLN C 895 -69.25 5.10 15.36
C GLN C 895 -69.63 6.28 14.48
N ARG C 896 -68.66 7.16 14.19
CA ARG C 896 -68.88 8.28 13.29
C ARG C 896 -67.61 8.53 12.49
N TRP C 897 -67.77 8.66 11.18
CA TRP C 897 -66.65 8.78 10.25
C TRP C 897 -66.04 10.18 10.21
N ARG C 898 -66.40 11.06 11.14
CA ARG C 898 -65.84 12.41 11.20
C ARG C 898 -65.00 12.61 12.44
N TRP C 899 -65.55 12.35 13.62
CA TRP C 899 -64.79 12.54 14.86
C TRP C 899 -63.57 11.64 14.90
N ILE C 900 -63.70 10.42 14.40
CA ILE C 900 -62.60 9.46 14.47
C ILE C 900 -61.40 9.98 13.67
N PHE C 901 -61.64 10.45 12.45
CA PHE C 901 -60.52 10.86 11.60
C PHE C 901 -59.81 12.06 12.20
N ARG C 902 -60.56 13.04 12.68
CA ARG C 902 -59.95 14.22 13.29
C ARG C 902 -59.18 13.84 14.55
N SER C 903 -59.75 12.98 15.38
CA SER C 903 -59.06 12.55 16.59
C SER C 903 -57.75 11.84 16.26
N VAL C 904 -57.78 10.96 15.25
CA VAL C 904 -56.57 10.25 14.84
C VAL C 904 -55.53 11.22 14.31
N ILE C 905 -55.95 12.16 13.45
CA ILE C 905 -55.00 13.07 12.84
C ILE C 905 -54.44 14.06 13.86
N TYR C 906 -55.15 14.27 14.96
CA TYR C 906 -54.68 15.24 15.96
C TYR C 906 -53.41 14.77 16.66
N GLU C 907 -53.27 13.46 16.88
CA GLU C 907 -52.13 12.96 17.66
C GLU C 907 -50.79 13.35 17.06
N PRO C 908 -50.54 13.17 15.76
CA PRO C 908 -49.23 13.59 15.22
C PRO C 908 -48.90 15.05 15.49
N TYR C 909 -49.77 15.97 15.05
CA TYR C 909 -49.49 17.39 15.26
C TYR C 909 -49.41 17.71 16.74
N LEU C 910 -50.28 17.10 17.55
CA LEU C 910 -50.22 17.31 18.99
C LEU C 910 -48.85 16.99 19.53
N ALA C 911 -48.31 15.82 19.18
CA ALA C 911 -46.99 15.42 19.66
C ALA C 911 -45.92 16.35 19.13
N MET C 912 -45.98 16.70 17.84
CA MET C 912 -44.88 17.44 17.22
C MET C 912 -44.81 18.88 17.72
N PHE C 913 -45.96 19.53 17.89
CA PHE C 913 -45.97 20.96 18.23
C PHE C 913 -45.67 21.22 19.69
N GLY C 914 -45.57 20.19 20.52
CA GLY C 914 -45.03 20.35 21.86
C GLY C 914 -46.04 20.31 22.99
N GLN C 915 -47.19 20.94 22.80
CA GLN C 915 -48.25 20.93 23.81
C GLN C 915 -49.30 19.87 23.50
N VAL C 916 -48.86 18.63 23.37
CA VAL C 916 -49.74 17.54 22.94
C VAL C 916 -50.81 17.30 24.01
N PRO C 917 -52.10 17.24 23.65
CA PRO C 917 -53.11 16.77 24.60
C PRO C 917 -52.76 15.44 25.24
N SER C 918 -51.79 14.71 24.67
CA SER C 918 -51.39 13.43 25.23
C SER C 918 -51.03 13.55 26.71
N ASP C 919 -50.42 14.66 27.10
CA ASP C 919 -50.12 14.88 28.51
C ASP C 919 -51.40 14.94 29.33
N VAL C 920 -52.41 15.64 28.83
CA VAL C 920 -53.71 15.67 29.52
C VAL C 920 -54.38 14.30 29.44
N ASP C 921 -54.25 13.61 28.32
CA ASP C 921 -54.87 12.30 28.16
C ASP C 921 -54.33 11.30 29.18
N SER C 922 -53.02 11.36 29.44
CA SER C 922 -52.43 10.44 30.41
C SER C 922 -53.04 10.61 31.79
N THR C 923 -53.24 11.85 32.21
CA THR C 923 -53.84 12.14 33.51
C THR C 923 -55.35 12.20 33.41
N PRO C 953 -59.24 -1.82 37.00
CA PRO C 953 -58.06 -1.66 37.86
C PRO C 953 -57.01 -0.76 37.24
N GLU C 954 -56.92 0.48 37.73
CA GLU C 954 -55.97 1.44 37.17
C GLU C 954 -54.54 1.08 37.51
N TRP C 955 -54.32 0.48 38.69
CA TRP C 955 -52.96 0.17 39.12
C TRP C 955 -52.26 -0.75 38.13
N ILE C 956 -53.02 -1.61 37.46
CA ILE C 956 -52.45 -2.55 36.49
C ILE C 956 -52.35 -1.92 35.10
N THR C 957 -53.37 -1.18 34.68
CA THR C 957 -53.40 -0.64 33.32
C THR C 957 -52.40 0.50 33.16
N ILE C 958 -52.30 1.40 34.14
CA ILE C 958 -51.48 2.59 33.97
C ILE C 958 -50.01 2.28 33.72
N PRO C 959 -49.35 1.44 34.53
CA PRO C 959 -47.91 1.23 34.30
C PRO C 959 -47.57 0.71 32.92
N LEU C 960 -48.39 -0.19 32.37
CA LEU C 960 -48.12 -0.70 31.02
C LEU C 960 -48.23 0.41 30.00
N VAL C 961 -49.24 1.27 30.13
CA VAL C 961 -49.40 2.38 29.19
C VAL C 961 -48.20 3.32 29.28
N CYS C 962 -47.75 3.62 30.49
CA CYS C 962 -46.59 4.48 30.65
C CYS C 962 -45.35 3.86 30.04
N ILE C 963 -45.16 2.55 30.24
CA ILE C 963 -44.00 1.85 29.69
C ILE C 963 -44.02 1.91 28.17
N TYR C 964 -45.19 1.68 27.57
CA TYR C 964 -45.26 1.72 26.11
C TYR C 964 -45.13 3.13 25.57
N MET C 965 -45.55 4.14 26.33
CA MET C 965 -45.26 5.52 25.93
C MET C 965 -43.76 5.78 25.90
N LEU C 966 -43.05 5.31 26.93
CA LEU C 966 -41.60 5.42 26.92
C LEU C 966 -41.01 4.66 25.74
N SER C 967 -41.60 3.51 25.40
CA SER C 967 -41.16 2.77 24.22
C SER C 967 -41.32 3.60 22.96
N THR C 968 -42.45 4.28 22.81
CA THR C 968 -42.67 5.12 21.64
C THR C 968 -41.61 6.23 21.59
N ASN C 969 -41.33 6.86 22.73
CA ASN C 969 -40.35 7.94 22.75
C ASN C 969 -38.97 7.43 22.34
N ILE C 970 -38.57 6.27 22.87
CA ILE C 970 -37.23 5.75 22.55
C ILE C 970 -37.17 5.34 21.08
N LEU C 971 -38.27 4.81 20.53
CA LEU C 971 -38.30 4.51 19.11
C LEU C 971 -38.14 5.78 18.27
N LEU C 972 -38.82 6.86 18.68
CA LEU C 972 -38.67 8.14 18.00
C LEU C 972 -37.21 8.59 18.01
N VAL C 973 -36.57 8.52 19.17
CA VAL C 973 -35.17 8.91 19.27
C VAL C 973 -34.30 8.01 18.38
N ASN C 974 -34.61 6.73 18.34
CA ASN C 974 -33.85 5.79 17.50
C ASN C 974 -33.93 6.20 16.04
N LEU C 975 -35.12 6.51 15.55
CA LEU C 975 -35.25 6.95 14.17
C LEU C 975 -34.52 8.26 13.94
N LEU C 976 -34.68 9.21 14.86
CA LEU C 976 -34.05 10.52 14.70
C LEU C 976 -32.53 10.40 14.61
N VAL C 977 -31.95 9.43 15.30
CA VAL C 977 -30.50 9.27 15.23
C VAL C 977 -30.09 8.43 14.01
N ALA C 978 -30.90 7.45 13.63
CA ALA C 978 -30.57 6.63 12.47
C ALA C 978 -30.61 7.44 11.18
N MET C 979 -31.51 8.41 11.10
CA MET C 979 -31.54 9.28 9.94
C MET C 979 -30.19 9.96 9.72
N PHE C 980 -29.65 10.58 10.78
CA PHE C 980 -28.34 11.22 10.68
C PHE C 980 -27.25 10.19 10.43
N GLY C 981 -27.37 9.01 11.01
CA GLY C 981 -26.39 7.96 10.78
C GLY C 981 -26.28 7.60 9.32
N TYR C 982 -27.41 7.47 8.63
CA TYR C 982 -27.36 7.16 7.20
C TYR C 982 -26.94 8.39 6.40
N THR C 983 -27.33 9.57 6.83
CA THR C 983 -26.94 10.71 6.05
C THR C 983 -25.45 10.85 6.07
N VAL C 984 -24.82 10.55 7.20
CA VAL C 984 -23.37 10.65 7.27
C VAL C 984 -22.71 9.69 6.26
N GLY C 985 -23.24 8.48 6.14
CA GLY C 985 -22.68 7.52 5.22
C GLY C 985 -22.86 8.00 3.80
N ILE C 986 -24.00 8.62 3.50
CA ILE C 986 -24.24 9.04 2.13
C ILE C 986 -23.37 10.23 1.77
N VAL C 987 -23.28 11.22 2.65
CA VAL C 987 -22.51 12.42 2.35
C VAL C 987 -21.01 12.14 2.37
N GLN C 988 -20.57 11.02 2.95
CA GLN C 988 -19.15 10.74 3.02
C GLN C 988 -18.52 10.64 1.64
N GLU C 989 -19.21 9.99 0.69
CA GLU C 989 -18.64 9.80 -0.63
C GLU C 989 -18.47 11.13 -1.36
N ASN C 990 -17.48 11.17 -2.24
CA ASN C 990 -17.14 12.40 -2.96
C ASN C 990 -18.27 12.78 -3.91
N ASN C 991 -18.41 14.09 -4.13
CA ASN C 991 -19.34 14.62 -5.10
C ASN C 991 -18.68 15.54 -6.13
N ASP C 992 -17.37 15.75 -6.04
CA ASP C 992 -16.68 16.58 -7.02
C ASP C 992 -16.63 15.93 -8.39
N GLN C 993 -16.97 14.65 -8.51
CA GLN C 993 -17.05 13.96 -9.78
C GLN C 993 -18.47 13.94 -10.33
N VAL C 994 -19.46 13.70 -9.47
CA VAL C 994 -20.85 13.68 -9.93
C VAL C 994 -21.28 15.06 -10.39
N TRP C 995 -20.87 16.11 -9.67
CA TRP C 995 -21.23 17.46 -10.08
C TRP C 995 -20.66 17.80 -11.45
N LYS C 996 -19.42 17.38 -11.72
CA LYS C 996 -18.83 17.63 -13.03
C LYS C 996 -19.63 16.94 -14.12
N PHE C 997 -20.09 15.71 -13.86
CA PHE C 997 -20.93 15.02 -14.83
C PHE C 997 -22.25 15.76 -15.04
N GLN C 998 -22.87 16.22 -13.96
CA GLN C 998 -24.15 16.92 -14.07
C GLN C 998 -24.01 18.25 -14.79
N ARG C 999 -22.84 18.87 -14.68
CA ARG C 999 -22.62 20.16 -15.33
C ARG C 999 -22.78 20.09 -16.84
N TYR C 1000 -22.56 18.92 -17.42
CA TYR C 1000 -22.68 18.78 -18.86
C TYR C 1000 -24.10 19.07 -19.33
N PHE C 1001 -25.09 18.57 -18.61
CA PHE C 1001 -26.48 18.82 -19.00
C PHE C 1001 -26.79 20.32 -18.93
N LEU C 1002 -26.34 20.98 -17.88
CA LEU C 1002 -26.58 22.43 -17.76
C LEU C 1002 -25.92 23.18 -18.90
N VAL C 1003 -24.69 22.81 -19.25
CA VAL C 1003 -24.00 23.51 -20.33
C VAL C 1003 -24.73 23.27 -21.65
N GLN C 1004 -25.12 22.02 -21.91
CA GLN C 1004 -25.76 21.70 -23.18
C GLN C 1004 -27.10 22.41 -23.32
N GLU C 1005 -27.87 22.47 -22.22
CA GLU C 1005 -29.19 23.09 -22.29
C GLU C 1005 -29.13 24.48 -22.90
N TYR C 1006 -28.09 25.25 -22.56
CA TYR C 1006 -27.93 26.59 -23.11
C TYR C 1006 -27.16 26.60 -24.42
N CYS C 1007 -26.21 25.69 -24.59
CA CYS C 1007 -25.41 25.69 -25.82
C CYS C 1007 -26.26 25.34 -27.03
N ASN C 1008 -27.10 24.31 -26.91
CA ASN C 1008 -27.93 23.90 -28.03
C ASN C 1008 -29.10 24.85 -28.26
N ARG C 1009 -29.60 25.48 -27.20
CA ARG C 1009 -30.71 26.40 -27.31
C ARG C 1009 -30.27 27.70 -27.98
N LEU C 1010 -31.25 28.44 -28.47
CA LEU C 1010 -30.99 29.78 -28.98
C LEU C 1010 -30.54 30.68 -27.85
N ASN C 1011 -29.48 31.46 -28.11
CA ASN C 1011 -28.87 32.30 -27.07
C ASN C 1011 -29.60 33.63 -27.01
N ILE C 1012 -30.79 33.59 -26.42
CA ILE C 1012 -31.60 34.80 -26.22
C ILE C 1012 -32.31 34.69 -24.88
N PRO C 1013 -32.37 35.74 -24.08
CA PRO C 1013 -33.10 35.67 -22.82
C PRO C 1013 -34.59 35.53 -23.03
N PHE C 1014 -35.26 35.00 -22.00
CA PHE C 1014 -36.70 34.80 -22.08
C PHE C 1014 -37.50 36.07 -22.35
N PRO C 1015 -37.21 37.22 -21.74
CA PRO C 1015 -38.05 38.40 -22.01
C PRO C 1015 -38.14 38.75 -23.49
N PHE C 1016 -37.18 38.30 -24.30
CA PHE C 1016 -37.23 38.51 -25.74
C PHE C 1016 -37.19 37.21 -26.53
N VAL C 1017 -37.35 36.06 -25.86
CA VAL C 1017 -37.27 34.78 -26.56
C VAL C 1017 -38.48 34.58 -27.45
N VAL C 1018 -39.67 34.99 -26.99
CA VAL C 1018 -40.90 34.69 -27.73
C VAL C 1018 -40.81 35.21 -29.15
N PHE C 1019 -40.38 36.47 -29.30
CA PHE C 1019 -40.19 37.01 -30.64
C PHE C 1019 -39.27 36.11 -31.46
N ALA C 1020 -38.12 35.76 -30.90
CA ALA C 1020 -37.23 34.83 -31.60
C ALA C 1020 -37.93 33.51 -31.87
N TYR C 1021 -38.69 33.02 -30.90
CA TYR C 1021 -39.42 31.77 -31.12
C TYR C 1021 -40.30 31.88 -32.35
N PHE C 1022 -40.93 33.05 -32.55
CA PHE C 1022 -41.77 33.22 -33.74
C PHE C 1022 -40.95 32.98 -35.00
N TYR C 1023 -39.76 33.57 -35.07
CA TYR C 1023 -38.93 33.38 -36.26
C TYR C 1023 -38.49 31.93 -36.38
N MET C 1024 -38.42 31.21 -35.26
CA MET C 1024 -38.12 29.78 -35.33
C MET C 1024 -39.25 29.03 -36.01
N VAL C 1025 -40.50 29.43 -35.77
CA VAL C 1025 -41.64 28.72 -36.34
C VAL C 1025 -41.60 28.79 -37.86
N VAL C 1026 -41.32 29.97 -38.41
CA VAL C 1026 -41.26 30.15 -39.85
C VAL C 1026 -39.84 29.86 -40.34
N ASN C 1048 -14.47 13.58 -45.29
CA ASN C 1048 -13.66 14.64 -45.87
C ASN C 1048 -12.84 15.35 -44.79
N GLU C 1049 -13.46 16.30 -44.11
CA GLU C 1049 -12.77 17.03 -43.05
C GLU C 1049 -12.42 16.13 -41.88
N ASP C 1050 -13.08 14.99 -41.73
CA ASP C 1050 -12.79 14.09 -40.62
C ASP C 1050 -11.36 13.55 -40.71
N ASN C 1051 -10.92 13.21 -41.92
CA ASN C 1051 -9.61 12.55 -42.09
C ASN C 1051 -8.50 13.35 -41.42
N GLU C 1052 -8.59 14.67 -41.48
CA GLU C 1052 -7.52 15.50 -40.91
C GLU C 1052 -7.36 15.25 -39.42
N THR C 1053 -8.48 15.18 -38.69
CA THR C 1053 -8.42 14.90 -37.26
C THR C 1053 -8.15 13.43 -36.98
N LEU C 1054 -8.68 12.53 -37.81
CA LEU C 1054 -8.52 11.10 -37.55
C LEU C 1054 -7.08 10.65 -37.74
N ALA C 1055 -6.35 11.24 -38.68
CA ALA C 1055 -4.95 10.89 -38.83
C ALA C 1055 -4.15 11.26 -37.59
N TRP C 1056 -4.40 12.45 -37.04
CA TRP C 1056 -3.73 12.85 -35.81
C TRP C 1056 -4.15 11.97 -34.65
N GLU C 1057 -5.43 11.57 -34.62
CA GLU C 1057 -5.89 10.64 -33.61
C GLU C 1057 -5.14 9.32 -33.70
N GLY C 1058 -4.92 8.81 -34.91
CA GLY C 1058 -4.16 7.59 -35.08
C GLY C 1058 -2.71 7.75 -34.64
N VAL C 1059 -2.10 8.89 -34.94
CA VAL C 1059 -0.73 9.11 -34.52
C VAL C 1059 -0.65 9.12 -33.00
N MET C 1060 -1.57 9.81 -32.33
CA MET C 1060 -1.58 9.82 -30.88
C MET C 1060 -1.86 8.44 -30.31
N LYS C 1061 -2.70 7.65 -31.00
CA LYS C 1061 -2.94 6.28 -30.58
C LYS C 1061 -1.65 5.46 -30.64
N GLU C 1062 -0.88 5.64 -31.71
CA GLU C 1062 0.40 4.92 -31.82
C GLU C 1062 1.34 5.33 -30.70
N ASN C 1063 1.40 6.63 -30.39
CA ASN C 1063 2.23 7.08 -29.29
C ASN C 1063 1.78 6.46 -27.97
N TYR C 1064 0.46 6.40 -27.76
CA TYR C 1064 -0.06 5.81 -26.52
C TYR C 1064 0.26 4.33 -26.45
N LEU C 1065 0.17 3.62 -27.57
CA LEU C 1065 0.52 2.21 -27.59
C LEU C 1065 2.00 2.01 -27.27
N VAL C 1066 2.86 2.87 -27.82
CA VAL C 1066 4.28 2.80 -27.48
C VAL C 1066 4.47 3.01 -25.98
N LYS C 1067 3.79 4.01 -25.42
CA LYS C 1067 3.93 4.29 -23.99
C LYS C 1067 3.48 3.12 -23.14
N ILE C 1068 2.33 2.52 -23.49
CA ILE C 1068 1.81 1.42 -22.68
C ILE C 1068 2.70 0.19 -22.83
N ASN C 1069 3.26 -0.04 -24.03
CA ASN C 1069 4.13 -1.20 -24.22
C ASN C 1069 5.46 -1.03 -23.51
N THR C 1070 5.97 0.20 -23.40
CA THR C 1070 7.29 0.40 -22.79
C THR C 1070 7.32 -0.08 -21.34
N LYS C 1071 6.17 -0.21 -20.69
CA LYS C 1071 6.15 -0.65 -19.30
C LYS C 1071 6.78 -2.02 -19.13
N ALA C 1072 6.70 -2.87 -20.16
CA ALA C 1072 7.30 -4.19 -20.08
C ALA C 1072 8.82 -4.10 -19.95
N ASN C 1073 9.42 -3.02 -20.46
CA ASN C 1073 10.88 -2.88 -20.37
C ASN C 1073 11.34 -2.79 -18.93
N ASP C 1074 10.48 -2.34 -18.01
CA ASP C 1074 10.86 -2.22 -16.61
C ASP C 1074 11.18 -3.57 -15.98
N ASN C 1075 10.70 -4.66 -16.56
CA ASN C 1075 10.96 -5.99 -16.01
C ASN C 1075 12.43 -6.37 -16.23
N SER C 1076 12.88 -7.33 -15.43
CA SER C 1076 14.24 -7.84 -15.52
C SER C 1076 14.44 -8.78 -16.70
N GLU C 1077 13.45 -8.91 -17.59
CA GLU C 1077 13.59 -9.79 -18.73
C GLU C 1077 14.74 -9.35 -19.64
N GLU C 1078 14.90 -8.03 -19.83
CA GLU C 1078 15.99 -7.54 -20.65
C GLU C 1078 17.34 -7.88 -20.05
N MET C 1079 17.48 -7.74 -18.73
CA MET C 1079 18.73 -8.12 -18.08
C MET C 1079 18.98 -9.62 -18.22
N ARG C 1080 17.93 -10.43 -18.12
CA ARG C 1080 18.09 -11.86 -18.32
C ARG C 1080 18.51 -12.19 -19.75
N HIS C 1081 17.97 -11.45 -20.73
CA HIS C 1081 18.37 -11.67 -22.12
C HIS C 1081 19.83 -11.28 -22.34
N ARG C 1082 20.27 -10.18 -21.73
CA ARG C 1082 21.68 -9.80 -21.82
C ARG C 1082 22.57 -10.85 -21.19
N PHE C 1083 22.17 -11.37 -20.03
CA PHE C 1083 22.92 -12.45 -19.40
C PHE C 1083 22.95 -13.68 -20.30
N ARG C 1084 21.84 -13.99 -20.96
CA ARG C 1084 21.81 -15.14 -21.86
C ARG C 1084 22.73 -14.94 -23.05
N GLN C 1085 22.82 -13.71 -23.57
CA GLN C 1085 23.77 -13.42 -24.63
C GLN C 1085 25.21 -13.61 -24.14
N LEU C 1086 25.51 -13.14 -22.93
CA LEU C 1086 26.84 -13.36 -22.36
C LEU C 1086 27.13 -14.84 -22.20
N ASP C 1087 26.13 -15.61 -21.76
CA ASP C 1087 26.31 -17.05 -21.61
C ASP C 1087 26.51 -17.73 -22.96
N SER C 1088 25.82 -17.26 -24.00
CA SER C 1088 26.04 -17.80 -25.33
C SER C 1088 27.44 -17.50 -25.82
N LYS C 1089 27.95 -16.30 -25.55
CA LYS C 1089 29.34 -15.99 -25.88
C LYS C 1089 30.30 -16.90 -25.14
N LEU C 1090 30.02 -17.16 -23.85
CA LEU C 1090 30.86 -18.08 -23.09
C LEU C 1090 30.81 -19.48 -23.66
N ASN C 1091 29.63 -19.94 -24.09
CA ASN C 1091 29.51 -21.26 -24.71
C ASN C 1091 30.27 -21.32 -26.03
N ASP C 1092 30.24 -20.23 -26.81
CA ASP C 1092 31.02 -20.20 -28.04
C ASP C 1092 32.51 -20.27 -27.73
N LEU C 1093 32.95 -19.57 -26.70
CA LEU C 1093 34.35 -19.66 -26.29
C LEU C 1093 34.72 -21.08 -25.87
N LYS C 1094 33.82 -21.74 -25.13
CA LYS C 1094 34.06 -23.12 -24.72
C LYS C 1094 34.14 -24.03 -25.94
N SER C 1095 33.28 -23.83 -26.93
CA SER C 1095 33.33 -24.62 -28.15
C SER C 1095 34.64 -24.40 -28.90
N LEU C 1096 35.09 -23.15 -28.95
CA LEU C 1096 36.37 -22.86 -29.59
C LEU C 1096 37.51 -23.55 -28.87
N LEU C 1097 37.48 -23.54 -27.54
CA LEU C 1097 38.51 -24.23 -26.75
C LEU C 1097 38.47 -25.73 -27.01
N LYS C 1098 37.26 -26.31 -27.11
CA LYS C 1098 37.15 -27.74 -27.40
C LYS C 1098 37.70 -28.06 -28.78
N GLU C 1099 37.42 -27.20 -29.76
CA GLU C 1099 37.97 -27.41 -31.10
C GLU C 1099 39.48 -27.33 -31.09
N ILE C 1100 40.03 -26.38 -30.34
CA ILE C 1100 41.49 -26.25 -30.24
C ILE C 1100 42.08 -27.50 -29.59
N ALA C 1101 41.44 -28.00 -28.54
CA ALA C 1101 41.93 -29.21 -27.89
C ALA C 1101 41.88 -30.40 -28.83
N ASN C 1102 40.80 -30.53 -29.60
CA ASN C 1102 40.70 -31.63 -30.56
C ASN C 1102 41.80 -31.52 -31.62
N ASN C 1103 42.06 -30.31 -32.11
CA ASN C 1103 43.12 -30.12 -33.09
C ASN C 1103 44.47 -30.50 -32.49
N ILE C 1104 44.73 -30.10 -31.25
CA ILE C 1104 45.99 -30.44 -30.60
C ILE C 1104 46.10 -31.95 -30.41
N LYS C 1105 45.02 -32.58 -29.97
CA LYS C 1105 45.02 -34.02 -29.74
C LYS C 1105 45.30 -34.78 -31.03
N ASP D 41 25.19 -49.12 48.93
CA ASP D 41 24.65 -49.45 47.62
C ASP D 41 25.50 -48.86 46.51
N LEU D 42 25.35 -47.56 46.28
CA LEU D 42 26.12 -46.91 45.22
C LEU D 42 27.61 -46.96 45.51
N VAL D 43 28.00 -46.73 46.76
CA VAL D 43 29.41 -46.77 47.12
C VAL D 43 29.99 -48.16 46.89
N ASN D 44 29.25 -49.19 47.31
CA ASN D 44 29.73 -50.56 47.12
C ASN D 44 29.84 -50.89 45.64
N PHE D 45 28.86 -50.48 44.84
CA PHE D 45 28.93 -50.73 43.41
C PHE D 45 30.12 -50.04 42.77
N ILE D 46 30.38 -48.79 43.17
CA ILE D 46 31.52 -48.05 42.62
C ILE D 46 32.81 -48.75 43.02
N GLN D 47 32.93 -49.18 44.27
CA GLN D 47 34.13 -49.86 44.72
C GLN D 47 34.34 -51.15 43.94
N ALA D 48 33.26 -51.92 43.71
CA ALA D 48 33.37 -53.15 42.94
C ALA D 48 33.77 -52.86 41.50
N ASN D 49 33.30 -51.74 40.94
CA ASN D 49 33.65 -51.40 39.56
C ASN D 49 35.15 -51.20 39.41
N PHE D 50 35.79 -50.55 40.38
CA PHE D 50 37.21 -50.28 40.33
C PHE D 50 37.93 -50.96 41.49
N ASP D 102 39.60 -45.85 44.65
CA ASP D 102 38.46 -45.15 44.09
C ASP D 102 38.65 -43.64 44.15
N ALA D 103 38.47 -43.07 45.35
CA ALA D 103 38.65 -41.64 45.57
C ALA D 103 37.75 -40.83 44.64
N PHE D 104 36.47 -41.19 44.61
CA PHE D 104 35.48 -40.53 43.79
C PHE D 104 34.70 -39.51 44.63
N GLY D 105 34.19 -38.48 43.96
CA GLY D 105 33.44 -37.44 44.63
C GLY D 105 32.36 -36.84 43.75
N ASP D 106 31.21 -36.53 44.35
CA ASP D 106 30.10 -35.91 43.62
C ASP D 106 30.28 -34.40 43.66
N ILE D 107 30.69 -33.82 42.52
CA ILE D 107 30.92 -32.38 42.47
C ILE D 107 29.63 -31.64 42.73
N GLN D 108 29.74 -30.52 43.45
CA GLN D 108 28.58 -29.70 43.78
C GLN D 108 29.03 -28.29 44.18
N GLY D 116 26.66 -32.51 39.29
CA GLY D 116 25.95 -33.76 39.12
C GLY D 116 26.71 -34.95 39.70
N LYS D 117 27.36 -35.70 38.82
CA LYS D 117 28.13 -36.87 39.22
C LYS D 117 29.55 -36.76 38.66
N TYR D 118 30.51 -37.11 39.49
CA TYR D 118 31.91 -37.14 39.08
C TYR D 118 32.54 -38.42 39.63
N LEU D 119 33.20 -39.16 38.75
CA LEU D 119 33.82 -40.43 39.12
C LEU D 119 35.28 -40.43 38.68
N ARG D 120 36.07 -41.25 39.35
CA ARG D 120 37.50 -41.40 39.06
C ARG D 120 37.74 -42.87 38.66
N LEU D 121 37.76 -43.12 37.36
CA LEU D 121 37.96 -44.46 36.82
C LEU D 121 39.34 -44.54 36.18
N SER D 122 40.08 -45.58 36.54
CA SER D 122 41.43 -45.74 36.01
C SER D 122 41.37 -46.04 34.51
N CYS D 123 42.52 -45.85 33.85
CA CYS D 123 42.60 -46.10 32.41
C CYS D 123 42.28 -47.56 32.09
N ASP D 124 42.79 -48.48 32.91
CA ASP D 124 42.53 -49.91 32.72
C ASP D 124 41.16 -50.25 33.34
N THR D 125 40.12 -49.85 32.63
CA THR D 125 38.75 -50.07 33.04
C THR D 125 37.97 -50.72 31.92
N ASP D 126 36.98 -51.53 32.28
CA ASP D 126 36.17 -52.25 31.31
C ASP D 126 35.04 -51.35 30.81
N SER D 127 34.96 -51.18 29.49
CA SER D 127 33.90 -50.34 28.93
C SER D 127 32.52 -50.91 29.23
N GLU D 128 32.39 -52.24 29.21
CA GLU D 128 31.10 -52.86 29.54
C GLU D 128 30.67 -52.50 30.95
N THR D 129 31.61 -52.49 31.90
CA THR D 129 31.27 -52.12 33.27
C THR D 129 30.77 -50.69 33.35
N LEU D 130 31.43 -49.76 32.65
CA LEU D 130 30.98 -48.38 32.65
C LEU D 130 29.59 -48.25 32.04
N TYR D 131 29.35 -48.95 30.93
CA TYR D 131 28.03 -48.90 30.30
C TYR D 131 26.96 -49.45 31.23
N GLU D 132 27.25 -50.56 31.90
CA GLU D 132 26.30 -51.13 32.84
C GLU D 132 26.01 -50.16 33.99
N LEU D 133 27.06 -49.52 34.52
CA LEU D 133 26.86 -48.56 35.59
C LEU D 133 26.00 -47.39 35.13
N LEU D 134 26.24 -46.91 33.91
CA LEU D 134 25.51 -45.74 33.41
C LEU D 134 24.07 -46.07 33.02
N THR D 135 23.79 -47.32 32.63
CA THR D 135 22.47 -47.68 32.14
C THR D 135 21.58 -48.29 33.22
N GLN D 136 22.15 -49.06 34.14
CA GLN D 136 21.33 -49.80 35.10
C GLN D 136 20.55 -48.85 36.01
N HIS D 137 21.20 -47.80 36.50
CA HIS D 137 20.58 -46.95 37.51
C HIS D 137 20.86 -45.46 37.31
N TRP D 138 21.48 -45.05 36.21
CA TRP D 138 21.77 -43.66 35.94
C TRP D 138 20.99 -43.10 34.74
N HIS D 139 21.08 -43.75 33.59
CA HIS D 139 20.46 -43.24 32.38
C HIS D 139 19.80 -44.38 31.62
N LEU D 140 19.09 -44.01 30.55
CA LEU D 140 18.36 -44.96 29.72
C LEU D 140 19.15 -45.27 28.45
N LYS D 141 18.57 -46.11 27.60
CA LYS D 141 19.16 -46.39 26.30
C LYS D 141 19.21 -45.11 25.47
N THR D 142 20.27 -44.95 24.69
CA THR D 142 20.52 -43.72 23.97
C THR D 142 20.08 -43.87 22.51
N PRO D 143 19.05 -43.14 22.06
CA PRO D 143 18.74 -43.16 20.63
C PRO D 143 19.88 -42.64 19.77
N ASN D 144 20.71 -41.74 20.31
CA ASN D 144 21.81 -41.17 19.55
C ASN D 144 22.90 -40.71 20.50
N LEU D 145 24.11 -40.64 19.97
CA LEU D 145 25.29 -40.28 20.76
C LEU D 145 26.23 -39.49 19.87
N VAL D 146 26.74 -38.37 20.38
CA VAL D 146 27.64 -37.50 19.63
C VAL D 146 28.80 -37.10 20.51
N ILE D 147 29.99 -37.00 19.92
CA ILE D 147 31.20 -36.60 20.60
C ILE D 147 31.82 -35.43 19.84
N SER D 148 32.28 -34.43 20.58
CA SER D 148 32.90 -33.26 19.96
C SER D 148 34.38 -33.17 20.34
N ASN D 155 41.12 -20.34 24.81
CA ASN D 155 40.37 -19.36 24.04
C ASN D 155 40.00 -19.90 22.67
N PHE D 156 38.75 -19.69 22.27
CA PHE D 156 38.25 -20.15 20.99
C PHE D 156 37.44 -19.05 20.33
N ALA D 157 37.35 -19.10 19.00
CA ALA D 157 36.61 -18.11 18.23
C ALA D 157 35.11 -18.40 18.36
N LEU D 158 34.40 -17.52 19.06
CA LEU D 158 32.95 -17.66 19.23
C LEU D 158 32.20 -16.89 18.15
N LYS D 159 32.45 -17.29 16.91
CA LYS D 159 31.79 -16.66 15.77
C LYS D 159 30.31 -17.02 15.77
N PRO D 160 29.48 -16.17 15.15
CA PRO D 160 28.04 -16.46 15.13
C PRO D 160 27.70 -17.81 14.49
N ARG D 161 28.43 -18.20 13.45
CA ARG D 161 28.20 -19.50 12.83
C ARG D 161 28.46 -20.62 13.83
N MET D 162 29.59 -20.54 14.55
CA MET D 162 29.88 -21.52 15.57
C MET D 162 28.96 -21.39 16.78
N ARG D 163 28.42 -20.19 17.02
CA ARG D 163 27.48 -20.00 18.11
C ARG D 163 26.11 -20.58 17.82
N LYS D 164 25.74 -20.68 16.54
CA LYS D 164 24.44 -21.20 16.15
C LYS D 164 24.46 -22.67 15.78
N ILE D 165 25.55 -23.15 15.17
CA ILE D 165 25.62 -24.55 14.79
C ILE D 165 25.53 -25.45 16.01
N PHE D 166 26.28 -25.12 17.07
CA PHE D 166 26.26 -25.95 18.26
C PHE D 166 24.96 -25.80 19.03
N SER D 167 24.32 -24.63 18.97
CA SER D 167 22.98 -24.50 19.56
C SER D 167 22.00 -25.42 18.86
N ARG D 168 22.03 -25.47 17.53
CA ARG D 168 21.19 -26.41 16.80
C ARG D 168 21.53 -27.84 17.15
N LEU D 169 22.83 -28.14 17.29
CA LEU D 169 23.24 -29.49 17.64
C LEU D 169 22.67 -29.91 18.99
N ILE D 170 22.77 -29.04 19.99
CA ILE D 170 22.28 -29.37 21.31
C ILE D 170 20.76 -29.48 21.30
N TYR D 171 20.08 -28.62 20.54
CA TYR D 171 18.63 -28.75 20.43
C TYR D 171 18.25 -30.09 19.81
N ILE D 172 18.96 -30.51 18.78
CA ILE D 172 18.69 -31.80 18.16
C ILE D 172 18.93 -32.93 19.16
N ALA D 173 20.02 -32.84 19.92
CA ALA D 173 20.31 -33.88 20.91
C ALA D 173 19.21 -33.95 21.96
N GLN D 174 18.72 -32.80 22.42
CA GLN D 174 17.61 -32.80 23.37
C GLN D 174 16.37 -33.41 22.76
N SER D 175 16.07 -33.07 21.49
CA SER D 175 14.90 -33.63 20.83
C SER D 175 14.99 -35.14 20.74
N LYS D 176 16.17 -35.66 20.39
CA LYS D 176 16.38 -37.10 20.26
C LYS D 176 16.84 -37.75 21.56
N GLY D 177 17.07 -36.97 22.62
CA GLY D 177 17.58 -37.54 23.84
C GLY D 177 18.95 -38.15 23.68
N ALA D 178 19.85 -37.47 22.98
CA ALA D 178 21.14 -38.02 22.63
C ALA D 178 22.20 -37.65 23.66
N TRP D 179 23.14 -38.57 23.89
CA TRP D 179 24.27 -38.29 24.75
C TRP D 179 25.26 -37.36 24.05
N ILE D 180 25.90 -36.51 24.82
CA ILE D 180 26.97 -35.65 24.34
C ILE D 180 28.22 -35.95 25.14
N LEU D 181 29.33 -36.21 24.46
CA LEU D 181 30.61 -36.50 25.09
C LEU D 181 31.59 -35.40 24.74
N THR D 182 32.30 -34.90 25.75
CA THR D 182 33.27 -33.82 25.56
C THR D 182 34.43 -34.01 26.53
N GLY D 183 35.43 -33.13 26.41
CA GLY D 183 36.54 -33.16 27.34
C GLY D 183 36.13 -32.79 28.75
N GLY D 184 35.29 -31.76 28.89
CA GLY D 184 34.80 -31.37 30.20
C GLY D 184 35.72 -30.43 30.94
N THR D 185 36.08 -29.32 30.31
CA THR D 185 36.92 -28.30 30.93
C THR D 185 36.24 -26.94 30.79
N HIS D 186 36.37 -26.11 31.83
CA HIS D 186 35.74 -24.79 31.81
C HIS D 186 36.37 -23.86 30.79
N TYR D 187 37.55 -24.18 30.29
CA TYR D 187 38.25 -23.35 29.32
C TYR D 187 38.06 -23.96 27.92
N GLY D 188 37.39 -23.21 27.05
CA GLY D 188 37.18 -23.62 25.67
C GLY D 188 35.71 -23.62 25.31
N LEU D 189 35.42 -24.22 24.15
CA LEU D 189 34.06 -24.28 23.65
C LEU D 189 33.18 -25.16 24.54
N MET D 190 33.78 -26.12 25.23
CA MET D 190 32.99 -27.02 26.08
C MET D 190 32.30 -26.25 27.20
N LYS D 191 32.90 -25.17 27.68
CA LYS D 191 32.20 -24.32 28.65
C LYS D 191 30.95 -23.71 28.03
N TYR D 192 31.04 -23.26 26.78
CA TYR D 192 29.86 -22.75 26.09
C TYR D 192 28.80 -23.83 25.95
N ILE D 193 29.22 -25.05 25.61
CA ILE D 193 28.26 -26.15 25.49
C ILE D 193 27.57 -26.41 26.81
N GLY D 194 28.34 -26.44 27.90
CA GLY D 194 27.75 -26.65 29.21
C GLY D 194 26.78 -25.54 29.60
N GLU D 195 27.14 -24.30 29.30
CA GLU D 195 26.25 -23.18 29.60
C GLU D 195 24.95 -23.30 28.82
N VAL D 196 25.05 -23.68 27.54
CA VAL D 196 23.84 -23.84 26.73
C VAL D 196 22.99 -24.98 27.27
N VAL D 197 23.63 -26.07 27.70
CA VAL D 197 22.89 -27.19 28.28
C VAL D 197 22.15 -26.74 29.53
N ARG D 198 22.82 -25.97 30.40
CA ARG D 198 22.18 -25.48 31.61
C ARG D 198 21.00 -24.57 31.26
N ASP D 199 21.18 -23.69 30.28
CA ASP D 199 20.10 -22.79 29.89
C ASP D 199 18.90 -23.56 29.35
N ASN D 200 19.15 -24.56 28.51
CA ASN D 200 18.04 -25.35 27.96
C ASN D 200 17.34 -26.15 29.06
N THR D 201 18.10 -26.70 30.00
CA THR D 201 17.49 -27.40 31.12
C THR D 201 16.62 -26.46 31.94
N ILE D 202 17.08 -25.22 32.14
CA ILE D 202 16.27 -24.23 32.83
C ILE D 202 14.98 -23.98 32.07
N SER D 203 15.07 -23.86 30.74
CA SER D 203 13.89 -23.66 29.90
C SER D 203 12.94 -24.85 30.01
N GLU D 208 12.95 -36.22 29.97
CA GLU D 208 13.27 -35.22 28.95
C GLU D 208 14.40 -34.32 29.42
N ASN D 209 15.56 -34.90 29.70
CA ASN D 209 16.73 -34.17 30.17
C ASN D 209 17.92 -34.52 29.29
N ILE D 210 18.79 -33.54 29.07
CA ILE D 210 19.98 -33.74 28.25
C ILE D 210 21.05 -34.40 29.10
N VAL D 211 21.94 -35.16 28.45
CA VAL D 211 22.99 -35.91 29.11
C VAL D 211 24.32 -35.50 28.51
N ALA D 212 25.22 -34.99 29.36
CA ALA D 212 26.53 -34.54 28.95
C ALA D 212 27.59 -35.16 29.85
N ILE D 213 28.60 -35.77 29.23
CA ILE D 213 29.69 -36.43 29.94
C ILE D 213 30.99 -35.79 29.52
N GLY D 214 31.73 -35.26 30.48
CA GLY D 214 33.08 -34.77 30.27
C GLY D 214 34.07 -35.84 30.71
N ILE D 215 35.15 -35.97 29.96
CA ILE D 215 36.19 -36.94 30.23
C ILE D 215 37.53 -36.22 30.27
N ALA D 216 38.28 -36.42 31.35
CA ALA D 216 39.58 -35.77 31.48
C ALA D 216 40.47 -36.63 32.35
N ALA D 217 41.72 -36.20 32.49
CA ALA D 217 42.68 -36.92 33.32
C ALA D 217 42.66 -36.36 34.74
N TRP D 218 42.62 -37.27 35.72
CA TRP D 218 42.59 -36.85 37.12
C TRP D 218 43.85 -36.06 37.47
N GLY D 219 45.01 -36.53 37.02
CA GLY D 219 46.24 -35.79 37.26
C GLY D 219 46.24 -34.43 36.61
N MET D 220 45.63 -34.33 35.42
CA MET D 220 45.58 -33.06 34.71
C MET D 220 44.76 -32.01 35.46
N VAL D 221 43.91 -32.43 36.40
CA VAL D 221 43.09 -31.49 37.14
C VAL D 221 43.98 -30.67 38.07
N SER D 222 43.71 -29.37 38.15
CA SER D 222 44.50 -28.49 39.00
C SER D 222 44.39 -28.89 40.47
N ASN D 223 43.18 -29.21 40.92
CA ASN D 223 42.92 -29.56 42.31
C ASN D 223 42.19 -30.89 42.37
N ARG D 224 42.56 -31.70 43.37
CA ARG D 224 41.97 -33.01 43.58
C ARG D 224 41.44 -33.09 45.01
N ASP D 225 40.21 -33.55 45.16
CA ASP D 225 39.56 -33.68 46.47
C ASP D 225 39.02 -35.09 46.60
N THR D 226 39.22 -35.69 47.77
CA THR D 226 38.76 -37.05 48.03
C THR D 226 37.50 -37.02 48.90
N LEU D 227 36.56 -37.89 48.58
CA LEU D 227 35.31 -37.97 49.33
C LEU D 227 34.89 -39.43 49.52
N SER D 238 30.57 -36.76 50.19
CA SER D 238 30.36 -35.93 49.01
C SER D 238 31.18 -34.64 49.11
N ALA D 239 32.33 -34.61 48.44
CA ALA D 239 33.20 -33.45 48.46
C ALA D 239 32.60 -32.34 47.61
N GLN D 240 33.11 -31.13 47.81
CA GLN D 240 32.66 -29.94 47.09
C GLN D 240 33.85 -29.30 46.39
N TYR D 241 33.66 -28.95 45.12
CA TYR D 241 34.68 -28.31 44.30
C TYR D 241 34.26 -26.87 44.03
N ILE D 242 35.14 -25.92 44.37
CA ILE D 242 34.88 -24.51 44.19
C ILE D 242 36.03 -23.89 43.41
N MET D 243 35.70 -23.13 42.38
CA MET D 243 36.71 -22.48 41.56
C MET D 243 37.44 -21.40 42.35
N TYR D 252 44.37 -27.88 35.32
CA TYR D 252 43.24 -27.42 34.51
C TYR D 252 41.98 -27.27 35.37
N ILE D 253 41.08 -26.41 34.94
CA ILE D 253 39.82 -26.15 35.63
C ILE D 253 38.70 -26.81 34.85
N LEU D 254 37.87 -27.57 35.54
CA LEU D 254 36.79 -28.32 34.91
C LEU D 254 35.46 -27.62 35.12
N ASP D 255 34.62 -27.64 34.09
CA ASP D 255 33.32 -27.00 34.16
C ASP D 255 32.36 -27.81 35.01
N ASN D 256 31.51 -27.11 35.75
CA ASN D 256 30.47 -27.74 36.55
C ASN D 256 29.13 -27.83 35.82
N ASN D 257 29.03 -27.23 34.63
CA ASN D 257 27.77 -27.30 33.88
C ASN D 257 27.48 -28.72 33.42
N HIS D 258 28.50 -29.46 33.00
CA HIS D 258 28.29 -30.82 32.50
C HIS D 258 27.74 -31.70 33.61
N THR D 259 26.73 -32.50 33.28
CA THR D 259 26.06 -33.31 34.30
C THR D 259 26.99 -34.37 34.87
N HIS D 260 27.77 -35.04 34.03
CA HIS D 260 28.61 -36.14 34.47
C HIS D 260 30.05 -35.93 34.05
N LEU D 261 30.97 -36.39 34.89
CA LEU D 261 32.40 -36.21 34.65
C LEU D 261 33.16 -37.46 35.06
N LEU D 262 34.19 -37.78 34.28
CA LEU D 262 35.05 -38.93 34.52
C LEU D 262 36.51 -38.49 34.50
N LEU D 263 37.27 -39.02 35.45
CA LEU D 263 38.68 -38.69 35.61
C LEU D 263 39.51 -39.96 35.45
N VAL D 264 40.56 -39.87 34.64
CA VAL D 264 41.42 -41.01 34.31
C VAL D 264 42.64 -40.95 35.21
N ASP D 265 42.97 -42.07 35.84
CA ASP D 265 44.11 -42.18 36.75
C ASP D 265 45.25 -42.87 35.99
N ASN D 266 46.08 -42.06 35.33
CA ASN D 266 47.22 -42.56 34.57
C ASN D 266 48.55 -42.05 35.10
N GLY D 267 48.59 -40.88 35.71
CA GLY D 267 49.82 -40.32 36.23
C GLY D 267 49.60 -39.04 37.01
N THR D 273 47.47 -36.80 26.40
CA THR D 273 46.12 -37.31 26.59
C THR D 273 46.14 -38.79 26.94
N VAL D 274 45.35 -39.17 27.94
CA VAL D 274 45.26 -40.56 28.39
C VAL D 274 43.84 -41.09 28.39
N GLU D 275 42.87 -40.30 27.95
CA GLU D 275 41.47 -40.71 27.93
C GLU D 275 40.95 -40.98 26.52
N ALA D 276 41.75 -40.73 25.48
CA ALA D 276 41.29 -40.96 24.12
C ALA D 276 40.98 -42.44 23.89
N LYS D 277 41.85 -43.32 24.39
CA LYS D 277 41.64 -44.76 24.20
C LYS D 277 40.34 -45.20 24.87
N LEU D 278 40.10 -44.72 26.09
CA LEU D 278 38.87 -45.10 26.80
C LEU D 278 37.64 -44.61 26.06
N ARG D 279 37.66 -43.37 25.59
CA ARG D 279 36.51 -42.83 24.86
C ARG D 279 36.27 -43.61 23.57
N ASN D 280 37.33 -43.93 22.83
CA ASN D 280 37.18 -44.69 21.60
C ASN D 280 36.64 -46.08 21.88
N GLN D 281 37.13 -46.74 22.93
CA GLN D 281 36.63 -48.06 23.27
C GLN D 281 35.16 -48.01 23.66
N LEU D 282 34.78 -47.00 24.45
CA LEU D 282 33.38 -46.86 24.84
C LEU D 282 32.50 -46.62 23.62
N GLU D 283 32.94 -45.77 22.71
CA GLU D 283 32.16 -45.50 21.50
C GLU D 283 32.01 -46.77 20.66
N LYS D 284 33.09 -47.53 20.51
CA LYS D 284 33.01 -48.77 19.75
C LYS D 284 32.07 -49.76 20.41
N TYR D 285 32.13 -49.88 21.73
CA TYR D 285 31.25 -50.80 22.44
C TYR D 285 29.79 -50.38 22.28
N ILE D 286 29.52 -49.09 22.39
CA ILE D 286 28.14 -48.61 22.21
C ILE D 286 27.66 -48.88 20.81
N SER D 287 28.53 -48.65 19.82
CA SER D 287 28.18 -49.02 18.45
C SER D 287 27.93 -50.51 18.33
N GLU D 288 28.57 -51.31 19.21
CA GLU D 288 28.31 -52.74 19.25
C GLU D 288 26.98 -53.07 19.90
N ARG D 289 26.38 -52.15 20.65
CA ARG D 289 25.11 -52.42 21.31
C ARG D 289 23.97 -52.48 20.29
N THR D 290 22.94 -53.23 20.64
CA THR D 290 21.77 -53.42 19.78
C THR D 290 20.55 -52.83 20.49
N SER D 291 19.79 -52.00 19.75
CA SER D 291 18.57 -51.36 20.26
C SER D 291 17.51 -51.44 19.18
N GLN D 292 16.64 -52.44 19.30
CA GLN D 292 15.56 -52.65 18.34
C GLN D 292 14.68 -51.41 18.24
N ASP D 293 14.45 -50.74 19.37
CA ASP D 293 13.56 -49.57 19.38
C ASP D 293 14.11 -48.45 18.50
N SER D 294 15.43 -48.36 18.37
CA SER D 294 16.04 -47.30 17.59
C SER D 294 15.70 -47.46 16.11
N ASN D 295 15.39 -46.33 15.46
CA ASN D 295 15.10 -46.37 14.03
C ASN D 295 16.32 -46.82 13.23
N TYR D 296 17.51 -46.39 13.63
CA TYR D 296 18.72 -46.85 12.97
C TYR D 296 18.79 -48.37 12.99
N GLY D 297 19.04 -48.95 11.82
CA GLY D 297 19.00 -50.40 11.70
C GLY D 297 19.98 -51.10 12.62
N GLY D 298 19.46 -51.76 13.64
CA GLY D 298 20.31 -52.53 14.53
C GLY D 298 21.02 -51.69 15.57
N LYS D 299 22.26 -51.34 15.28
CA LYS D 299 23.13 -50.69 16.25
C LYS D 299 22.69 -49.25 16.50
N ILE D 300 23.11 -48.72 17.66
CA ILE D 300 22.85 -47.33 18.00
C ILE D 300 23.75 -46.42 17.17
N PRO D 301 23.24 -45.34 16.59
CA PRO D 301 24.10 -44.46 15.80
C PRO D 301 25.10 -43.71 16.67
N ILE D 302 26.25 -43.39 16.07
CA ILE D 302 27.29 -42.59 16.70
C ILE D 302 27.85 -41.63 15.66
N VAL D 303 28.11 -40.39 16.08
CA VAL D 303 28.60 -39.35 15.21
C VAL D 303 29.75 -38.63 15.89
N CYS D 304 30.82 -38.36 15.14
CA CYS D 304 31.94 -37.58 15.64
C CYS D 304 31.88 -36.18 15.06
N PHE D 305 32.17 -35.19 15.90
CA PHE D 305 32.07 -33.78 15.54
C PHE D 305 33.42 -33.11 15.69
N ALA D 306 33.82 -32.37 14.66
CA ALA D 306 35.10 -31.66 14.65
C ALA D 306 34.85 -30.18 14.41
N GLN D 307 35.41 -29.35 15.28
CA GLN D 307 35.28 -27.90 15.15
C GLN D 307 36.62 -27.18 15.19
N GLY D 308 37.58 -27.67 15.96
CA GLY D 308 38.88 -27.04 16.09
C GLY D 308 40.00 -27.91 15.55
N GLY D 309 41.21 -27.38 15.67
CA GLY D 309 42.40 -28.05 15.19
C GLY D 309 43.24 -28.61 16.31
N GLY D 310 44.51 -28.87 16.00
CA GLY D 310 45.44 -29.45 16.95
C GLY D 310 45.69 -30.92 16.69
N ARG D 311 46.84 -31.39 17.18
CA ARG D 311 47.19 -32.80 17.00
C ARG D 311 46.16 -33.71 17.65
N GLU D 312 45.58 -33.27 18.77
CA GLU D 312 44.57 -34.10 19.44
C GLU D 312 43.37 -34.34 18.54
N THR D 313 42.92 -33.30 17.82
CA THR D 313 41.77 -33.47 16.93
C THR D 313 42.06 -34.49 15.84
N LEU D 314 43.23 -34.39 15.20
CA LEU D 314 43.57 -35.35 14.15
C LEU D 314 43.71 -36.75 14.71
N LYS D 315 44.31 -36.89 15.88
CA LYS D 315 44.45 -38.22 16.49
C LYS D 315 43.08 -38.82 16.78
N ALA D 316 42.17 -38.03 17.34
CA ALA D 316 40.83 -38.53 17.64
C ALA D 316 40.09 -38.92 16.35
N ILE D 317 40.21 -38.08 15.31
CA ILE D 317 39.53 -38.38 14.06
C ILE D 317 40.08 -39.67 13.45
N ASN D 318 41.40 -39.83 13.47
CA ASN D 318 42.00 -41.05 12.93
C ASN D 318 41.56 -42.28 13.73
N THR D 319 41.52 -42.17 15.06
CA THR D 319 41.09 -43.29 15.87
C THR D 319 39.64 -43.66 15.58
N SER D 320 38.77 -42.66 15.46
CA SER D 320 37.36 -42.93 15.19
C SER D 320 37.18 -43.55 13.81
N VAL D 321 37.84 -42.99 12.79
CA VAL D 321 37.68 -43.50 11.44
C VAL D 321 38.27 -44.90 11.30
N LYS D 322 39.30 -45.21 12.10
CA LYS D 322 39.82 -46.58 12.12
C LYS D 322 38.70 -47.57 12.39
N SER D 323 37.74 -47.17 13.22
CA SER D 323 36.52 -47.94 13.39
C SER D 323 35.57 -47.61 12.24
N LYS D 324 35.09 -48.65 11.56
CA LYS D 324 34.25 -48.42 10.38
C LYS D 324 32.94 -47.74 10.73
N ILE D 325 32.31 -48.17 11.82
CA ILE D 325 30.95 -47.67 12.14
C ILE D 325 30.94 -46.17 12.38
N PRO D 326 31.80 -45.61 13.22
CA PRO D 326 31.72 -44.17 13.49
C PRO D 326 31.89 -43.34 12.24
N CYS D 327 31.17 -42.22 12.19
CA CYS D 327 31.24 -41.26 11.10
C CYS D 327 31.59 -39.89 11.67
N VAL D 328 32.25 -39.08 10.83
CA VAL D 328 32.81 -37.80 11.25
C VAL D 328 32.11 -36.68 10.51
N VAL D 329 32.01 -35.53 11.16
CA VAL D 329 31.48 -34.31 10.57
C VAL D 329 32.45 -33.18 10.84
N VAL D 330 32.66 -32.33 9.84
CA VAL D 330 33.63 -31.24 9.93
C VAL D 330 32.88 -29.92 9.86
N GLU D 331 33.14 -29.04 10.82
CA GLU D 331 32.49 -27.74 10.87
C GLU D 331 32.95 -26.86 9.72
N GLN D 335 40.80 -24.14 11.63
CA GLN D 335 42.04 -24.44 10.94
C GLN D 335 41.99 -25.82 10.29
N ILE D 336 42.06 -26.86 11.12
CA ILE D 336 42.05 -28.22 10.59
C ILE D 336 40.75 -28.49 9.83
N ALA D 337 39.63 -27.98 10.33
CA ALA D 337 38.37 -28.14 9.64
C ALA D 337 38.46 -27.60 8.21
N ASP D 338 39.03 -26.40 8.07
CA ASP D 338 39.23 -25.84 6.74
C ASP D 338 40.16 -26.71 5.91
N VAL D 339 41.18 -27.30 6.53
CA VAL D 339 42.10 -28.16 5.79
C VAL D 339 41.34 -29.34 5.18
N ILE D 340 40.56 -30.04 6.02
CA ILE D 340 39.84 -31.22 5.53
C ILE D 340 38.79 -30.81 4.51
N ALA D 341 38.14 -29.66 4.72
CA ALA D 341 37.15 -29.20 3.75
C ALA D 341 37.81 -28.93 2.40
N SER D 342 38.98 -28.28 2.40
CA SER D 342 39.66 -28.00 1.14
C SER D 342 40.11 -29.28 0.45
N LEU D 343 40.65 -30.23 1.21
CA LEU D 343 41.13 -31.46 0.59
C LEU D 343 39.99 -32.25 -0.06
N VAL D 344 38.85 -32.34 0.60
CA VAL D 344 37.71 -33.07 0.06
C VAL D 344 37.01 -32.23 -1.01
N THR D 351 49.38 -35.71 -4.12
CA THR D 351 48.70 -36.13 -2.89
C THR D 351 49.24 -35.35 -1.69
N SER D 352 50.56 -35.34 -1.54
CA SER D 352 51.20 -34.67 -0.41
C SER D 352 51.22 -33.15 -0.57
N SER D 353 51.30 -32.66 -1.81
CA SER D 353 51.40 -31.22 -2.02
C SER D 353 50.13 -30.50 -1.57
N MET D 354 48.97 -31.02 -1.95
CA MET D 354 47.71 -30.36 -1.60
C MET D 354 47.50 -30.35 -0.10
N VAL D 355 47.73 -31.49 0.56
CA VAL D 355 47.57 -31.56 2.01
C VAL D 355 48.54 -30.61 2.70
N LYS D 356 49.79 -30.58 2.25
CA LYS D 356 50.77 -29.69 2.88
C LYS D 356 50.37 -28.23 2.70
N GLU D 357 49.94 -27.86 1.49
CA GLU D 357 49.54 -26.48 1.25
C GLU D 357 48.36 -26.08 2.11
N LYS D 358 47.33 -26.94 2.18
CA LYS D 358 46.17 -26.63 2.99
C LYS D 358 46.54 -26.51 4.47
N LEU D 359 47.37 -27.44 4.96
CA LEU D 359 47.77 -27.39 6.37
C LEU D 359 48.56 -26.12 6.68
N VAL D 360 49.46 -25.73 5.77
CA VAL D 360 50.23 -24.51 5.99
C VAL D 360 49.31 -23.29 5.98
N ARG D 361 48.37 -23.23 5.04
CA ARG D 361 47.49 -22.08 4.95
C ARG D 361 46.60 -21.95 6.17
N PHE D 362 46.05 -23.07 6.65
CA PHE D 362 45.07 -23.00 7.75
C PHE D 362 45.75 -22.70 9.08
N LEU D 363 46.90 -23.33 9.33
CA LEU D 363 47.58 -23.25 10.63
C LEU D 363 49.01 -22.79 10.41
N PRO D 364 49.23 -21.48 10.24
CA PRO D 364 50.60 -21.01 10.01
C PRO D 364 51.56 -21.31 11.16
N ARG D 365 51.09 -21.28 12.40
CA ARG D 365 51.96 -21.47 13.55
C ARG D 365 52.06 -22.92 13.98
N THR D 366 50.96 -23.67 13.90
CA THR D 366 51.00 -25.08 14.30
C THR D 366 51.97 -25.87 13.43
N VAL D 367 51.93 -25.64 12.12
CA VAL D 367 52.85 -26.34 11.22
C VAL D 367 54.29 -25.91 11.51
N SER D 368 54.49 -24.61 11.76
CA SER D 368 55.84 -24.12 12.03
C SER D 368 56.42 -24.76 13.28
N ARG D 369 55.62 -24.87 14.34
CA ARG D 369 56.11 -25.48 15.57
C ARG D 369 56.35 -26.97 15.40
N LEU D 370 55.49 -27.65 14.65
CA LEU D 370 55.58 -29.09 14.53
C LEU D 370 56.86 -29.48 13.79
N PRO D 371 57.53 -30.56 14.20
CA PRO D 371 58.68 -31.06 13.44
C PRO D 371 58.24 -31.67 12.11
N GLU D 372 59.24 -32.00 11.29
CA GLU D 372 58.96 -32.62 10.00
C GLU D 372 58.29 -33.97 10.17
N GLU D 373 58.74 -34.77 11.13
CA GLU D 373 58.14 -36.07 11.37
C GLU D 373 56.68 -35.94 11.78
N GLU D 374 56.38 -34.95 12.63
CA GLU D 374 55.00 -34.71 13.02
C GLU D 374 54.15 -34.32 11.82
N ILE D 375 54.69 -33.48 10.94
CA ILE D 375 53.95 -33.10 9.74
C ILE D 375 53.68 -34.31 8.87
N GLU D 376 54.68 -35.17 8.70
CA GLU D 376 54.48 -36.37 7.88
C GLU D 376 53.43 -37.28 8.50
N SER D 377 53.44 -37.43 9.82
CA SER D 377 52.43 -38.24 10.49
C SER D 377 51.04 -37.63 10.30
N TRP D 378 50.94 -36.30 10.40
CA TRP D 378 49.66 -35.65 10.17
C TRP D 378 49.17 -35.88 8.75
N ILE D 379 50.07 -35.80 7.77
CA ILE D 379 49.69 -36.05 6.39
C ILE D 379 49.20 -37.48 6.23
N LYS D 380 49.89 -38.44 6.87
CA LYS D 380 49.45 -39.82 6.80
C LYS D 380 48.05 -39.99 7.39
N TRP D 381 47.82 -39.38 8.55
CA TRP D 381 46.50 -39.48 9.18
C TRP D 381 45.42 -38.88 8.29
N LEU D 382 45.70 -37.72 7.69
CA LEU D 382 44.71 -37.08 6.84
C LEU D 382 44.44 -37.91 5.60
N LYS D 383 45.47 -38.51 5.01
CA LYS D 383 45.26 -39.38 3.86
C LYS D 383 44.42 -40.59 4.23
N GLU D 384 44.70 -41.20 5.39
CA GLU D 384 43.89 -42.33 5.83
C GLU D 384 42.44 -41.92 6.04
N ILE D 385 42.22 -40.76 6.64
CA ILE D 385 40.86 -40.29 6.87
C ILE D 385 40.14 -40.04 5.55
N LEU D 386 40.82 -39.42 4.59
CA LEU D 386 40.22 -39.12 3.30
C LEU D 386 39.96 -40.37 2.48
N GLU D 387 40.74 -41.43 2.69
CA GLU D 387 40.51 -42.66 1.95
C GLU D 387 39.11 -43.22 2.19
N SER D 388 38.54 -42.95 3.36
CA SER D 388 37.19 -43.38 3.71
C SER D 388 36.21 -42.21 3.66
N SER D 389 36.34 -41.36 2.64
CA SER D 389 35.54 -40.15 2.56
C SER D 389 34.04 -40.44 2.50
N HIS D 390 33.65 -41.66 2.12
CA HIS D 390 32.23 -41.96 2.05
C HIS D 390 31.55 -41.87 3.42
N LEU D 391 32.32 -41.95 4.51
CA LEU D 391 31.79 -41.76 5.86
C LEU D 391 31.89 -40.30 6.27
N LEU D 392 33.08 -39.71 6.13
CA LEU D 392 33.29 -38.34 6.54
C LEU D 392 32.44 -37.39 5.70
N THR D 393 31.92 -36.35 6.36
CA THR D 393 31.12 -35.33 5.71
C THR D 393 31.60 -33.96 6.16
N VAL D 394 31.39 -32.97 5.30
CA VAL D 394 31.86 -31.60 5.54
C VAL D 394 30.67 -30.67 5.37
N ILE D 395 30.55 -29.71 6.29
CA ILE D 395 29.50 -28.70 6.22
C ILE D 395 29.95 -27.56 5.32
N LYS D 396 29.02 -27.03 4.53
CA LYS D 396 29.31 -25.93 3.63
C LYS D 396 29.25 -24.61 4.38
N MET D 397 30.33 -23.84 4.30
CA MET D 397 30.40 -22.55 4.97
C MET D 397 29.51 -21.53 4.27
N GLU D 403 18.41 -25.40 9.68
CA GLU D 403 18.25 -26.85 9.62
C GLU D 403 19.33 -27.47 8.73
N ILE D 404 20.59 -27.18 9.05
CA ILE D 404 21.73 -27.69 8.29
C ILE D 404 22.46 -28.73 9.12
N VAL D 405 22.51 -28.53 10.44
CA VAL D 405 23.16 -29.49 11.31
C VAL D 405 22.43 -30.83 11.26
N SER D 406 21.10 -30.80 11.39
CA SER D 406 20.33 -32.03 11.30
C SER D 406 20.48 -32.66 9.93
N ASN D 407 20.45 -31.84 8.87
CA ASN D 407 20.60 -32.36 7.52
C ASN D 407 21.94 -33.05 7.34
N ALA D 408 23.02 -32.41 7.81
CA ALA D 408 24.34 -32.99 7.66
C ALA D 408 24.47 -34.29 8.46
N ILE D 409 23.98 -34.29 9.69
CA ILE D 409 24.07 -35.49 10.51
C ILE D 409 23.27 -36.63 9.87
N SER D 410 22.07 -36.33 9.38
CA SER D 410 21.26 -37.36 8.74
C SER D 410 21.94 -37.88 7.49
N TYR D 411 22.54 -37.00 6.69
CA TYR D 411 23.23 -37.44 5.49
C TYR D 411 24.40 -38.35 5.84
N ALA D 412 25.19 -37.97 6.86
CA ALA D 412 26.32 -38.79 7.26
C ALA D 412 25.85 -40.16 7.75
N LEU D 413 24.81 -40.19 8.58
CA LEU D 413 24.30 -41.46 9.08
C LEU D 413 23.77 -42.32 7.96
N TYR D 414 23.07 -41.71 6.99
CA TYR D 414 22.55 -42.46 5.86
C TYR D 414 23.69 -43.06 5.03
N LYS D 415 24.74 -42.28 4.79
CA LYS D 415 25.89 -42.81 4.05
C LYS D 415 26.54 -43.96 4.81
N ALA D 416 26.70 -43.81 6.13
CA ALA D 416 27.32 -44.86 6.92
C ALA D 416 26.48 -46.13 6.91
N PHE D 417 25.15 -45.98 7.01
CA PHE D 417 24.28 -47.14 7.08
C PHE D 417 24.15 -47.83 5.72
N SER D 418 24.21 -47.05 4.63
CA SER D 418 24.09 -47.65 3.30
C SER D 418 25.24 -48.61 3.03
N THR D 419 26.46 -48.22 3.39
CA THR D 419 27.65 -49.04 3.16
C THR D 419 27.94 -49.84 4.42
N ASN D 420 27.20 -50.93 4.59
CA ASN D 420 27.38 -51.80 5.74
C ASN D 420 27.38 -53.28 5.39
N GLU D 421 27.21 -53.64 4.12
CA GLU D 421 27.20 -55.01 3.61
C GLU D 421 25.92 -55.76 3.96
N GLN D 422 25.03 -55.18 4.78
CA GLN D 422 23.79 -55.83 5.15
C GLN D 422 22.61 -54.89 4.93
N ASP D 423 22.86 -53.58 4.99
CA ASP D 423 21.82 -52.58 4.84
C ASP D 423 21.59 -52.18 3.39
N LYS D 424 22.41 -52.64 2.46
CA LYS D 424 22.22 -52.28 1.06
C LYS D 424 20.88 -52.81 0.54
N ASP D 425 20.56 -54.06 0.87
CA ASP D 425 19.29 -54.64 0.43
C ASP D 425 18.11 -54.13 1.26
N ASN D 426 18.36 -53.73 2.51
CA ASN D 426 17.29 -53.31 3.42
C ASN D 426 16.99 -51.84 3.15
N TRP D 427 16.20 -51.59 2.12
CA TRP D 427 15.75 -50.23 1.83
C TRP D 427 14.75 -49.75 2.87
N ASN D 428 14.04 -50.66 3.52
CA ASN D 428 13.06 -50.27 4.53
C ASN D 428 13.75 -49.55 5.69
N GLY D 429 14.91 -50.04 6.12
CA GLY D 429 15.64 -49.37 7.18
C GLY D 429 16.07 -47.97 6.78
N GLN D 430 16.53 -47.81 5.54
CA GLN D 430 16.93 -46.50 5.06
C GLN D 430 15.74 -45.54 5.07
N LEU D 431 14.58 -46.02 4.60
CA LEU D 431 13.39 -45.18 4.61
C LEU D 431 12.99 -44.82 6.04
N LYS D 432 13.07 -45.77 6.96
CA LYS D 432 12.73 -45.50 8.35
C LYS D 432 13.64 -44.44 8.93
N LEU D 433 14.94 -44.55 8.68
CA LEU D 433 15.88 -43.57 9.21
C LEU D 433 15.64 -42.19 8.60
N LEU D 434 15.40 -42.13 7.29
CA LEU D 434 15.14 -40.86 6.65
C LEU D 434 13.87 -40.22 7.20
N LEU D 435 12.83 -41.01 7.42
CA LEU D 435 11.61 -40.48 8.01
C LEU D 435 11.86 -39.97 9.43
N GLU D 436 12.65 -40.71 10.20
CA GLU D 436 12.97 -40.28 11.56
C GLU D 436 13.70 -38.94 11.55
N TRP D 437 14.65 -38.77 10.63
CA TRP D 437 15.40 -37.53 10.54
C TRP D 437 14.80 -36.52 9.56
N ASN D 438 13.68 -36.85 8.94
CA ASN D 438 12.94 -35.91 8.10
C ASN D 438 13.81 -35.39 6.95
N GLN D 439 14.22 -36.32 6.07
CA GLN D 439 14.97 -36.00 4.87
C GLN D 439 14.08 -36.34 3.68
N LEU D 440 13.45 -35.33 3.10
CA LEU D 440 12.49 -35.54 2.02
C LEU D 440 13.18 -35.67 0.67
N ASP D 441 13.96 -34.65 0.28
CA ASP D 441 14.58 -34.65 -1.04
C ASP D 441 15.52 -35.84 -1.19
N LEU D 442 16.31 -36.13 -0.15
CA LEU D 442 17.23 -37.26 -0.23
C LEU D 442 16.48 -38.57 -0.44
N ALA D 443 15.40 -38.77 0.31
CA ALA D 443 14.62 -39.99 0.15
C ALA D 443 14.01 -40.07 -1.25
N SER D 444 13.47 -38.96 -1.74
CA SER D 444 12.84 -38.98 -3.06
C SER D 444 13.84 -39.30 -4.14
N ASP D 445 15.04 -38.71 -4.06
CA ASP D 445 16.03 -38.90 -5.11
C ASP D 445 16.73 -40.26 -5.02
N GLU D 446 16.94 -40.78 -3.81
CA GLU D 446 17.77 -41.95 -3.61
C GLU D 446 16.97 -43.25 -3.59
N ILE D 447 16.02 -43.36 -2.66
CA ILE D 447 15.37 -44.64 -2.41
C ILE D 447 14.12 -44.81 -3.27
N PHE D 448 13.34 -43.76 -3.45
CA PHE D 448 12.11 -43.84 -4.26
C PHE D 448 12.51 -43.80 -5.73
N THR D 449 12.66 -44.99 -6.31
CA THR D 449 13.05 -45.12 -7.71
C THR D 449 12.38 -46.35 -8.30
N ASN D 450 12.34 -46.40 -9.63
CA ASN D 450 11.71 -47.51 -10.34
C ASN D 450 12.50 -48.81 -10.23
N ASP D 451 13.56 -48.88 -9.43
CA ASP D 451 14.31 -50.13 -9.31
C ASP D 451 13.45 -51.25 -8.74
N ARG D 452 12.64 -50.94 -7.72
CA ARG D 452 11.81 -51.92 -7.06
C ARG D 452 10.39 -51.40 -6.93
N ARG D 453 9.43 -52.31 -6.93
CA ARG D 453 8.03 -51.95 -6.77
C ARG D 453 7.76 -51.51 -5.33
N TRP D 454 6.69 -50.74 -5.17
CA TRP D 454 6.30 -50.18 -3.87
C TRP D 454 4.87 -50.63 -3.57
N GLU D 455 4.74 -51.66 -2.75
CA GLU D 455 3.43 -52.16 -2.35
C GLU D 455 2.92 -51.40 -1.13
N SER D 456 1.60 -51.24 -1.07
CA SER D 456 1.00 -50.48 0.02
C SER D 456 1.24 -51.14 1.37
N ALA D 457 1.15 -52.46 1.44
CA ALA D 457 1.33 -53.16 2.71
C ALA D 457 2.73 -52.91 3.27
N ASP D 458 3.74 -52.91 2.40
CA ASP D 458 5.11 -52.68 2.87
C ASP D 458 5.25 -51.29 3.46
N LEU D 459 4.56 -50.30 2.89
CA LEU D 459 4.68 -48.91 3.29
C LEU D 459 3.66 -48.49 4.34
N GLN D 460 2.78 -49.39 4.75
CA GLN D 460 1.73 -49.03 5.72
C GLN D 460 2.32 -48.58 7.05
N GLU D 461 3.28 -49.35 7.57
CA GLU D 461 3.88 -49.00 8.86
C GLU D 461 4.61 -47.67 8.78
N VAL D 462 5.32 -47.43 7.68
CA VAL D 462 6.03 -46.17 7.51
C VAL D 462 5.04 -45.02 7.46
N MET D 463 3.91 -45.22 6.76
CA MET D 463 2.89 -44.18 6.70
C MET D 463 2.34 -43.87 8.09
N PHE D 464 2.06 -44.91 8.87
CA PHE D 464 1.56 -44.69 10.22
C PHE D 464 2.58 -43.92 11.05
N THR D 465 3.85 -44.31 10.97
CA THR D 465 4.89 -43.62 11.73
C THR D 465 4.98 -42.15 11.32
N ALA D 466 4.89 -41.89 10.02
CA ALA D 466 4.93 -40.50 9.55
C ALA D 466 3.73 -39.72 10.08
N LEU D 467 2.56 -40.34 10.11
CA LEU D 467 1.39 -39.67 10.67
C LEU D 467 1.59 -39.33 12.13
N ILE D 468 2.14 -40.26 12.90
CA ILE D 468 2.29 -40.04 14.34
C ILE D 468 3.24 -38.87 14.61
N LYS D 469 4.37 -38.84 13.91
CA LYS D 469 5.45 -37.92 14.23
C LYS D 469 5.38 -36.61 13.45
N ASP D 470 4.21 -36.27 12.91
CA ASP D 470 4.00 -34.98 12.25
C ASP D 470 4.99 -34.79 11.09
N ARG D 471 4.82 -35.65 10.08
CA ARG D 471 5.65 -35.64 8.88
C ARG D 471 4.72 -35.48 7.67
N PRO D 472 4.24 -34.26 7.41
CA PRO D 472 3.27 -34.07 6.33
C PRO D 472 3.84 -34.30 4.95
N LYS D 473 5.05 -33.80 4.67
CA LYS D 473 5.62 -33.94 3.35
C LYS D 473 5.87 -35.41 3.01
N PHE D 474 6.34 -36.19 3.98
CA PHE D 474 6.48 -37.62 3.76
C PHE D 474 5.14 -38.28 3.52
N VAL D 475 4.08 -37.81 4.18
CA VAL D 475 2.75 -38.34 3.94
C VAL D 475 2.33 -38.08 2.50
N ARG D 476 2.58 -36.86 2.02
CA ARG D 476 2.25 -36.54 0.63
C ARG D 476 3.04 -37.42 -0.33
N LEU D 477 4.33 -37.62 -0.05
CA LEU D 477 5.16 -38.45 -0.92
C LEU D 477 4.63 -39.88 -0.93
N PHE D 478 4.25 -40.42 0.22
CA PHE D 478 3.71 -41.77 0.27
C PHE D 478 2.41 -41.87 -0.51
N LEU D 479 1.54 -40.86 -0.38
CA LEU D 479 0.28 -40.88 -1.11
C LEU D 479 0.53 -40.86 -2.61
N GLU D 480 1.50 -40.06 -3.05
CA GLU D 480 1.81 -40.00 -4.48
C GLU D 480 2.28 -41.35 -5.00
N ASN D 481 3.10 -42.05 -4.22
CA ASN D 481 3.75 -43.28 -4.69
C ASN D 481 2.88 -44.49 -4.36
N GLY D 482 1.71 -44.52 -4.98
CA GLY D 482 0.87 -45.70 -4.99
C GLY D 482 0.43 -46.20 -3.63
N LEU D 483 -0.07 -45.30 -2.79
CA LEU D 483 -0.60 -45.66 -1.49
C LEU D 483 -2.10 -45.41 -1.47
N ASN D 484 -2.87 -46.44 -1.10
CA ASN D 484 -4.32 -46.34 -1.01
C ASN D 484 -4.67 -45.96 0.42
N LEU D 485 -5.03 -44.69 0.63
CA LEU D 485 -5.32 -44.22 1.97
C LEU D 485 -6.64 -44.78 2.49
N GLN D 486 -7.61 -45.01 1.60
CA GLN D 486 -8.89 -45.55 2.04
C GLN D 486 -8.73 -46.91 2.69
N LYS D 487 -7.92 -47.78 2.09
CA LYS D 487 -7.72 -49.11 2.65
C LYS D 487 -6.86 -49.06 3.91
N PHE D 488 -5.93 -48.12 3.98
CA PHE D 488 -5.04 -48.04 5.13
C PHE D 488 -5.81 -47.75 6.42
N LEU D 489 -6.77 -46.85 6.36
CA LEU D 489 -7.48 -46.39 7.55
C LEU D 489 -8.47 -47.48 7.99
N THR D 490 -7.93 -48.49 8.66
CA THR D 490 -8.77 -49.52 9.25
C THR D 490 -9.36 -49.02 10.57
N ASN D 491 -10.42 -49.70 11.01
CA ASN D 491 -11.10 -49.29 12.24
C ASN D 491 -10.16 -49.42 13.43
N GLU D 492 -9.41 -50.52 13.51
CA GLU D 492 -8.50 -50.71 14.63
C GLU D 492 -7.43 -49.63 14.66
N VAL D 493 -6.85 -49.32 13.50
CA VAL D 493 -5.83 -48.26 13.42
C VAL D 493 -6.42 -46.94 13.87
N LEU D 494 -7.62 -46.62 13.39
CA LEU D 494 -8.23 -45.33 13.70
C LEU D 494 -8.53 -45.22 15.20
N THR D 495 -9.09 -46.28 15.79
CA THR D 495 -9.39 -46.21 17.22
C THR D 495 -8.11 -46.12 18.05
N GLU D 496 -7.07 -46.87 17.67
CA GLU D 496 -5.82 -46.78 18.41
C GLU D 496 -5.24 -45.37 18.31
N LEU D 497 -5.28 -44.77 17.11
CA LEU D 497 -4.75 -43.43 16.94
C LEU D 497 -5.54 -42.41 17.74
N PHE D 498 -6.87 -42.55 17.77
CA PHE D 498 -7.68 -41.62 18.54
C PHE D 498 -7.49 -41.81 20.04
N SER D 499 -7.15 -43.02 20.48
CA SER D 499 -7.07 -43.29 21.90
C SER D 499 -5.70 -42.90 22.47
N THR D 500 -4.62 -43.34 21.82
CA THR D 500 -3.30 -43.19 22.41
C THR D 500 -2.66 -41.85 22.05
N HIS D 501 -2.67 -41.48 20.77
CA HIS D 501 -1.96 -40.30 20.29
C HIS D 501 -2.79 -39.03 20.36
N PHE D 502 -4.00 -39.08 20.90
CA PHE D 502 -4.85 -37.90 21.03
C PHE D 502 -4.53 -37.24 22.37
N SER D 503 -3.99 -36.03 22.32
CA SER D 503 -3.55 -35.35 23.53
C SER D 503 -4.69 -35.17 24.51
N THR D 504 -4.40 -35.42 25.79
CA THR D 504 -5.42 -35.27 26.82
C THR D 504 -5.82 -33.81 27.00
N LEU D 505 -4.90 -32.88 26.75
CA LEU D 505 -5.23 -31.46 26.84
C LEU D 505 -6.31 -31.09 25.82
N VAL D 506 -6.17 -31.56 24.59
CA VAL D 506 -7.17 -31.26 23.57
C VAL D 506 -8.50 -31.92 23.91
N TYR D 507 -8.46 -33.11 24.50
CA TYR D 507 -9.70 -33.76 24.93
C TYR D 507 -10.38 -32.95 26.02
N ARG D 508 -9.61 -32.41 26.97
CA ARG D 508 -10.18 -31.54 28.00
C ARG D 508 -10.80 -30.30 27.37
N ASN D 509 -10.10 -29.70 26.41
CA ASN D 509 -10.64 -28.52 25.74
C ASN D 509 -11.94 -28.85 25.02
N LEU D 510 -11.99 -30.01 24.36
CA LEU D 510 -13.21 -30.42 23.68
C LEU D 510 -14.34 -30.66 24.66
N GLN D 511 -14.04 -31.25 25.82
CA GLN D 511 -15.05 -31.42 26.85
C GLN D 511 -15.59 -30.07 27.31
N ILE D 512 -14.69 -29.10 27.52
CA ILE D 512 -15.13 -27.77 27.93
C ILE D 512 -16.04 -27.16 26.88
N ALA D 513 -15.66 -27.25 25.62
CA ALA D 513 -16.48 -26.68 24.54
C ALA D 513 -17.83 -27.37 24.47
N LYS D 514 -17.85 -28.70 24.59
CA LYS D 514 -19.10 -29.43 24.53
C LYS D 514 -20.03 -29.04 25.68
N ASN D 515 -19.48 -28.91 26.89
CA ASN D 515 -20.32 -28.59 28.04
C ASN D 515 -20.81 -27.15 27.97
N SER D 516 -19.97 -26.22 27.54
CA SER D 516 -20.34 -24.80 27.55
C SER D 516 -20.90 -24.37 26.19
N TYR D 517 -20.12 -24.52 25.12
CA TYR D 517 -20.49 -24.04 23.80
C TYR D 517 -20.96 -25.23 22.96
N ASN D 518 -22.16 -25.70 23.26
CA ASN D 518 -22.70 -26.83 22.52
C ASN D 518 -23.23 -26.38 21.16
N ASP D 519 -23.28 -27.31 20.22
CA ASP D 519 -23.72 -27.01 18.87
C ASP D 519 -24.23 -28.29 18.22
N ALA D 520 -25.01 -28.12 17.15
CA ALA D 520 -25.53 -29.26 16.42
C ALA D 520 -24.43 -30.06 15.74
N LEU D 521 -23.26 -29.47 15.51
CA LEU D 521 -22.15 -30.14 14.87
C LEU D 521 -21.13 -30.69 15.87
N LEU D 522 -20.73 -29.88 16.86
CA LEU D 522 -19.72 -30.32 17.81
C LEU D 522 -20.15 -31.57 18.55
N THR D 523 -21.46 -31.73 18.78
CA THR D 523 -21.94 -32.96 19.42
C THR D 523 -21.66 -34.17 18.55
N PHE D 524 -21.79 -34.02 17.23
CA PHE D 524 -21.54 -35.14 16.32
C PHE D 524 -20.09 -35.58 16.40
N VAL D 525 -19.16 -34.62 16.33
CA VAL D 525 -17.74 -34.99 16.39
C VAL D 525 -17.39 -35.54 17.77
N TRP D 526 -18.02 -35.01 18.82
CA TRP D 526 -17.77 -35.57 20.15
C TRP D 526 -18.22 -37.02 20.24
N LYS D 527 -19.40 -37.33 19.68
CA LYS D 527 -19.87 -38.70 19.68
C LYS D 527 -18.95 -39.60 18.87
N LEU D 528 -18.49 -39.10 17.72
CA LEU D 528 -17.57 -39.89 16.89
C LEU D 528 -16.27 -40.17 17.64
N VAL D 529 -15.73 -39.15 18.31
CA VAL D 529 -14.49 -39.32 19.06
C VAL D 529 -14.69 -40.31 20.19
N ALA D 530 -15.81 -40.20 20.90
CA ALA D 530 -16.07 -41.15 21.98
C ALA D 530 -16.19 -42.58 21.45
N ASN D 531 -16.85 -42.75 20.30
CA ASN D 531 -16.99 -44.06 19.72
C ASN D 531 -15.63 -44.65 19.35
N PHE D 532 -14.76 -43.84 18.74
CA PHE D 532 -13.45 -44.34 18.34
C PHE D 532 -12.52 -44.51 19.54
N ARG D 533 -12.79 -43.81 20.65
CA ARG D 533 -11.90 -43.85 21.80
C ARG D 533 -12.24 -45.02 22.72
N ARG D 534 -13.54 -45.26 22.96
CA ARG D 534 -13.94 -46.37 23.81
C ARG D 534 -13.74 -47.70 23.11
N SER D 535 -14.04 -47.76 21.81
CA SER D 535 -13.91 -48.98 21.04
C SER D 535 -13.54 -48.69 19.60
N THR D 558 -14.92 -47.04 9.63
CA THR D 558 -16.20 -46.35 9.66
C THR D 558 -16.65 -45.99 8.25
N ARG D 559 -17.79 -45.31 8.15
CA ARG D 559 -18.32 -44.94 6.84
C ARG D 559 -17.39 -43.96 6.13
N HIS D 560 -16.83 -43.00 6.85
CA HIS D 560 -16.00 -41.94 6.28
C HIS D 560 -14.71 -41.84 7.06
N PRO D 561 -13.78 -42.79 6.87
CA PRO D 561 -12.51 -42.70 7.60
C PRO D 561 -11.72 -41.44 7.29
N LEU D 562 -11.79 -40.97 6.05
CA LEU D 562 -11.06 -39.75 5.69
C LEU D 562 -11.56 -38.56 6.48
N GLN D 563 -12.88 -38.45 6.66
CA GLN D 563 -13.42 -37.35 7.45
C GLN D 563 -12.95 -37.42 8.89
N ALA D 564 -12.92 -38.63 9.46
CA ALA D 564 -12.44 -38.78 10.82
C ALA D 564 -10.98 -38.37 10.94
N LEU D 565 -10.15 -38.77 9.97
CA LEU D 565 -8.74 -38.39 10.01
C LEU D 565 -8.58 -36.88 9.88
N PHE D 566 -9.37 -36.26 9.01
CA PHE D 566 -9.31 -34.81 8.87
C PHE D 566 -9.71 -34.11 10.16
N ILE D 567 -10.75 -34.63 10.82
CA ILE D 567 -11.15 -34.07 12.11
C ILE D 567 -10.04 -34.21 13.13
N TRP D 568 -9.40 -35.38 13.17
CA TRP D 568 -8.30 -35.59 14.11
C TRP D 568 -7.18 -34.59 13.85
N ALA D 569 -6.83 -34.39 12.59
CA ALA D 569 -5.77 -33.43 12.26
C ALA D 569 -6.18 -32.02 12.65
N ILE D 570 -7.45 -31.66 12.44
CA ILE D 570 -7.90 -30.31 12.74
C ILE D 570 -7.87 -30.04 14.23
N LEU D 571 -8.40 -30.99 15.03
CA LEU D 571 -8.52 -30.75 16.46
C LEU D 571 -7.17 -30.48 17.12
N GLN D 572 -6.09 -30.98 16.52
CA GLN D 572 -4.75 -30.79 17.05
C GLN D 572 -4.01 -29.66 16.34
N ASN D 573 -4.72 -28.86 15.54
CA ASN D 573 -4.13 -27.69 14.88
C ASN D 573 -2.92 -28.06 14.03
N LYS D 574 -3.02 -29.17 13.31
CA LYS D 574 -2.00 -29.56 12.35
C LYS D 574 -2.42 -29.01 10.98
N LYS D 575 -1.64 -28.05 10.47
CA LYS D 575 -2.03 -27.34 9.26
C LYS D 575 -1.70 -28.16 8.02
N GLU D 576 -0.41 -28.46 7.81
CA GLU D 576 0.00 -29.12 6.57
C GLU D 576 -0.64 -30.50 6.44
N LEU D 577 -0.67 -31.26 7.55
CA LEU D 577 -1.29 -32.58 7.50
C LEU D 577 -2.77 -32.46 7.18
N SER D 578 -3.45 -31.47 7.76
CA SER D 578 -4.87 -31.27 7.48
C SER D 578 -5.09 -30.95 6.02
N LYS D 579 -4.25 -30.09 5.43
CA LYS D 579 -4.39 -29.80 4.01
C LYS D 579 -4.16 -31.04 3.16
N VAL D 580 -3.16 -31.84 3.52
CA VAL D 580 -2.87 -33.05 2.75
C VAL D 580 -4.05 -34.00 2.80
N ILE D 581 -4.63 -34.19 3.97
CA ILE D 581 -5.80 -35.06 4.08
C ILE D 581 -6.98 -34.46 3.34
N TRP D 582 -7.12 -33.14 3.37
CA TRP D 582 -8.25 -32.49 2.70
C TRP D 582 -8.17 -32.69 1.20
N GLU D 583 -6.96 -32.63 0.64
CA GLU D 583 -6.82 -32.82 -0.80
C GLU D 583 -7.39 -34.15 -1.27
N GLN D 584 -7.45 -35.15 -0.40
CA GLN D 584 -7.98 -36.46 -0.75
C GLN D 584 -9.47 -36.62 -0.47
N THR D 585 -10.10 -35.67 0.21
CA THR D 585 -11.50 -35.80 0.56
C THR D 585 -12.39 -35.56 -0.65
N LYS D 586 -13.61 -36.10 -0.57
CA LYS D 586 -14.59 -35.90 -1.64
C LYS D 586 -15.32 -34.56 -1.46
N GLY D 587 -16.00 -34.39 -0.34
CA GLY D 587 -16.69 -33.13 -0.06
C GLY D 587 -15.71 -32.08 0.39
N CYS D 588 -14.89 -31.60 -0.54
CA CYS D 588 -13.79 -30.71 -0.19
C CYS D 588 -14.29 -29.41 0.41
N THR D 589 -15.20 -28.73 -0.29
CA THR D 589 -15.72 -27.46 0.21
C THR D 589 -16.57 -27.67 1.47
N LEU D 590 -17.38 -28.74 1.48
CA LEU D 590 -18.16 -29.05 2.65
C LEU D 590 -17.25 -29.34 3.84
N ALA D 591 -16.18 -30.10 3.61
CA ALA D 591 -15.23 -30.40 4.68
C ALA D 591 -14.57 -29.12 5.18
N ALA D 592 -14.22 -28.22 4.26
CA ALA D 592 -13.60 -26.97 4.68
C ALA D 592 -14.56 -26.14 5.53
N LEU D 593 -15.82 -26.05 5.12
CA LEU D 593 -16.80 -25.31 5.91
C LEU D 593 -16.97 -25.92 7.29
N GLY D 594 -17.08 -27.25 7.35
CA GLY D 594 -17.22 -27.91 8.64
C GLY D 594 -16.02 -27.70 9.52
N ALA D 595 -14.82 -27.76 8.95
CA ALA D 595 -13.61 -27.52 9.72
C ALA D 595 -13.57 -26.09 10.23
N SER D 596 -13.98 -25.13 9.40
CA SER D 596 -14.01 -23.74 9.84
C SER D 596 -14.96 -23.57 11.02
N LYS D 597 -16.16 -24.15 10.92
CA LYS D 597 -17.11 -24.03 12.03
C LYS D 597 -16.58 -24.69 13.29
N LEU D 598 -16.00 -25.88 13.16
CA LEU D 598 -15.49 -26.59 14.33
C LEU D 598 -14.35 -25.82 14.98
N LEU D 599 -13.44 -25.28 14.17
CA LEU D 599 -12.34 -24.50 14.71
C LEU D 599 -12.83 -23.22 15.38
N LYS D 600 -13.82 -22.57 14.79
CA LYS D 600 -14.36 -21.36 15.39
C LYS D 600 -15.01 -21.65 16.75
N THR D 601 -15.80 -22.72 16.82
CA THR D 601 -16.43 -23.05 18.09
C THR D 601 -15.42 -23.55 19.12
N LEU D 602 -14.30 -24.11 18.65
CA LEU D 602 -13.24 -24.51 19.58
C LEU D 602 -12.47 -23.31 20.09
N ALA D 603 -12.26 -22.30 19.24
CA ALA D 603 -11.50 -21.13 19.63
C ALA D 603 -12.27 -20.24 20.60
N LYS D 604 -13.60 -20.29 20.58
CA LYS D 604 -14.37 -19.50 21.51
C LYS D 604 -14.12 -19.90 22.95
N VAL D 605 -13.53 -21.08 23.17
CA VAL D 605 -13.10 -21.44 24.51
C VAL D 605 -11.94 -20.55 24.94
N LYS D 606 -11.70 -20.51 26.25
CA LYS D 606 -10.70 -19.61 26.81
C LYS D 606 -9.77 -20.32 27.80
N ASN D 607 -9.66 -21.65 27.72
CA ASN D 607 -8.71 -22.36 28.57
C ASN D 607 -7.28 -21.94 28.26
N ASP D 608 -6.93 -21.84 26.98
CA ASP D 608 -5.61 -21.40 26.56
C ASP D 608 -5.76 -20.51 25.33
N ILE D 609 -5.06 -19.38 25.35
CA ILE D 609 -5.22 -18.37 24.30
C ILE D 609 -4.51 -18.80 23.02
N ASN D 610 -3.30 -19.34 23.15
CA ASN D 610 -2.49 -19.60 21.97
C ASN D 610 -3.17 -20.61 21.04
N ALA D 611 -3.67 -21.72 21.60
CA ALA D 611 -4.33 -22.72 20.77
C ALA D 611 -5.59 -22.15 20.13
N ALA D 612 -6.35 -21.34 20.88
CA ALA D 612 -7.56 -20.75 20.32
C ALA D 612 -7.22 -19.83 19.15
N GLY D 613 -6.19 -19.01 19.29
CA GLY D 613 -5.80 -18.14 18.19
C GLY D 613 -5.32 -18.91 16.98
N GLU D 614 -4.54 -19.97 17.21
CA GLU D 614 -4.10 -20.81 16.11
C GLU D 614 -5.29 -21.42 15.38
N SER D 615 -6.25 -21.94 16.14
CA SER D 615 -7.45 -22.52 15.54
C SER D 615 -8.24 -21.47 14.77
N GLU D 616 -8.32 -20.26 15.30
CA GLU D 616 -9.07 -19.21 14.62
C GLU D 616 -8.43 -18.84 13.28
N GLU D 617 -7.10 -18.70 13.27
CA GLU D 617 -6.44 -18.39 12.00
C GLU D 617 -6.58 -19.54 11.01
N LEU D 618 -6.48 -20.78 11.49
CA LEU D 618 -6.67 -21.92 10.60
C LEU D 618 -8.08 -21.94 10.04
N ALA D 619 -9.07 -21.60 10.87
CA ALA D 619 -10.45 -21.56 10.41
C ALA D 619 -10.63 -20.51 9.32
N ASN D 620 -10.05 -19.32 9.53
CA ASN D 620 -10.13 -18.29 8.50
C ASN D 620 -9.48 -18.76 7.21
N GLU D 621 -8.33 -19.44 7.33
CA GLU D 621 -7.65 -19.96 6.14
C GLU D 621 -8.51 -20.95 5.39
N TYR D 622 -9.15 -21.88 6.11
CA TYR D 622 -9.99 -22.86 5.45
C TYR D 622 -11.23 -22.22 4.84
N GLU D 623 -11.79 -21.21 5.51
CA GLU D 623 -12.91 -20.48 4.94
C GLU D 623 -12.53 -19.81 3.64
N THR D 624 -11.36 -19.18 3.61
CA THR D 624 -10.88 -18.55 2.38
C THR D 624 -10.69 -19.60 1.28
N ARG D 625 -10.11 -20.75 1.64
CA ARG D 625 -9.93 -21.80 0.65
C ARG D 625 -11.26 -22.24 0.06
N ALA D 626 -12.26 -22.46 0.91
CA ALA D 626 -13.56 -22.88 0.42
C ALA D 626 -14.18 -21.82 -0.47
N VAL D 627 -14.09 -20.56 -0.06
CA VAL D 627 -14.67 -19.48 -0.86
C VAL D 627 -14.04 -19.44 -2.24
N GLU D 628 -12.71 -19.47 -2.30
CA GLU D 628 -12.04 -19.42 -3.59
C GLU D 628 -12.37 -20.63 -4.45
N LEU D 629 -12.39 -21.82 -3.83
CA LEU D 629 -12.67 -23.03 -4.59
C LEU D 629 -14.07 -22.99 -5.17
N PHE D 630 -15.05 -22.57 -4.38
CA PHE D 630 -16.41 -22.54 -4.90
C PHE D 630 -16.60 -21.41 -5.92
N THR D 631 -15.87 -20.31 -5.76
CA THR D 631 -15.94 -19.26 -6.78
C THR D 631 -15.44 -19.78 -8.11
N GLU D 632 -14.30 -20.49 -8.11
CA GLU D 632 -13.81 -21.10 -9.34
C GLU D 632 -14.79 -22.14 -9.86
N CYS D 633 -15.37 -22.93 -8.96
CA CYS D 633 -16.31 -23.97 -9.36
C CYS D 633 -17.53 -23.38 -10.05
N TYR D 634 -18.06 -22.29 -9.52
CA TYR D 634 -19.21 -21.63 -10.14
C TYR D 634 -18.83 -20.95 -11.44
N SER D 635 -17.61 -20.39 -11.51
CA SER D 635 -17.17 -19.77 -12.75
C SER D 635 -17.08 -20.80 -13.87
N ASN D 636 -16.55 -21.99 -13.57
CA ASN D 636 -16.43 -23.01 -14.60
C ASN D 636 -17.80 -23.48 -15.08
N ASP D 637 -18.73 -23.69 -14.15
CA ASP D 637 -20.07 -24.13 -14.51
C ASP D 637 -21.05 -23.65 -13.44
N GLU D 638 -22.32 -23.59 -13.81
CA GLU D 638 -23.36 -23.02 -12.96
C GLU D 638 -24.26 -24.09 -12.35
N ASP D 639 -24.88 -24.93 -13.18
CA ASP D 639 -25.84 -25.90 -12.66
C ASP D 639 -25.19 -26.88 -11.71
N LEU D 640 -24.01 -27.41 -12.08
CA LEU D 640 -23.35 -28.39 -11.23
C LEU D 640 -22.96 -27.77 -9.88
N ALA D 641 -22.53 -26.52 -9.89
CA ALA D 641 -22.18 -25.86 -8.64
C ALA D 641 -23.38 -25.76 -7.73
N GLU D 642 -24.54 -25.39 -8.27
CA GLU D 642 -25.75 -25.31 -7.45
C GLU D 642 -26.15 -26.68 -6.93
N GLN D 643 -26.05 -27.72 -7.76
CA GLN D 643 -26.38 -29.06 -7.31
C GLN D 643 -25.47 -29.48 -6.17
N LEU D 644 -24.17 -29.19 -6.28
CA LEU D 644 -23.25 -29.52 -5.21
C LEU D 644 -23.56 -28.74 -3.95
N LEU D 645 -23.87 -27.46 -4.09
CA LEU D 645 -24.14 -26.62 -2.92
C LEU D 645 -25.36 -27.12 -2.17
N VAL D 646 -26.44 -27.43 -2.90
CA VAL D 646 -27.64 -27.95 -2.25
C VAL D 646 -27.53 -29.41 -1.89
N TYR D 647 -26.51 -30.11 -2.42
CA TYR D 647 -26.39 -31.54 -2.19
C TYR D 647 -26.03 -31.84 -0.74
N SER D 648 -26.68 -32.87 -0.19
CA SER D 648 -26.38 -33.36 1.14
C SER D 648 -25.56 -34.63 1.03
N CYS D 649 -24.46 -34.69 1.77
CA CYS D 649 -23.51 -35.80 1.66
C CYS D 649 -24.03 -37.01 2.42
N GLU D 650 -23.18 -38.03 2.56
CA GLU D 650 -23.50 -39.22 3.34
C GLU D 650 -23.20 -38.97 4.82
N ALA D 651 -23.80 -37.89 5.33
CA ALA D 651 -23.71 -37.52 6.74
C ALA D 651 -22.27 -37.22 7.16
N TRP D 652 -21.68 -36.22 6.50
CA TRP D 652 -20.44 -35.63 7.03
C TRP D 652 -20.70 -35.04 8.41
N GLY D 653 -21.72 -34.20 8.52
CA GLY D 653 -22.17 -33.68 9.79
C GLY D 653 -23.68 -33.54 9.81
N GLY D 654 -24.35 -34.23 8.89
CA GLY D 654 -25.79 -34.12 8.78
C GLY D 654 -26.29 -32.82 8.18
N SER D 655 -25.45 -32.14 7.39
CA SER D 655 -25.82 -30.85 6.81
C SER D 655 -25.07 -30.64 5.52
N ASN D 656 -25.54 -29.67 4.74
CA ASN D 656 -24.92 -29.31 3.47
C ASN D 656 -24.00 -28.11 3.67
N CYS D 657 -23.41 -27.65 2.57
CA CYS D 657 -22.50 -26.52 2.64
C CYS D 657 -23.22 -25.25 3.11
N LEU D 658 -24.42 -25.01 2.60
CA LEU D 658 -25.14 -23.80 2.93
C LEU D 658 -25.50 -23.75 4.40
N GLU D 659 -25.97 -24.87 4.95
CA GLU D 659 -26.34 -24.91 6.37
C GLU D 659 -25.14 -24.65 7.26
N LEU D 660 -24.00 -25.27 6.96
CA LEU D 660 -22.80 -25.02 7.75
C LEU D 660 -22.36 -23.57 7.63
N ALA D 661 -22.40 -23.02 6.42
CA ALA D 661 -21.97 -21.64 6.23
C ALA D 661 -22.83 -20.68 7.03
N VAL D 662 -24.16 -20.88 7.02
CA VAL D 662 -25.04 -19.98 7.76
C VAL D 662 -24.87 -20.20 9.26
N GLU D 663 -24.70 -21.45 9.69
CA GLU D 663 -24.52 -21.73 11.12
C GLU D 663 -23.24 -21.09 11.63
N ALA D 664 -22.18 -21.10 10.84
CA ALA D 664 -20.92 -20.49 11.22
C ALA D 664 -20.91 -18.98 11.00
N THR D 665 -22.01 -18.41 10.49
CA THR D 665 -22.09 -16.99 10.21
C THR D 665 -20.98 -16.56 9.24
N ASP D 666 -20.72 -17.42 8.25
CA ASP D 666 -19.70 -17.15 7.24
C ASP D 666 -20.29 -16.20 6.21
N GLN D 667 -20.40 -14.94 6.61
CA GLN D 667 -21.01 -13.93 5.74
C GLN D 667 -20.24 -13.80 4.43
N HIS D 668 -18.92 -13.98 4.46
CA HIS D 668 -18.13 -13.81 3.24
C HIS D 668 -18.47 -14.86 2.20
N PHE D 669 -18.66 -16.11 2.63
CA PHE D 669 -18.89 -17.19 1.68
C PHE D 669 -20.27 -17.07 1.05
N ILE D 670 -21.30 -16.82 1.85
CA ILE D 670 -22.67 -16.80 1.34
C ILE D 670 -23.00 -15.50 0.63
N ALA D 671 -22.09 -14.52 0.65
CA ALA D 671 -22.30 -13.26 -0.03
C ALA D 671 -21.67 -13.25 -1.44
N GLN D 672 -21.11 -14.37 -1.88
CA GLN D 672 -20.47 -14.41 -3.17
C GLN D 672 -21.51 -14.34 -4.29
N PRO D 673 -21.11 -13.86 -5.47
CA PRO D 673 -22.11 -13.71 -6.55
C PRO D 673 -22.82 -14.98 -6.93
N GLY D 674 -22.12 -16.13 -6.92
CA GLY D 674 -22.77 -17.36 -7.29
C GLY D 674 -23.88 -17.76 -6.34
N VAL D 675 -23.61 -17.66 -5.04
CA VAL D 675 -24.63 -18.02 -4.05
C VAL D 675 -25.80 -17.05 -4.13
N GLN D 676 -25.52 -15.76 -4.30
CA GLN D 676 -26.59 -14.79 -4.42
C GLN D 676 -27.44 -15.05 -5.66
N ASN D 677 -26.80 -15.43 -6.78
CA ASN D 677 -27.55 -15.76 -7.98
C ASN D 677 -28.43 -16.98 -7.74
N PHE D 678 -27.90 -17.98 -7.05
CA PHE D 678 -28.70 -19.16 -6.74
C PHE D 678 -29.90 -18.79 -5.88
N LEU D 679 -29.69 -17.95 -4.87
CA LEU D 679 -30.80 -17.50 -4.02
C LEU D 679 -31.83 -16.73 -4.83
N SER D 680 -31.37 -15.86 -5.73
CA SER D 680 -32.30 -15.09 -6.55
C SER D 680 -33.11 -16.00 -7.46
N LYS D 681 -32.45 -17.01 -8.05
CA LYS D 681 -33.18 -17.97 -8.88
C LYS D 681 -34.23 -18.70 -8.07
N GLN D 682 -33.89 -19.10 -6.85
CA GLN D 682 -34.87 -19.76 -5.99
C GLN D 682 -36.02 -18.82 -5.64
N TRP D 683 -35.70 -17.55 -5.40
CA TRP D 683 -36.71 -16.58 -4.98
C TRP D 683 -37.69 -16.28 -6.11
N TYR D 684 -37.18 -15.99 -7.30
CA TYR D 684 -38.06 -15.73 -8.43
C TYR D 684 -38.74 -17.00 -8.92
N GLY D 685 -38.08 -18.15 -8.77
CA GLY D 685 -38.65 -19.40 -9.21
C GLY D 685 -38.69 -19.53 -10.71
N GLU D 686 -39.78 -20.09 -11.23
CA GLU D 686 -39.89 -20.29 -12.67
C GLU D 686 -39.95 -18.97 -13.44
N ILE D 687 -40.28 -17.87 -12.76
CA ILE D 687 -40.32 -16.59 -13.44
C ILE D 687 -38.94 -16.23 -13.96
N SER D 688 -38.90 -15.50 -15.06
CA SER D 688 -37.63 -15.06 -15.62
C SER D 688 -36.92 -14.11 -14.66
N ARG D 689 -35.61 -14.32 -14.51
CA ARG D 689 -34.84 -13.53 -13.57
C ARG D 689 -34.73 -12.07 -14.00
N ASP D 690 -34.73 -11.81 -15.30
CA ASP D 690 -34.37 -10.50 -15.83
C ASP D 690 -35.58 -9.62 -16.17
N THR D 691 -36.79 -10.11 -15.99
CA THR D 691 -37.96 -9.30 -16.32
C THR D 691 -38.14 -8.17 -15.31
N LYS D 692 -38.65 -7.05 -15.81
CA LYS D 692 -38.81 -5.87 -14.98
C LYS D 692 -39.88 -6.11 -13.90
N ASN D 693 -39.69 -5.47 -12.75
CA ASN D 693 -40.55 -5.73 -11.60
C ASN D 693 -41.96 -5.17 -11.81
N TRP D 694 -42.08 -3.97 -12.37
CA TRP D 694 -43.40 -3.37 -12.52
C TRP D 694 -44.29 -4.25 -13.39
N LYS D 695 -43.72 -4.95 -14.36
CA LYS D 695 -44.50 -5.91 -15.14
C LYS D 695 -45.10 -6.98 -14.24
N ILE D 696 -44.29 -7.51 -13.31
CA ILE D 696 -44.78 -8.54 -12.40
C ILE D 696 -45.87 -7.97 -11.50
N ILE D 697 -45.69 -6.72 -11.05
CA ILE D 697 -46.70 -6.12 -10.18
C ILE D 697 -48.03 -5.96 -10.91
N LEU D 698 -47.97 -5.45 -12.14
CA LEU D 698 -49.19 -5.31 -12.93
C LEU D 698 -49.85 -6.65 -13.19
N CYS D 699 -49.04 -7.68 -13.49
CA CYS D 699 -49.60 -9.01 -13.67
C CYS D 699 -50.23 -9.53 -12.39
N LEU D 700 -49.64 -9.20 -11.24
CA LEU D 700 -50.21 -9.61 -9.96
C LEU D 700 -51.57 -8.98 -9.74
N PHE D 701 -51.65 -7.66 -9.89
CA PHE D 701 -52.94 -6.99 -9.68
C PHE D 701 -53.95 -7.38 -10.75
N ILE D 702 -53.49 -7.53 -11.99
CA ILE D 702 -54.37 -7.85 -13.12
C ILE D 702 -54.08 -9.29 -13.53
N ILE D 703 -54.99 -10.19 -13.16
CA ILE D 703 -54.85 -11.62 -13.43
C ILE D 703 -54.84 -11.89 -14.93
N PRO D 704 -55.82 -11.39 -15.70
CA PRO D 704 -55.88 -11.79 -17.12
C PRO D 704 -54.64 -11.44 -17.92
N LEU D 705 -53.94 -10.35 -17.56
CA LEU D 705 -52.77 -9.94 -18.32
C LEU D 705 -51.61 -10.91 -18.21
N VAL D 706 -51.65 -11.81 -17.21
CA VAL D 706 -50.50 -12.67 -16.96
C VAL D 706 -50.24 -13.61 -18.13
N GLY D 707 -51.29 -14.26 -18.63
CA GLY D 707 -51.12 -15.32 -19.60
C GLY D 707 -51.03 -14.87 -21.04
N CYS D 708 -51.16 -13.57 -21.30
CA CYS D 708 -51.27 -13.05 -22.67
C CYS D 708 -50.30 -11.91 -22.89
N GLY D 709 -49.04 -12.09 -22.50
CA GLY D 709 -48.05 -11.07 -22.81
C GLY D 709 -46.77 -11.03 -21.99
N LEU D 710 -46.46 -9.83 -21.48
CA LEU D 710 -45.13 -9.42 -21.05
C LEU D 710 -44.57 -10.22 -19.87
N VAL D 711 -45.22 -11.29 -19.41
CA VAL D 711 -44.67 -12.06 -18.30
C VAL D 711 -43.29 -12.61 -18.63
N SER D 712 -43.12 -13.14 -19.85
CA SER D 712 -41.82 -13.60 -20.33
C SER D 712 -41.19 -14.61 -19.37
N PHE D 713 -41.86 -15.76 -19.21
CA PHE D 713 -41.36 -16.83 -18.37
C PHE D 713 -39.99 -17.32 -18.82
N ARG D 714 -39.17 -17.78 -17.89
CA ARG D 714 -37.87 -18.36 -18.24
C ARG D 714 -38.05 -19.64 -19.04
N LYS D 715 -38.90 -20.54 -18.56
CA LYS D 715 -39.11 -21.82 -19.23
C LYS D 715 -40.19 -21.73 -20.30
N LYS D 723 -47.71 -25.31 -21.42
CA LYS D 723 -48.87 -24.70 -22.05
C LYS D 723 -49.37 -23.51 -21.23
N LEU D 724 -50.49 -22.94 -21.65
CA LEU D 724 -51.00 -21.75 -20.98
C LEU D 724 -51.33 -22.04 -19.53
N LEU D 725 -51.98 -23.18 -19.26
CA LEU D 725 -52.25 -23.56 -17.88
C LEU D 725 -50.95 -23.76 -17.12
N TRP D 726 -49.93 -24.33 -17.77
CA TRP D 726 -48.62 -24.45 -17.16
C TRP D 726 -48.07 -23.07 -16.81
N TYR D 727 -48.20 -22.10 -17.72
CA TYR D 727 -47.73 -20.76 -17.44
C TYR D 727 -48.42 -20.18 -16.20
N TYR D 728 -49.74 -20.33 -16.13
CA TYR D 728 -50.49 -19.76 -15.02
C TYR D 728 -50.10 -20.42 -13.70
N VAL D 729 -50.02 -21.76 -13.68
CA VAL D 729 -49.69 -22.45 -12.43
C VAL D 729 -48.27 -22.10 -11.99
N ALA D 730 -47.35 -21.99 -12.95
CA ALA D 730 -45.99 -21.59 -12.60
C ALA D 730 -45.97 -20.19 -12.03
N PHE D 731 -46.77 -19.28 -12.61
CA PHE D 731 -46.83 -17.91 -12.09
C PHE D 731 -47.34 -17.89 -10.66
N PHE D 732 -48.40 -18.66 -10.38
CA PHE D 732 -49.00 -18.63 -9.04
C PHE D 732 -48.25 -19.47 -8.02
N THR D 733 -47.25 -20.25 -8.44
CA THR D 733 -46.43 -21.02 -7.52
C THR D 733 -45.10 -20.34 -7.22
N SER D 734 -44.85 -19.15 -7.78
CA SER D 734 -43.57 -18.51 -7.57
C SER D 734 -43.48 -17.94 -6.15
N PRO D 735 -42.33 -18.10 -5.48
CA PRO D 735 -42.22 -17.54 -4.12
C PRO D 735 -42.41 -16.03 -4.08
N PHE D 736 -41.93 -15.31 -5.11
CA PHE D 736 -42.03 -13.86 -5.09
C PHE D 736 -43.49 -13.40 -5.15
N VAL D 737 -44.28 -14.01 -6.04
CA VAL D 737 -45.69 -13.67 -6.12
C VAL D 737 -46.39 -14.02 -4.82
N VAL D 738 -46.02 -15.15 -4.21
CA VAL D 738 -46.60 -15.54 -2.93
C VAL D 738 -46.31 -14.49 -1.87
N PHE D 739 -45.07 -14.03 -1.81
CA PHE D 739 -44.69 -13.02 -0.82
C PHE D 739 -45.45 -11.72 -1.05
N SER D 740 -45.58 -11.30 -2.31
CA SER D 740 -46.30 -10.06 -2.59
C SER D 740 -47.78 -10.18 -2.19
N TRP D 741 -48.40 -11.31 -2.55
CA TRP D 741 -49.80 -11.51 -2.18
C TRP D 741 -49.95 -11.61 -0.67
N ASN D 742 -48.95 -12.17 0.01
CA ASN D 742 -49.01 -12.28 1.46
C ASN D 742 -48.90 -10.93 2.13
N VAL D 743 -48.05 -10.05 1.61
CA VAL D 743 -47.97 -8.70 2.20
C VAL D 743 -49.26 -7.94 1.94
N VAL D 744 -49.85 -8.12 0.76
CA VAL D 744 -51.14 -7.50 0.48
C VAL D 744 -52.19 -8.01 1.48
N PHE D 745 -52.24 -9.33 1.67
CA PHE D 745 -53.21 -9.91 2.59
C PHE D 745 -52.97 -9.43 4.02
N TYR D 746 -51.70 -9.28 4.41
CA TYR D 746 -51.38 -8.80 5.75
C TYR D 746 -51.83 -7.35 5.93
N ILE D 747 -51.66 -6.52 4.89
CA ILE D 747 -52.15 -5.15 4.98
C ILE D 747 -53.67 -5.13 5.13
N ALA D 748 -54.35 -5.97 4.35
CA ALA D 748 -55.80 -6.05 4.47
C ALA D 748 -56.20 -6.52 5.87
N PHE D 749 -55.46 -7.48 6.42
CA PHE D 749 -55.73 -7.98 7.77
C PHE D 749 -55.56 -6.87 8.80
N LEU D 750 -54.50 -6.08 8.68
CA LEU D 750 -54.30 -4.97 9.62
C LEU D 750 -55.40 -3.93 9.50
N LEU D 751 -55.83 -3.63 8.26
CA LEU D 751 -56.91 -2.66 8.09
C LEU D 751 -58.19 -3.17 8.73
N LEU D 752 -58.52 -4.45 8.53
CA LEU D 752 -59.70 -5.03 9.16
C LEU D 752 -59.56 -5.03 10.68
N PHE D 753 -58.34 -5.28 11.17
CA PHE D 753 -58.11 -5.27 12.61
C PHE D 753 -58.39 -3.89 13.19
N ALA D 754 -57.92 -2.83 12.52
CA ALA D 754 -58.23 -1.48 12.95
C ALA D 754 -59.74 -1.24 12.91
N TYR D 755 -60.38 -1.67 11.82
CA TYR D 755 -61.81 -1.43 11.65
C TYR D 755 -62.61 -2.07 12.78
N VAL D 756 -62.25 -3.30 13.16
CA VAL D 756 -63.03 -4.02 14.16
C VAL D 756 -62.64 -3.69 15.60
N LEU D 757 -61.40 -3.26 15.83
CA LEU D 757 -60.97 -2.85 17.16
C LEU D 757 -61.29 -1.40 17.46
N LEU D 758 -61.67 -0.62 16.46
CA LEU D 758 -61.86 0.81 16.62
C LEU D 758 -63.32 1.24 16.48
N MET D 759 -64.01 0.76 15.45
CA MET D 759 -65.35 1.24 15.14
C MET D 759 -66.47 0.25 15.42
N ASP D 760 -66.16 -1.05 15.49
CA ASP D 760 -67.19 -2.08 15.68
C ASP D 760 -66.78 -2.96 16.86
N PHE D 761 -67.34 -2.66 18.03
CA PHE D 761 -67.11 -3.46 19.23
C PHE D 761 -68.36 -3.38 20.11
N HIS D 762 -68.77 -4.53 20.64
CA HIS D 762 -69.95 -4.60 21.49
C HIS D 762 -69.79 -5.75 22.46
N SER D 763 -70.63 -5.76 23.50
CA SER D 763 -70.62 -6.85 24.46
C SER D 763 -70.92 -8.19 23.82
N VAL D 764 -71.59 -8.19 22.66
CA VAL D 764 -71.89 -9.42 21.95
C VAL D 764 -70.94 -9.53 20.76
N PRO D 765 -70.57 -10.74 20.34
CA PRO D 765 -69.65 -10.87 19.20
C PRO D 765 -70.28 -10.37 17.91
N HIS D 766 -69.42 -9.89 17.00
CA HIS D 766 -69.82 -9.49 15.66
C HIS D 766 -68.99 -10.26 14.64
N THR D 767 -69.53 -10.37 13.43
CA THR D 767 -68.88 -11.19 12.41
C THR D 767 -67.44 -10.76 12.12
N PRO D 768 -67.11 -9.47 12.00
CA PRO D 768 -65.72 -9.13 11.71
C PRO D 768 -64.76 -9.64 12.77
N GLU D 769 -65.17 -9.62 14.04
CA GLU D 769 -64.31 -10.11 15.10
C GLU D 769 -64.04 -11.61 14.95
N LEU D 770 -65.09 -12.39 14.62
CA LEU D 770 -64.90 -13.82 14.39
C LEU D 770 -63.99 -14.07 13.21
N ILE D 771 -64.15 -13.30 12.14
CA ILE D 771 -63.28 -13.45 10.97
C ILE D 771 -61.83 -13.18 11.37
N LEU D 772 -61.61 -12.12 12.15
CA LEU D 772 -60.26 -11.79 12.59
C LEU D 772 -59.70 -12.90 13.46
N TYR D 773 -60.55 -13.53 14.27
CA TYR D 773 -60.10 -14.68 15.06
C TYR D 773 -59.60 -15.81 14.17
N ALA D 774 -60.32 -16.09 13.08
CA ALA D 774 -59.85 -17.11 12.15
C ALA D 774 -58.52 -16.71 11.51
N LEU D 775 -58.41 -15.44 11.12
CA LEU D 775 -57.16 -14.99 10.49
C LEU D 775 -55.98 -15.12 11.44
N VAL D 776 -56.15 -14.69 12.69
CA VAL D 776 -55.06 -14.79 13.66
C VAL D 776 -54.76 -16.25 13.96
N PHE D 777 -55.79 -17.11 13.95
CA PHE D 777 -55.53 -18.53 14.12
C PHE D 777 -54.69 -19.09 12.97
N VAL D 778 -54.94 -18.62 11.75
CA VAL D 778 -54.11 -19.02 10.62
C VAL D 778 -52.67 -18.58 10.83
N LEU D 779 -52.49 -17.34 11.28
CA LEU D 779 -51.14 -16.85 11.56
C LEU D 779 -50.46 -17.71 12.62
N PHE D 780 -51.21 -18.07 13.67
CA PHE D 780 -50.64 -18.89 14.74
C PHE D 780 -50.27 -20.28 14.22
N CYS D 781 -51.10 -20.85 13.34
CA CYS D 781 -50.78 -22.15 12.78
C CYS D 781 -49.49 -22.08 11.97
N ASP D 782 -49.33 -21.03 11.17
CA ASP D 782 -48.09 -20.87 10.42
C ASP D 782 -46.90 -20.70 11.37
N GLU D 783 -47.10 -19.95 12.47
CA GLU D 783 -46.00 -19.75 13.42
C GLU D 783 -45.59 -21.06 14.06
N VAL D 784 -46.55 -21.88 14.47
CA VAL D 784 -46.21 -23.16 15.10
C VAL D 784 -45.55 -24.09 14.07
N ARG D 785 -46.00 -24.03 12.82
CA ARG D 785 -45.29 -24.77 11.77
C ARG D 785 -43.83 -24.34 11.71
N GLN D 786 -43.59 -23.03 11.81
CA GLN D 786 -42.21 -22.54 11.83
C GLN D 786 -41.45 -23.11 13.02
N TRP D 787 -42.08 -23.10 14.20
CA TRP D 787 -41.40 -23.55 15.42
C TRP D 787 -41.10 -25.05 15.36
N TYR D 788 -41.85 -25.79 14.55
CA TYR D 788 -41.68 -27.24 14.51
C TYR D 788 -40.27 -27.63 14.06
N MET D 789 -39.63 -26.79 13.24
CA MET D 789 -38.31 -27.08 12.70
C MET D 789 -37.26 -26.24 13.42
N ASN D 790 -36.25 -26.91 13.97
CA ASN D 790 -35.16 -26.24 14.69
C ASN D 790 -35.71 -25.25 15.70
N GLY D 791 -36.43 -25.78 16.70
CA GLY D 791 -37.08 -24.91 17.66
C GLY D 791 -36.12 -23.99 18.37
N VAL D 792 -35.01 -24.52 18.86
CA VAL D 792 -34.03 -23.71 19.57
C VAL D 792 -33.43 -22.66 18.63
N ASN D 793 -32.96 -23.11 17.46
CA ASN D 793 -32.39 -22.17 16.50
C ASN D 793 -33.44 -21.22 15.95
N TYR D 794 -34.67 -21.69 15.77
CA TYR D 794 -35.74 -20.81 15.31
C TYR D 794 -35.99 -19.70 16.32
N PHE D 795 -36.04 -20.04 17.61
CA PHE D 795 -36.19 -19.02 18.64
C PHE D 795 -34.96 -18.13 18.76
N THR D 796 -33.79 -18.63 18.35
CA THR D 796 -32.58 -17.81 18.39
C THR D 796 -32.69 -16.61 17.47
N ASP D 797 -33.54 -16.69 16.44
CA ASP D 797 -33.68 -15.59 15.50
C ASP D 797 -34.27 -14.36 16.19
N LEU D 798 -33.88 -13.17 15.72
CA LEU D 798 -34.35 -11.93 16.33
C LEU D 798 -35.83 -11.71 16.04
N TRP D 799 -36.21 -11.64 14.77
CA TRP D 799 -37.61 -11.43 14.41
C TRP D 799 -38.49 -12.53 14.97
N ASN D 800 -37.93 -13.74 15.12
CA ASN D 800 -38.68 -14.84 15.71
C ASN D 800 -39.11 -14.49 17.12
N VAL D 801 -38.24 -13.84 17.89
CA VAL D 801 -38.59 -13.46 19.26
C VAL D 801 -39.80 -12.54 19.25
N MET D 802 -39.79 -11.52 18.39
CA MET D 802 -40.89 -10.56 18.36
C MET D 802 -42.19 -11.23 17.93
N ASP D 803 -42.15 -11.99 16.83
CA ASP D 803 -43.39 -12.60 16.34
C ASP D 803 -43.93 -13.62 17.33
N THR D 804 -43.06 -14.42 17.95
CA THR D 804 -43.51 -15.36 18.96
C THR D 804 -44.13 -14.65 20.15
N LEU D 805 -43.51 -13.54 20.58
CA LEU D 805 -44.05 -12.80 21.72
C LEU D 805 -45.44 -12.26 21.41
N GLY D 806 -45.65 -11.79 20.18
CA GLY D 806 -46.94 -11.19 19.85
C GLY D 806 -48.10 -12.14 20.09
N LEU D 807 -47.91 -13.42 19.79
CA LEU D 807 -49.02 -14.38 19.86
C LEU D 807 -49.55 -14.51 21.29
N PHE D 808 -48.64 -14.58 22.27
CA PHE D 808 -49.09 -14.76 23.65
C PHE D 808 -49.94 -13.57 24.10
N TYR D 809 -49.49 -12.35 23.80
CA TYR D 809 -50.26 -11.18 24.16
C TYR D 809 -51.62 -11.18 23.46
N PHE D 810 -51.63 -11.53 22.17
CA PHE D 810 -52.91 -11.53 21.45
C PHE D 810 -53.88 -12.53 22.08
N ILE D 811 -53.40 -13.73 22.37
CA ILE D 811 -54.30 -14.76 22.90
C ILE D 811 -54.78 -14.37 24.30
N ALA D 812 -53.90 -13.77 25.11
CA ALA D 812 -54.33 -13.30 26.42
C ALA D 812 -55.43 -12.25 26.29
N GLY D 813 -55.23 -11.28 25.38
CA GLY D 813 -56.26 -10.27 25.17
C GLY D 813 -57.56 -10.86 24.68
N ILE D 814 -57.49 -11.82 23.76
CA ILE D 814 -58.70 -12.45 23.24
C ILE D 814 -59.44 -13.18 24.35
N VAL D 815 -58.70 -13.88 25.21
CA VAL D 815 -59.33 -14.57 26.33
C VAL D 815 -60.01 -13.58 27.25
N PHE D 816 -59.34 -12.46 27.53
CA PHE D 816 -59.93 -11.46 28.42
C PHE D 816 -61.18 -10.83 27.81
N ARG D 817 -61.20 -10.63 26.49
CA ARG D 817 -62.34 -9.96 25.86
C ARG D 817 -63.63 -10.74 26.05
N LEU D 818 -63.55 -12.07 25.93
CA LEU D 818 -64.77 -12.88 25.90
C LEU D 818 -65.64 -12.63 27.14
N HIS D 819 -65.04 -12.29 28.26
CA HIS D 819 -65.79 -12.07 29.50
C HIS D 819 -66.49 -10.72 29.42
N SER D 820 -67.76 -10.75 29.02
CA SER D 820 -68.53 -9.52 28.85
C SER D 820 -69.18 -9.05 30.15
N SER D 821 -69.30 -9.92 31.15
CA SER D 821 -69.99 -9.54 32.38
C SER D 821 -69.27 -8.42 33.10
N ASN D 822 -67.94 -8.42 33.09
CA ASN D 822 -67.14 -7.42 33.79
C ASN D 822 -66.72 -6.33 32.81
N LYS D 823 -67.10 -5.09 33.12
CA LYS D 823 -66.74 -3.96 32.26
C LYS D 823 -65.24 -3.72 32.24
N SER D 824 -64.60 -3.83 33.41
CA SER D 824 -63.16 -3.60 33.49
C SER D 824 -62.39 -4.61 32.65
N SER D 825 -62.86 -5.86 32.62
CA SER D 825 -62.22 -6.85 31.77
C SER D 825 -62.30 -6.46 30.30
N LEU D 826 -63.45 -5.94 29.87
CA LEU D 826 -63.61 -5.48 28.50
C LEU D 826 -62.63 -4.34 28.20
N TYR D 827 -62.53 -3.39 29.13
CA TYR D 827 -61.61 -2.27 28.95
C TYR D 827 -60.17 -2.76 28.80
N SER D 828 -59.75 -3.64 29.71
CA SER D 828 -58.39 -4.17 29.65
C SER D 828 -58.15 -4.93 28.35
N GLY D 829 -59.14 -5.71 27.92
CA GLY D 829 -58.99 -6.44 26.67
C GLY D 829 -58.82 -5.52 25.47
N ARG D 830 -59.60 -4.44 25.43
CA ARG D 830 -59.45 -3.49 24.33
C ARG D 830 -58.08 -2.83 24.35
N VAL D 831 -57.58 -2.47 25.54
CA VAL D 831 -56.25 -1.89 25.62
C VAL D 831 -55.20 -2.89 25.13
N ILE D 832 -55.33 -4.15 25.53
CA ILE D 832 -54.38 -5.17 25.09
C ILE D 832 -54.45 -5.34 23.57
N PHE D 833 -55.65 -5.22 23.00
CA PHE D 833 -55.80 -5.27 21.55
C PHE D 833 -55.06 -4.11 20.89
N CYS D 834 -55.11 -2.93 21.50
CA CYS D 834 -54.35 -1.80 20.98
C CYS D 834 -52.86 -2.09 20.97
N LEU D 835 -52.36 -2.64 22.09
CA LEU D 835 -50.95 -3.04 22.14
C LEU D 835 -50.64 -4.07 21.06
N ASP D 836 -51.57 -4.99 20.81
CA ASP D 836 -51.39 -5.99 19.76
C ASP D 836 -51.26 -5.33 18.40
N TYR D 837 -52.10 -4.33 18.13
CA TYR D 837 -51.98 -3.59 16.88
C TYR D 837 -50.60 -2.97 16.76
N ILE D 838 -50.12 -2.36 17.85
CA ILE D 838 -48.80 -1.72 17.81
C ILE D 838 -47.74 -2.74 17.43
N ILE D 839 -47.75 -3.91 18.08
CA ILE D 839 -46.69 -4.89 17.83
C ILE D 839 -46.79 -5.43 16.40
N PHE D 840 -48.01 -5.66 15.91
CA PHE D 840 -48.14 -6.15 14.55
C PHE D 840 -47.66 -5.13 13.53
N THR D 841 -47.97 -3.84 13.75
CA THR D 841 -47.48 -2.82 12.84
C THR D 841 -45.96 -2.73 12.89
N LEU D 842 -45.37 -2.91 14.08
CA LEU D 842 -43.92 -3.01 14.17
C LEU D 842 -43.40 -4.15 13.32
N ARG D 843 -44.07 -5.31 13.40
CA ARG D 843 -43.67 -6.47 12.61
C ARG D 843 -43.69 -6.15 11.12
N LEU D 844 -44.73 -5.45 10.66
CA LEU D 844 -44.93 -5.23 9.24
C LEU D 844 -43.70 -4.68 8.52
N ILE D 845 -42.74 -4.14 9.28
CA ILE D 845 -41.57 -3.52 8.67
C ILE D 845 -40.61 -4.54 8.07
N HIS D 846 -40.77 -5.83 8.40
CA HIS D 846 -39.79 -6.83 7.97
C HIS D 846 -39.72 -6.97 6.46
N ILE D 847 -40.74 -6.51 5.73
CA ILE D 847 -40.80 -6.78 4.30
C ILE D 847 -39.65 -6.11 3.56
N PHE D 848 -39.22 -4.92 4.00
CA PHE D 848 -38.23 -4.15 3.27
C PHE D 848 -36.91 -4.89 3.08
N THR D 849 -36.72 -6.02 3.76
CA THR D 849 -35.49 -6.78 3.57
C THR D 849 -35.33 -7.25 2.13
N VAL D 850 -36.44 -7.52 1.44
CA VAL D 850 -36.38 -8.04 0.07
C VAL D 850 -35.73 -7.05 -0.88
N SER D 851 -35.81 -5.75 -0.58
CA SER D 851 -35.34 -4.73 -1.50
C SER D 851 -33.84 -4.53 -1.34
N ARG D 852 -33.13 -4.53 -2.47
CA ARG D 852 -31.69 -4.29 -2.45
C ARG D 852 -31.40 -2.87 -1.95
N ASN D 853 -32.18 -1.90 -2.41
CA ASN D 853 -31.91 -0.50 -2.08
C ASN D 853 -32.30 -0.15 -0.66
N LEU D 854 -33.13 -0.95 -0.01
CA LEU D 854 -33.72 -0.59 1.28
C LEU D 854 -33.33 -1.52 2.43
N GLY D 855 -32.80 -2.70 2.14
CA GLY D 855 -32.55 -3.70 3.16
C GLY D 855 -31.59 -3.25 4.25
N PRO D 856 -30.43 -2.71 3.87
CA PRO D 856 -29.42 -2.35 4.89
C PRO D 856 -29.93 -1.35 5.91
N LYS D 857 -30.89 -0.51 5.54
CA LYS D 857 -31.40 0.50 6.46
C LYS D 857 -32.04 -0.16 7.67
N ILE D 858 -32.73 -1.28 7.47
CA ILE D 858 -33.38 -1.96 8.58
C ILE D 858 -32.35 -2.53 9.55
N ILE D 859 -31.26 -3.09 9.02
CA ILE D 859 -30.20 -3.61 9.88
C ILE D 859 -29.55 -2.46 10.66
N MET D 860 -29.34 -1.33 9.99
CA MET D 860 -28.83 -0.16 10.69
C MET D 860 -29.79 0.25 11.81
N LEU D 861 -31.10 0.18 11.54
CA LEU D 861 -32.08 0.50 12.57
C LEU D 861 -31.98 -0.45 13.75
N GLN D 862 -31.78 -1.74 13.49
CA GLN D 862 -31.66 -2.72 14.57
C GLN D 862 -30.44 -2.42 15.44
N ARG D 863 -29.30 -2.14 14.81
CA ARG D 863 -28.10 -1.81 15.57
C ARG D 863 -28.30 -0.52 16.37
N MET D 864 -28.94 0.47 15.75
CA MET D 864 -29.24 1.72 16.46
C MET D 864 -30.12 1.45 17.66
N LEU D 865 -31.10 0.55 17.52
CA LEU D 865 -31.91 0.19 18.67
C LEU D 865 -31.06 -0.40 19.77
N ILE D 866 -30.16 -1.32 19.41
CA ILE D 866 -29.34 -1.98 20.42
C ILE D 866 -28.52 -0.96 21.20
N ASP D 867 -27.98 0.05 20.52
CA ASP D 867 -27.14 1.03 21.22
C ASP D 867 -27.98 2.06 21.98
N VAL D 868 -29.02 2.58 21.33
CA VAL D 868 -29.83 3.62 21.94
C VAL D 868 -30.55 3.09 23.17
N PHE D 869 -30.79 1.78 23.25
CA PHE D 869 -31.38 1.23 24.47
C PHE D 869 -30.51 1.56 25.68
N PHE D 870 -29.22 1.25 25.60
CA PHE D 870 -28.31 1.56 26.71
C PHE D 870 -28.16 3.06 26.91
N PHE D 871 -28.05 3.81 25.81
CA PHE D 871 -27.90 5.26 25.95
C PHE D 871 -29.08 5.86 26.71
N LEU D 872 -30.30 5.50 26.32
CA LEU D 872 -31.49 6.00 27.01
C LEU D 872 -31.64 5.38 28.39
N PHE D 873 -31.05 4.22 28.64
CA PHE D 873 -31.01 3.70 30.00
C PHE D 873 -30.23 4.64 30.91
N LEU D 874 -29.04 5.05 30.47
CA LEU D 874 -28.29 6.04 31.25
C LEU D 874 -29.06 7.34 31.36
N PHE D 875 -29.69 7.76 30.27
CA PHE D 875 -30.54 8.96 30.29
C PHE D 875 -31.56 8.87 31.41
N ALA D 876 -32.29 7.76 31.47
CA ALA D 876 -33.32 7.59 32.48
C ALA D 876 -32.72 7.51 33.88
N VAL D 877 -31.54 6.93 34.02
CA VAL D 877 -30.90 6.86 35.33
C VAL D 877 -30.70 8.27 35.88
N TRP D 878 -29.99 9.11 35.11
CA TRP D 878 -29.70 10.44 35.66
C TRP D 878 -30.95 11.32 35.62
N MET D 879 -31.93 10.97 34.79
CA MET D 879 -33.23 11.62 34.85
C MET D 879 -33.89 11.37 36.19
N VAL D 880 -33.86 10.13 36.66
CA VAL D 880 -34.41 9.81 37.98
C VAL D 880 -33.64 10.54 39.07
N ALA D 881 -32.31 10.60 38.93
CA ALA D 881 -31.51 11.34 39.90
C ALA D 881 -31.96 12.79 39.99
N PHE D 882 -32.05 13.47 38.85
CA PHE D 882 -32.46 14.87 38.85
C PHE D 882 -33.91 15.02 39.30
N GLY D 883 -34.76 14.04 39.02
CA GLY D 883 -36.14 14.10 39.47
C GLY D 883 -36.24 14.05 40.98
N VAL D 884 -35.49 13.15 41.62
CA VAL D 884 -35.52 13.07 43.07
C VAL D 884 -34.89 14.33 43.68
N ALA D 885 -33.86 14.87 43.02
CA ALA D 885 -33.30 16.14 43.49
C ALA D 885 -34.32 17.26 43.41
N ARG D 886 -35.08 17.32 42.32
CA ARG D 886 -36.14 18.30 42.20
C ARG D 886 -37.21 18.10 43.27
N GLN D 887 -37.56 16.85 43.55
CA GLN D 887 -38.52 16.57 44.61
C GLN D 887 -38.02 17.10 45.94
N GLY D 888 -36.75 16.88 46.25
CA GLY D 888 -36.20 17.40 47.48
C GLY D 888 -36.19 18.91 47.54
N ILE D 889 -35.83 19.56 46.42
CA ILE D 889 -35.79 21.01 46.39
C ILE D 889 -37.18 21.60 46.57
N LEU D 890 -38.17 21.04 45.87
CA LEU D 890 -39.54 21.56 45.90
C LEU D 890 -40.06 21.61 47.33
N ARG D 891 -40.19 20.45 47.96
CA ARG D 891 -40.63 20.37 49.34
C ARG D 891 -39.71 19.43 50.12
N GLN D 892 -39.53 19.74 51.40
CA GLN D 892 -38.58 19.00 52.21
C GLN D 892 -38.98 17.53 52.34
N ASN D 893 -40.24 17.27 52.68
CA ASN D 893 -40.68 15.92 52.97
C ASN D 893 -42.09 15.70 52.41
N GLU D 894 -42.41 14.42 52.19
CA GLU D 894 -43.74 14.00 51.77
C GLU D 894 -43.97 12.58 52.28
N GLN D 895 -45.12 12.36 52.90
CA GLN D 895 -45.43 11.09 53.58
C GLN D 895 -46.67 10.44 53.01
N ARG D 896 -46.78 10.41 51.68
CA ARG D 896 -47.89 9.73 51.01
C ARG D 896 -47.38 9.09 49.73
N TRP D 897 -47.73 7.81 49.54
CA TRP D 897 -47.22 7.02 48.43
C TRP D 897 -47.93 7.29 47.11
N ARG D 898 -48.73 8.35 47.02
CA ARG D 898 -49.42 8.72 45.78
C ARG D 898 -48.91 10.03 45.23
N TRP D 899 -48.92 11.10 46.02
CA TRP D 899 -48.46 12.40 45.54
C TRP D 899 -47.00 12.35 45.14
N ILE D 900 -46.19 11.61 45.89
CA ILE D 900 -44.75 11.56 45.62
C ILE D 900 -44.49 10.97 44.24
N PHE D 901 -45.14 9.85 43.92
CA PHE D 901 -44.86 9.18 42.65
C PHE D 901 -45.27 10.05 41.48
N ARG D 902 -46.45 10.67 41.56
CA ARG D 902 -46.91 11.54 40.48
C ARG D 902 -46.00 12.75 40.33
N SER D 903 -45.59 13.36 41.45
CA SER D 903 -44.70 14.50 41.39
C SER D 903 -43.37 14.13 40.73
N VAL D 904 -42.82 12.96 41.10
CA VAL D 904 -41.56 12.51 40.52
C VAL D 904 -41.72 12.26 39.03
N ILE D 905 -42.81 11.58 38.64
CA ILE D 905 -42.99 11.22 37.24
C ILE D 905 -43.29 12.46 36.39
N TYR D 906 -43.78 13.52 37.02
CA TYR D 906 -44.12 14.72 36.25
C TYR D 906 -42.88 15.41 35.66
N GLU D 907 -41.76 15.37 36.38
CA GLU D 907 -40.58 16.11 35.93
C GLU D 907 -40.11 15.70 34.55
N PRO D 908 -39.95 14.42 34.23
CA PRO D 908 -39.53 14.06 32.86
C PRO D 908 -40.42 14.64 31.78
N TYR D 909 -41.73 14.33 31.81
CA TYR D 909 -42.63 14.83 30.78
C TYR D 909 -42.66 16.35 30.79
N LEU D 910 -42.64 16.96 31.98
CA LEU D 910 -42.61 18.41 32.07
C LEU D 910 -41.43 18.99 31.29
N ALA D 911 -40.24 18.44 31.51
CA ALA D 911 -39.06 18.92 30.81
C ALA D 911 -39.16 18.67 29.32
N MET D 912 -39.61 17.47 28.92
CA MET D 912 -39.56 17.10 27.52
C MET D 912 -40.58 17.87 26.69
N PHE D 913 -41.79 18.09 27.22
CA PHE D 913 -42.86 18.69 26.43
C PHE D 913 -42.72 20.20 26.29
N GLY D 914 -41.76 20.81 26.98
CA GLY D 914 -41.39 22.19 26.71
C GLY D 914 -41.87 23.21 27.72
N GLN D 915 -43.10 23.07 28.20
CA GLN D 915 -43.64 23.99 29.22
C GLN D 915 -43.50 23.39 30.61
N VAL D 916 -42.29 23.06 30.99
CA VAL D 916 -42.05 22.36 32.26
C VAL D 916 -42.40 23.28 33.43
N PRO D 917 -43.21 22.82 34.40
CA PRO D 917 -43.36 23.59 35.64
C PRO D 917 -42.04 23.98 36.28
N SER D 918 -40.94 23.34 35.87
CA SER D 918 -39.63 23.66 36.43
C SER D 918 -39.35 25.16 36.34
N ASP D 919 -39.78 25.81 35.26
CA ASP D 919 -39.60 27.25 35.15
C ASP D 919 -40.35 27.97 36.26
N VAL D 920 -41.58 27.54 36.54
CA VAL D 920 -42.34 28.13 37.65
C VAL D 920 -41.71 27.74 38.98
N ASP D 921 -41.21 26.51 39.09
CA ASP D 921 -40.61 26.06 40.34
C ASP D 921 -39.39 26.90 40.70
N SER D 922 -38.59 27.26 39.69
CA SER D 922 -37.40 28.06 39.95
C SER D 922 -37.75 29.41 40.58
N THR D 923 -38.79 30.05 40.06
CA THR D 923 -39.24 31.33 40.59
C THR D 923 -40.25 31.14 41.71
N PRO D 953 -31.43 31.59 53.81
CA PRO D 953 -30.71 32.55 52.95
C PRO D 953 -30.83 32.20 51.48
N GLU D 954 -31.68 32.93 50.76
CA GLU D 954 -31.89 32.64 49.34
C GLU D 954 -30.67 33.01 48.50
N TRP D 955 -29.95 34.05 48.90
CA TRP D 955 -28.81 34.51 48.10
C TRP D 955 -27.77 33.41 47.94
N ILE D 956 -27.65 32.53 48.92
CA ILE D 956 -26.68 31.44 48.88
C ILE D 956 -27.25 30.22 48.17
N THR D 957 -28.52 29.87 48.45
CA THR D 957 -29.10 28.66 47.90
C THR D 957 -29.37 28.78 46.41
N ILE D 958 -29.90 29.93 45.97
CA ILE D 958 -30.34 30.06 44.58
C ILE D 958 -29.20 29.86 43.58
N PRO D 959 -28.05 30.52 43.71
CA PRO D 959 -27.02 30.37 42.68
C PRO D 959 -26.56 28.94 42.48
N LEU D 960 -26.43 28.17 43.56
CA LEU D 960 -26.02 26.77 43.42
C LEU D 960 -27.07 25.97 42.65
N VAL D 961 -28.35 26.21 42.95
CA VAL D 961 -29.41 25.50 42.23
C VAL D 961 -29.38 25.85 40.75
N CYS D 962 -29.19 27.13 40.44
CA CYS D 962 -29.12 27.54 39.04
C CYS D 962 -27.92 26.90 38.34
N ILE D 963 -26.77 26.86 39.02
CA ILE D 963 -25.57 26.27 38.43
C ILE D 963 -25.80 24.79 38.14
N TYR D 964 -26.42 24.07 39.09
CA TYR D 964 -26.65 22.65 38.86
C TYR D 964 -27.73 22.41 37.81
N MET D 965 -28.68 23.32 37.66
CA MET D 965 -29.62 23.22 36.54
C MET D 965 -28.88 23.36 35.21
N LEU D 966 -27.96 24.32 35.12
CA LEU D 966 -27.14 24.43 33.92
C LEU D 966 -26.33 23.16 33.71
N SER D 967 -25.84 22.56 34.80
CA SER D 967 -25.12 21.30 34.69
C SER D 967 -26.00 20.21 34.10
N THR D 968 -27.25 20.12 34.55
CA THR D 968 -28.17 19.13 33.99
C THR D 968 -28.38 19.37 32.50
N ASN D 969 -28.56 20.64 32.11
CA ASN D 969 -28.78 20.94 30.69
C ASN D 969 -27.57 20.53 29.85
N ILE D 970 -26.36 20.85 30.33
CA ILE D 970 -25.16 20.53 29.55
C ILE D 970 -24.97 19.02 29.48
N LEU D 971 -25.31 18.30 30.56
CA LEU D 971 -25.26 16.84 30.51
C LEU D 971 -26.23 16.29 29.47
N LEU D 972 -27.45 16.86 29.43
CA LEU D 972 -28.42 16.46 28.42
C LEU D 972 -27.85 16.66 27.01
N VAL D 973 -27.27 17.82 26.76
CA VAL D 973 -26.68 18.10 25.45
C VAL D 973 -25.55 17.11 25.16
N ASN D 974 -24.75 16.80 26.17
CA ASN D 974 -23.65 15.85 25.99
C ASN D 974 -24.17 14.49 25.54
N LEU D 975 -25.21 13.99 26.20
CA LEU D 975 -25.79 12.71 25.79
C LEU D 975 -26.38 12.80 24.38
N LEU D 976 -27.11 13.88 24.11
CA LEU D 976 -27.74 14.02 22.80
C LEU D 976 -26.71 14.02 21.67
N VAL D 977 -25.51 14.56 21.93
CA VAL D 977 -24.50 14.55 20.88
C VAL D 977 -23.73 13.23 20.85
N ALA D 978 -23.52 12.60 22.00
CA ALA D 978 -22.81 11.32 22.03
C ALA D 978 -23.60 10.23 21.34
N MET D 979 -24.93 10.27 21.45
CA MET D 979 -25.75 9.31 20.74
C MET D 979 -25.45 9.33 19.24
N PHE D 980 -25.48 10.52 18.64
CA PHE D 980 -25.17 10.65 17.22
C PHE D 980 -23.72 10.27 16.94
N GLY D 981 -22.81 10.60 17.85
CA GLY D 981 -21.42 10.24 17.67
C GLY D 981 -21.23 8.74 17.55
N TYR D 982 -21.92 7.97 18.38
CA TYR D 982 -21.81 6.51 18.27
C TYR D 982 -22.58 6.00 17.06
N THR D 983 -23.69 6.62 16.73
CA THR D 983 -24.42 6.12 15.60
C THR D 983 -23.59 6.27 14.36
N VAL D 984 -22.85 7.36 14.25
CA VAL D 984 -22.01 7.55 13.08
C VAL D 984 -20.97 6.42 12.96
N GLY D 985 -20.37 6.03 14.08
CA GLY D 985 -19.39 4.98 14.06
C GLY D 985 -20.02 3.68 13.66
N ILE D 986 -21.25 3.42 14.12
CA ILE D 986 -21.87 2.14 13.82
C ILE D 986 -22.30 2.09 12.35
N VAL D 987 -22.90 3.15 11.85
CA VAL D 987 -23.39 3.15 10.47
C VAL D 987 -22.24 3.21 9.47
N GLN D 988 -21.03 3.60 9.91
CA GLN D 988 -19.91 3.72 8.98
C GLN D 988 -19.61 2.39 8.31
N GLU D 989 -19.63 1.29 9.06
CA GLU D 989 -19.28 -0.01 8.50
C GLU D 989 -20.28 -0.44 7.44
N ASN D 990 -19.79 -1.22 6.48
CA ASN D 990 -20.62 -1.66 5.35
C ASN D 990 -21.72 -2.59 5.83
N ASN D 991 -22.84 -2.56 5.11
CA ASN D 991 -23.95 -3.47 5.35
C ASN D 991 -24.36 -4.25 4.10
N ASP D 992 -23.70 -4.02 2.96
CA ASP D 992 -24.00 -4.77 1.75
C ASP D 992 -23.63 -6.24 1.86
N GLN D 993 -22.87 -6.63 2.88
CA GLN D 993 -22.52 -8.01 3.13
C GLN D 993 -23.46 -8.65 4.14
N VAL D 994 -23.80 -7.93 5.21
CA VAL D 994 -24.69 -8.48 6.22
C VAL D 994 -26.08 -8.70 5.65
N TRP D 995 -26.55 -7.75 4.82
CA TRP D 995 -27.87 -7.91 4.22
C TRP D 995 -27.93 -9.14 3.32
N LYS D 996 -26.86 -9.40 2.56
CA LYS D 996 -26.83 -10.59 1.72
C LYS D 996 -26.92 -11.85 2.57
N PHE D 997 -26.23 -11.87 3.70
CA PHE D 997 -26.32 -13.01 4.61
C PHE D 997 -27.74 -13.17 5.15
N GLN D 998 -28.37 -12.06 5.55
CA GLN D 998 -29.72 -12.12 6.11
C GLN D 998 -30.73 -12.56 5.07
N ARG D 999 -30.48 -12.25 3.80
CA ARG D 999 -31.41 -12.60 2.74
C ARG D 999 -31.63 -14.10 2.64
N TYR D 1000 -30.64 -14.89 3.07
CA TYR D 1000 -30.77 -16.34 2.99
C TYR D 1000 -31.93 -16.84 3.83
N PHE D 1001 -32.09 -16.30 5.04
CA PHE D 1001 -33.19 -16.73 5.89
C PHE D 1001 -34.53 -16.40 5.25
N LEU D 1002 -34.65 -15.20 4.69
CA LEU D 1002 -35.90 -14.82 4.03
C LEU D 1002 -36.20 -15.74 2.86
N VAL D 1003 -35.19 -16.06 2.05
CA VAL D 1003 -35.42 -16.93 0.91
C VAL D 1003 -35.84 -18.32 1.38
N GLN D 1004 -35.14 -18.85 2.39
CA GLN D 1004 -35.43 -20.20 2.86
C GLN D 1004 -36.83 -20.29 3.45
N GLU D 1005 -37.24 -19.26 4.20
CA GLU D 1005 -38.55 -19.30 4.85
C GLU D 1005 -39.65 -19.62 3.85
N TYR D 1006 -39.56 -19.06 2.64
CA TYR D 1006 -40.56 -19.32 1.62
C TYR D 1006 -40.24 -20.55 0.78
N CYS D 1007 -38.96 -20.83 0.55
CA CYS D 1007 -38.60 -21.97 -0.29
C CYS D 1007 -38.99 -23.28 0.37
N ASN D 1008 -38.70 -23.42 1.66
CA ASN D 1008 -39.03 -24.67 2.36
C ASN D 1008 -40.52 -24.78 2.65
N ARG D 1009 -41.19 -23.65 2.86
CA ARG D 1009 -42.61 -23.66 3.14
C ARG D 1009 -43.42 -24.03 1.90
N LEU D 1010 -44.67 -24.43 2.13
CA LEU D 1010 -45.59 -24.65 1.03
C LEU D 1010 -45.88 -23.33 0.33
N ASN D 1011 -45.86 -23.35 -1.00
CA ASN D 1011 -46.00 -22.13 -1.80
C ASN D 1011 -47.49 -21.86 -2.02
N ILE D 1012 -48.13 -21.37 -0.97
CA ILE D 1012 -49.55 -21.00 -1.02
C ILE D 1012 -49.75 -19.76 -0.16
N PRO D 1013 -50.52 -18.77 -0.61
CA PRO D 1013 -50.78 -17.60 0.23
C PRO D 1013 -51.63 -17.95 1.44
N PHE D 1014 -51.51 -17.09 2.46
CA PHE D 1014 -52.27 -17.31 3.69
C PHE D 1014 -53.78 -17.39 3.50
N PRO D 1015 -54.42 -16.54 2.69
CA PRO D 1015 -55.89 -16.63 2.58
C PRO D 1015 -56.38 -18.01 2.18
N PHE D 1016 -55.53 -18.82 1.55
CA PHE D 1016 -55.88 -20.19 1.21
C PHE D 1016 -54.93 -21.22 1.83
N VAL D 1017 -54.07 -20.80 2.76
CA VAL D 1017 -53.11 -21.74 3.34
C VAL D 1017 -53.81 -22.73 4.25
N VAL D 1018 -54.81 -22.29 5.01
CA VAL D 1018 -55.43 -23.15 6.01
C VAL D 1018 -55.94 -24.44 5.37
N PHE D 1019 -56.66 -24.30 4.25
CA PHE D 1019 -57.11 -25.49 3.54
C PHE D 1019 -55.93 -26.41 3.23
N ALA D 1020 -54.88 -25.85 2.64
CA ALA D 1020 -53.68 -26.65 2.38
C ALA D 1020 -53.13 -27.23 3.67
N TYR D 1021 -53.11 -26.43 4.73
CA TYR D 1021 -52.63 -26.94 6.01
C TYR D 1021 -53.40 -28.19 6.41
N PHE D 1022 -54.72 -28.19 6.17
CA PHE D 1022 -55.50 -29.38 6.50
C PHE D 1022 -54.95 -30.61 5.78
N TYR D 1023 -54.67 -30.48 4.48
CA TYR D 1023 -54.14 -31.62 3.75
C TYR D 1023 -52.75 -31.99 4.25
N MET D 1024 -52.03 -31.03 4.83
CA MET D 1024 -50.74 -31.36 5.45
C MET D 1024 -50.94 -32.26 6.66
N VAL D 1025 -52.01 -32.03 7.43
CA VAL D 1025 -52.23 -32.81 8.64
C VAL D 1025 -52.43 -34.28 8.30
N VAL D 1026 -53.23 -34.56 7.27
CA VAL D 1026 -53.49 -35.93 6.86
C VAL D 1026 -52.44 -36.37 5.84
N ASN D 1048 -24.57 -42.62 -4.99
CA ASN D 1048 -24.95 -42.92 -6.36
C ASN D 1048 -24.87 -41.68 -7.23
N GLU D 1049 -25.91 -40.86 -7.20
CA GLU D 1049 -25.93 -39.63 -7.99
C GLU D 1049 -24.88 -38.64 -7.52
N ASP D 1050 -24.40 -38.77 -6.29
CA ASP D 1050 -23.40 -37.84 -5.78
C ASP D 1050 -22.09 -37.93 -6.58
N ASN D 1051 -21.69 -39.15 -6.94
CA ASN D 1051 -20.39 -39.35 -7.58
C ASN D 1051 -20.23 -38.45 -8.80
N GLU D 1052 -21.32 -38.26 -9.55
CA GLU D 1052 -21.24 -37.46 -10.78
C GLU D 1052 -20.77 -36.04 -10.48
N THR D 1053 -21.34 -35.42 -9.44
CA THR D 1053 -20.92 -34.08 -9.06
C THR D 1053 -19.58 -34.07 -8.34
N LEU D 1054 -19.32 -35.11 -7.54
CA LEU D 1054 -18.08 -35.12 -6.75
C LEU D 1054 -16.85 -35.29 -7.63
N ALA D 1055 -16.96 -36.05 -8.73
CA ALA D 1055 -15.83 -36.16 -9.63
C ALA D 1055 -15.48 -34.82 -10.25
N TRP D 1056 -16.50 -34.07 -10.68
CA TRP D 1056 -16.26 -32.74 -11.22
C TRP D 1056 -15.70 -31.80 -10.15
N GLU D 1057 -16.19 -31.95 -8.92
CA GLU D 1057 -15.64 -31.17 -7.81
C GLU D 1057 -14.16 -31.47 -7.62
N GLY D 1058 -13.77 -32.74 -7.71
CA GLY D 1058 -12.37 -33.09 -7.59
C GLY D 1058 -11.54 -32.53 -8.73
N VAL D 1059 -12.07 -32.55 -9.95
CA VAL D 1059 -11.34 -31.99 -11.08
C VAL D 1059 -11.12 -30.50 -10.87
N MET D 1060 -12.17 -29.78 -10.45
CA MET D 1060 -12.01 -28.35 -10.20
C MET D 1060 -11.06 -28.10 -9.04
N LYS D 1061 -11.05 -28.99 -8.04
CA LYS D 1061 -10.09 -28.86 -6.95
C LYS D 1061 -8.66 -28.99 -7.47
N GLU D 1062 -8.44 -29.95 -8.37
CA GLU D 1062 -7.10 -30.11 -8.95
C GLU D 1062 -6.70 -28.86 -9.72
N ASN D 1063 -7.64 -28.31 -10.50
CA ASN D 1063 -7.35 -27.08 -11.22
C ASN D 1063 -7.00 -25.94 -10.26
N TYR D 1064 -7.75 -25.83 -9.17
CA TYR D 1064 -7.48 -24.79 -8.19
C TYR D 1064 -6.13 -24.98 -7.53
N LEU D 1065 -5.76 -26.23 -7.23
CA LEU D 1065 -4.45 -26.50 -6.66
C LEU D 1065 -3.34 -26.12 -7.63
N VAL D 1066 -3.53 -26.42 -8.92
CA VAL D 1066 -2.55 -26.01 -9.92
C VAL D 1066 -2.43 -24.48 -9.93
N LYS D 1067 -3.57 -23.79 -9.90
CA LYS D 1067 -3.54 -22.32 -9.92
C LYS D 1067 -2.82 -21.76 -8.71
N ILE D 1068 -3.11 -22.30 -7.52
CA ILE D 1068 -2.49 -21.76 -6.31
C ILE D 1068 -1.00 -22.10 -6.29
N ASN D 1069 -0.61 -23.27 -6.80
CA ASN D 1069 0.81 -23.62 -6.81
C ASN D 1069 1.59 -22.80 -7.83
N THR D 1070 0.97 -22.41 -8.95
CA THR D 1070 1.70 -21.68 -9.98
C THR D 1070 2.26 -20.36 -9.46
N LYS D 1071 1.71 -19.83 -8.37
CA LYS D 1071 2.19 -18.56 -7.84
C LYS D 1071 3.66 -18.62 -7.48
N ALA D 1072 4.16 -19.80 -7.09
CA ALA D 1072 5.56 -19.94 -6.75
C ALA D 1072 6.45 -19.69 -7.96
N ASN D 1073 5.94 -19.93 -9.17
CA ASN D 1073 6.74 -19.71 -10.37
C ASN D 1073 7.13 -18.25 -10.53
N ASP D 1074 6.34 -17.33 -9.96
CA ASP D 1074 6.65 -15.91 -10.09
C ASP D 1074 7.95 -15.53 -9.40
N ASN D 1075 8.44 -16.35 -8.47
CA ASN D 1075 9.69 -16.06 -7.79
C ASN D 1075 10.87 -16.25 -8.74
N SER D 1076 11.99 -15.62 -8.37
CA SER D 1076 13.22 -15.71 -9.14
C SER D 1076 13.94 -17.03 -8.94
N GLU D 1077 13.33 -18.00 -8.25
CA GLU D 1077 13.97 -19.29 -8.03
C GLU D 1077 14.24 -20.00 -9.35
N GLU D 1078 13.30 -19.92 -10.30
CA GLU D 1078 13.50 -20.55 -11.60
C GLU D 1078 14.69 -19.93 -12.33
N MET D 1079 14.81 -18.60 -12.29
CA MET D 1079 15.96 -17.95 -12.92
C MET D 1079 17.25 -18.37 -12.24
N ARG D 1080 17.24 -18.50 -10.91
CA ARG D 1080 18.42 -18.97 -10.22
C ARG D 1080 18.78 -20.40 -10.60
N HIS D 1081 17.76 -21.25 -10.80
CA HIS D 1081 18.03 -22.62 -11.23
C HIS D 1081 18.61 -22.66 -12.63
N ARG D 1082 18.10 -21.82 -13.53
CA ARG D 1082 18.67 -21.73 -14.87
C ARG D 1082 20.12 -21.26 -14.82
N PHE D 1083 20.40 -20.25 -13.99
CA PHE D 1083 21.77 -19.80 -13.81
C PHE D 1083 22.65 -20.91 -13.25
N ARG D 1084 22.11 -21.71 -12.32
CA ARG D 1084 22.89 -22.81 -11.77
C ARG D 1084 23.17 -23.88 -12.82
N GLN D 1085 22.22 -24.13 -13.72
CA GLN D 1085 22.47 -25.04 -14.82
C GLN D 1085 23.56 -24.50 -15.74
N LEU D 1086 23.52 -23.20 -16.04
CA LEU D 1086 24.59 -22.60 -16.85
C LEU D 1086 25.93 -22.71 -16.15
N ASP D 1087 25.96 -22.50 -14.83
CA ASP D 1087 27.20 -22.63 -14.08
C ASP D 1087 27.70 -24.07 -14.07
N SER D 1088 26.79 -25.04 -14.00
CA SER D 1088 27.19 -26.45 -14.08
C SER D 1088 27.79 -26.75 -15.44
N LYS D 1089 27.21 -26.20 -16.50
CA LYS D 1089 27.79 -26.38 -17.83
C LYS D 1089 29.18 -25.76 -17.90
N LEU D 1090 29.35 -24.57 -17.30
CA LEU D 1090 30.67 -23.95 -17.26
C LEU D 1090 31.66 -24.79 -16.48
N ASN D 1091 31.23 -25.39 -15.37
CA ASN D 1091 32.10 -26.26 -14.59
C ASN D 1091 32.48 -27.51 -15.38
N ASP D 1092 31.53 -28.06 -16.15
CA ASP D 1092 31.86 -29.20 -16.99
C ASP D 1092 32.87 -28.81 -18.06
N LEU D 1093 32.72 -27.63 -18.64
CA LEU D 1093 33.72 -27.15 -19.60
C LEU D 1093 35.09 -26.99 -18.96
N LYS D 1094 35.12 -26.46 -17.73
CA LYS D 1094 36.37 -26.33 -17.02
C LYS D 1094 37.00 -27.69 -16.75
N SER D 1095 36.19 -28.67 -16.37
CA SER D 1095 36.71 -30.02 -16.15
C SER D 1095 37.26 -30.62 -17.44
N LEU D 1096 36.58 -30.39 -18.56
CA LEU D 1096 37.08 -30.87 -19.84
C LEU D 1096 38.41 -30.21 -20.18
N LEU D 1097 38.53 -28.91 -19.93
CA LEU D 1097 39.79 -28.21 -20.17
C LEU D 1097 40.90 -28.76 -19.28
N LYS D 1098 40.58 -29.06 -18.01
CA LYS D 1098 41.59 -29.63 -17.12
C LYS D 1098 42.02 -31.01 -17.60
N GLU D 1099 41.07 -31.82 -18.07
CA GLU D 1099 41.43 -33.13 -18.61
C GLU D 1099 42.31 -32.99 -19.84
N ILE D 1100 42.00 -32.03 -20.71
CA ILE D 1100 42.82 -31.80 -21.90
C ILE D 1100 44.23 -31.37 -21.49
N ALA D 1101 44.33 -30.49 -20.50
CA ALA D 1101 45.65 -30.05 -20.03
C ALA D 1101 46.43 -31.23 -19.45
N ASN D 1102 45.78 -32.07 -18.66
CA ASN D 1102 46.46 -33.24 -18.10
C ASN D 1102 46.94 -34.17 -19.21
N ASN D 1103 46.11 -34.40 -20.23
CA ASN D 1103 46.53 -35.23 -21.35
C ASN D 1103 47.72 -34.63 -22.06
N ILE D 1104 47.71 -33.33 -22.28
CA ILE D 1104 48.83 -32.66 -22.95
C ILE D 1104 50.09 -32.77 -22.09
N LYS D 1105 49.95 -32.54 -20.78
CA LYS D 1105 51.10 -32.60 -19.88
C LYS D 1105 51.72 -33.99 -19.87
#